data_7KF7
#
_entry.id   7KF7
#
_cell.length_a   1.00
_cell.length_b   1.00
_cell.length_c   1.00
_cell.angle_alpha   90.00
_cell.angle_beta   90.00
_cell.angle_gamma   90.00
#
_symmetry.space_group_name_H-M   'P 1'
#
loop_
_entity.id
_entity.type
_entity.pdbx_description
1 polymer 'Cation efflux system protein CusA'
2 non-polymer 'COPPER (I) ION'
#
_entity_poly.entity_id   1
_entity_poly.type   'polypeptide(L)'
_entity_poly.pdbx_seq_one_letter_code
;MGHHHHHHMIEWIIRRSVANRFLVLMGALFLSIWGTWTIINTPVDALPDLSDVQVIIKTSYPGQAPQIVENQVTYPLTTT
MLSVPGAKTVRGFSQFGDSYVYVIFEDGTDPYWARSRVLEYLNQVQGKLPAGVSAELGPDATGVGWIYEYALVDRSGKHD
LADLRSLQDWFLKYELKTIPDVAEVASVGGVVKEYQVVIDPQRLAQYGISLAEVKSALDASNQEAGGSSIELAEAEYMVR
ASGYLQTLDDFNHIVLKASENGVPVYLRDVAKVQIGPEMRRGIAELNGEGEVAGGVVILRSGKNAREVIAAVKDKLETLK
SSLPEGVEIVTTYDRSQLIDRAIDNLSGKLLEEFIVVAVVCALFLWHVRSALVAIISLPLGLCIAFIVMHFQGLNANIMS
LGGIAIAVGAMVDAAIVMIENAHKRLEEWQHQHPDATLDNKTRWQVITDASVEVGPALFISLLIITLSFIPIFTLEGQEG
RLFGPLAFTKTYAMAGAALLAIVVIPILMGYWIRGKIPPESSNPLNRFLIRVYHPLLLKVLHWPKTTLLVAALSVLTVLW
PLNKVGGEFLPQINEGDLLYMPSTLPGISAAEAASMLQKTDKLIMSVPEVARVFGKTGKAETATDSAPLEMVETTIQLKP
QEQWRPGMTMDKIIEELDNTVRLPGLANLWVPPIRNRIDMLSTGIKSPIGIKVSGTVLADIDAMAEQIEEVARTVPGVAS
ALAERLEGGRYINVEINREKAARYGMTVADVQLFVTSAVGGAMVGETVEGIARYPINLRYPQSWRDSPQALRQLPILTPM
KQQITLADVADIKVSTGPSMLKTENARPTSWIYIDARDRDMVSVVHDLQKAIAEKVQLKPGTSVAFSGQFELLERANHKL
KLMVPMTLMIIFVLLYLAFRRVGEALLIISSVPFALVGGIWLLWWMGFHLSVATGTGFIALAGVAAEFGVVMLMYLRHAI
EAVPSLNNPQTFSEQKLDEALYHGAVLRVRPKAMTVAVIIAGLLPILWGTGAGSEVMSRIAAPMIGGMITAPLLSLFIIP
AAYKLMWLHRHRVRK
;
_entity_poly.pdbx_strand_id   A,B,C
#
loop_
_chem_comp.id
_chem_comp.type
_chem_comp.name
_chem_comp.formula
CU1 non-polymer 'COPPER (I) ION' 'Cu 1'
#
# COMPACT_ATOMS: atom_id res chain seq x y z
N ILE A 13 -38.55 4.61 23.44
CA ILE A 13 -37.09 4.72 23.46
C ILE A 13 -36.64 5.08 24.88
N ILE A 14 -37.43 5.91 25.56
CA ILE A 14 -37.16 6.22 26.97
C ILE A 14 -37.89 5.25 27.89
N ARG A 15 -39.14 4.92 27.56
CA ARG A 15 -39.91 4.00 28.40
C ARG A 15 -39.36 2.59 28.33
N ARG A 16 -38.97 2.15 27.13
CA ARG A 16 -38.42 0.80 26.97
C ARG A 16 -37.04 0.66 27.62
N SER A 17 -36.40 1.76 27.99
CA SER A 17 -35.10 1.71 28.65
C SER A 17 -35.21 1.74 30.17
N VAL A 18 -36.18 2.49 30.71
CA VAL A 18 -36.37 2.52 32.16
C VAL A 18 -36.93 1.20 32.67
N ALA A 19 -37.62 0.44 31.83
CA ALA A 19 -38.18 -0.84 32.26
C ALA A 19 -37.08 -1.79 32.71
N ASN A 20 -36.19 -2.14 31.78
CA ASN A 20 -35.03 -3.01 32.08
C ASN A 20 -33.86 -2.11 32.49
N ARG A 21 -33.94 -1.46 33.65
CA ARG A 21 -32.90 -0.56 34.11
C ARG A 21 -31.70 -1.29 34.70
N PHE A 22 -31.86 -2.55 35.09
CA PHE A 22 -30.74 -3.30 35.66
C PHE A 22 -29.63 -3.49 34.62
N LEU A 23 -30.01 -3.92 33.42
CA LEU A 23 -29.02 -4.08 32.36
C LEU A 23 -28.39 -2.73 32.00
N VAL A 24 -29.19 -1.66 32.02
CA VAL A 24 -28.65 -0.35 31.73
C VAL A 24 -27.60 0.06 32.76
N LEU A 25 -27.88 -0.20 34.04
CA LEU A 25 -26.91 0.12 35.07
C LEU A 25 -25.65 -0.72 34.95
N MET A 26 -25.79 -2.01 34.65
CA MET A 26 -24.61 -2.84 34.44
C MET A 26 -23.78 -2.34 33.27
N GLY A 27 -24.43 -1.99 32.16
CA GLY A 27 -23.72 -1.46 31.02
C GLY A 27 -23.01 -0.14 31.34
N ALA A 28 -23.67 0.72 32.11
CA ALA A 28 -23.05 1.98 32.50
C ALA A 28 -21.82 1.74 33.36
N LEU A 29 -21.90 0.77 34.30
CA LEU A 29 -20.74 0.47 35.13
C LEU A 29 -19.59 -0.08 34.30
N PHE A 30 -19.89 -1.01 33.39
CA PHE A 30 -18.84 -1.54 32.52
C PHE A 30 -18.22 -0.45 31.67
N LEU A 31 -19.05 0.47 31.16
CA LEU A 31 -18.53 1.59 30.39
C LEU A 31 -17.62 2.47 31.24
N SER A 32 -18.00 2.69 32.50
CA SER A 32 -17.16 3.48 33.39
C SER A 32 -15.80 2.83 33.58
N ILE A 33 -15.78 1.53 33.85
CA ILE A 33 -14.50 0.82 34.05
C ILE A 33 -13.65 0.91 32.78
N TRP A 34 -14.26 0.61 31.64
CA TRP A 34 -13.52 0.63 30.37
C TRP A 34 -12.98 2.01 30.07
N GLY A 35 -13.77 3.05 30.33
CA GLY A 35 -13.32 4.40 30.07
C GLY A 35 -12.20 4.83 30.98
N THR A 36 -12.28 4.46 32.27
CA THR A 36 -11.19 4.76 33.18
C THR A 36 -9.90 4.09 32.72
N TRP A 37 -9.98 2.82 32.32
CA TRP A 37 -8.80 2.14 31.82
C TRP A 37 -8.24 2.86 30.60
N THR A 38 -9.09 3.14 29.61
CA THR A 38 -8.61 3.80 28.39
C THR A 38 -8.01 5.17 28.70
N ILE A 39 -8.55 5.87 29.71
CA ILE A 39 -8.03 7.18 30.05
C ILE A 39 -6.64 7.05 30.65
N ILE A 40 -6.47 6.12 31.59
CA ILE A 40 -5.17 5.97 32.25
C ILE A 40 -4.17 5.34 31.28
N ASN A 41 -4.65 4.82 30.16
CA ASN A 41 -3.79 4.19 29.16
C ASN A 41 -3.71 4.99 27.86
N THR A 42 -3.99 6.28 27.87
CA THR A 42 -3.98 7.06 26.65
C THR A 42 -2.63 7.76 26.49
N PRO A 43 -2.07 7.81 25.27
CA PRO A 43 -0.85 8.59 25.05
C PRO A 43 -1.09 10.08 25.27
N VAL A 44 0.01 10.82 25.33
CA VAL A 44 -0.05 12.26 25.55
C VAL A 44 0.82 12.96 24.51
N ASP A 45 0.53 14.24 24.31
CA ASP A 45 1.29 15.05 23.37
C ASP A 45 0.93 16.52 23.61
N ALA A 46 1.71 17.41 23.02
CA ALA A 46 1.50 18.85 23.20
C ALA A 46 0.57 19.41 22.12
N LEU A 47 0.93 19.24 20.85
CA LEU A 47 0.15 19.73 19.74
C LEU A 47 0.01 18.64 18.69
N PRO A 48 -1.12 18.57 18.00
CA PRO A 48 -1.24 17.58 16.91
C PRO A 48 -0.25 17.87 15.80
N ASP A 49 0.09 16.83 15.05
CA ASP A 49 1.07 16.94 13.98
C ASP A 49 0.53 17.86 12.89
N LEU A 50 1.09 19.06 12.81
CA LEU A 50 0.71 20.03 11.79
C LEU A 50 1.64 19.98 10.58
N SER A 51 2.67 19.16 10.62
CA SER A 51 3.64 19.08 9.52
C SER A 51 3.02 18.38 8.31
N ASP A 52 3.43 18.84 7.13
CA ASP A 52 2.96 18.24 5.89
C ASP A 52 3.84 17.04 5.54
N VAL A 53 3.50 16.38 4.44
CA VAL A 53 4.28 15.25 3.94
C VAL A 53 5.39 15.82 3.07
N GLN A 54 6.62 15.73 3.55
CA GLN A 54 7.77 16.31 2.87
C GLN A 54 8.83 15.23 2.63
N VAL A 55 9.43 15.27 1.45
CA VAL A 55 10.52 14.38 1.07
C VAL A 55 11.71 15.23 0.68
N ILE A 56 12.88 14.89 1.20
CA ILE A 56 14.10 15.66 0.98
C ILE A 56 15.03 14.86 0.08
N ILE A 57 15.57 15.51 -0.94
CA ILE A 57 16.53 14.93 -1.87
C ILE A 57 17.78 15.78 -1.78
N LYS A 58 18.85 15.20 -1.23
CA LYS A 58 20.13 15.89 -1.09
C LYS A 58 21.13 15.22 -2.01
N THR A 59 21.72 16.03 -2.90
CA THR A 59 22.72 15.59 -3.91
C THR A 59 24.03 16.38 -3.69
N SER A 60 25.18 15.71 -3.80
CA SER A 60 26.47 16.33 -3.59
C SER A 60 27.23 16.39 -4.91
N TYR A 61 27.65 17.58 -5.33
CA TYR A 61 28.48 17.79 -6.51
C TYR A 61 29.76 18.47 -6.05
N PRO A 62 30.85 17.73 -5.81
CA PRO A 62 32.05 18.33 -5.19
C PRO A 62 32.61 19.46 -6.04
N GLY A 63 32.68 20.65 -5.45
CA GLY A 63 33.35 21.78 -6.06
C GLY A 63 32.79 22.19 -7.41
N GLN A 64 31.56 22.70 -7.43
CA GLN A 64 30.94 23.20 -8.65
C GLN A 64 30.14 24.45 -8.31
N ALA A 65 30.43 25.54 -9.01
CA ALA A 65 29.78 26.82 -8.77
C ALA A 65 28.27 26.64 -8.70
N PRO A 66 27.57 27.47 -7.92
CA PRO A 66 26.11 27.30 -7.79
C PRO A 66 25.38 27.17 -9.12
N GLN A 67 25.81 27.89 -10.15
CA GLN A 67 25.08 27.86 -11.42
C GLN A 67 25.22 26.49 -12.09
N ILE A 68 26.41 25.90 -12.06
CA ILE A 68 26.61 24.60 -12.70
C ILE A 68 25.78 23.53 -11.98
N VAL A 69 25.83 23.52 -10.65
CA VAL A 69 25.06 22.53 -9.90
C VAL A 69 23.57 22.78 -10.04
N GLU A 70 23.15 24.02 -10.28
CA GLU A 70 21.74 24.30 -10.49
C GLU A 70 21.27 23.88 -11.87
N ASN A 71 22.15 23.98 -12.87
CA ASN A 71 21.76 23.60 -14.23
C ASN A 71 21.80 22.09 -14.42
N GLN A 72 22.81 21.41 -13.85
CA GLN A 72 23.01 19.99 -14.14
C GLN A 72 22.37 19.07 -13.11
N VAL A 73 22.06 19.56 -11.91
CA VAL A 73 21.59 18.73 -10.80
C VAL A 73 20.20 19.15 -10.33
N THR A 74 20.06 20.41 -9.93
CA THR A 74 18.82 20.85 -9.29
C THR A 74 17.69 21.01 -10.30
N TYR A 75 17.98 21.57 -11.48
CA TYR A 75 16.91 21.79 -12.45
C TYR A 75 16.28 20.49 -12.92
N PRO A 76 17.03 19.49 -13.39
CA PRO A 76 16.39 18.23 -13.81
C PRO A 76 15.67 17.52 -12.68
N LEU A 77 16.02 17.79 -11.43
CA LEU A 77 15.32 17.19 -10.30
C LEU A 77 14.07 17.96 -9.92
N THR A 78 14.15 19.29 -9.90
CA THR A 78 12.96 20.09 -9.58
C THR A 78 11.90 19.97 -10.67
N THR A 79 12.31 19.87 -11.93
CA THR A 79 11.35 19.70 -13.01
C THR A 79 10.82 18.28 -13.12
N THR A 80 11.56 17.30 -12.59
CA THR A 80 11.11 15.92 -12.65
C THR A 80 10.19 15.59 -11.49
N MET A 81 10.47 16.12 -10.30
CA MET A 81 9.64 15.84 -9.13
C MET A 81 8.29 16.53 -9.18
N LEU A 82 8.10 17.50 -10.08
CA LEU A 82 6.81 18.14 -10.23
C LEU A 82 5.78 17.26 -10.92
N SER A 83 6.20 16.14 -11.50
CA SER A 83 5.29 15.21 -12.14
C SER A 83 4.90 14.04 -11.25
N VAL A 84 5.40 14.01 -10.01
CA VAL A 84 5.07 12.91 -9.10
C VAL A 84 3.59 13.01 -8.73
N PRO A 85 2.84 11.90 -8.71
CA PRO A 85 1.42 11.98 -8.33
C PRO A 85 1.25 12.52 -6.92
N GLY A 86 0.61 13.67 -6.81
CA GLY A 86 0.31 14.25 -5.53
C GLY A 86 1.30 15.27 -5.01
N ALA A 87 2.23 15.72 -5.84
CA ALA A 87 3.22 16.70 -5.41
C ALA A 87 2.59 18.09 -5.41
N LYS A 88 2.46 18.69 -4.23
CA LYS A 88 1.89 20.02 -4.12
C LYS A 88 2.87 21.07 -4.62
N THR A 89 4.07 21.13 -4.03
CA THR A 89 5.11 22.03 -4.51
C THR A 89 6.47 21.36 -4.39
N VAL A 90 7.44 21.93 -5.11
CA VAL A 90 8.80 21.42 -5.16
C VAL A 90 9.73 22.62 -5.01
N ARG A 91 10.21 22.85 -3.79
CA ARG A 91 11.25 23.84 -3.57
C ARG A 91 12.62 23.20 -3.80
N GLY A 92 13.60 24.05 -4.06
CA GLY A 92 14.94 23.54 -4.28
C GLY A 92 15.99 24.63 -4.37
N PHE A 93 17.14 24.41 -3.73
CA PHE A 93 18.24 25.36 -3.81
C PHE A 93 19.57 24.62 -3.79
N SER A 94 20.52 25.17 -4.54
CA SER A 94 21.84 24.60 -4.69
C SER A 94 22.90 25.56 -4.17
N GLN A 95 23.92 25.01 -3.54
CA GLN A 95 25.03 25.78 -2.99
C GLN A 95 26.31 25.39 -3.72
N PHE A 96 27.45 25.90 -3.22
CA PHE A 96 28.72 25.68 -3.90
C PHE A 96 29.04 24.22 -4.12
N GLY A 97 28.51 23.32 -3.29
CA GLY A 97 28.83 21.91 -3.43
C GLY A 97 27.67 20.95 -3.25
N ASP A 98 26.49 21.47 -2.89
CA ASP A 98 25.35 20.62 -2.57
C ASP A 98 24.10 21.13 -3.27
N SER A 99 23.06 20.31 -3.23
CA SER A 99 21.77 20.67 -3.82
C SER A 99 20.67 19.98 -3.04
N TYR A 100 19.76 20.76 -2.47
CA TYR A 100 18.63 20.25 -1.72
C TYR A 100 17.34 20.48 -2.49
N VAL A 101 16.44 19.52 -2.43
CA VAL A 101 15.13 19.59 -3.08
C VAL A 101 14.09 19.08 -2.11
N TYR A 102 13.11 19.92 -1.78
CA TYR A 102 12.03 19.58 -0.87
C TYR A 102 10.74 19.43 -1.65
N VAL A 103 10.18 18.22 -1.66
CA VAL A 103 8.92 17.92 -2.33
C VAL A 103 7.86 17.81 -1.24
N ILE A 104 6.89 18.73 -1.24
CA ILE A 104 5.78 18.68 -0.31
C ILE A 104 4.53 18.29 -1.08
N PHE A 105 3.83 17.28 -0.57
CA PHE A 105 2.73 16.63 -1.26
C PHE A 105 1.39 17.23 -0.81
N GLU A 106 0.31 16.75 -1.43
CA GLU A 106 -1.02 17.22 -1.11
C GLU A 106 -1.44 16.72 0.27
N ASP A 107 -2.66 17.09 0.67
CA ASP A 107 -3.19 16.67 1.95
C ASP A 107 -3.74 15.26 1.87
N GLY A 108 -3.71 14.56 3.01
CA GLY A 108 -4.24 13.20 3.06
C GLY A 108 -3.45 12.21 2.23
N THR A 109 -2.14 12.35 2.17
CA THR A 109 -1.27 11.43 1.44
C THR A 109 -0.45 10.60 2.41
N ASP A 110 -0.31 9.32 2.10
CA ASP A 110 0.45 8.43 2.97
C ASP A 110 1.90 8.87 3.03
N PRO A 111 2.50 8.98 4.22
CA PRO A 111 3.91 9.41 4.28
C PRO A 111 4.87 8.46 3.60
N TYR A 112 4.48 7.21 3.37
CA TYR A 112 5.34 6.21 2.74
C TYR A 112 5.05 6.02 1.26
N TRP A 113 3.79 6.16 0.86
CA TRP A 113 3.46 6.16 -0.56
C TRP A 113 4.23 7.25 -1.28
N ALA A 114 4.39 8.42 -0.65
CA ALA A 114 5.12 9.51 -1.27
C ALA A 114 6.58 9.13 -1.50
N ARG A 115 7.23 8.52 -0.51
CA ARG A 115 8.61 8.12 -0.67
C ARG A 115 8.74 7.04 -1.74
N SER A 116 7.83 6.07 -1.74
CA SER A 116 7.88 5.00 -2.74
C SER A 116 7.70 5.56 -4.15
N ARG A 117 6.88 6.60 -4.31
CA ARG A 117 6.69 7.20 -5.62
C ARG A 117 7.81 8.14 -6.01
N VAL A 118 8.50 8.73 -5.03
CA VAL A 118 9.64 9.57 -5.35
C VAL A 118 10.85 8.72 -5.74
N LEU A 119 10.95 7.51 -5.18
CA LEU A 119 12.07 6.64 -5.53
C LEU A 119 12.06 6.30 -7.02
N GLU A 120 10.87 6.07 -7.60
CA GLU A 120 10.76 5.71 -9.00
C GLU A 120 11.30 6.84 -9.89
N TYR A 121 10.87 8.07 -9.63
CA TYR A 121 11.34 9.19 -10.43
C TYR A 121 12.81 9.48 -10.17
N LEU A 122 13.29 9.21 -8.96
CA LEU A 122 14.72 9.31 -8.70
C LEU A 122 15.50 8.35 -9.60
N ASN A 123 15.03 7.10 -9.69
CA ASN A 123 15.67 6.15 -10.60
C ASN A 123 15.57 6.62 -12.04
N GLN A 124 14.42 7.17 -12.43
CA GLN A 124 14.24 7.62 -13.81
C GLN A 124 15.18 8.76 -14.16
N VAL A 125 15.48 9.64 -13.22
CA VAL A 125 16.36 10.78 -13.48
C VAL A 125 17.83 10.46 -13.24
N GLN A 126 18.14 9.38 -12.51
CA GLN A 126 19.54 9.05 -12.24
C GLN A 126 20.35 8.86 -13.51
N GLY A 127 19.73 8.44 -14.61
CA GLY A 127 20.46 8.19 -15.84
C GLY A 127 21.00 9.44 -16.50
N LYS A 128 20.54 10.62 -16.08
CA LYS A 128 20.92 11.87 -16.71
C LYS A 128 21.89 12.69 -15.88
N LEU A 129 22.05 12.37 -14.60
CA LEU A 129 22.94 13.16 -13.74
C LEU A 129 24.38 13.02 -14.20
N PRO A 130 25.27 13.88 -13.68
CA PRO A 130 26.68 13.78 -14.06
C PRO A 130 27.32 12.46 -13.66
N ALA A 131 28.61 12.30 -13.99
CA ALA A 131 29.27 11.01 -13.80
C ALA A 131 29.19 10.55 -12.35
N GLY A 132 29.80 11.30 -11.45
CA GLY A 132 29.93 10.88 -10.06
C GLY A 132 28.81 11.29 -9.15
N VAL A 133 27.85 12.08 -9.62
CA VAL A 133 26.76 12.55 -8.77
C VAL A 133 25.74 11.45 -8.58
N SER A 134 25.20 11.35 -7.36
CA SER A 134 24.18 10.36 -7.04
C SER A 134 23.21 10.98 -6.04
N ALA A 135 21.93 10.98 -6.38
CA ALA A 135 20.91 11.59 -5.52
C ALA A 135 20.50 10.60 -4.44
N GLU A 136 20.64 11.01 -3.18
CA GLU A 136 20.30 10.18 -2.03
C GLU A 136 19.03 10.69 -1.39
N LEU A 137 18.14 9.77 -1.04
CA LEU A 137 16.90 10.13 -0.35
C LEU A 137 17.20 10.63 1.06
N GLY A 138 16.30 11.44 1.58
CA GLY A 138 16.45 11.99 2.91
C GLY A 138 15.94 11.04 3.97
N PRO A 139 16.09 11.42 5.24
CA PRO A 139 15.60 10.55 6.32
C PRO A 139 14.09 10.53 6.39
N ASP A 140 13.54 9.77 7.33
CA ASP A 140 12.09 9.64 7.49
C ASP A 140 11.52 10.67 8.44
N ALA A 141 12.20 11.80 8.62
CA ALA A 141 11.77 12.85 9.54
C ALA A 141 11.78 14.19 8.81
N THR A 142 11.36 15.24 9.53
CA THR A 142 11.34 16.58 8.98
C THR A 142 12.03 17.55 9.93
N GLY A 143 11.97 18.85 9.64
CA GLY A 143 12.59 19.83 10.50
C GLY A 143 11.95 19.94 11.86
N VAL A 144 10.64 19.72 11.96
CA VAL A 144 9.95 19.82 13.25
C VAL A 144 10.21 18.63 14.14
N GLY A 145 10.94 17.63 13.67
CA GLY A 145 11.23 16.43 14.43
C GLY A 145 12.40 16.53 15.37
N TRP A 146 13.01 17.71 15.53
CA TRP A 146 14.13 17.87 16.44
C TRP A 146 13.63 17.84 17.87
N ILE A 147 13.61 16.66 18.48
CA ILE A 147 12.93 16.50 19.76
C ILE A 147 13.85 16.85 20.92
N TYR A 148 15.04 16.26 20.96
CA TYR A 148 15.93 16.38 22.12
C TYR A 148 17.30 16.82 21.62
N GLU A 149 17.94 17.71 22.39
CA GLU A 149 19.26 18.23 22.05
C GLU A 149 20.12 18.32 23.30
N TYR A 150 21.36 17.87 23.20
CA TYR A 150 22.29 17.90 24.32
C TYR A 150 23.64 18.41 23.85
N ALA A 151 24.50 18.72 24.81
CA ALA A 151 25.85 19.21 24.55
C ALA A 151 26.83 18.45 25.43
N LEU A 152 28.01 18.16 24.86
CA LEU A 152 29.06 17.43 25.54
C LEU A 152 30.08 18.44 26.07
N VAL A 153 30.02 18.71 27.36
CA VAL A 153 30.89 19.70 28.01
C VAL A 153 32.01 18.96 28.71
N ASP A 154 33.17 19.61 28.82
CA ASP A 154 34.33 19.07 29.51
C ASP A 154 34.95 20.18 30.34
N ARG A 155 34.61 20.24 31.62
CA ARG A 155 35.13 21.26 32.51
C ARG A 155 36.41 20.81 33.20
N SER A 156 37.38 20.36 32.39
CA SER A 156 38.68 19.97 32.89
C SER A 156 39.82 20.44 32.00
N GLY A 157 39.54 21.06 30.86
CA GLY A 157 40.59 21.49 29.96
C GLY A 157 41.48 20.38 29.46
N LYS A 158 41.05 19.13 29.58
CA LYS A 158 41.86 17.97 29.20
C LYS A 158 41.49 17.43 27.82
N HIS A 159 40.23 17.06 27.62
CA HIS A 159 39.78 16.49 26.36
C HIS A 159 39.66 17.60 25.32
N ASP A 160 40.37 17.46 24.21
CA ASP A 160 40.33 18.47 23.16
C ASP A 160 38.99 18.43 22.45
N LEU A 161 38.78 19.44 21.58
CA LEU A 161 37.51 19.54 20.87
C LEU A 161 37.33 18.42 19.85
N ALA A 162 38.44 17.87 19.34
CA ALA A 162 38.36 16.84 18.32
C ALA A 162 38.04 15.47 18.88
N ASP A 163 38.25 15.24 20.18
CA ASP A 163 37.93 13.95 20.77
C ASP A 163 36.46 13.84 21.10
N LEU A 164 35.84 14.94 21.56
CA LEU A 164 34.42 14.92 21.90
C LEU A 164 33.57 14.57 20.69
N ARG A 165 33.88 15.16 19.54
CA ARG A 165 33.07 14.90 18.34
C ARG A 165 33.24 13.46 17.88
N SER A 166 34.45 12.92 17.94
CA SER A 166 34.66 11.53 17.57
C SER A 166 33.91 10.61 18.52
N LEU A 167 34.00 10.86 19.82
CA LEU A 167 33.24 10.09 20.79
C LEU A 167 31.76 10.11 20.44
N GLN A 168 31.19 11.30 20.26
CA GLN A 168 29.80 11.41 19.84
C GLN A 168 29.52 10.52 18.63
N ASP A 169 30.18 10.83 17.51
CA ASP A 169 29.89 10.18 16.24
C ASP A 169 29.94 8.66 16.35
N TRP A 170 30.96 8.13 17.01
CA TRP A 170 31.24 6.70 16.94
C TRP A 170 30.74 5.91 18.14
N PHE A 171 30.20 6.57 19.16
CA PHE A 171 29.58 5.86 20.28
C PHE A 171 28.11 6.20 20.44
N LEU A 172 27.77 7.49 20.54
CA LEU A 172 26.40 7.85 20.90
C LEU A 172 25.47 7.77 19.69
N LYS A 173 25.96 8.14 18.51
CA LYS A 173 25.14 8.02 17.31
C LYS A 173 24.69 6.58 17.11
N TYR A 174 25.44 5.61 17.61
CA TYR A 174 25.08 4.20 17.48
C TYR A 174 24.37 3.66 18.71
N GLU A 175 24.62 4.22 19.89
CA GLU A 175 23.93 3.77 21.09
C GLU A 175 22.50 4.28 21.16
N LEU A 176 22.27 5.50 20.66
CA LEU A 176 20.93 6.08 20.71
C LEU A 176 20.10 5.73 19.47
N LYS A 177 20.75 5.45 18.35
CA LYS A 177 20.00 5.16 17.12
C LYS A 177 19.18 3.89 17.26
N THR A 178 19.53 3.01 18.20
CA THR A 178 18.80 1.76 18.39
C THR A 178 17.46 1.94 19.08
N ILE A 179 17.17 3.14 19.59
CA ILE A 179 15.85 3.37 20.19
C ILE A 179 14.78 3.09 19.13
N PRO A 180 13.63 2.50 19.49
CA PRO A 180 12.66 2.10 18.46
C PRO A 180 12.35 3.15 17.42
N ASP A 181 11.90 4.34 17.84
CA ASP A 181 11.39 5.32 16.89
C ASP A 181 12.24 6.59 16.83
N VAL A 182 13.55 6.43 16.88
CA VAL A 182 14.47 7.55 16.69
C VAL A 182 14.90 7.55 15.23
N ALA A 183 14.37 8.51 14.45
CA ALA A 183 14.65 8.54 13.03
C ALA A 183 16.12 8.82 12.74
N GLU A 184 16.76 9.66 13.55
CA GLU A 184 18.15 10.02 13.27
C GLU A 184 18.79 10.66 14.48
N VAL A 185 20.11 10.67 14.49
CA VAL A 185 20.91 11.37 15.50
C VAL A 185 22.00 12.12 14.76
N ALA A 186 21.95 13.45 14.83
CA ALA A 186 22.89 14.32 14.13
C ALA A 186 23.91 14.88 15.12
N SER A 187 25.09 15.20 14.59
CA SER A 187 26.18 15.76 15.39
C SER A 187 26.40 17.23 15.00
N VAL A 188 26.60 18.08 16.00
CA VAL A 188 26.78 19.51 15.80
C VAL A 188 28.08 19.94 16.46
N GLY A 189 28.80 20.83 15.78
CA GLY A 189 30.03 21.36 16.33
C GLY A 189 31.13 20.31 16.43
N GLY A 190 32.24 20.75 17.02
CA GLY A 190 33.38 19.88 17.21
C GLY A 190 34.41 20.04 16.09
N VAL A 191 35.24 19.02 15.95
CA VAL A 191 36.28 18.97 14.94
C VAL A 191 36.44 17.53 14.48
N VAL A 192 36.65 17.35 13.18
CA VAL A 192 36.84 16.03 12.58
C VAL A 192 38.31 15.83 12.32
N LYS A 193 38.81 14.64 12.68
CA LYS A 193 40.21 14.31 12.46
C LYS A 193 40.47 14.08 10.98
N GLU A 194 41.53 14.68 10.46
CA GLU A 194 41.83 14.61 9.03
C GLU A 194 43.33 14.49 8.83
N TYR A 195 43.73 13.49 8.05
CA TYR A 195 45.14 13.28 7.71
C TYR A 195 45.52 14.26 6.60
N GLN A 196 46.28 15.29 6.95
CA GLN A 196 46.70 16.31 5.99
C GLN A 196 48.15 16.08 5.62
N VAL A 197 48.39 15.85 4.33
CA VAL A 197 49.74 15.68 3.79
C VAL A 197 50.06 16.90 2.94
N VAL A 198 50.91 17.78 3.45
CA VAL A 198 51.25 19.02 2.77
C VAL A 198 52.56 18.83 2.03
N ILE A 199 52.59 19.27 0.77
CA ILE A 199 53.73 19.09 -0.12
C ILE A 199 54.47 20.41 -0.27
N ASP A 200 55.80 20.33 -0.27
CA ASP A 200 56.63 21.52 -0.48
C ASP A 200 57.01 21.63 -1.95
N PRO A 201 56.69 22.74 -2.64
CA PRO A 201 57.05 22.82 -4.06
C PRO A 201 58.55 22.75 -4.30
N GLN A 202 59.34 23.42 -3.45
CA GLN A 202 60.79 23.42 -3.66
C GLN A 202 61.36 22.01 -3.60
N ARG A 203 61.00 21.26 -2.57
CA ARG A 203 61.50 19.89 -2.42
C ARG A 203 60.86 18.92 -3.42
N LEU A 204 59.66 19.25 -3.92
CA LEU A 204 59.03 18.39 -4.91
C LEU A 204 59.68 18.56 -6.28
N ALA A 205 60.10 19.78 -6.61
CA ALA A 205 60.73 20.02 -7.90
C ALA A 205 62.10 19.36 -7.98
N GLN A 206 62.85 19.36 -6.88
CA GLN A 206 64.18 18.77 -6.89
C GLN A 206 64.13 17.31 -7.30
N TYR A 207 63.11 16.58 -6.85
CA TYR A 207 62.97 15.17 -7.19
C TYR A 207 62.23 14.95 -8.50
N GLY A 208 61.57 15.98 -9.04
CA GLY A 208 60.89 15.87 -10.32
C GLY A 208 59.72 14.90 -10.29
N ILE A 209 58.84 15.06 -9.31
CA ILE A 209 57.64 14.22 -9.19
C ILE A 209 56.42 15.11 -9.40
N SER A 210 55.40 14.56 -10.05
CA SER A 210 54.14 15.25 -10.29
C SER A 210 53.09 14.76 -9.32
N LEU A 211 52.07 15.61 -9.11
CA LEU A 211 51.06 15.32 -8.09
C LEU A 211 50.24 14.08 -8.43
N ALA A 212 50.05 13.79 -9.72
CA ALA A 212 49.24 12.64 -10.09
C ALA A 212 49.82 11.34 -9.55
N GLU A 213 51.14 11.19 -9.64
CA GLU A 213 51.77 9.97 -9.13
C GLU A 213 51.65 9.89 -7.61
N VAL A 214 51.82 11.02 -6.93
CA VAL A 214 51.66 11.04 -5.47
C VAL A 214 50.27 10.57 -5.09
N LYS A 215 49.25 11.10 -5.77
CA LYS A 215 47.88 10.72 -5.46
C LYS A 215 47.66 9.23 -5.74
N SER A 216 48.09 8.77 -6.92
CA SER A 216 47.88 7.37 -7.28
C SER A 216 48.59 6.42 -6.32
N ALA A 217 49.73 6.84 -5.76
CA ALA A 217 50.43 6.00 -4.79
C ALA A 217 49.79 6.08 -3.41
N LEU A 218 49.18 7.23 -3.07
CA LEU A 218 48.54 7.37 -1.78
C LEU A 218 47.24 6.58 -1.70
N ASP A 219 46.41 6.65 -2.74
CA ASP A 219 45.10 6.03 -2.70
C ASP A 219 45.09 4.60 -3.21
N ALA A 220 46.21 3.87 -3.13
CA ALA A 220 46.30 2.50 -3.63
C ALA A 220 46.96 1.56 -2.64
N SER A 221 46.85 1.86 -1.33
CA SER A 221 47.48 1.03 -0.32
C SER A 221 46.59 0.85 0.91
N ASN A 222 45.28 0.81 0.71
CA ASN A 222 44.31 0.68 1.80
C ASN A 222 43.27 -0.39 1.47
N GLN A 223 43.74 -1.54 1.01
CA GLN A 223 42.89 -2.68 0.70
C GLN A 223 43.26 -3.87 1.57
N GLU A 224 42.28 -4.70 1.86
CA GLU A 224 42.46 -5.88 2.71
C GLU A 224 41.56 -6.98 2.19
N ALA A 225 42.16 -8.01 1.59
CA ALA A 225 41.37 -9.06 0.97
C ALA A 225 42.23 -10.32 0.82
N GLY A 226 41.73 -11.44 1.36
CA GLY A 226 42.32 -12.74 1.14
C GLY A 226 41.26 -13.74 0.78
N GLY A 227 41.36 -14.33 -0.42
CA GLY A 227 40.29 -15.16 -0.95
C GLY A 227 40.70 -16.57 -1.29
N SER A 228 41.54 -17.19 -0.47
CA SER A 228 41.98 -18.56 -0.66
C SER A 228 41.52 -19.41 0.52
N SER A 229 41.72 -20.73 0.39
CA SER A 229 41.37 -21.66 1.46
C SER A 229 42.17 -22.93 1.23
N ILE A 230 43.08 -23.24 2.16
CA ILE A 230 43.95 -24.40 2.03
C ILE A 230 43.62 -25.41 3.13
N GLU A 231 44.33 -26.53 3.16
CA GLU A 231 44.14 -27.56 4.17
C GLU A 231 45.50 -27.94 4.74
N LEU A 232 45.66 -27.77 6.05
CA LEU A 232 46.90 -28.15 6.72
C LEU A 232 46.87 -29.61 7.16
N ALA A 233 46.50 -30.49 6.23
CA ALA A 233 46.57 -31.93 6.42
C ALA A 233 45.62 -32.45 7.49
N GLU A 234 44.89 -31.56 8.18
CA GLU A 234 44.00 -31.99 9.25
C GLU A 234 42.61 -31.37 9.13
N ALA A 235 42.52 -30.14 8.62
CA ALA A 235 41.25 -29.44 8.56
C ALA A 235 41.41 -28.21 7.66
N GLU A 236 40.33 -27.47 7.51
CA GLU A 236 40.33 -26.28 6.67
C GLU A 236 41.28 -25.23 7.24
N TYR A 237 41.60 -24.24 6.40
CA TYR A 237 42.56 -23.20 6.75
C TYR A 237 42.21 -21.97 5.91
N MET A 238 41.58 -20.99 6.53
CA MET A 238 41.23 -19.75 5.85
C MET A 238 42.46 -18.88 5.69
N VAL A 239 42.43 -18.01 4.68
CA VAL A 239 43.58 -17.19 4.30
C VAL A 239 43.22 -15.73 4.47
N ARG A 240 44.07 -14.99 5.17
CA ARG A 240 43.93 -13.55 5.37
C ARG A 240 45.04 -12.82 4.63
N ALA A 241 44.93 -11.49 4.62
CA ALA A 241 45.94 -10.63 4.00
C ALA A 241 45.76 -9.22 4.53
N SER A 242 46.81 -8.68 5.13
CA SER A 242 46.76 -7.34 5.72
C SER A 242 46.74 -6.30 4.61
N GLY A 243 46.84 -5.03 4.99
CA GLY A 243 46.84 -3.95 4.02
C GLY A 243 46.15 -2.68 4.49
N TYR A 244 45.50 -2.72 5.66
CA TYR A 244 44.86 -1.53 6.18
C TYR A 244 45.91 -0.56 6.75
N LEU A 245 45.61 0.73 6.64
CA LEU A 245 46.47 1.77 7.17
C LEU A 245 46.07 2.08 8.60
N GLN A 246 47.03 2.06 9.51
CA GLN A 246 46.77 2.15 10.94
C GLN A 246 47.35 3.39 11.59
N THR A 247 48.65 3.66 11.41
CA THR A 247 49.35 4.72 12.13
C THR A 247 49.89 5.74 11.14
N LEU A 248 50.64 6.70 11.68
CA LEU A 248 51.22 7.77 10.88
C LEU A 248 52.49 7.34 10.16
N ASP A 249 53.42 6.69 10.86
CA ASP A 249 54.65 6.25 10.23
C ASP A 249 54.41 5.39 8.99
N ASP A 250 53.24 4.74 8.91
CA ASP A 250 52.91 4.01 7.69
C ASP A 250 52.78 4.95 6.49
N PHE A 251 52.39 6.21 6.74
CA PHE A 251 52.29 7.17 5.64
C PHE A 251 53.67 7.61 5.17
N ASN A 252 54.64 7.65 6.08
CA ASN A 252 56.01 8.00 5.71
C ASN A 252 56.83 6.79 5.29
N HIS A 253 56.24 5.59 5.26
CA HIS A 253 56.95 4.37 4.89
C HIS A 253 56.51 3.85 3.52
N ILE A 254 55.71 4.61 2.78
CA ILE A 254 55.27 4.21 1.44
C ILE A 254 56.17 4.88 0.42
N VAL A 255 56.54 4.15 -0.62
CA VAL A 255 57.43 4.63 -1.66
C VAL A 255 56.60 4.98 -2.88
N LEU A 256 57.01 6.05 -3.57
CA LEU A 256 56.30 6.51 -4.77
C LEU A 256 56.94 5.95 -6.03
N LYS A 257 58.27 5.98 -6.11
CA LYS A 257 59.00 5.41 -7.24
C LYS A 257 60.24 4.72 -6.73
N ALA A 258 60.53 3.55 -7.29
CA ALA A 258 61.69 2.76 -6.90
C ALA A 258 62.88 3.15 -7.76
N SER A 259 63.98 3.51 -7.11
CA SER A 259 65.22 3.86 -7.79
C SER A 259 66.05 2.60 -7.97
N GLU A 260 66.38 2.27 -9.22
CA GLU A 260 67.12 1.04 -9.51
C GLU A 260 68.46 1.04 -8.78
N ASN A 261 68.60 0.13 -7.81
CA ASN A 261 69.83 0.02 -7.02
C ASN A 261 70.19 1.35 -6.38
N GLY A 262 69.21 1.95 -5.72
CA GLY A 262 69.44 3.24 -5.07
C GLY A 262 68.33 3.52 -4.08
N VAL A 263 68.56 4.57 -3.28
CA VAL A 263 67.61 4.97 -2.24
C VAL A 263 66.30 5.37 -2.91
N PRO A 264 65.20 4.65 -2.68
CA PRO A 264 63.91 5.08 -3.24
C PRO A 264 63.38 6.30 -2.52
N VAL A 265 62.51 7.02 -3.23
CA VAL A 265 61.91 8.24 -2.69
C VAL A 265 60.69 7.85 -1.86
N TYR A 266 60.73 8.19 -0.57
CA TYR A 266 59.61 7.93 0.32
C TYR A 266 58.71 9.16 0.42
N LEU A 267 57.48 8.95 0.87
CA LEU A 267 56.55 10.06 1.03
C LEU A 267 57.10 11.11 1.98
N ARG A 268 57.93 10.70 2.94
CA ARG A 268 58.53 11.66 3.86
C ARG A 268 59.46 12.63 3.15
N ASP A 269 59.87 12.33 1.92
CA ASP A 269 60.83 13.14 1.20
C ASP A 269 60.20 14.25 0.37
N VAL A 270 58.89 14.17 0.10
CA VAL A 270 58.24 15.15 -0.77
C VAL A 270 57.07 15.80 -0.04
N ALA A 271 56.48 15.09 0.93
CA ALA A 271 55.28 15.58 1.60
C ALA A 271 55.35 15.20 3.06
N LYS A 272 54.98 16.14 3.94
CA LYS A 272 54.95 15.91 5.37
C LYS A 272 53.52 15.72 5.84
N VAL A 273 53.32 14.72 6.69
CA VAL A 273 51.99 14.32 7.16
C VAL A 273 51.72 14.97 8.51
N GLN A 274 50.44 15.13 8.83
CA GLN A 274 50.04 15.64 10.13
C GLN A 274 48.54 15.41 10.30
N ILE A 275 48.07 15.67 11.51
CA ILE A 275 46.65 15.60 11.83
C ILE A 275 46.10 17.03 11.84
N GLY A 276 44.84 17.18 11.44
CA GLY A 276 44.23 18.48 11.39
C GLY A 276 42.72 18.44 11.44
N PRO A 277 42.10 19.62 11.55
CA PRO A 277 40.64 19.69 11.53
C PRO A 277 40.08 19.81 10.13
N GLU A 278 39.17 18.91 9.75
CA GLU A 278 38.49 19.04 8.48
C GLU A 278 37.73 20.37 8.43
N MET A 279 37.54 20.88 7.22
CA MET A 279 36.82 22.14 7.06
C MET A 279 35.47 22.06 7.74
N ARG A 280 35.29 22.88 8.77
CA ARG A 280 34.08 22.81 9.59
C ARG A 280 32.87 23.32 8.82
N ARG A 281 31.77 22.57 8.92
CA ARG A 281 30.50 22.98 8.34
C ARG A 281 29.51 23.46 9.39
N GLY A 282 29.75 23.18 10.67
CA GLY A 282 28.89 23.62 11.73
C GLY A 282 29.63 23.91 13.02
N ILE A 283 29.32 25.05 13.64
CA ILE A 283 29.94 25.47 14.89
C ILE A 283 28.83 25.56 15.93
N ALA A 284 29.11 25.07 17.14
CA ALA A 284 28.19 25.14 18.26
C ALA A 284 28.90 25.72 19.48
N GLU A 285 28.11 26.22 20.42
CA GLU A 285 28.67 26.86 21.60
C GLU A 285 27.63 26.89 22.71
N LEU A 286 28.10 26.80 23.94
CA LEU A 286 27.25 26.88 25.12
C LEU A 286 27.10 28.35 25.54
N ASN A 287 26.61 28.60 26.76
CA ASN A 287 26.19 29.93 27.19
C ASN A 287 27.17 31.01 26.78
N GLY A 288 28.36 31.03 27.39
CA GLY A 288 29.37 32.00 27.05
C GLY A 288 30.77 31.45 27.15
N GLU A 289 30.89 30.15 27.37
CA GLU A 289 32.19 29.57 27.72
C GLU A 289 33.04 29.35 26.47
N GLY A 290 32.57 28.52 25.55
CA GLY A 290 33.33 28.22 24.35
C GLY A 290 32.63 27.15 23.55
N GLU A 291 33.23 26.84 22.40
CA GLU A 291 32.65 25.85 21.50
C GLU A 291 32.48 24.51 22.22
N VAL A 292 31.46 23.76 21.80
CA VAL A 292 31.14 22.46 22.39
C VAL A 292 30.51 21.59 21.33
N ALA A 293 30.82 20.30 21.37
CA ALA A 293 30.19 19.33 20.48
C ALA A 293 28.90 18.83 21.12
N GLY A 294 27.90 18.59 20.29
CA GLY A 294 26.60 18.17 20.81
C GLY A 294 25.87 17.29 19.81
N GLY A 295 24.70 16.83 20.23
CA GLY A 295 23.90 15.96 19.41
C GLY A 295 22.46 16.44 19.32
N VAL A 296 21.76 15.92 18.33
CA VAL A 296 20.37 16.28 18.04
C VAL A 296 19.61 15.00 17.70
N VAL A 297 18.56 14.73 18.47
CA VAL A 297 17.70 13.56 18.24
C VAL A 297 16.55 14.00 17.35
N ILE A 298 16.34 13.28 16.24
CA ILE A 298 15.29 13.58 15.28
C ILE A 298 14.34 12.39 15.25
N LEU A 299 13.06 12.67 15.55
CA LEU A 299 12.03 11.66 15.71
C LEU A 299 11.40 11.32 14.36
N ARG A 300 10.87 10.11 14.25
CA ARG A 300 10.21 9.69 13.02
C ARG A 300 8.83 10.33 12.90
N SER A 301 8.48 10.71 11.69
CA SER A 301 7.22 11.42 11.46
C SER A 301 6.03 10.54 11.81
N GLY A 302 5.23 11.00 12.77
CA GLY A 302 3.99 10.35 13.11
C GLY A 302 4.00 9.49 14.35
N LYS A 303 5.03 9.59 15.18
CA LYS A 303 5.14 8.80 16.40
C LYS A 303 5.11 9.72 17.63
N ASN A 304 4.95 9.10 18.79
CA ASN A 304 4.85 9.84 20.04
C ASN A 304 6.24 10.30 20.47
N ALA A 305 6.31 11.52 21.00
CA ALA A 305 7.59 12.09 21.40
C ALA A 305 7.93 11.79 22.85
N ARG A 306 6.93 11.69 23.72
CA ARG A 306 7.21 11.53 25.15
C ARG A 306 7.92 10.21 25.43
N GLU A 307 7.46 9.12 24.82
CA GLU A 307 8.10 7.82 25.03
C GLU A 307 9.54 7.84 24.52
N VAL A 308 9.77 8.45 23.36
CA VAL A 308 11.13 8.51 22.82
C VAL A 308 12.03 9.32 23.72
N ILE A 309 11.53 10.44 24.25
CA ILE A 309 12.34 11.25 25.16
C ILE A 309 12.64 10.47 26.43
N ALA A 310 11.66 9.73 26.95
CA ALA A 310 11.88 8.94 28.15
C ALA A 310 12.97 7.90 27.92
N ALA A 311 12.87 7.18 26.80
CA ALA A 311 13.88 6.16 26.49
C ALA A 311 15.26 6.78 26.30
N VAL A 312 15.33 7.93 25.62
CA VAL A 312 16.61 8.59 25.39
C VAL A 312 17.22 9.02 26.71
N LYS A 313 16.42 9.58 27.61
CA LYS A 313 16.95 10.00 28.91
C LYS A 313 17.41 8.80 29.72
N ASP A 314 16.63 7.71 29.71
CA ASP A 314 17.05 6.51 30.44
C ASP A 314 18.37 5.97 29.93
N LYS A 315 18.54 5.93 28.60
CA LYS A 315 19.79 5.40 28.05
C LYS A 315 20.96 6.33 28.33
N LEU A 316 20.75 7.64 28.16
CA LEU A 316 21.82 8.59 28.46
C LEU A 316 22.20 8.54 29.93
N GLU A 317 21.26 8.20 30.81
CA GLU A 317 21.58 8.06 32.22
C GLU A 317 22.36 6.78 32.49
N THR A 318 21.88 5.64 31.99
CA THR A 318 22.60 4.40 32.20
C THR A 318 23.93 4.36 31.47
N LEU A 319 24.20 5.31 30.58
CA LEU A 319 25.49 5.41 29.92
C LEU A 319 26.44 6.37 30.63
N LYS A 320 26.00 7.05 31.69
CA LYS A 320 26.82 8.04 32.36
C LYS A 320 28.11 7.47 32.94
N SER A 321 28.19 6.15 33.11
CA SER A 321 29.38 5.55 33.70
C SER A 321 30.46 5.23 32.68
N SER A 322 30.07 4.95 31.43
CA SER A 322 31.03 4.59 30.39
C SER A 322 31.73 5.80 29.77
N LEU A 323 31.19 7.00 29.94
CA LEU A 323 31.81 8.17 29.37
C LEU A 323 33.14 8.48 30.08
N PRO A 324 34.07 9.13 29.40
CA PRO A 324 35.36 9.43 30.03
C PRO A 324 35.19 10.36 31.24
N GLU A 325 36.26 10.47 32.01
CA GLU A 325 36.26 11.30 33.21
C GLU A 325 36.34 12.77 32.82
N GLY A 326 35.33 13.53 33.20
CA GLY A 326 35.28 14.96 32.95
C GLY A 326 34.25 15.38 31.93
N VAL A 327 33.75 14.45 31.12
CA VAL A 327 32.77 14.77 30.08
C VAL A 327 31.36 14.60 30.67
N GLU A 328 30.49 15.57 30.39
CA GLU A 328 29.13 15.55 30.89
C GLU A 328 28.19 15.95 29.75
N ILE A 329 26.96 15.45 29.84
CA ILE A 329 25.92 15.71 28.84
C ILE A 329 24.92 16.65 29.48
N VAL A 330 24.85 17.89 28.97
CA VAL A 330 23.94 18.90 29.47
C VAL A 330 22.84 19.11 28.42
N THR A 331 21.59 18.96 28.83
CA THR A 331 20.47 19.11 27.92
C THR A 331 20.23 20.57 27.61
N THR A 332 20.09 20.90 26.31
CA THR A 332 19.85 22.27 25.88
C THR A 332 18.44 22.49 25.35
N TYR A 333 17.74 21.44 24.95
CA TYR A 333 16.37 21.55 24.49
C TYR A 333 15.66 20.24 24.79
N ASP A 334 14.46 20.33 25.36
CA ASP A 334 13.68 19.14 25.71
C ASP A 334 12.21 19.48 25.55
N ARG A 335 11.52 18.69 24.73
CA ARG A 335 10.12 18.93 24.44
C ARG A 335 9.16 18.25 25.42
N SER A 336 9.67 17.39 26.30
CA SER A 336 8.79 16.74 27.26
C SER A 336 8.27 17.72 28.30
N GLN A 337 9.03 18.78 28.60
CA GLN A 337 8.57 19.75 29.58
C GLN A 337 7.30 20.45 29.11
N LEU A 338 7.27 20.87 27.85
CA LEU A 338 6.07 21.52 27.31
C LEU A 338 4.88 20.56 27.33
N ILE A 339 5.12 19.29 26.98
CA ILE A 339 4.03 18.31 26.99
C ILE A 339 3.47 18.16 28.39
N ASP A 340 4.34 18.02 29.39
CA ASP A 340 3.89 17.87 30.77
C ASP A 340 3.11 19.09 31.22
N ARG A 341 3.64 20.29 30.93
CA ARG A 341 2.97 21.52 31.34
C ARG A 341 1.58 21.61 30.70
N ALA A 342 1.48 21.35 29.41
CA ALA A 342 0.19 21.45 28.73
C ALA A 342 -0.81 20.44 29.28
N ILE A 343 -0.36 19.20 29.49
CA ILE A 343 -1.28 18.19 30.01
C ILE A 343 -1.76 18.57 31.40
N ASP A 344 -0.85 19.02 32.26
CA ASP A 344 -1.25 19.42 33.61
C ASP A 344 -2.25 20.57 33.56
N ASN A 345 -1.98 21.58 32.72
CA ASN A 345 -2.87 22.73 32.62
C ASN A 345 -4.25 22.31 32.16
N LEU A 346 -4.32 21.48 31.11
CA LEU A 346 -5.62 21.08 30.60
C LEU A 346 -6.38 20.21 31.61
N SER A 347 -5.67 19.33 32.32
CA SER A 347 -6.34 18.51 33.33
C SER A 347 -6.89 19.38 34.45
N GLY A 348 -6.09 20.33 34.94
CA GLY A 348 -6.60 21.23 35.96
C GLY A 348 -7.79 22.03 35.49
N LYS A 349 -7.76 22.50 34.24
CA LYS A 349 -8.89 23.25 33.70
C LYS A 349 -10.14 22.39 33.67
N LEU A 350 -10.02 21.15 33.19
CA LEU A 350 -11.17 20.25 33.15
C LEU A 350 -11.72 20.03 34.56
N LEU A 351 -10.83 19.78 35.52
CA LEU A 351 -11.28 19.50 36.88
C LEU A 351 -12.01 20.70 37.49
N GLU A 352 -11.46 21.90 37.32
CA GLU A 352 -12.11 23.08 37.90
C GLU A 352 -13.41 23.41 37.17
N GLU A 353 -13.48 23.15 35.86
CA GLU A 353 -14.74 23.31 35.15
C GLU A 353 -15.80 22.38 35.73
N PHE A 354 -15.44 21.11 35.93
CA PHE A 354 -16.39 20.17 36.52
C PHE A 354 -16.83 20.65 37.90
N ILE A 355 -15.90 21.10 38.72
CA ILE A 355 -16.24 21.54 40.08
C ILE A 355 -17.19 22.72 40.02
N VAL A 356 -16.91 23.70 39.16
CA VAL A 356 -17.75 24.89 39.10
C VAL A 356 -19.13 24.57 38.58
N VAL A 357 -19.22 23.66 37.59
CA VAL A 357 -20.53 23.27 37.08
C VAL A 357 -21.33 22.58 38.18
N ALA A 358 -20.69 21.68 38.93
CA ALA A 358 -21.39 21.02 40.02
C ALA A 358 -21.86 22.04 41.06
N VAL A 359 -21.02 23.02 41.38
CA VAL A 359 -21.39 24.02 42.37
C VAL A 359 -22.59 24.83 41.90
N VAL A 360 -22.59 25.24 40.63
CA VAL A 360 -23.71 26.02 40.11
C VAL A 360 -24.98 25.20 40.13
N CYS A 361 -24.91 23.93 39.72
CA CYS A 361 -26.10 23.09 39.73
C CYS A 361 -26.64 22.92 41.15
N ALA A 362 -25.75 22.67 42.12
CA ALA A 362 -26.22 22.48 43.49
C ALA A 362 -26.78 23.76 44.07
N LEU A 363 -26.23 24.92 43.68
CA LEU A 363 -26.74 26.18 44.18
C LEU A 363 -28.08 26.55 43.57
N PHE A 364 -28.28 26.24 42.29
CA PHE A 364 -29.56 26.50 41.58
C PHE A 364 -30.68 25.53 42.02
N LEU A 365 -30.42 24.22 42.08
CA LEU A 365 -31.44 23.25 42.47
C LEU A 365 -31.61 23.17 43.98
N TRP A 366 -30.55 23.46 44.75
CA TRP A 366 -30.60 23.37 46.20
C TRP A 366 -30.94 21.95 46.65
N HIS A 367 -30.36 20.97 45.98
CA HIS A 367 -30.57 19.56 46.32
C HIS A 367 -29.33 18.80 45.91
N VAL A 368 -28.71 18.09 46.87
CA VAL A 368 -27.42 17.47 46.62
C VAL A 368 -27.56 16.30 45.66
N ARG A 369 -28.54 15.43 45.89
CA ARG A 369 -28.71 14.27 45.02
C ARG A 369 -29.08 14.68 43.60
N SER A 370 -29.86 15.75 43.45
CA SER A 370 -30.15 16.26 42.12
C SER A 370 -28.88 16.77 41.45
N ALA A 371 -28.02 17.45 42.20
CA ALA A 371 -26.74 17.90 41.65
C ALA A 371 -25.91 16.71 41.19
N LEU A 372 -25.92 15.62 41.97
CA LEU A 372 -25.19 14.42 41.57
C LEU A 372 -25.76 13.83 40.29
N VAL A 373 -27.09 13.73 40.23
CA VAL A 373 -27.73 13.21 39.03
C VAL A 373 -27.37 14.05 37.82
N ALA A 374 -27.21 15.37 38.02
CA ALA A 374 -26.89 16.25 36.91
C ALA A 374 -25.44 16.10 36.48
N ILE A 375 -24.52 16.01 37.43
CA ILE A 375 -23.09 15.99 37.08
C ILE A 375 -22.60 14.62 36.66
N ILE A 376 -23.32 13.55 37.00
CA ILE A 376 -22.86 12.21 36.60
C ILE A 376 -22.82 12.05 35.09
N SER A 377 -23.39 13.00 34.34
CA SER A 377 -23.34 12.92 32.89
C SER A 377 -21.99 13.31 32.33
N LEU A 378 -21.15 14.00 33.10
CA LEU A 378 -19.87 14.48 32.60
C LEU A 378 -18.82 13.37 32.58
N PRO A 379 -18.64 12.61 33.67
CA PRO A 379 -17.62 11.55 33.63
C PRO A 379 -17.91 10.48 32.60
N LEU A 380 -19.17 10.05 32.48
CA LEU A 380 -19.51 9.03 31.50
C LEU A 380 -19.35 9.55 30.08
N GLY A 381 -19.68 10.81 29.83
CA GLY A 381 -19.43 11.39 28.52
C GLY A 381 -17.94 11.45 28.20
N LEU A 382 -17.12 11.84 29.18
CA LEU A 382 -15.69 11.82 29.00
C LEU A 382 -15.20 10.41 28.68
N CYS A 383 -15.73 9.40 29.38
CA CYS A 383 -15.33 8.02 29.13
C CYS A 383 -15.70 7.60 27.70
N ILE A 384 -16.91 7.94 27.27
CA ILE A 384 -17.33 7.57 25.91
C ILE A 384 -16.43 8.24 24.88
N ALA A 385 -16.14 9.53 25.08
CA ALA A 385 -15.28 10.24 24.14
C ALA A 385 -13.90 9.61 24.08
N PHE A 386 -13.34 9.26 25.24
CA PHE A 386 -12.00 8.67 25.27
C PHE A 386 -12.01 7.30 24.59
N ILE A 387 -13.05 6.50 24.81
CA ILE A 387 -13.13 5.19 24.17
C ILE A 387 -13.20 5.36 22.65
N VAL A 388 -14.02 6.28 22.18
CA VAL A 388 -14.19 6.44 20.74
C VAL A 388 -12.91 6.95 20.10
N MET A 389 -12.22 7.90 20.74
CA MET A 389 -10.99 8.41 20.17
C MET A 389 -9.83 7.43 20.30
N HIS A 390 -9.89 6.50 21.26
CA HIS A 390 -8.92 5.41 21.28
C HIS A 390 -9.18 4.43 20.14
N PHE A 391 -10.45 4.19 19.85
CA PHE A 391 -10.83 3.31 18.72
C PHE A 391 -10.37 3.96 17.41
N GLN A 392 -10.52 5.27 17.29
CA GLN A 392 -10.11 5.97 16.06
C GLN A 392 -8.59 6.03 15.95
N GLY A 393 -7.90 6.30 17.06
CA GLY A 393 -6.46 6.32 17.06
C GLY A 393 -5.87 7.69 17.36
N LEU A 394 -6.59 8.49 18.14
CA LEU A 394 -6.11 9.80 18.56
C LEU A 394 -5.40 9.70 19.90
N ASN A 395 -4.64 10.74 20.23
CA ASN A 395 -3.95 10.85 21.50
C ASN A 395 -4.46 12.08 22.24
N ALA A 396 -4.04 12.21 23.49
CA ALA A 396 -4.44 13.32 24.35
C ALA A 396 -3.50 14.50 24.12
N ASN A 397 -4.04 15.59 23.59
CA ASN A 397 -3.26 16.80 23.35
C ASN A 397 -4.14 17.99 23.75
N ILE A 398 -3.67 19.19 23.43
CA ILE A 398 -4.39 20.40 23.83
C ILE A 398 -5.78 20.44 23.20
N MET A 399 -5.87 20.02 21.94
CA MET A 399 -7.12 20.21 21.20
C MET A 399 -8.22 19.29 21.73
N SER A 400 -7.90 18.03 22.01
CA SER A 400 -8.91 17.10 22.50
C SER A 400 -9.47 17.55 23.85
N LEU A 401 -8.59 17.81 24.81
CA LEU A 401 -9.03 18.25 26.12
C LEU A 401 -9.75 19.60 26.04
N GLY A 402 -9.33 20.46 25.12
CA GLY A 402 -10.04 21.72 24.91
C GLY A 402 -11.47 21.50 24.42
N GLY A 403 -11.64 20.58 23.47
CA GLY A 403 -12.98 20.26 23.01
C GLY A 403 -13.86 19.72 24.12
N ILE A 404 -13.30 18.83 24.94
CA ILE A 404 -14.10 18.28 26.04
C ILE A 404 -14.47 19.37 27.04
N ALA A 405 -13.52 20.24 27.39
CA ALA A 405 -13.80 21.34 28.29
C ALA A 405 -14.82 22.31 27.71
N ILE A 406 -14.87 22.44 26.39
CA ILE A 406 -15.88 23.29 25.77
C ILE A 406 -17.25 22.61 25.80
N ALA A 407 -17.29 21.28 25.68
CA ALA A 407 -18.56 20.57 25.63
C ALA A 407 -19.14 20.26 27.00
N VAL A 408 -18.39 20.48 28.08
CA VAL A 408 -18.88 20.17 29.43
C VAL A 408 -20.28 20.76 29.65
N GLY A 409 -20.41 22.09 29.53
CA GLY A 409 -21.66 22.73 29.86
C GLY A 409 -22.77 22.37 28.88
N ALA A 410 -22.44 22.31 27.60
CA ALA A 410 -23.41 21.92 26.59
C ALA A 410 -23.91 20.50 26.77
N MET A 411 -23.17 19.66 27.50
CA MET A 411 -23.67 18.32 27.80
C MET A 411 -24.38 18.23 29.14
N VAL A 412 -24.10 19.15 30.07
CA VAL A 412 -24.82 19.13 31.36
C VAL A 412 -26.17 19.84 31.29
N ASP A 413 -26.35 20.78 30.35
CA ASP A 413 -27.59 21.55 30.30
C ASP A 413 -28.81 20.66 30.10
N ALA A 414 -28.72 19.69 29.18
CA ALA A 414 -29.87 18.86 28.86
C ALA A 414 -30.31 18.00 30.03
N ALA A 415 -29.36 17.60 30.88
CA ALA A 415 -29.71 16.82 32.06
C ALA A 415 -30.32 17.70 33.14
N ILE A 416 -29.76 18.90 33.35
CA ILE A 416 -30.32 19.75 34.39
C ILE A 416 -31.74 20.18 34.04
N VAL A 417 -32.04 20.35 32.74
CA VAL A 417 -33.39 20.73 32.35
C VAL A 417 -34.39 19.66 32.78
N MET A 418 -34.12 18.40 32.44
CA MET A 418 -35.03 17.32 32.80
C MET A 418 -35.12 17.17 34.31
N ILE A 419 -34.01 17.35 35.02
CA ILE A 419 -34.04 17.25 36.47
C ILE A 419 -34.97 18.31 37.05
N GLU A 420 -34.89 19.55 36.55
CA GLU A 420 -35.77 20.60 37.03
C GLU A 420 -37.23 20.30 36.71
N ASN A 421 -37.49 19.76 35.52
CA ASN A 421 -38.87 19.42 35.17
C ASN A 421 -39.43 18.36 36.11
N ALA A 422 -38.64 17.33 36.40
CA ALA A 422 -39.09 16.30 37.33
C ALA A 422 -39.32 16.88 38.71
N HIS A 423 -38.43 17.79 39.15
CA HIS A 423 -38.63 18.46 40.43
C HIS A 423 -39.98 19.17 40.46
N LYS A 424 -40.28 19.94 39.42
CA LYS A 424 -41.54 20.69 39.39
C LYS A 424 -42.74 19.75 39.40
N ARG A 425 -42.67 18.65 38.64
CA ARG A 425 -43.80 17.73 38.60
C ARG A 425 -44.02 17.05 39.96
N LEU A 426 -42.94 16.64 40.62
CA LEU A 426 -43.07 16.06 41.95
C LEU A 426 -43.63 17.08 42.93
N GLU A 427 -43.18 18.33 42.83
CA GLU A 427 -43.72 19.37 43.70
C GLU A 427 -45.21 19.54 43.50
N GLU A 428 -45.66 19.59 42.25
CA GLU A 428 -47.09 19.73 41.98
C GLU A 428 -47.87 18.54 42.54
N TRP A 429 -47.39 17.32 42.29
CA TRP A 429 -48.08 16.14 42.81
C TRP A 429 -48.20 16.21 44.32
N GLN A 430 -47.11 16.58 45.01
CA GLN A 430 -47.17 16.70 46.47
C GLN A 430 -48.16 17.78 46.88
N HIS A 431 -48.19 18.90 46.15
CA HIS A 431 -49.13 19.96 46.46
C HIS A 431 -50.58 19.52 46.28
N GLN A 432 -50.83 18.54 45.40
CA GLN A 432 -52.19 18.08 45.17
C GLN A 432 -52.69 17.12 46.24
N HIS A 433 -51.82 16.28 46.78
CA HIS A 433 -52.21 15.22 47.70
C HIS A 433 -51.49 15.37 49.03
N PRO A 434 -52.02 14.79 50.11
CA PRO A 434 -51.38 14.94 51.41
C PRO A 434 -50.01 14.25 51.46
N ASP A 435 -49.12 14.82 52.26
CA ASP A 435 -47.77 14.28 52.39
C ASP A 435 -47.77 12.99 53.18
N ALA A 436 -46.58 12.43 53.39
CA ALA A 436 -46.37 11.19 54.13
C ALA A 436 -47.07 10.00 53.50
N THR A 437 -47.50 10.12 52.24
CA THR A 437 -48.20 9.05 51.53
C THR A 437 -47.59 8.95 50.14
N LEU A 438 -46.66 8.01 49.97
CA LEU A 438 -45.99 7.84 48.68
C LEU A 438 -45.37 6.46 48.63
N ASP A 439 -45.11 6.00 47.41
CA ASP A 439 -44.46 4.72 47.18
C ASP A 439 -43.70 4.79 45.87
N ASN A 440 -42.86 3.78 45.62
CA ASN A 440 -41.99 3.80 44.45
C ASN A 440 -42.78 3.75 43.15
N LYS A 441 -43.97 3.13 43.14
CA LYS A 441 -44.71 2.97 41.90
C LYS A 441 -45.13 4.31 41.33
N THR A 442 -45.92 5.07 42.08
CA THR A 442 -46.41 6.35 41.56
C THR A 442 -45.27 7.34 41.33
N ARG A 443 -44.24 7.31 42.19
CA ARG A 443 -43.11 8.20 41.99
C ARG A 443 -42.40 7.89 40.68
N TRP A 444 -42.12 6.61 40.43
CA TRP A 444 -41.50 6.23 39.16
C TRP A 444 -42.37 6.63 37.99
N GLN A 445 -43.68 6.43 38.10
CA GLN A 445 -44.59 6.78 37.02
C GLN A 445 -44.52 8.27 36.71
N VAL A 446 -44.65 9.11 37.74
CA VAL A 446 -44.65 10.56 37.52
C VAL A 446 -43.30 11.03 37.02
N ILE A 447 -42.20 10.44 37.51
CA ILE A 447 -40.89 10.86 37.05
C ILE A 447 -40.69 10.48 35.58
N THR A 448 -41.12 9.28 35.20
CA THR A 448 -41.00 8.87 33.81
C THR A 448 -41.83 9.77 32.90
N ASP A 449 -43.04 10.12 33.34
CA ASP A 449 -43.87 11.01 32.54
C ASP A 449 -43.23 12.39 32.41
N ALA A 450 -42.70 12.92 33.51
CA ALA A 450 -42.05 14.23 33.46
C ALA A 450 -40.83 14.21 32.56
N SER A 451 -40.08 13.11 32.54
CA SER A 451 -38.91 13.03 31.68
C SER A 451 -39.29 12.89 30.22
N VAL A 452 -40.34 12.12 29.93
CA VAL A 452 -40.78 11.95 28.55
C VAL A 452 -41.41 13.22 28.03
N GLU A 453 -41.97 14.06 28.91
CA GLU A 453 -42.60 15.29 28.47
C GLU A 453 -41.61 16.23 27.80
N VAL A 454 -40.34 16.15 28.18
CA VAL A 454 -39.33 17.12 27.75
C VAL A 454 -38.09 16.47 27.17
N GLY A 455 -38.05 15.14 27.04
CA GLY A 455 -36.90 14.48 26.47
C GLY A 455 -36.62 14.86 25.03
N PRO A 456 -37.59 14.62 24.14
CA PRO A 456 -37.33 14.81 22.70
C PRO A 456 -36.77 16.18 22.35
N ALA A 457 -37.27 17.25 22.97
CA ALA A 457 -36.79 18.58 22.64
C ALA A 457 -35.30 18.73 22.95
N LEU A 458 -34.88 18.30 24.15
CA LEU A 458 -33.48 18.44 24.51
C LEU A 458 -32.60 17.49 23.70
N PHE A 459 -33.13 16.31 23.37
CA PHE A 459 -32.39 15.41 22.50
C PHE A 459 -32.11 16.06 21.15
N ILE A 460 -33.15 16.64 20.54
CA ILE A 460 -32.96 17.30 19.25
C ILE A 460 -32.07 18.53 19.40
N SER A 461 -32.08 19.16 20.57
CA SER A 461 -31.20 20.31 20.78
C SER A 461 -29.73 19.88 20.82
N LEU A 462 -29.43 18.80 21.52
CA LEU A 462 -28.07 18.27 21.52
C LEU A 462 -27.66 17.85 20.12
N LEU A 463 -28.57 17.22 19.38
CA LEU A 463 -28.28 16.88 17.99
C LEU A 463 -28.01 18.12 17.16
N ILE A 464 -28.75 19.19 17.43
CA ILE A 464 -28.51 20.45 16.74
C ILE A 464 -27.09 20.93 17.00
N ILE A 465 -26.69 20.97 18.27
CA ILE A 465 -25.34 21.39 18.61
C ILE A 465 -24.33 20.56 17.83
N THR A 466 -24.45 19.24 17.91
CA THR A 466 -23.46 18.35 17.29
C THR A 466 -23.39 18.57 15.79
N LEU A 467 -24.52 18.38 15.10
CA LEU A 467 -24.53 18.44 13.64
C LEU A 467 -24.41 19.85 13.11
N SER A 468 -24.44 20.87 13.96
CA SER A 468 -24.19 22.23 13.53
C SER A 468 -22.73 22.63 13.73
N PHE A 469 -22.03 21.99 14.66
CA PHE A 469 -20.59 22.17 14.73
C PHE A 469 -19.84 21.20 13.81
N ILE A 470 -20.52 20.18 13.30
CA ILE A 470 -19.88 19.21 12.39
C ILE A 470 -19.32 19.86 11.13
N PRO A 471 -19.91 20.93 10.57
CA PRO A 471 -19.41 21.42 9.28
C PRO A 471 -17.98 21.95 9.30
N ILE A 472 -17.33 22.02 10.46
CA ILE A 472 -15.97 22.55 10.53
C ILE A 472 -14.93 21.54 10.07
N PHE A 473 -15.35 20.32 9.71
CA PHE A 473 -14.40 19.34 9.18
C PHE A 473 -13.92 19.68 7.78
N THR A 474 -14.50 20.70 7.14
CA THR A 474 -14.08 21.08 5.79
C THR A 474 -12.75 21.80 5.75
N LEU A 475 -12.23 22.24 6.89
CA LEU A 475 -10.93 22.89 6.91
C LEU A 475 -9.86 21.92 6.41
N GLU A 476 -8.95 22.43 5.58
CA GLU A 476 -7.89 21.62 4.99
C GLU A 476 -6.56 22.29 5.21
N GLY A 477 -5.53 21.49 5.46
CA GLY A 477 -4.18 21.99 5.63
C GLY A 477 -3.76 22.12 7.07
N GLN A 478 -3.02 23.18 7.38
CA GLN A 478 -2.51 23.36 8.73
C GLN A 478 -3.63 23.56 9.74
N GLU A 479 -4.52 24.52 9.47
CA GLU A 479 -5.65 24.75 10.38
C GLU A 479 -6.53 23.52 10.47
N GLY A 480 -6.68 22.77 9.38
CA GLY A 480 -7.48 21.56 9.43
C GLY A 480 -6.88 20.52 10.36
N ARG A 481 -5.57 20.27 10.21
CA ARG A 481 -4.90 19.32 11.09
C ARG A 481 -4.90 19.81 12.53
N LEU A 482 -4.94 21.13 12.74
CA LEU A 482 -4.95 21.66 14.10
C LEU A 482 -6.31 21.50 14.76
N PHE A 483 -7.39 21.74 14.02
CA PHE A 483 -8.73 21.77 14.57
C PHE A 483 -9.52 20.48 14.32
N GLY A 484 -8.91 19.47 13.72
CA GLY A 484 -9.56 18.20 13.55
C GLY A 484 -9.88 17.52 14.86
N PRO A 485 -8.86 17.26 15.67
CA PRO A 485 -9.11 16.59 16.96
C PRO A 485 -10.11 17.31 17.83
N LEU A 486 -10.08 18.65 17.87
CA LEU A 486 -11.04 19.39 18.67
C LEU A 486 -12.46 19.05 18.27
N ALA A 487 -12.77 19.18 16.98
CA ALA A 487 -14.13 18.89 16.52
C ALA A 487 -14.49 17.43 16.75
N PHE A 488 -13.54 16.52 16.49
CA PHE A 488 -13.82 15.09 16.69
C PHE A 488 -14.23 14.82 18.13
N THR A 489 -13.44 15.28 19.09
CA THR A 489 -13.74 14.99 20.49
C THR A 489 -14.98 15.73 20.96
N LYS A 490 -15.20 16.97 20.51
CA LYS A 490 -16.42 17.67 20.87
C LYS A 490 -17.65 16.93 20.39
N THR A 491 -17.64 16.47 19.13
CA THR A 491 -18.76 15.72 18.60
C THR A 491 -18.97 14.42 19.35
N TYR A 492 -17.89 13.69 19.63
CA TYR A 492 -18.02 12.44 20.37
C TYR A 492 -18.62 12.67 21.75
N ALA A 493 -18.13 13.69 22.45
CA ALA A 493 -18.63 13.98 23.80
C ALA A 493 -20.10 14.35 23.75
N MET A 494 -20.50 15.21 22.80
CA MET A 494 -21.90 15.62 22.71
C MET A 494 -22.79 14.44 22.35
N ALA A 495 -22.34 13.57 21.45
CA ALA A 495 -23.15 12.40 21.10
C ALA A 495 -23.33 11.47 22.28
N GLY A 496 -22.24 11.19 23.01
CA GLY A 496 -22.36 10.37 24.21
C GLY A 496 -23.29 11.00 25.23
N ALA A 497 -23.22 12.33 25.39
CA ALA A 497 -24.08 13.00 26.33
C ALA A 497 -25.54 12.89 25.94
N ALA A 498 -25.84 13.06 24.65
CA ALA A 498 -27.22 12.90 24.19
C ALA A 498 -27.71 11.48 24.44
N LEU A 499 -26.88 10.49 24.12
CA LEU A 499 -27.26 9.09 24.37
C LEU A 499 -27.58 8.87 25.84
N LEU A 500 -26.69 9.31 26.73
CA LEU A 500 -26.93 9.11 28.16
C LEU A 500 -28.18 9.84 28.62
N ALA A 501 -28.39 11.06 28.13
CA ALA A 501 -29.55 11.84 28.56
C ALA A 501 -30.85 11.19 28.11
N ILE A 502 -30.85 10.56 26.94
CA ILE A 502 -32.08 9.92 26.46
C ILE A 502 -32.22 8.48 26.95
N VAL A 503 -31.18 7.90 27.55
CA VAL A 503 -31.20 6.52 27.98
C VAL A 503 -30.98 6.39 29.49
N VAL A 504 -29.87 6.94 30.00
CA VAL A 504 -29.41 6.62 31.34
C VAL A 504 -29.97 7.59 32.37
N ILE A 505 -30.09 8.86 32.01
CA ILE A 505 -30.45 9.88 32.99
C ILE A 505 -31.78 9.59 33.67
N PRO A 506 -32.85 9.21 32.96
CA PRO A 506 -34.12 8.94 33.64
C PRO A 506 -34.00 7.91 34.75
N ILE A 507 -33.22 6.85 34.53
CA ILE A 507 -33.11 5.78 35.52
C ILE A 507 -32.56 6.33 36.83
N LEU A 508 -31.35 6.89 36.80
CA LEU A 508 -30.71 7.38 38.00
C LEU A 508 -31.28 8.70 38.50
N MET A 509 -32.22 9.31 37.77
CA MET A 509 -33.00 10.41 38.32
C MET A 509 -34.21 9.90 39.09
N GLY A 510 -34.80 8.79 38.64
CA GLY A 510 -35.86 8.16 39.40
C GLY A 510 -35.34 7.47 40.64
N TYR A 511 -34.15 6.89 40.58
CA TYR A 511 -33.56 6.29 41.77
C TYR A 511 -33.23 7.35 42.82
N TRP A 512 -32.70 8.48 42.40
CA TRP A 512 -32.31 9.56 43.31
C TRP A 512 -33.21 10.78 43.11
N PRO A 524 -35.51 32.79 47.55
CA PRO A 524 -34.07 33.01 47.72
C PRO A 524 -33.42 33.61 46.47
N LEU A 525 -33.28 32.82 45.42
CA LEU A 525 -32.67 33.25 44.17
C LEU A 525 -33.65 33.30 43.01
N ASN A 526 -34.56 32.33 42.92
CA ASN A 526 -35.53 32.33 41.83
C ASN A 526 -36.59 33.41 42.02
N ARG A 527 -36.96 33.69 43.27
CA ARG A 527 -37.94 34.75 43.52
C ARG A 527 -37.42 36.10 43.02
N PHE A 528 -36.12 36.35 43.21
CA PHE A 528 -35.54 37.58 42.69
C PHE A 528 -35.60 37.64 41.17
N LEU A 529 -35.28 36.53 40.51
CA LEU A 529 -35.36 36.49 39.05
C LEU A 529 -36.79 36.77 38.58
N ILE A 530 -37.78 36.16 39.23
CA ILE A 530 -39.16 36.39 38.83
C ILE A 530 -39.55 37.84 39.06
N ARG A 531 -39.14 38.42 40.19
CA ARG A 531 -39.49 39.80 40.48
C ARG A 531 -38.85 40.76 39.48
N VAL A 532 -37.66 40.43 38.99
CA VAL A 532 -37.02 41.29 38.01
C VAL A 532 -37.56 41.06 36.60
N TYR A 533 -38.13 39.88 36.34
CA TYR A 533 -38.57 39.55 34.99
C TYR A 533 -40.01 40.01 34.74
N HIS A 534 -40.88 39.92 35.76
CA HIS A 534 -42.30 40.18 35.61
C HIS A 534 -42.60 41.48 34.88
N PRO A 535 -42.17 42.63 35.42
CA PRO A 535 -42.60 43.91 34.81
C PRO A 535 -42.04 44.13 33.42
N LEU A 536 -40.79 43.76 33.18
CA LEU A 536 -40.21 43.91 31.85
C LEU A 536 -40.96 43.05 30.84
N LEU A 537 -41.28 41.81 31.21
CA LEU A 537 -42.04 40.95 30.32
C LEU A 537 -43.41 41.55 30.01
N LEU A 538 -44.10 42.06 31.03
CA LEU A 538 -45.41 42.65 30.77
C LEU A 538 -45.29 43.85 29.83
N LYS A 539 -44.38 44.77 30.12
CA LYS A 539 -44.26 45.97 29.29
C LYS A 539 -43.79 45.63 27.87
N VAL A 540 -43.07 44.53 27.71
CA VAL A 540 -42.69 44.09 26.37
C VAL A 540 -43.89 43.53 25.63
N LEU A 541 -44.67 42.67 26.31
CA LEU A 541 -45.87 42.12 25.68
C LEU A 541 -46.90 43.20 25.37
N HIS A 542 -46.82 44.35 26.04
CA HIS A 542 -47.78 45.42 25.75
C HIS A 542 -47.65 45.89 24.31
N TRP A 543 -46.42 46.23 23.94
CA TRP A 543 -46.07 46.63 22.54
C TRP A 543 -44.97 45.71 22.02
N PRO A 544 -45.28 44.74 21.15
CA PRO A 544 -44.17 43.94 20.62
C PRO A 544 -43.46 44.55 19.43
N LYS A 545 -44.14 45.37 18.63
CA LYS A 545 -43.51 45.94 17.43
C LYS A 545 -42.30 46.78 17.79
N THR A 546 -42.45 47.68 18.76
CA THR A 546 -41.33 48.49 19.20
C THR A 546 -40.20 47.62 19.75
N THR A 547 -40.55 46.51 20.38
CA THR A 547 -39.52 45.59 20.87
C THR A 547 -38.71 45.02 19.72
N LEU A 548 -39.39 44.56 18.66
CA LEU A 548 -38.67 44.04 17.50
C LEU A 548 -37.83 45.14 16.85
N LEU A 549 -38.33 46.38 16.84
CA LEU A 549 -37.57 47.47 16.24
C LEU A 549 -36.28 47.75 17.02
N VAL A 550 -36.39 47.84 18.35
CA VAL A 550 -35.18 48.08 19.14
C VAL A 550 -34.25 46.88 19.05
N ALA A 551 -34.78 45.67 18.84
CA ALA A 551 -33.91 44.54 18.61
C ALA A 551 -33.14 44.69 17.30
N ALA A 552 -33.83 45.12 16.24
CA ALA A 552 -33.14 45.36 14.98
C ALA A 552 -32.05 46.42 15.15
N LEU A 553 -32.32 47.44 15.95
CA LEU A 553 -31.30 48.48 16.16
C LEU A 553 -30.12 47.94 16.96
N SER A 554 -30.38 47.11 17.99
CA SER A 554 -29.32 46.50 18.75
C SER A 554 -28.49 45.53 17.92
N VAL A 555 -29.08 44.99 16.85
CA VAL A 555 -28.29 44.20 15.91
C VAL A 555 -27.46 45.12 15.01
N LEU A 556 -28.05 46.23 14.57
CA LEU A 556 -27.37 47.14 13.66
C LEU A 556 -26.21 47.87 14.32
N THR A 557 -26.20 47.97 15.65
CA THR A 557 -25.14 48.71 16.33
C THR A 557 -23.84 47.91 16.43
N VAL A 558 -23.71 46.85 15.62
CA VAL A 558 -22.53 45.98 15.69
C VAL A 558 -21.35 46.51 14.87
N LEU A 559 -21.55 47.52 14.03
CA LEU A 559 -20.51 47.95 13.11
C LEU A 559 -19.40 48.75 13.78
N TRP A 560 -19.57 49.15 15.04
CA TRP A 560 -18.58 50.01 15.68
C TRP A 560 -17.34 49.22 16.10
N PRO A 561 -17.48 48.10 16.82
CA PRO A 561 -16.28 47.36 17.22
C PRO A 561 -15.63 46.58 16.08
N LEU A 562 -16.39 46.22 15.04
CA LEU A 562 -15.82 45.40 13.97
C LEU A 562 -14.61 46.08 13.33
N ASN A 563 -14.56 47.41 13.36
CA ASN A 563 -13.44 48.12 12.74
C ASN A 563 -12.19 48.06 13.61
N LYS A 564 -12.35 48.12 14.93
CA LYS A 564 -11.19 48.15 15.81
C LYS A 564 -10.59 46.76 16.03
N VAL A 565 -11.41 45.71 15.97
CA VAL A 565 -10.89 44.36 16.12
C VAL A 565 -9.88 44.08 15.02
N GLY A 566 -8.72 43.55 15.39
CA GLY A 566 -7.67 43.30 14.45
C GLY A 566 -7.88 42.05 13.61
N GLY A 567 -6.80 41.35 13.30
CA GLY A 567 -6.88 40.15 12.51
C GLY A 567 -5.55 39.42 12.40
N GLU A 568 -5.56 38.12 12.60
CA GLU A 568 -4.33 37.31 12.54
C GLU A 568 -4.72 35.89 12.20
N PHE A 569 -3.71 35.03 12.05
CA PHE A 569 -3.93 33.63 11.71
C PHE A 569 -4.23 32.79 12.95
N LEU A 570 -3.30 32.77 13.90
CA LEU A 570 -3.45 32.04 15.15
C LEU A 570 -2.79 32.82 16.26
N PRO A 571 -3.25 32.67 17.50
CA PRO A 571 -2.59 33.36 18.61
C PRO A 571 -1.16 32.89 18.77
N GLN A 572 -0.36 33.72 19.44
CA GLN A 572 1.06 33.42 19.67
C GLN A 572 1.16 32.44 20.83
N ILE A 573 1.08 31.15 20.51
CA ILE A 573 1.19 30.11 21.54
C ILE A 573 2.64 30.10 22.03
N ASN A 574 2.83 30.53 23.28
CA ASN A 574 4.19 30.67 23.86
C ASN A 574 4.56 29.45 24.71
N GLU A 575 5.78 28.96 24.51
CA GLU A 575 6.32 27.84 25.26
C GLU A 575 7.53 28.31 26.07
N GLY A 576 8.19 27.36 26.74
CA GLY A 576 9.28 27.69 27.63
C GLY A 576 10.57 28.12 26.97
N ASP A 577 10.68 27.99 25.65
CA ASP A 577 11.89 28.34 24.92
C ASP A 577 11.54 29.22 23.73
N LEU A 578 12.58 29.73 23.07
CA LEU A 578 12.36 30.52 21.87
C LEU A 578 13.64 30.55 21.04
N LEU A 579 13.46 30.66 19.73
CA LEU A 579 14.58 30.66 18.79
C LEU A 579 15.03 32.09 18.48
N TYR A 580 16.27 32.19 18.02
CA TYR A 580 16.85 33.46 17.59
C TYR A 580 17.57 33.20 16.27
N MET A 581 17.04 33.76 15.19
CA MET A 581 17.55 33.52 13.83
C MET A 581 17.69 34.86 13.12
N PRO A 582 18.81 35.55 13.31
CA PRO A 582 19.01 36.81 12.60
C PRO A 582 19.46 36.59 11.16
N SER A 583 19.14 37.58 10.33
CA SER A 583 19.49 37.55 8.91
C SER A 583 20.68 38.46 8.67
N THR A 584 21.69 37.96 7.96
CA THR A 584 22.90 38.71 7.68
C THR A 584 23.39 38.36 6.28
N LEU A 585 24.40 39.11 5.83
CA LEU A 585 24.99 38.86 4.52
C LEU A 585 25.93 37.66 4.60
N PRO A 586 26.11 36.92 3.51
CA PRO A 586 26.97 35.72 3.55
C PRO A 586 28.45 36.01 3.47
N GLY A 587 28.87 37.27 3.55
CA GLY A 587 30.27 37.62 3.40
C GLY A 587 31.04 37.71 4.71
N ILE A 588 31.15 36.60 5.43
CA ILE A 588 31.92 36.54 6.66
C ILE A 588 32.65 35.20 6.71
N SER A 589 33.74 35.16 7.47
CA SER A 589 34.58 33.99 7.57
C SER A 589 34.06 33.05 8.66
N ALA A 590 34.86 32.05 9.02
CA ALA A 590 34.48 31.08 10.05
C ALA A 590 34.86 31.55 11.45
N ALA A 591 36.09 32.02 11.63
CA ALA A 591 36.50 32.52 12.93
C ALA A 591 35.68 33.74 13.34
N GLU A 592 35.45 34.66 12.40
CA GLU A 592 34.62 35.82 12.70
C GLU A 592 33.18 35.40 13.03
N ALA A 593 32.67 34.39 12.34
CA ALA A 593 31.33 33.89 12.65
C ALA A 593 31.28 33.32 14.06
N ALA A 594 32.29 32.54 14.43
CA ALA A 594 32.34 31.97 15.78
C ALA A 594 32.43 33.08 16.83
N SER A 595 33.21 34.12 16.56
CA SER A 595 33.33 35.22 17.50
C SER A 595 31.99 35.95 17.65
N MET A 596 31.30 36.20 16.54
CA MET A 596 29.99 36.82 16.61
C MET A 596 29.02 35.96 17.40
N LEU A 597 29.04 34.65 17.16
CA LEU A 597 28.17 33.74 17.92
C LEU A 597 28.47 33.84 19.41
N GLN A 598 29.75 33.83 19.77
CA GLN A 598 30.13 33.91 21.17
C GLN A 598 29.61 35.19 21.81
N LYS A 599 29.86 36.32 21.16
CA LYS A 599 29.46 37.60 21.76
C LYS A 599 27.95 37.72 21.84
N THR A 600 27.23 37.26 20.82
CA THR A 600 25.77 37.38 20.87
C THR A 600 25.18 36.44 21.91
N ASP A 601 25.76 35.25 22.10
CA ASP A 601 25.28 34.36 23.14
C ASP A 601 25.55 34.95 24.53
N LYS A 602 26.73 35.53 24.72
CA LYS A 602 27.03 36.14 26.01
C LYS A 602 26.15 37.36 26.28
N LEU A 603 25.75 38.08 25.22
CA LEU A 603 24.83 39.19 25.40
C LEU A 603 23.41 38.71 25.70
N ILE A 604 23.00 37.60 25.08
CA ILE A 604 21.68 37.05 25.36
C ILE A 604 21.60 36.53 26.79
N MET A 605 22.70 35.96 27.28
CA MET A 605 22.72 35.45 28.65
C MET A 605 22.60 36.56 29.69
N SER A 606 22.75 37.82 29.29
CA SER A 606 22.68 38.92 30.25
C SER A 606 21.28 39.16 30.78
N VAL A 607 20.25 38.57 30.18
CA VAL A 607 18.87 38.76 30.63
C VAL A 607 18.61 37.81 31.79
N PRO A 608 17.96 38.25 32.87
CA PRO A 608 17.78 37.35 34.03
C PRO A 608 16.79 36.21 33.79
N GLU A 609 16.06 36.21 32.69
CA GLU A 609 15.06 35.19 32.39
C GLU A 609 15.58 34.18 31.37
N VAL A 610 16.86 33.85 31.44
CA VAL A 610 17.49 32.90 30.54
C VAL A 610 18.31 31.92 31.37
N ALA A 611 18.03 30.63 31.19
CA ALA A 611 18.75 29.58 31.90
C ALA A 611 19.89 28.98 31.11
N ARG A 612 19.68 28.70 29.82
CA ARG A 612 20.71 28.17 28.96
C ARG A 612 20.62 28.82 27.58
N VAL A 613 21.74 28.82 26.87
CA VAL A 613 21.83 29.36 25.52
C VAL A 613 22.74 28.44 24.72
N PHE A 614 22.21 27.83 23.67
CA PHE A 614 22.94 26.90 22.82
C PHE A 614 22.93 27.45 21.41
N GLY A 615 23.89 28.33 21.11
CA GLY A 615 23.98 28.89 19.78
C GLY A 615 24.69 27.98 18.81
N LYS A 616 24.41 28.17 17.52
CA LYS A 616 25.05 27.36 16.50
C LYS A 616 24.94 28.06 15.15
N THR A 617 26.01 27.99 14.37
CA THR A 617 26.02 28.45 12.99
C THR A 617 26.36 27.28 12.07
N GLY A 618 25.89 27.37 10.84
CA GLY A 618 26.09 26.31 9.88
C GLY A 618 25.00 25.26 9.93
N LYS A 619 25.36 23.99 9.81
CA LYS A 619 24.39 22.90 9.75
C LYS A 619 24.86 21.73 10.60
N ALA A 620 23.90 20.94 11.05
CA ALA A 620 24.20 19.66 11.67
C ALA A 620 24.31 18.58 10.59
N GLU A 621 24.94 17.46 10.96
CA GLU A 621 25.19 16.38 10.01
C GLU A 621 23.90 15.61 9.76
N THR A 622 22.97 16.29 9.08
CA THR A 622 21.71 15.69 8.71
C THR A 622 21.16 16.41 7.49
N ALA A 623 20.34 15.70 6.72
CA ALA A 623 19.75 16.28 5.52
C ALA A 623 18.61 17.23 5.82
N THR A 624 18.07 17.19 7.05
CA THR A 624 16.98 18.07 7.43
C THR A 624 17.45 19.49 7.74
N ASP A 625 18.75 19.75 7.73
CA ASP A 625 19.30 21.07 8.00
C ASP A 625 20.18 21.48 6.82
N SER A 626 19.73 22.50 6.08
CA SER A 626 20.46 23.00 4.92
C SER A 626 21.06 24.37 5.15
N ALA A 627 21.16 24.81 6.40
CA ALA A 627 21.68 26.14 6.68
C ALA A 627 23.17 26.18 6.41
N PRO A 628 23.65 27.17 5.66
CA PRO A 628 25.09 27.33 5.47
C PRO A 628 25.70 28.10 6.63
N LEU A 629 27.01 28.36 6.53
CA LEU A 629 27.66 29.22 7.50
C LEU A 629 27.07 30.62 7.38
N GLU A 630 27.39 31.49 8.33
CA GLU A 630 26.94 32.92 8.28
C GLU A 630 25.48 32.99 8.71
N MET A 631 24.89 31.87 9.10
CA MET A 631 23.49 31.82 9.50
C MET A 631 23.43 31.37 10.96
N VAL A 632 23.08 32.29 11.84
CA VAL A 632 22.98 32.01 13.27
C VAL A 632 21.61 31.44 13.58
N GLU A 633 21.57 30.44 14.47
CA GLU A 633 20.30 29.85 14.92
C GLU A 633 20.50 29.39 16.36
N THR A 634 20.12 30.24 17.31
CA THR A 634 20.30 29.96 18.72
C THR A 634 18.97 29.55 19.34
N THR A 635 19.03 28.69 20.36
CA THR A 635 17.86 28.22 21.07
C THR A 635 17.95 28.69 22.52
N ILE A 636 17.20 29.72 22.86
CA ILE A 636 17.22 30.33 24.18
C ILE A 636 16.21 29.62 25.06
N GLN A 637 16.66 29.13 26.20
CA GLN A 637 15.83 28.46 27.19
C GLN A 637 15.48 29.44 28.30
N LEU A 638 14.20 29.59 28.58
CA LEU A 638 13.73 30.54 29.59
C LEU A 638 13.46 29.81 30.90
N LYS A 639 13.75 30.49 32.01
CA LYS A 639 13.41 29.96 33.31
C LYS A 639 11.91 29.76 33.42
N PRO A 640 11.45 28.91 34.35
CA PRO A 640 10.01 28.81 34.60
C PRO A 640 9.44 30.18 34.94
N GLN A 641 8.18 30.28 34.60
CA GLN A 641 7.30 31.47 34.68
C GLN A 641 7.14 31.93 36.12
N GLU A 642 7.48 31.06 37.07
CA GLU A 642 7.30 31.34 38.52
C GLU A 642 8.55 32.01 39.07
N GLN A 643 9.57 32.15 38.24
CA GLN A 643 10.87 32.78 38.61
C GLN A 643 11.12 34.04 37.79
N TRP A 644 10.15 34.54 37.04
CA TRP A 644 10.29 35.74 36.16
C TRP A 644 10.19 37.02 36.99
N ARG A 645 10.32 38.18 36.35
CA ARG A 645 10.23 39.50 37.04
C ARG A 645 8.77 39.68 37.51
N PRO A 646 8.54 40.56 38.46
CA PRO A 646 7.13 40.76 38.66
C PRO A 646 6.58 41.44 37.39
N GLY A 647 5.42 41.05 36.96
CA GLY A 647 4.73 41.61 35.77
C GLY A 647 5.48 41.59 34.46
N MET A 648 6.17 40.52 34.05
CA MET A 648 6.75 40.56 32.69
C MET A 648 6.22 39.39 31.84
N THR A 649 5.49 39.70 30.77
CA THR A 649 4.99 38.72 29.83
C THR A 649 6.06 38.35 28.82
N MET A 650 5.74 37.43 27.91
CA MET A 650 6.69 37.02 26.90
C MET A 650 7.03 38.16 25.95
N ASP A 651 6.06 39.02 25.64
CA ASP A 651 6.31 40.13 24.72
C ASP A 651 7.37 41.07 25.28
N LYS A 652 7.30 41.36 26.58
CA LYS A 652 8.30 42.25 27.18
C LYS A 652 9.66 41.59 27.24
N ILE A 653 9.71 40.27 27.42
CA ILE A 653 11.00 39.57 27.38
C ILE A 653 11.60 39.66 25.99
N ILE A 654 10.78 39.47 24.96
CA ILE A 654 11.27 39.60 23.59
C ILE A 654 11.74 41.01 23.32
N GLU A 655 11.03 42.00 23.85
CA GLU A 655 11.44 43.40 23.67
C GLU A 655 12.80 43.65 24.33
N GLU A 656 12.98 43.17 25.57
CA GLU A 656 14.26 43.34 26.23
C GLU A 656 15.38 42.65 25.47
N LEU A 657 15.13 41.43 24.98
CA LEU A 657 16.13 40.72 24.20
C LEU A 657 16.50 41.51 22.95
N ASP A 658 15.50 42.03 22.23
CA ASP A 658 15.77 42.80 21.03
C ASP A 658 16.54 44.07 21.33
N ASN A 659 16.26 44.72 22.47
CA ASN A 659 16.95 45.95 22.81
C ASN A 659 18.33 45.73 23.42
N THR A 660 18.64 44.50 23.84
CA THR A 660 19.91 44.23 24.51
C THR A 660 20.98 43.68 23.57
N VAL A 661 20.59 43.13 22.42
CA VAL A 661 21.52 42.41 21.56
C VAL A 661 21.56 43.04 20.18
N ARG A 662 21.42 44.37 20.12
CA ARG A 662 21.40 45.07 18.83
C ARG A 662 22.49 44.57 17.90
N LEU A 663 23.77 44.74 18.29
CA LEU A 663 24.88 44.18 17.54
C LEU A 663 24.78 44.53 16.06
N PRO A 664 25.07 45.78 15.69
CA PRO A 664 24.95 46.18 14.27
C PRO A 664 25.53 45.14 13.33
N GLY A 665 24.77 44.83 12.28
CA GLY A 665 25.13 43.77 11.34
C GLY A 665 24.19 42.58 11.33
N LEU A 666 23.07 42.64 12.06
CA LEU A 666 22.14 41.53 12.13
C LEU A 666 20.72 42.07 12.18
N ALA A 667 19.80 41.37 11.53
CA ALA A 667 18.37 41.69 11.59
C ALA A 667 17.72 40.72 12.56
N ASN A 668 17.54 41.16 13.80
CA ASN A 668 17.07 40.27 14.85
C ASN A 668 15.69 39.70 14.52
N LEU A 669 15.46 38.47 14.97
CA LEU A 669 14.18 37.79 14.78
C LEU A 669 14.02 36.77 15.90
N TRP A 670 12.89 36.85 16.61
CA TRP A 670 12.62 35.96 17.75
C TRP A 670 11.29 35.26 17.50
N VAL A 671 11.31 33.93 17.53
CA VAL A 671 10.09 33.15 17.29
C VAL A 671 10.18 31.85 18.07
N PRO A 672 9.01 31.28 18.42
CA PRO A 672 9.03 29.98 19.09
C PRO A 672 9.58 28.90 18.17
N PRO A 673 10.17 27.84 18.73
CA PRO A 673 10.79 26.83 17.86
C PRO A 673 9.79 26.04 17.02
N ILE A 674 8.74 25.52 17.66
CA ILE A 674 7.80 24.65 16.95
C ILE A 674 7.10 25.42 15.85
N ARG A 675 6.57 26.60 16.18
CA ARG A 675 5.88 27.40 15.17
C ARG A 675 6.82 27.81 14.05
N ASN A 676 8.04 28.20 14.40
CA ASN A 676 9.00 28.62 13.38
C ASN A 676 9.31 27.48 12.42
N ARG A 677 9.54 26.27 12.95
CA ARG A 677 9.84 25.14 12.09
C ARG A 677 8.64 24.70 11.27
N ILE A 678 7.43 24.76 11.82
CA ILE A 678 6.24 24.45 11.04
C ILE A 678 6.08 25.46 9.91
N ASP A 679 6.35 26.73 10.17
CA ASP A 679 6.29 27.74 9.12
C ASP A 679 7.31 27.46 8.03
N MET A 680 8.56 27.20 8.42
CA MET A 680 9.59 26.89 7.45
C MET A 680 9.27 25.63 6.65
N LEU A 681 8.51 24.70 7.24
CA LEU A 681 8.16 23.48 6.51
C LEU A 681 7.01 23.72 5.52
N SER A 682 5.99 24.47 5.95
CA SER A 682 4.82 24.66 5.09
C SER A 682 5.05 25.70 4.00
N THR A 683 5.83 26.72 4.28
CA THR A 683 6.07 27.81 3.33
C THR A 683 7.53 28.01 2.99
N GLY A 684 8.43 27.88 3.96
CA GLY A 684 9.84 28.11 3.77
C GLY A 684 10.33 29.43 4.33
N ILE A 685 9.44 30.39 4.53
CA ILE A 685 9.81 31.68 5.10
C ILE A 685 9.73 31.57 6.62
N LYS A 686 10.84 31.90 7.29
CA LYS A 686 10.91 31.75 8.74
C LYS A 686 10.03 32.79 9.43
N SER A 687 10.01 34.02 8.93
CA SER A 687 9.26 35.09 9.56
C SER A 687 7.76 34.92 9.31
N PRO A 688 6.92 35.50 10.17
CA PRO A 688 5.47 35.39 9.94
C PRO A 688 5.03 36.00 8.62
N ILE A 689 5.56 37.16 8.26
CA ILE A 689 5.23 37.84 7.01
C ILE A 689 6.40 37.70 6.06
N GLY A 690 6.11 37.54 4.78
CA GLY A 690 7.15 37.38 3.78
C GLY A 690 6.61 37.68 2.40
N ILE A 691 7.50 38.15 1.53
CA ILE A 691 7.16 38.51 0.17
C ILE A 691 8.12 37.78 -0.77
N LYS A 692 7.57 37.08 -1.76
CA LYS A 692 8.36 36.36 -2.75
C LYS A 692 8.29 37.12 -4.07
N VAL A 693 9.45 37.44 -4.62
CA VAL A 693 9.57 38.05 -5.94
C VAL A 693 10.05 36.97 -6.90
N SER A 694 9.21 36.61 -7.86
CA SER A 694 9.51 35.57 -8.82
C SER A 694 9.90 36.19 -10.16
N GLY A 695 10.25 35.33 -11.10
CA GLY A 695 10.63 35.76 -12.43
C GLY A 695 11.62 34.80 -13.04
N THR A 696 12.29 35.27 -14.09
CA THR A 696 13.30 34.50 -14.81
C THR A 696 14.66 35.16 -14.86
N VAL A 697 14.73 36.49 -14.80
CA VAL A 697 15.99 37.21 -14.82
C VAL A 697 16.42 37.47 -13.38
N LEU A 698 17.70 37.25 -13.09
CA LEU A 698 18.19 37.43 -11.73
C LEU A 698 18.36 38.92 -11.39
N ALA A 699 18.82 39.72 -12.35
CA ALA A 699 19.03 41.14 -12.09
C ALA A 699 17.71 41.84 -11.78
N ASP A 700 16.67 41.58 -12.59
CA ASP A 700 15.38 42.20 -12.34
C ASP A 700 14.82 41.79 -10.99
N ILE A 701 14.92 40.51 -10.65
CA ILE A 701 14.41 40.03 -9.36
C ILE A 701 15.17 40.71 -8.22
N ASP A 702 16.49 40.80 -8.33
CA ASP A 702 17.27 41.43 -7.27
C ASP A 702 16.90 42.91 -7.12
N ALA A 703 16.77 43.63 -8.23
CA ALA A 703 16.41 45.04 -8.15
C ALA A 703 15.03 45.22 -7.54
N MET A 704 14.07 44.39 -7.95
CA MET A 704 12.72 44.50 -7.40
C MET A 704 12.71 44.19 -5.91
N ALA A 705 13.46 43.17 -5.49
CA ALA A 705 13.52 42.85 -4.07
C ALA A 705 14.13 44.00 -3.27
N GLU A 706 15.19 44.61 -3.82
CA GLU A 706 15.79 45.75 -3.16
C GLU A 706 14.78 46.88 -3.00
N GLN A 707 14.06 47.21 -4.08
CA GLN A 707 13.07 48.27 -4.03
C GLN A 707 11.99 47.96 -2.98
N ILE A 708 11.48 46.73 -2.99
CA ILE A 708 10.40 46.39 -2.07
C ILE A 708 10.88 46.43 -0.63
N GLU A 709 12.09 45.95 -0.39
CA GLU A 709 12.69 45.93 0.97
C GLU A 709 12.88 47.38 1.45
N GLU A 710 13.27 48.27 0.54
CA GLU A 710 13.52 49.66 0.91
C GLU A 710 12.21 50.40 1.17
N VAL A 711 11.13 49.98 0.48
CA VAL A 711 9.85 50.65 0.67
C VAL A 711 9.12 50.10 1.89
N ALA A 712 9.35 48.83 2.24
CA ALA A 712 8.58 48.21 3.31
C ALA A 712 8.94 48.76 4.68
N ARG A 713 10.20 49.15 4.89
CA ARG A 713 10.63 49.61 6.20
C ARG A 713 10.17 51.02 6.52
N THR A 714 9.30 51.60 5.70
CA THR A 714 8.68 52.89 6.00
C THR A 714 7.29 52.76 6.60
N VAL A 715 6.68 51.58 6.53
CA VAL A 715 5.37 51.37 7.13
C VAL A 715 5.48 51.54 8.65
N PRO A 716 4.57 52.28 9.29
CA PRO A 716 4.75 52.55 10.73
C PRO A 716 4.81 51.30 11.60
N GLY A 717 4.12 50.22 11.20
CA GLY A 717 4.07 49.04 12.03
C GLY A 717 5.27 48.12 11.89
N VAL A 718 6.00 48.21 10.78
CA VAL A 718 7.10 47.30 10.53
C VAL A 718 8.28 47.65 11.43
N ALA A 719 8.93 46.61 11.97
CA ALA A 719 10.12 46.78 12.79
C ALA A 719 11.40 46.60 12.00
N SER A 720 11.41 45.70 11.02
CA SER A 720 12.57 45.53 10.17
C SER A 720 12.17 44.81 8.89
N ALA A 721 12.99 44.95 7.86
CA ALA A 721 12.74 44.32 6.57
C ALA A 721 14.07 44.07 5.89
N LEU A 722 14.28 42.84 5.42
CA LEU A 722 15.55 42.47 4.78
C LEU A 722 15.28 41.54 3.62
N ALA A 723 15.86 41.85 2.46
CA ALA A 723 15.69 41.05 1.25
C ALA A 723 16.94 40.20 1.02
N GLU A 724 16.73 38.98 0.54
CA GLU A 724 17.83 38.09 0.21
C GLU A 724 18.43 38.49 -1.14
N ARG A 725 19.74 38.71 -1.15
CA ARG A 725 20.43 39.09 -2.38
C ARG A 725 20.85 37.84 -3.14
N LEU A 726 20.62 37.84 -4.45
CA LEU A 726 21.00 36.72 -5.29
C LEU A 726 22.44 36.82 -5.77
N GLU A 727 22.87 38.00 -6.20
CA GLU A 727 24.20 38.21 -6.75
C GLU A 727 25.23 38.56 -5.69
N GLY A 728 24.99 38.17 -4.44
CA GLY A 728 25.91 38.50 -3.36
C GLY A 728 26.97 37.44 -3.12
N GLY A 729 27.69 37.06 -4.17
CA GLY A 729 28.76 36.10 -4.04
C GLY A 729 30.01 36.53 -4.78
N ARG A 730 31.17 36.43 -4.14
CA ARG A 730 32.42 36.84 -4.76
C ARG A 730 33.15 35.63 -5.33
N TYR A 731 33.55 35.74 -6.60
CA TYR A 731 34.21 34.66 -7.31
C TYR A 731 35.59 35.11 -7.77
N ILE A 732 36.50 34.15 -7.86
CA ILE A 732 37.82 34.36 -8.45
C ILE A 732 37.85 33.51 -9.72
N ASN A 733 37.52 34.14 -10.85
CA ASN A 733 37.44 33.43 -12.12
C ASN A 733 38.84 33.23 -12.70
N VAL A 734 39.16 31.98 -13.03
CA VAL A 734 40.44 31.65 -13.66
C VAL A 734 40.18 31.14 -15.06
N GLU A 735 40.20 32.04 -16.05
CA GLU A 735 39.98 31.67 -17.45
C GLU A 735 41.25 31.01 -17.95
N ILE A 736 41.20 29.69 -18.15
CA ILE A 736 42.36 28.93 -18.59
C ILE A 736 42.44 29.06 -20.11
N ASN A 737 43.44 29.79 -20.59
CA ASN A 737 43.65 29.93 -22.03
C ASN A 737 44.15 28.60 -22.59
N ARG A 738 43.45 28.09 -23.60
CA ARG A 738 43.80 26.77 -24.14
C ARG A 738 45.03 26.85 -25.04
N GLU A 739 45.21 27.97 -25.75
CA GLU A 739 46.38 28.10 -26.62
C GLU A 739 47.67 28.04 -25.80
N LYS A 740 47.77 28.87 -24.76
CA LYS A 740 48.97 28.86 -23.93
C LYS A 740 49.13 27.53 -23.21
N ALA A 741 48.03 26.99 -22.68
CA ALA A 741 48.11 25.70 -22.00
C ALA A 741 48.59 24.61 -22.93
N ALA A 742 48.33 24.76 -24.23
CA ALA A 742 48.79 23.76 -25.20
C ALA A 742 50.25 24.00 -25.60
N ARG A 743 50.67 25.27 -25.65
CA ARG A 743 52.05 25.56 -26.03
C ARG A 743 53.03 24.84 -25.11
N TYR A 744 52.68 24.66 -23.84
CA TYR A 744 53.53 23.95 -22.89
C TYR A 744 53.21 22.47 -22.82
N GLY A 745 52.23 21.99 -23.59
CA GLY A 745 51.91 20.58 -23.61
C GLY A 745 51.27 20.09 -22.32
N MET A 746 50.11 20.61 -21.99
CA MET A 746 49.38 20.16 -20.81
C MET A 746 47.90 20.44 -21.01
N THR A 747 47.06 19.43 -20.81
CA THR A 747 45.63 19.57 -21.02
C THR A 747 45.04 20.49 -19.95
N VAL A 748 43.73 20.75 -20.07
CA VAL A 748 43.06 21.60 -19.11
C VAL A 748 43.06 20.96 -17.73
N ALA A 749 42.82 19.63 -17.68
CA ALA A 749 42.79 18.94 -16.40
C ALA A 749 44.12 19.07 -15.67
N ASP A 750 45.23 18.95 -16.40
CA ASP A 750 46.55 19.01 -15.79
C ASP A 750 46.85 20.40 -15.22
N VAL A 751 46.25 21.45 -15.76
CA VAL A 751 46.50 22.80 -15.27
C VAL A 751 45.50 23.22 -14.20
N GLN A 752 44.32 22.61 -14.16
CA GLN A 752 43.37 22.89 -13.08
C GLN A 752 43.53 21.94 -11.90
N LEU A 753 44.35 20.89 -12.04
CA LEU A 753 44.72 20.11 -10.86
C LEU A 753 45.56 20.94 -9.90
N PHE A 754 46.21 22.00 -10.39
CA PHE A 754 46.98 22.89 -9.54
C PHE A 754 46.11 23.81 -8.71
N VAL A 755 44.80 23.81 -8.94
CA VAL A 755 43.88 24.59 -8.11
C VAL A 755 42.82 23.73 -7.45
N THR A 756 42.50 22.54 -7.98
CA THR A 756 41.54 21.66 -7.35
C THR A 756 42.12 20.85 -6.20
N SER A 757 43.44 20.71 -6.14
CA SER A 757 44.10 19.93 -5.10
C SER A 757 45.11 20.74 -4.30
N ALA A 758 45.89 21.59 -4.95
CA ALA A 758 46.88 22.39 -4.24
C ALA A 758 46.21 23.55 -3.50
N VAL A 759 45.56 24.44 -4.24
CA VAL A 759 44.79 25.52 -3.63
C VAL A 759 43.48 25.03 -3.04
N GLY A 760 43.13 23.78 -3.27
CA GLY A 760 41.88 23.21 -2.77
C GLY A 760 42.10 22.36 -1.53
N GLY A 761 42.19 21.05 -1.73
CA GLY A 761 42.32 20.11 -0.63
C GLY A 761 41.25 19.04 -0.67
N ALA A 762 40.74 18.75 -1.87
CA ALA A 762 39.73 17.71 -2.02
C ALA A 762 40.21 16.40 -1.42
N MET A 763 39.25 15.59 -0.98
CA MET A 763 39.56 14.31 -0.34
C MET A 763 40.16 13.35 -1.36
N VAL A 764 40.91 12.38 -0.84
CA VAL A 764 41.50 11.33 -1.67
C VAL A 764 41.15 9.93 -1.19
N GLY A 765 40.77 9.76 0.06
CA GLY A 765 40.44 8.44 0.57
C GLY A 765 40.09 8.51 2.04
N GLU A 766 39.80 7.34 2.61
CA GLU A 766 39.42 7.23 4.00
C GLU A 766 40.04 5.99 4.61
N THR A 767 40.59 6.15 5.81
CA THR A 767 41.20 5.07 6.57
C THR A 767 40.22 4.57 7.63
N VAL A 768 40.19 3.25 7.82
CA VAL A 768 39.29 2.61 8.77
C VAL A 768 40.05 2.30 10.04
N GLU A 769 39.33 2.39 11.17
CA GLU A 769 39.87 2.04 12.49
C GLU A 769 38.72 1.37 13.23
N GLY A 770 38.72 0.04 13.24
CA GLY A 770 37.62 -0.70 13.81
C GLY A 770 36.32 -0.39 13.08
N ILE A 771 35.43 0.37 13.74
CA ILE A 771 34.19 0.78 13.10
C ILE A 771 34.30 2.20 12.53
N ALA A 772 35.21 3.01 13.05
CA ALA A 772 35.29 4.40 12.63
C ALA A 772 36.03 4.52 11.28
N ARG A 773 35.85 5.68 10.64
CA ARG A 773 36.50 5.96 9.37
C ARG A 773 36.81 7.45 9.31
N TYR A 774 38.00 7.79 8.85
CA TYR A 774 38.45 9.19 8.81
C TYR A 774 39.08 9.52 7.47
N PRO A 775 38.83 10.72 6.95
CA PRO A 775 39.28 11.06 5.59
C PRO A 775 40.73 11.56 5.56
N ILE A 776 41.26 11.62 4.35
CA ILE A 776 42.61 12.12 4.09
C ILE A 776 42.52 13.37 3.23
N ASN A 777 43.50 14.26 3.37
CA ASN A 777 43.56 15.50 2.62
C ASN A 777 44.92 15.63 1.94
N LEU A 778 45.01 16.57 0.99
CA LEU A 778 46.24 16.82 0.26
C LEU A 778 46.16 18.21 -0.34
N ARG A 779 47.10 19.08 0.02
CA ARG A 779 47.09 20.46 -0.49
C ARG A 779 48.43 21.11 -0.22
N TYR A 780 48.63 22.28 -0.82
CA TYR A 780 49.86 23.03 -0.66
C TYR A 780 49.84 23.80 0.65
N PRO A 781 50.97 24.42 1.02
CA PRO A 781 50.98 25.26 2.23
C PRO A 781 50.05 26.46 2.14
N GLN A 782 49.96 27.24 3.22
CA GLN A 782 49.06 28.38 3.24
C GLN A 782 49.64 29.57 2.50
N SER A 783 50.97 29.65 2.37
CA SER A 783 51.61 30.80 1.75
C SER A 783 51.32 30.94 0.26
N TRP A 784 50.54 30.05 -0.34
CA TRP A 784 50.25 30.08 -1.76
C TRP A 784 48.79 30.36 -2.08
N ARG A 785 48.00 30.79 -1.08
CA ARG A 785 46.61 31.17 -1.30
C ARG A 785 46.30 32.47 -0.56
N ASP A 786 47.27 33.38 -0.50
CA ASP A 786 47.10 34.61 0.26
C ASP A 786 46.24 35.61 -0.51
N SER A 787 46.63 35.93 -1.74
CA SER A 787 45.92 36.91 -2.55
C SER A 787 45.96 36.49 -4.01
N PRO A 788 45.04 36.97 -4.86
CA PRO A 788 45.15 36.66 -6.30
C PRO A 788 46.54 36.86 -6.86
N GLN A 789 47.25 37.91 -6.41
CA GLN A 789 48.64 38.09 -6.82
C GLN A 789 49.52 36.94 -6.35
N ALA A 790 49.14 36.26 -5.27
CA ALA A 790 49.85 35.06 -4.84
C ALA A 790 49.47 33.85 -5.67
N LEU A 791 48.30 33.87 -6.32
CA LEU A 791 47.92 32.79 -7.22
C LEU A 791 48.63 32.94 -8.56
N ARG A 792 48.75 34.18 -9.05
CA ARG A 792 49.42 34.42 -10.32
C ARG A 792 50.89 34.04 -10.26
N GLN A 793 51.41 33.82 -9.05
CA GLN A 793 52.79 33.39 -8.85
C GLN A 793 52.88 31.93 -8.42
N LEU A 794 51.83 31.15 -8.64
CA LEU A 794 51.83 29.75 -8.23
C LEU A 794 52.86 28.99 -9.07
N PRO A 795 53.74 28.20 -8.44
CA PRO A 795 54.73 27.44 -9.23
C PRO A 795 54.07 26.26 -9.93
N ILE A 796 54.31 26.15 -11.23
CA ILE A 796 53.68 25.13 -12.07
C ILE A 796 54.78 24.24 -12.63
N LEU A 797 54.67 22.95 -12.38
CA LEU A 797 55.61 21.94 -12.90
C LEU A 797 54.95 21.29 -14.10
N THR A 798 55.27 21.79 -15.29
CA THR A 798 54.65 21.29 -16.51
C THR A 798 55.08 19.86 -16.78
N PRO A 799 54.34 19.14 -17.63
CA PRO A 799 54.78 17.79 -18.03
C PRO A 799 56.16 17.78 -18.67
N MET A 800 56.63 18.92 -19.18
CA MET A 800 57.98 19.04 -19.71
C MET A 800 59.03 19.22 -18.62
N LYS A 801 58.66 19.01 -17.35
CA LYS A 801 59.57 19.20 -16.23
C LYS A 801 60.16 20.62 -16.25
N GLN A 802 59.29 21.59 -16.48
CA GLN A 802 59.66 23.00 -16.57
C GLN A 802 59.03 23.76 -15.41
N GLN A 803 59.53 24.98 -15.18
CA GLN A 803 59.05 25.85 -14.11
C GLN A 803 58.42 27.09 -14.73
N ILE A 804 57.13 27.31 -14.44
CA ILE A 804 56.42 28.48 -14.91
C ILE A 804 55.37 28.87 -13.87
N THR A 805 54.78 30.05 -14.05
CA THR A 805 53.76 30.56 -13.16
C THR A 805 52.38 30.29 -13.74
N LEU A 806 51.34 30.63 -12.97
CA LEU A 806 49.96 30.41 -13.39
C LEU A 806 49.43 31.53 -14.27
N ALA A 807 50.08 32.69 -14.30
CA ALA A 807 49.66 33.78 -15.16
C ALA A 807 50.08 33.57 -16.60
N ASP A 808 51.00 32.65 -16.88
CA ASP A 808 51.44 32.41 -18.25
C ASP A 808 50.50 31.49 -19.02
N VAL A 809 49.57 30.82 -18.33
CA VAL A 809 48.65 29.89 -18.97
C VAL A 809 47.19 30.24 -18.72
N ALA A 810 46.89 31.16 -17.82
CA ALA A 810 45.52 31.49 -17.49
C ALA A 810 45.44 32.93 -16.99
N ASP A 811 44.29 33.56 -17.21
CA ASP A 811 44.02 34.91 -16.73
C ASP A 811 43.07 34.82 -15.54
N ILE A 812 43.51 35.30 -14.38
CA ILE A 812 42.69 35.20 -13.14
C ILE A 812 42.24 36.61 -12.73
N LYS A 813 40.95 36.76 -12.47
CA LYS A 813 40.37 38.02 -12.06
C LYS A 813 39.32 37.76 -10.99
N VAL A 814 38.81 38.83 -10.39
CA VAL A 814 37.79 38.75 -9.37
C VAL A 814 36.50 39.34 -9.93
N SER A 815 35.37 38.73 -9.57
CA SER A 815 34.08 39.17 -10.09
C SER A 815 33.00 38.79 -9.07
N THR A 816 31.76 39.07 -9.43
CA THR A 816 30.61 38.79 -8.59
C THR A 816 29.64 37.88 -9.33
N GLY A 817 28.79 37.21 -8.55
CA GLY A 817 27.84 36.27 -9.10
C GLY A 817 26.99 35.65 -8.01
N PRO A 818 26.17 34.66 -8.39
CA PRO A 818 25.22 34.09 -7.42
C PRO A 818 25.92 33.33 -6.31
N SER A 819 25.45 33.52 -5.08
CA SER A 819 25.93 32.77 -3.93
C SER A 819 25.12 31.51 -3.69
N MET A 820 23.80 31.57 -3.90
CA MET A 820 22.95 30.39 -3.85
C MET A 820 21.68 30.70 -4.63
N LEU A 821 21.22 29.72 -5.39
CA LEU A 821 20.07 29.89 -6.29
C LEU A 821 18.87 29.18 -5.70
N LYS A 822 17.93 29.96 -5.16
CA LYS A 822 16.68 29.43 -4.64
C LYS A 822 15.63 29.46 -5.75
N THR A 823 14.98 28.32 -5.98
CA THR A 823 13.97 28.18 -7.03
C THR A 823 12.76 27.46 -6.45
N GLU A 824 11.59 28.06 -6.61
CA GLU A 824 10.33 27.45 -6.21
C GLU A 824 9.54 27.10 -7.47
N ASN A 825 9.16 25.83 -7.60
CA ASN A 825 8.45 25.34 -8.78
C ASN A 825 9.27 25.57 -10.04
N ALA A 826 10.59 25.38 -9.93
CA ALA A 826 11.50 25.47 -11.07
C ALA A 826 11.57 26.89 -11.62
N ARG A 827 11.50 27.90 -10.74
CA ARG A 827 11.63 29.28 -11.13
C ARG A 827 12.38 30.05 -10.04
N PRO A 828 13.37 30.86 -10.41
CA PRO A 828 14.10 31.62 -9.38
C PRO A 828 13.17 32.55 -8.61
N THR A 829 13.40 32.63 -7.29
CA THR A 829 12.61 33.48 -6.41
C THR A 829 13.52 34.12 -5.37
N SER A 830 13.11 35.31 -4.93
CA SER A 830 13.83 36.04 -3.88
C SER A 830 12.86 36.34 -2.76
N TRP A 831 13.25 36.00 -1.53
CA TRP A 831 12.40 36.17 -0.36
C TRP A 831 12.77 37.45 0.39
N ILE A 832 11.76 38.10 0.97
CA ILE A 832 11.94 39.30 1.76
C ILE A 832 11.31 39.04 3.13
N TYR A 833 12.14 39.06 4.17
CA TYR A 833 11.69 38.81 5.53
C TYR A 833 11.28 40.13 6.18
N ILE A 834 10.04 40.19 6.64
CA ILE A 834 9.51 41.34 7.36
C ILE A 834 9.32 40.95 8.81
N ASP A 835 9.53 41.90 9.72
CA ASP A 835 9.37 41.68 11.15
C ASP A 835 8.62 42.86 11.74
N ALA A 836 7.42 42.59 12.25
CA ALA A 836 6.57 43.60 12.88
C ALA A 836 5.91 42.97 14.10
N ARG A 837 6.21 43.49 15.27
CA ARG A 837 5.72 42.92 16.53
C ARG A 837 4.71 43.78 17.25
N ASP A 838 4.65 45.07 16.94
CA ASP A 838 3.74 46.01 17.67
C ASP A 838 2.36 46.10 17.02
N ARG A 839 2.28 46.19 15.70
CA ARG A 839 1.01 46.37 15.02
C ARG A 839 0.39 45.02 14.66
N ASP A 840 -0.86 45.07 14.21
CA ASP A 840 -1.56 43.87 13.78
C ASP A 840 -0.85 43.22 12.59
N MET A 841 -1.31 42.03 12.23
CA MET A 841 -0.77 41.31 11.08
C MET A 841 -1.47 41.71 9.79
N VAL A 842 -2.79 41.54 9.73
CA VAL A 842 -3.53 41.93 8.54
C VAL A 842 -3.42 43.42 8.26
N SER A 843 -3.35 44.25 9.30
CA SER A 843 -3.20 45.69 9.08
C SER A 843 -1.89 46.00 8.35
N VAL A 844 -0.77 45.49 8.86
CA VAL A 844 0.51 45.75 8.22
C VAL A 844 0.56 45.10 6.85
N VAL A 845 -0.11 43.96 6.66
CA VAL A 845 -0.11 43.32 5.36
C VAL A 845 -0.82 44.20 4.33
N HIS A 846 -1.99 44.72 4.70
CA HIS A 846 -2.72 45.60 3.79
C HIS A 846 -1.94 46.89 3.53
N ASP A 847 -1.27 47.39 4.56
CA ASP A 847 -0.48 48.64 4.43
C ASP A 847 0.68 48.39 3.45
N LEU A 848 1.35 47.26 3.56
CA LEU A 848 2.44 46.94 2.64
C LEU A 848 1.93 46.72 1.23
N GLN A 849 0.79 46.05 1.09
CA GLN A 849 0.21 45.87 -0.24
C GLN A 849 -0.04 47.22 -0.90
N LYS A 850 -0.72 48.13 -0.19
CA LYS A 850 -0.99 49.46 -0.73
C LYS A 850 0.30 50.17 -1.08
N ALA A 851 1.29 50.11 -0.19
CA ALA A 851 2.54 50.84 -0.42
C ALA A 851 3.28 50.33 -1.65
N ILE A 852 3.47 49.02 -1.77
CA ILE A 852 4.20 48.45 -2.90
C ILE A 852 3.37 48.42 -4.16
N ALA A 853 2.07 48.71 -4.08
CA ALA A 853 1.25 48.90 -5.27
C ALA A 853 1.15 50.36 -5.67
N GLU A 854 1.55 51.29 -4.80
CA GLU A 854 1.48 52.72 -5.08
C GLU A 854 2.83 53.28 -5.53
N LYS A 855 3.87 53.12 -4.71
CA LYS A 855 5.15 53.79 -4.94
C LYS A 855 6.23 52.86 -5.48
N VAL A 856 5.83 51.76 -6.12
CA VAL A 856 6.77 50.85 -6.76
C VAL A 856 6.12 50.28 -8.02
N GLN A 857 6.82 50.39 -9.14
CA GLN A 857 6.32 49.93 -10.43
C GLN A 857 6.84 48.55 -10.74
N LEU A 858 5.97 47.71 -11.28
CA LEU A 858 6.34 46.34 -11.63
C LEU A 858 7.15 46.32 -12.92
N LYS A 859 7.78 45.18 -13.18
CA LYS A 859 8.56 44.97 -14.38
C LYS A 859 8.07 43.71 -15.11
N PRO A 860 7.94 43.75 -16.43
CA PRO A 860 7.48 42.56 -17.14
C PRO A 860 8.39 41.37 -16.88
N GLY A 861 7.77 40.23 -16.56
CA GLY A 861 8.51 39.01 -16.30
C GLY A 861 8.75 38.72 -14.84
N THR A 862 8.30 39.57 -13.93
CA THR A 862 8.47 39.38 -12.50
C THR A 862 7.14 39.60 -11.79
N SER A 863 6.90 38.81 -10.74
CA SER A 863 5.68 38.91 -9.95
C SER A 863 6.05 39.04 -8.47
N VAL A 864 5.07 39.49 -7.69
CA VAL A 864 5.22 39.67 -6.26
C VAL A 864 4.05 38.98 -5.57
N ALA A 865 4.36 38.14 -4.58
CA ALA A 865 3.33 37.37 -3.90
C ALA A 865 3.58 37.38 -2.40
N PHE A 866 2.56 37.71 -1.63
CA PHE A 866 2.66 37.64 -0.18
C PHE A 866 2.46 36.20 0.27
N SER A 867 3.31 35.74 1.18
CA SER A 867 3.29 34.36 1.66
C SER A 867 3.41 34.37 3.18
N GLY A 868 3.62 33.18 3.74
CA GLY A 868 3.72 33.05 5.18
C GLY A 868 2.37 32.75 5.81
N GLN A 869 2.01 33.50 6.86
CA GLN A 869 0.74 33.28 7.53
C GLN A 869 -0.43 33.81 6.72
N PHE A 870 -0.19 34.73 5.79
CA PHE A 870 -1.29 35.39 5.08
C PHE A 870 -2.02 34.43 4.15
N GLU A 871 -1.29 33.55 3.47
CA GLU A 871 -1.93 32.59 2.58
C GLU A 871 -2.86 31.67 3.36
N LEU A 872 -2.38 31.11 4.46
CA LEU A 872 -3.22 30.24 5.28
C LEU A 872 -4.40 31.01 5.85
N LEU A 873 -4.16 32.27 6.26
CA LEU A 873 -5.25 33.09 6.77
C LEU A 873 -6.34 33.27 5.72
N GLU A 874 -5.95 33.56 4.48
CA GLU A 874 -6.94 33.77 3.42
C GLU A 874 -7.68 32.48 3.11
N ARG A 875 -6.97 31.35 3.07
CA ARG A 875 -7.63 30.07 2.83
C ARG A 875 -8.67 29.79 3.91
N ALA A 876 -8.27 29.91 5.18
CA ALA A 876 -9.19 29.66 6.26
C ALA A 876 -10.36 30.64 6.25
N ASN A 877 -10.09 31.89 5.85
CA ASN A 877 -11.16 32.88 5.80
C ASN A 877 -12.20 32.50 4.75
N HIS A 878 -11.74 32.10 3.55
CA HIS A 878 -12.69 31.69 2.52
C HIS A 878 -13.48 30.46 2.98
N LYS A 879 -12.81 29.50 3.60
CA LYS A 879 -13.50 28.31 4.08
C LYS A 879 -14.57 28.68 5.10
N LEU A 880 -14.22 29.51 6.08
CA LEU A 880 -15.19 29.92 7.09
C LEU A 880 -16.32 30.72 6.49
N LYS A 881 -16.03 31.53 5.48
CA LYS A 881 -17.07 32.32 4.83
C LYS A 881 -18.09 31.42 4.13
N LEU A 882 -17.62 30.38 3.45
CA LEU A 882 -18.53 29.47 2.77
C LEU A 882 -19.05 28.36 3.68
N MET A 883 -18.62 28.31 4.94
CA MET A 883 -19.07 27.27 5.86
C MET A 883 -20.36 27.60 6.60
N VAL A 884 -20.74 28.88 6.67
CA VAL A 884 -21.92 29.33 7.47
C VAL A 884 -23.24 28.79 6.89
N PRO A 885 -23.43 28.82 5.57
CA PRO A 885 -24.71 28.32 5.03
C PRO A 885 -25.01 26.89 5.44
N MET A 886 -24.00 26.02 5.46
CA MET A 886 -24.23 24.63 5.85
C MET A 886 -24.73 24.55 7.29
N THR A 887 -24.10 25.32 8.19
CA THR A 887 -24.53 25.33 9.58
C THR A 887 -25.96 25.80 9.71
N LEU A 888 -26.29 26.93 9.05
CA LEU A 888 -27.65 27.45 9.14
C LEU A 888 -28.66 26.46 8.59
N MET A 889 -28.32 25.79 7.49
CA MET A 889 -29.25 24.83 6.89
C MET A 889 -29.47 23.63 7.81
N ILE A 890 -28.40 23.11 8.40
CA ILE A 890 -28.54 21.99 9.32
C ILE A 890 -29.40 22.39 10.51
N ILE A 891 -29.17 23.59 11.05
CA ILE A 891 -29.95 24.06 12.19
C ILE A 891 -31.43 24.14 11.81
N PHE A 892 -31.73 24.74 10.65
CA PHE A 892 -33.11 24.88 10.23
C PHE A 892 -33.78 23.52 10.02
N VAL A 893 -33.04 22.57 9.44
CA VAL A 893 -33.61 21.24 9.19
C VAL A 893 -33.94 20.56 10.52
N LEU A 894 -32.99 20.55 11.45
CA LEU A 894 -33.23 19.92 12.74
C LEU A 894 -34.27 20.66 13.56
N LEU A 895 -34.51 21.94 13.26
CA LEU A 895 -35.55 22.68 13.96
C LEU A 895 -36.93 22.35 13.42
N TYR A 896 -37.06 22.26 12.10
CA TYR A 896 -38.32 21.78 11.52
C TYR A 896 -38.61 20.36 11.96
N LEU A 897 -37.56 19.55 12.16
CA LEU A 897 -37.76 18.19 12.64
C LEU A 897 -38.39 18.14 14.01
N ALA A 898 -38.23 19.19 14.81
CA ALA A 898 -38.74 19.22 16.17
C ALA A 898 -40.04 19.99 16.32
N PHE A 899 -40.21 21.10 15.63
CA PHE A 899 -41.41 21.91 15.74
C PHE A 899 -42.40 21.69 14.59
N ARG A 900 -41.98 21.04 13.51
CA ARG A 900 -42.86 20.73 12.39
C ARG A 900 -43.52 21.95 11.79
N ARG A 901 -42.93 23.14 11.99
CA ARG A 901 -43.44 24.37 11.41
C ARG A 901 -42.27 25.26 11.00
N VAL A 902 -42.40 25.91 9.86
CA VAL A 902 -41.35 26.82 9.41
C VAL A 902 -41.37 28.11 10.22
N GLY A 903 -42.55 28.52 10.69
CA GLY A 903 -42.65 29.75 11.46
C GLY A 903 -41.75 29.75 12.67
N GLU A 904 -41.95 28.77 13.56
CA GLU A 904 -41.14 28.70 14.78
C GLU A 904 -39.67 28.48 14.46
N ALA A 905 -39.39 27.68 13.42
CA ALA A 905 -38.01 27.43 13.04
C ALA A 905 -37.30 28.73 12.71
N LEU A 906 -37.86 29.53 11.80
CA LEU A 906 -37.25 30.82 11.47
C LEU A 906 -37.24 31.75 12.67
N LEU A 907 -38.30 31.71 13.48
CA LEU A 907 -38.36 32.57 14.66
C LEU A 907 -37.15 32.35 15.55
N ILE A 908 -36.83 31.10 15.88
CA ILE A 908 -35.73 30.87 16.80
C ILE A 908 -34.39 30.85 16.09
N ILE A 909 -34.36 30.70 14.76
CA ILE A 909 -33.10 30.78 14.04
C ILE A 909 -32.68 32.23 13.80
N SER A 910 -33.61 33.17 13.93
CA SER A 910 -33.28 34.59 13.85
C SER A 910 -32.64 35.12 15.13
N SER A 911 -32.21 34.25 16.04
CA SER A 911 -31.61 34.66 17.30
C SER A 911 -30.09 34.62 17.30
N VAL A 912 -29.47 34.01 16.29
CA VAL A 912 -28.02 33.92 16.22
C VAL A 912 -27.37 35.27 15.95
N PRO A 913 -28.03 36.22 15.26
CA PRO A 913 -27.37 37.52 15.06
C PRO A 913 -27.03 38.22 16.36
N PHE A 914 -27.90 38.15 17.37
CA PHE A 914 -27.57 38.74 18.66
C PHE A 914 -26.36 38.06 19.27
N ALA A 915 -26.27 36.75 19.13
CA ALA A 915 -25.09 36.03 19.62
C ALA A 915 -23.83 36.54 18.94
N LEU A 916 -23.87 36.72 17.61
CA LEU A 916 -22.70 37.21 16.91
C LEU A 916 -22.32 38.61 17.37
N VAL A 917 -23.31 39.48 17.56
CA VAL A 917 -23.04 40.84 18.02
C VAL A 917 -22.35 40.79 19.38
N GLY A 918 -22.91 40.04 20.32
CA GLY A 918 -22.30 39.94 21.64
C GLY A 918 -20.90 39.37 21.59
N GLY A 919 -20.68 38.35 20.75
CA GLY A 919 -19.36 37.76 20.66
C GLY A 919 -18.33 38.73 20.14
N ILE A 920 -18.68 39.46 19.07
CA ILE A 920 -17.72 40.41 18.53
C ILE A 920 -17.47 41.56 19.50
N TRP A 921 -18.51 41.97 20.24
CA TRP A 921 -18.30 43.02 21.23
C TRP A 921 -17.34 42.57 22.33
N LEU A 922 -17.53 41.35 22.83
CA LEU A 922 -16.61 40.85 23.86
C LEU A 922 -15.20 40.67 23.31
N LEU A 923 -15.09 40.25 22.04
CA LEU A 923 -13.78 40.13 21.43
C LEU A 923 -13.08 41.49 21.38
N TRP A 924 -13.80 42.53 20.96
CA TRP A 924 -13.21 43.87 20.95
C TRP A 924 -12.83 44.30 22.36
N TRP A 925 -13.67 43.98 23.35
CA TRP A 925 -13.43 44.45 24.71
C TRP A 925 -12.22 43.76 25.35
N MET A 926 -12.00 42.48 25.03
CA MET A 926 -10.92 41.73 25.65
C MET A 926 -9.57 41.98 24.98
N GLY A 927 -9.54 42.62 23.82
CA GLY A 927 -8.30 42.87 23.14
C GLY A 927 -7.83 41.77 22.22
N PHE A 928 -8.67 40.77 21.93
CA PHE A 928 -8.31 39.69 21.03
C PHE A 928 -8.49 40.13 19.58
N HIS A 929 -7.87 39.38 18.69
CA HIS A 929 -7.95 39.62 17.25
C HIS A 929 -8.79 38.54 16.59
N LEU A 930 -9.27 38.84 15.38
CA LEU A 930 -10.06 37.90 14.61
C LEU A 930 -9.14 36.90 13.94
N SER A 931 -9.33 35.62 14.23
CA SER A 931 -8.50 34.55 13.68
C SER A 931 -9.40 33.34 13.42
N VAL A 932 -8.78 32.20 13.13
CA VAL A 932 -9.54 30.98 12.93
C VAL A 932 -10.15 30.48 14.23
N ALA A 933 -9.48 30.73 15.36
CA ALA A 933 -10.04 30.34 16.65
C ALA A 933 -11.37 31.04 16.91
N THR A 934 -11.45 32.34 16.62
CA THR A 934 -12.71 33.05 16.79
C THR A 934 -13.76 32.56 15.81
N GLY A 935 -13.36 32.18 14.60
CA GLY A 935 -14.31 31.61 13.66
C GLY A 935 -14.92 30.33 14.20
N THR A 936 -14.08 29.43 14.71
CA THR A 936 -14.59 28.22 15.35
C THR A 936 -15.50 28.56 16.52
N GLY A 937 -15.11 29.56 17.32
CA GLY A 937 -15.94 29.97 18.43
C GLY A 937 -17.33 30.40 17.99
N PHE A 938 -17.42 31.15 16.90
CA PHE A 938 -18.72 31.59 16.41
C PHE A 938 -19.52 30.42 15.85
N ILE A 939 -18.87 29.54 15.09
CA ILE A 939 -19.57 28.38 14.54
C ILE A 939 -20.11 27.51 15.66
N ALA A 940 -19.44 27.49 16.82
CA ALA A 940 -19.95 26.74 17.96
C ALA A 940 -21.03 27.50 18.72
N LEU A 941 -20.91 28.83 18.81
CA LEU A 941 -21.89 29.63 19.53
C LEU A 941 -23.25 29.62 18.85
N ALA A 942 -23.26 29.53 17.52
CA ALA A 942 -24.53 29.46 16.80
C ALA A 942 -25.41 28.33 17.35
N GLY A 943 -24.82 27.15 17.56
CA GLY A 943 -25.60 26.01 18.03
C GLY A 943 -26.15 26.22 19.43
N VAL A 944 -25.35 26.82 20.32
CA VAL A 944 -25.82 27.04 21.69
C VAL A 944 -26.95 28.06 21.70
N ALA A 945 -26.84 29.11 20.87
CA ALA A 945 -27.94 30.06 20.76
C ALA A 945 -29.20 29.38 20.26
N ALA A 946 -29.08 28.53 19.23
CA ALA A 946 -30.24 27.81 18.74
C ALA A 946 -30.84 26.92 19.82
N GLU A 947 -29.99 26.28 20.63
CA GLU A 947 -30.49 25.41 21.69
C GLU A 947 -31.28 26.19 22.73
N PHE A 948 -30.75 27.34 23.15
CA PHE A 948 -31.48 28.17 24.11
C PHE A 948 -32.81 28.60 23.53
N GLY A 949 -32.82 29.04 22.27
CA GLY A 949 -34.08 29.42 21.65
C GLY A 949 -35.06 28.26 21.62
N VAL A 950 -34.58 27.05 21.32
CA VAL A 950 -35.45 25.89 21.29
C VAL A 950 -36.07 25.65 22.64
N VAL A 951 -35.26 25.71 23.71
CA VAL A 951 -35.78 25.49 25.06
C VAL A 951 -36.87 26.51 25.37
N MET A 952 -36.54 27.79 25.18
CA MET A 952 -37.49 28.86 25.49
C MET A 952 -38.81 28.65 24.74
N LEU A 953 -38.73 28.45 23.42
CA LEU A 953 -39.94 28.37 22.62
C LEU A 953 -40.72 27.10 22.92
N MET A 954 -40.04 25.99 23.26
CA MET A 954 -40.75 24.78 23.62
C MET A 954 -41.56 24.98 24.89
N TYR A 955 -40.94 25.56 25.92
CA TYR A 955 -41.68 25.80 27.16
C TYR A 955 -42.86 26.74 26.91
N LEU A 956 -42.62 27.81 26.19
CA LEU A 956 -43.64 28.84 25.89
C LEU A 956 -44.77 28.20 25.08
N ARG A 957 -44.43 27.30 24.17
CA ARG A 957 -45.41 26.65 23.31
C ARG A 957 -46.28 25.70 24.10
N HIS A 958 -45.69 24.90 24.99
CA HIS A 958 -46.52 24.10 25.89
C HIS A 958 -47.47 24.99 26.67
N ALA A 959 -46.97 26.12 27.19
CA ALA A 959 -47.82 27.05 27.92
C ALA A 959 -49.01 27.48 27.06
N ILE A 960 -48.74 28.09 25.91
CA ILE A 960 -49.82 28.59 25.06
C ILE A 960 -50.72 27.46 24.56
N GLU A 961 -50.24 26.22 24.56
CA GLU A 961 -51.05 25.12 24.07
C GLU A 961 -52.03 24.64 25.11
N ALA A 962 -51.63 24.60 26.38
CA ALA A 962 -52.49 23.99 27.39
C ALA A 962 -53.83 24.72 27.55
N VAL A 963 -53.80 25.93 28.10
CA VAL A 963 -55.02 26.63 28.51
C VAL A 963 -55.71 27.38 27.37
N PRO A 964 -55.03 28.29 26.67
CA PRO A 964 -55.72 29.38 25.99
C PRO A 964 -56.28 29.08 24.60
N SER A 965 -56.40 27.82 24.23
CA SER A 965 -56.89 27.51 22.89
C SER A 965 -58.41 27.65 22.75
N LEU A 966 -59.11 28.32 23.67
CA LEU A 966 -60.56 28.35 23.67
C LEU A 966 -61.15 29.74 23.52
N ASN A 967 -60.43 30.80 23.92
CA ASN A 967 -61.03 32.13 24.01
C ASN A 967 -60.90 32.94 22.72
N ASN A 968 -59.91 32.63 21.88
CA ASN A 968 -59.66 33.44 20.69
C ASN A 968 -60.78 33.31 19.66
N PRO A 969 -61.35 32.12 19.44
CA PRO A 969 -62.49 32.04 18.51
C PRO A 969 -63.52 33.13 18.73
N GLN A 970 -63.69 33.61 19.96
CA GLN A 970 -64.47 34.80 20.23
C GLN A 970 -63.56 36.01 20.06
N THR A 971 -63.80 36.81 19.02
CA THR A 971 -62.93 37.92 18.70
C THR A 971 -62.83 38.90 19.87
N PHE A 972 -61.80 39.74 19.83
CA PHE A 972 -61.54 40.74 20.87
C PHE A 972 -61.34 40.05 22.23
N SER A 973 -60.42 39.10 22.26
CA SER A 973 -60.09 38.33 23.47
C SER A 973 -58.58 38.18 23.52
N GLU A 974 -57.92 39.08 24.25
CA GLU A 974 -56.48 39.05 24.43
C GLU A 974 -56.05 39.05 25.89
N GLN A 975 -57.00 39.07 26.84
CA GLN A 975 -56.63 39.12 28.25
C GLN A 975 -56.04 37.81 28.71
N LYS A 976 -56.64 36.68 28.31
CA LYS A 976 -56.13 35.38 28.69
C LYS A 976 -54.99 34.90 27.80
N LEU A 977 -54.77 35.55 26.66
CA LEU A 977 -53.61 35.19 25.83
C LEU A 977 -52.31 35.63 26.50
N ASP A 978 -52.34 36.73 27.24
CA ASP A 978 -51.15 37.19 27.95
C ASP A 978 -50.89 36.38 29.20
N GLU A 979 -51.94 35.87 29.85
CA GLU A 979 -51.73 35.04 31.03
C GLU A 979 -51.02 33.74 30.68
N ALA A 980 -51.28 33.20 29.48
CA ALA A 980 -50.57 32.00 29.06
C ALA A 980 -49.09 32.28 28.85
N LEU A 981 -48.76 33.42 28.26
CA LEU A 981 -47.36 33.78 28.10
C LEU A 981 -46.70 34.02 29.46
N TYR A 982 -47.42 34.65 30.38
CA TYR A 982 -46.90 34.80 31.74
C TYR A 982 -46.59 33.44 32.35
N HIS A 983 -47.51 32.50 32.18
CA HIS A 983 -47.37 31.14 32.77
C HIS A 983 -46.13 30.41 32.23
N GLY A 984 -45.81 30.55 30.95
CA GLY A 984 -44.68 29.83 30.35
C GLY A 984 -43.43 30.67 30.32
N ALA A 985 -43.53 31.94 29.98
CA ALA A 985 -42.34 32.80 29.90
C ALA A 985 -41.72 33.09 31.27
N VAL A 986 -42.48 33.49 32.28
CA VAL A 986 -41.80 33.91 33.54
C VAL A 986 -42.02 32.91 34.68
N LEU A 987 -43.04 32.11 34.71
CA LEU A 987 -43.11 31.14 35.83
C LEU A 987 -42.02 30.11 35.61
N ARG A 988 -41.85 29.67 34.39
CA ARG A 988 -40.82 28.64 34.10
C ARG A 988 -39.52 29.34 33.69
N VAL A 989 -38.89 30.13 34.55
CA VAL A 989 -37.65 30.88 34.19
C VAL A 989 -36.42 30.29 34.88
N ARG A 990 -36.55 29.33 35.75
CA ARG A 990 -35.44 28.62 36.37
C ARG A 990 -34.64 27.79 35.37
N PRO A 991 -35.26 27.03 34.46
CA PRO A 991 -34.45 26.24 33.52
C PRO A 991 -33.55 27.09 32.63
N LYS A 992 -34.07 28.18 32.08
CA LYS A 992 -33.25 29.01 31.19
C LYS A 992 -32.11 29.67 31.95
N ALA A 993 -32.40 30.22 33.13
CA ALA A 993 -31.34 30.82 33.94
C ALA A 993 -30.28 29.78 34.29
N MET A 994 -30.71 28.57 34.63
CA MET A 994 -29.75 27.52 34.98
C MET A 994 -28.87 27.15 33.77
N THR A 995 -29.48 26.99 32.60
CA THR A 995 -28.69 26.67 31.41
C THR A 995 -27.69 27.77 31.11
N VAL A 996 -28.13 29.03 31.14
CA VAL A 996 -27.20 30.13 30.85
C VAL A 996 -26.07 30.15 31.88
N ALA A 997 -26.42 29.97 33.16
CA ALA A 997 -25.41 30.03 34.20
C ALA A 997 -24.36 28.93 34.02
N VAL A 998 -24.81 27.70 33.80
CA VAL A 998 -23.86 26.60 33.63
C VAL A 998 -23.04 26.79 32.35
N ILE A 999 -23.66 27.30 31.28
CA ILE A 999 -22.91 27.52 30.04
C ILE A 999 -21.79 28.53 30.26
N ILE A 1000 -22.08 29.62 30.98
CA ILE A 1000 -21.07 30.64 31.19
C ILE A 1000 -20.01 30.15 32.19
N ALA A 1001 -20.43 29.36 33.18
CA ALA A 1001 -19.51 28.92 34.21
C ALA A 1001 -18.56 27.83 33.73
N GLY A 1002 -19.02 26.98 32.81
CA GLY A 1002 -18.15 25.99 32.21
C GLY A 1002 -17.20 26.52 31.17
N LEU A 1003 -17.21 27.84 30.93
CA LEU A 1003 -16.33 28.47 29.97
C LEU A 1003 -15.47 29.58 30.58
N LEU A 1004 -15.92 30.22 31.65
CA LEU A 1004 -15.10 31.25 32.28
C LEU A 1004 -13.72 30.76 32.68
N PRO A 1005 -13.55 29.54 33.20
CA PRO A 1005 -12.19 29.09 33.58
C PRO A 1005 -11.21 29.12 32.43
N ILE A 1006 -11.55 28.49 31.30
CA ILE A 1006 -10.63 28.48 30.15
C ILE A 1006 -10.48 29.86 29.53
N LEU A 1007 -11.35 30.81 29.86
CA LEU A 1007 -11.20 32.19 29.40
C LEU A 1007 -10.18 32.94 30.25
N TRP A 1008 -10.32 32.86 31.57
CA TRP A 1008 -9.36 33.50 32.48
C TRP A 1008 -8.09 32.68 32.65
N GLY A 1009 -7.94 31.58 31.94
CA GLY A 1009 -6.79 30.72 32.17
C GLY A 1009 -5.51 31.35 31.64
N THR A 1010 -4.43 31.17 32.40
CA THR A 1010 -3.10 31.65 32.01
C THR A 1010 -2.10 30.52 32.30
N GLY A 1011 -1.89 29.67 31.30
CA GLY A 1011 -0.97 28.55 31.43
C GLY A 1011 -0.28 28.22 30.12
N ALA A 1012 -0.18 26.92 29.81
CA ALA A 1012 0.44 26.44 28.58
C ALA A 1012 -0.66 26.06 27.60
N GLY A 1013 -0.67 26.69 26.43
CA GLY A 1013 -1.67 26.43 25.43
C GLY A 1013 -3.02 27.07 25.69
N SER A 1014 -3.11 27.96 26.67
CA SER A 1014 -4.38 28.60 27.00
C SER A 1014 -4.80 29.64 25.98
N GLU A 1015 -3.88 30.09 25.11
CA GLU A 1015 -4.21 31.13 24.15
C GLU A 1015 -5.34 30.69 23.22
N VAL A 1016 -5.18 29.53 22.59
CA VAL A 1016 -6.17 29.07 21.61
C VAL A 1016 -7.51 28.82 22.29
N MET A 1017 -7.49 28.21 23.47
CA MET A 1017 -8.75 27.92 24.15
C MET A 1017 -9.45 29.20 24.58
N SER A 1018 -8.70 30.18 25.09
CA SER A 1018 -9.31 31.44 25.46
C SER A 1018 -9.90 32.14 24.23
N ARG A 1019 -9.20 32.07 23.10
CA ARG A 1019 -9.72 32.69 21.88
C ARG A 1019 -10.97 31.99 21.39
N ILE A 1020 -11.05 30.67 21.55
CA ILE A 1020 -12.25 29.95 21.12
C ILE A 1020 -13.40 30.18 22.09
N ALA A 1021 -13.11 30.43 23.37
CA ALA A 1021 -14.16 30.58 24.36
C ALA A 1021 -14.70 32.01 24.44
N ALA A 1022 -13.89 33.02 24.14
CA ALA A 1022 -14.37 34.40 24.26
C ALA A 1022 -15.62 34.66 23.45
N PRO A 1023 -15.71 34.25 22.17
CA PRO A 1023 -16.95 34.54 21.42
C PRO A 1023 -18.18 33.88 22.04
N MET A 1024 -18.05 32.67 22.55
CA MET A 1024 -19.21 31.98 23.11
C MET A 1024 -19.69 32.65 24.38
N ILE A 1025 -18.76 33.02 25.28
CA ILE A 1025 -19.16 33.72 26.49
C ILE A 1025 -19.74 35.08 26.16
N GLY A 1026 -19.22 35.73 25.12
CA GLY A 1026 -19.78 37.02 24.73
C GLY A 1026 -21.18 36.90 24.16
N GLY A 1027 -21.44 35.82 23.42
CA GLY A 1027 -22.74 35.66 22.80
C GLY A 1027 -23.80 35.11 23.73
N MET A 1028 -23.40 34.32 24.72
CA MET A 1028 -24.35 33.75 25.67
C MET A 1028 -24.80 34.77 26.72
N ILE A 1029 -24.39 36.03 26.58
CA ILE A 1029 -24.87 37.11 27.42
C ILE A 1029 -25.81 38.03 26.65
N THR A 1030 -25.65 38.09 25.33
CA THR A 1030 -26.47 38.96 24.48
C THR A 1030 -27.64 38.22 23.84
N ALA A 1031 -27.40 36.99 23.34
CA ALA A 1031 -28.49 36.29 22.67
C ALA A 1031 -29.59 35.86 23.62
N PRO A 1032 -29.30 35.30 24.81
CA PRO A 1032 -30.40 34.93 25.70
C PRO A 1032 -31.12 36.12 26.30
N LEU A 1033 -30.38 37.16 26.71
CA LEU A 1033 -31.01 38.33 27.30
C LEU A 1033 -32.00 38.97 26.34
N LEU A 1034 -31.68 38.98 25.04
CA LEU A 1034 -32.59 39.54 24.07
C LEU A 1034 -33.70 38.56 23.71
N SER A 1035 -33.34 37.28 23.54
CA SER A 1035 -34.35 36.27 23.23
C SER A 1035 -35.48 36.29 24.25
N LEU A 1036 -35.14 36.44 25.53
CA LEU A 1036 -36.16 36.43 26.58
C LEU A 1036 -37.30 37.40 26.29
N PHE A 1037 -37.05 38.46 25.52
CA PHE A 1037 -38.08 39.42 25.16
C PHE A 1037 -38.51 39.35 23.71
N ILE A 1038 -37.66 38.81 22.82
CA ILE A 1038 -38.00 38.77 21.41
C ILE A 1038 -38.82 37.53 21.06
N ILE A 1039 -38.68 36.44 21.81
CA ILE A 1039 -39.40 35.20 21.50
C ILE A 1039 -40.87 35.39 21.87
N PRO A 1040 -41.20 35.85 23.08
CA PRO A 1040 -42.63 36.02 23.40
C PRO A 1040 -43.30 37.07 22.54
N ALA A 1041 -42.62 38.18 22.26
CA ALA A 1041 -43.20 39.23 21.42
C ALA A 1041 -43.55 38.69 20.03
N ALA A 1042 -42.56 38.12 19.34
CA ALA A 1042 -42.80 37.61 18.00
C ALA A 1042 -43.80 36.47 18.00
N TYR A 1043 -43.80 35.64 19.05
CA TYR A 1043 -44.74 34.53 19.10
C TYR A 1043 -46.17 35.02 19.29
N LYS A 1044 -46.37 36.03 20.15
CA LYS A 1044 -47.69 36.63 20.28
C LYS A 1044 -48.13 37.26 18.97
N LEU A 1045 -47.21 37.94 18.28
CA LEU A 1045 -47.54 38.52 16.98
C LEU A 1045 -47.95 37.43 15.99
N MET A 1046 -47.28 36.27 16.05
CA MET A 1046 -47.56 35.20 15.12
C MET A 1046 -48.89 34.51 15.42
N TRP A 1047 -49.25 34.38 16.69
CA TRP A 1047 -50.49 33.68 17.04
C TRP A 1047 -51.72 34.44 16.58
N LEU A 1048 -51.62 35.74 16.37
CA LEU A 1048 -52.75 36.54 15.89
C LEU A 1048 -52.77 36.59 14.37
N ILE B 13 -47.37 1.60 2.78
CA ILE B 13 -46.01 1.70 3.29
C ILE B 13 -45.41 3.07 2.99
N ILE B 14 -45.97 3.74 1.98
CA ILE B 14 -45.49 5.05 1.56
C ILE B 14 -46.28 6.20 2.18
N ARG B 15 -47.32 5.88 2.95
CA ARG B 15 -48.10 6.95 3.57
C ARG B 15 -47.24 7.80 4.50
N ARG B 16 -46.31 7.18 5.21
CA ARG B 16 -45.41 7.92 6.09
C ARG B 16 -44.42 8.78 5.34
N SER B 17 -44.36 8.67 4.01
CA SER B 17 -43.50 9.53 3.19
C SER B 17 -44.23 10.73 2.63
N VAL B 18 -45.58 10.73 2.64
CA VAL B 18 -46.35 11.87 2.20
C VAL B 18 -46.76 12.79 3.35
N ALA B 19 -46.61 12.34 4.59
CA ALA B 19 -46.95 13.16 5.74
C ALA B 19 -45.85 14.17 6.11
N ASN B 20 -44.67 14.02 5.54
CA ASN B 20 -43.54 14.92 5.78
C ASN B 20 -42.94 15.38 4.46
N ARG B 21 -43.81 15.86 3.56
CA ARG B 21 -43.39 16.24 2.22
C ARG B 21 -42.26 17.26 2.25
N PHE B 22 -42.18 18.09 3.28
CA PHE B 22 -41.17 19.14 3.33
C PHE B 22 -39.77 18.54 3.40
N LEU B 23 -39.54 17.61 4.33
CA LEU B 23 -38.23 17.00 4.46
C LEU B 23 -37.87 16.21 3.21
N VAL B 24 -38.87 15.54 2.61
CA VAL B 24 -38.61 14.76 1.40
C VAL B 24 -38.18 15.68 0.26
N LEU B 25 -38.86 16.82 0.10
CA LEU B 25 -38.49 17.74 -0.98
C LEU B 25 -37.13 18.38 -0.71
N MET B 26 -36.83 18.68 0.56
CA MET B 26 -35.51 19.21 0.88
C MET B 26 -34.42 18.21 0.54
N GLY B 27 -34.62 16.95 0.90
CA GLY B 27 -33.66 15.92 0.56
C GLY B 27 -33.53 15.74 -0.94
N ALA B 28 -34.64 15.83 -1.66
CA ALA B 28 -34.60 15.71 -3.11
C ALA B 28 -33.80 16.85 -3.73
N LEU B 29 -33.98 18.07 -3.24
CA LEU B 29 -33.22 19.20 -3.76
C LEU B 29 -31.73 19.05 -3.46
N PHE B 30 -31.40 18.65 -2.23
CA PHE B 30 -30.00 18.42 -1.89
C PHE B 30 -29.40 17.34 -2.78
N LEU B 31 -30.13 16.25 -3.00
CA LEU B 31 -29.63 15.19 -3.87
C LEU B 31 -29.44 15.69 -5.30
N SER B 32 -30.36 16.52 -5.79
CA SER B 32 -30.23 17.06 -7.14
C SER B 32 -28.96 17.89 -7.26
N ILE B 33 -28.72 18.78 -6.29
CA ILE B 33 -27.52 19.62 -6.34
C ILE B 33 -26.27 18.76 -6.27
N TRP B 34 -26.24 17.81 -5.34
CA TRP B 34 -25.08 16.95 -5.18
C TRP B 34 -24.80 16.14 -6.45
N GLY B 35 -25.85 15.62 -7.08
CA GLY B 35 -25.66 14.84 -8.28
C GLY B 35 -25.23 15.68 -9.46
N THR B 36 -25.76 16.90 -9.59
CA THR B 36 -25.28 17.80 -10.62
C THR B 36 -23.80 18.10 -10.44
N TRP B 37 -23.40 18.35 -9.19
CA TRP B 37 -21.98 18.58 -8.91
C TRP B 37 -21.14 17.37 -9.32
N THR B 38 -21.55 16.18 -8.90
CA THR B 38 -20.77 14.98 -9.21
C THR B 38 -20.69 14.74 -10.70
N ILE B 39 -21.78 14.99 -11.43
CA ILE B 39 -21.78 14.79 -12.88
C ILE B 39 -20.87 15.80 -13.55
N ILE B 40 -20.92 17.06 -13.12
CA ILE B 40 -20.07 18.09 -13.72
C ILE B 40 -18.60 17.78 -13.46
N ASN B 41 -18.31 17.15 -12.31
CA ASN B 41 -16.93 16.84 -11.94
C ASN B 41 -16.56 15.38 -12.18
N THR B 42 -17.21 14.71 -13.14
CA THR B 42 -16.83 13.34 -13.44
C THR B 42 -15.84 13.31 -14.62
N PRO B 43 -14.77 12.52 -14.52
CA PRO B 43 -13.82 12.43 -15.65
C PRO B 43 -14.34 11.46 -16.70
N VAL B 44 -14.53 11.96 -17.92
CA VAL B 44 -15.06 11.17 -19.03
C VAL B 44 -13.95 10.90 -20.02
N ASP B 45 -13.96 9.70 -20.58
CA ASP B 45 -12.97 9.28 -21.57
C ASP B 45 -13.68 8.41 -22.61
N ALA B 46 -12.90 7.83 -23.51
CA ALA B 46 -13.41 6.95 -24.55
C ALA B 46 -12.50 5.74 -24.68
N LEU B 47 -13.11 4.58 -24.95
CA LEU B 47 -12.35 3.33 -25.09
C LEU B 47 -11.47 3.13 -23.87
N PRO B 48 -12.04 2.76 -22.72
CA PRO B 48 -11.24 2.65 -21.50
C PRO B 48 -10.10 1.65 -21.66
N ASP B 49 -9.10 1.79 -20.79
CA ASP B 49 -7.96 0.88 -20.81
C ASP B 49 -8.43 -0.55 -20.60
N LEU B 50 -8.08 -1.43 -21.53
CA LEU B 50 -8.46 -2.82 -21.44
C LEU B 50 -7.36 -3.78 -21.88
N SER B 51 -6.12 -3.32 -22.00
CA SER B 51 -5.06 -4.19 -22.52
C SER B 51 -4.55 -5.14 -21.44
N ASP B 52 -3.94 -4.60 -20.39
CA ASP B 52 -3.44 -5.40 -19.28
C ASP B 52 -2.74 -4.48 -18.30
N VAL B 53 -2.33 -5.03 -17.16
CA VAL B 53 -1.51 -4.34 -16.18
C VAL B 53 -0.08 -4.80 -16.42
N GLN B 54 0.72 -3.99 -17.10
CA GLN B 54 2.07 -4.36 -17.46
C GLN B 54 3.02 -3.20 -17.19
N VAL B 55 4.30 -3.52 -17.11
CA VAL B 55 5.37 -2.54 -16.90
C VAL B 55 6.37 -2.69 -18.03
N ILE B 56 6.86 -1.57 -18.55
CA ILE B 56 7.77 -1.53 -19.69
C ILE B 56 9.12 -1.02 -19.21
N ILE B 57 10.19 -1.75 -19.53
CA ILE B 57 11.55 -1.34 -19.25
C ILE B 57 12.26 -1.20 -20.59
N LYS B 58 12.80 -0.02 -20.86
CA LYS B 58 13.47 0.26 -22.16
C LYS B 58 14.95 0.58 -21.94
N THR B 59 15.82 -0.10 -22.66
CA THR B 59 17.29 0.12 -22.63
C THR B 59 17.73 0.54 -24.03
N SER B 60 18.48 1.61 -24.19
CA SER B 60 18.86 2.08 -25.55
C SER B 60 20.35 1.86 -25.83
N TYR B 61 20.67 1.06 -26.84
CA TYR B 61 22.07 0.77 -27.23
C TYR B 61 22.29 1.33 -28.64
N PRO B 62 23.13 2.37 -28.77
CA PRO B 62 23.26 2.93 -30.11
C PRO B 62 24.00 1.98 -31.06
N GLY B 63 23.48 1.76 -32.26
CA GLY B 63 24.18 0.92 -33.25
C GLY B 63 24.69 -0.43 -32.76
N GLN B 64 23.89 -1.25 -32.11
CA GLN B 64 24.34 -2.62 -31.70
C GLN B 64 23.44 -3.64 -32.42
N ALA B 65 23.88 -4.86 -32.68
CA ALA B 65 23.04 -5.81 -33.46
C ALA B 65 22.04 -6.49 -32.53
N PRO B 66 21.00 -7.14 -33.09
CA PRO B 66 19.98 -7.80 -32.25
C PRO B 66 20.57 -8.79 -31.24
N GLN B 67 21.53 -9.62 -31.65
CA GLN B 67 22.09 -10.60 -30.73
C GLN B 67 22.92 -9.95 -29.63
N ILE B 68 23.64 -8.87 -29.96
CA ILE B 68 24.44 -8.19 -28.96
C ILE B 68 23.54 -7.62 -27.87
N VAL B 69 22.54 -6.82 -28.25
CA VAL B 69 21.60 -6.29 -27.28
C VAL B 69 20.70 -7.37 -26.69
N GLU B 70 20.71 -8.57 -27.26
CA GLU B 70 19.97 -9.68 -26.66
C GLU B 70 20.74 -10.27 -25.49
N ASN B 71 22.03 -10.55 -25.67
CA ASN B 71 22.83 -11.19 -24.65
C ASN B 71 23.72 -10.20 -23.88
N GLN B 72 23.42 -8.91 -23.97
CA GLN B 72 24.14 -7.90 -23.18
C GLN B 72 23.25 -7.10 -22.26
N VAL B 73 22.08 -6.67 -22.72
CA VAL B 73 21.21 -5.80 -21.92
C VAL B 73 19.86 -6.48 -21.69
N THR B 74 19.45 -7.34 -22.60
CA THR B 74 18.14 -7.99 -22.49
C THR B 74 18.20 -9.28 -21.68
N TYR B 75 19.25 -10.09 -21.85
CA TYR B 75 19.34 -11.34 -21.10
C TYR B 75 19.38 -11.11 -19.60
N PRO B 76 20.23 -10.22 -19.06
CA PRO B 76 20.19 -9.99 -17.60
C PRO B 76 18.87 -9.43 -17.13
N LEU B 77 18.31 -8.46 -17.86
CA LEU B 77 17.03 -7.88 -17.47
C LEU B 77 15.96 -8.95 -17.37
N THR B 78 15.85 -9.82 -18.38
CA THR B 78 14.83 -10.85 -18.36
C THR B 78 15.09 -11.87 -17.26
N THR B 79 16.34 -12.31 -17.12
CA THR B 79 16.65 -13.32 -16.11
C THR B 79 16.38 -12.81 -14.71
N THR B 80 16.53 -11.49 -14.50
CA THR B 80 16.31 -10.94 -13.16
C THR B 80 14.84 -10.60 -12.93
N MET B 81 14.12 -10.19 -13.97
CA MET B 81 12.69 -9.89 -13.85
C MET B 81 11.85 -11.15 -13.81
N LEU B 82 12.39 -12.30 -14.20
CA LEU B 82 11.64 -13.55 -14.13
C LEU B 82 11.26 -13.91 -12.70
N SER B 83 11.82 -13.24 -11.69
CA SER B 83 11.60 -13.59 -10.30
C SER B 83 10.97 -12.46 -9.50
N VAL B 84 10.19 -11.59 -10.15
CA VAL B 84 9.49 -10.52 -9.43
C VAL B 84 8.18 -11.09 -8.89
N PRO B 85 7.69 -10.63 -7.75
CA PRO B 85 6.46 -11.20 -7.19
C PRO B 85 5.24 -10.83 -8.03
N GLY B 86 4.45 -11.84 -8.39
CA GLY B 86 3.17 -11.63 -9.02
C GLY B 86 3.19 -11.43 -10.51
N ALA B 87 4.34 -11.55 -11.16
CA ALA B 87 4.42 -11.37 -12.60
C ALA B 87 3.86 -12.60 -13.31
N LYS B 88 2.84 -12.37 -14.16
CA LYS B 88 2.27 -13.48 -14.92
C LYS B 88 3.23 -13.96 -15.99
N THR B 89 3.88 -13.03 -16.69
CA THR B 89 4.82 -13.40 -17.74
C THR B 89 5.81 -12.27 -17.98
N VAL B 90 6.90 -12.60 -18.65
CA VAL B 90 7.96 -11.66 -18.97
C VAL B 90 8.33 -11.87 -20.44
N ARG B 91 8.26 -10.79 -21.23
CA ARG B 91 8.57 -10.83 -22.65
C ARG B 91 9.70 -9.87 -22.94
N GLY B 92 10.56 -10.22 -23.90
CA GLY B 92 11.68 -9.40 -24.25
C GLY B 92 11.87 -9.29 -25.75
N PHE B 93 12.05 -8.06 -26.23
CA PHE B 93 12.24 -7.79 -27.65
C PHE B 93 13.57 -7.10 -27.84
N SER B 94 14.49 -7.78 -28.53
CA SER B 94 15.79 -7.22 -28.87
C SER B 94 15.75 -6.72 -30.31
N GLN B 95 16.15 -5.46 -30.49
CA GLN B 95 16.02 -4.77 -31.76
C GLN B 95 17.38 -4.23 -32.21
N PHE B 96 17.40 -3.43 -33.26
CA PHE B 96 18.63 -2.81 -33.74
C PHE B 96 18.89 -1.57 -32.90
N GLY B 97 19.57 -1.74 -31.77
CA GLY B 97 19.93 -0.62 -30.92
C GLY B 97 19.15 -0.52 -29.64
N ASP B 98 17.87 -0.90 -29.68
CA ASP B 98 16.99 -0.79 -28.52
C ASP B 98 16.71 -2.17 -27.94
N SER B 99 16.15 -2.17 -26.73
CA SER B 99 15.75 -3.40 -26.06
C SER B 99 14.56 -3.11 -25.17
N TYR B 100 13.47 -3.84 -25.36
CA TYR B 100 12.25 -3.65 -24.59
C TYR B 100 11.95 -4.89 -23.77
N VAL B 101 11.44 -4.67 -22.55
CA VAL B 101 11.05 -5.77 -21.67
C VAL B 101 9.67 -5.44 -21.11
N TYR B 102 8.71 -6.32 -21.36
CA TYR B 102 7.34 -6.17 -20.88
C TYR B 102 7.10 -7.20 -19.78
N VAL B 103 6.86 -6.71 -18.56
CA VAL B 103 6.51 -7.58 -17.43
C VAL B 103 5.00 -7.46 -17.25
N ILE B 104 4.27 -8.53 -17.55
CA ILE B 104 2.81 -8.54 -17.48
C ILE B 104 2.40 -9.25 -16.20
N PHE B 105 1.61 -8.56 -15.38
CA PHE B 105 1.10 -9.09 -14.13
C PHE B 105 -0.29 -9.67 -14.33
N GLU B 106 -0.80 -10.31 -13.28
CA GLU B 106 -2.13 -10.89 -13.33
C GLU B 106 -3.18 -9.78 -13.35
N ASP B 107 -4.44 -10.18 -13.48
CA ASP B 107 -5.55 -9.23 -13.50
C ASP B 107 -5.94 -8.84 -12.08
N GLY B 108 -6.17 -7.54 -11.89
CA GLY B 108 -6.61 -7.04 -10.61
C GLY B 108 -5.52 -6.56 -9.68
N THR B 109 -4.33 -6.25 -10.21
CA THR B 109 -3.23 -5.76 -9.39
C THR B 109 -3.14 -4.23 -9.49
N ASP B 110 -2.73 -3.62 -8.40
CA ASP B 110 -2.59 -2.17 -8.37
C ASP B 110 -1.41 -1.75 -9.23
N PRO B 111 -1.60 -0.91 -10.24
CA PRO B 111 -0.46 -0.54 -11.11
C PRO B 111 0.73 0.01 -10.34
N TYR B 112 0.50 0.77 -9.27
CA TYR B 112 1.62 1.29 -8.48
C TYR B 112 2.32 0.16 -7.74
N TRP B 113 1.56 -0.80 -7.23
CA TRP B 113 2.16 -1.98 -6.60
C TRP B 113 3.07 -2.69 -7.59
N ALA B 114 2.59 -2.89 -8.83
CA ALA B 114 3.39 -3.56 -9.83
C ALA B 114 4.64 -2.76 -10.19
N ARG B 115 4.50 -1.45 -10.35
CA ARG B 115 5.66 -0.62 -10.66
C ARG B 115 6.70 -0.70 -9.56
N SER B 116 6.26 -0.65 -8.30
CA SER B 116 7.20 -0.74 -7.19
C SER B 116 7.89 -2.11 -7.17
N ARG B 117 7.12 -3.18 -7.39
CA ARG B 117 7.72 -4.52 -7.41
C ARG B 117 8.75 -4.63 -8.53
N VAL B 118 8.46 -4.07 -9.70
CA VAL B 118 9.39 -4.16 -10.82
C VAL B 118 10.64 -3.34 -10.55
N LEU B 119 10.49 -2.14 -9.98
CA LEU B 119 11.65 -1.33 -9.68
C LEU B 119 12.48 -1.93 -8.55
N GLU B 120 11.86 -2.74 -7.69
CA GLU B 120 12.60 -3.36 -6.60
C GLU B 120 13.75 -4.21 -7.11
N TYR B 121 13.60 -4.83 -8.27
CA TYR B 121 14.61 -5.71 -8.85
C TYR B 121 15.39 -5.04 -9.97
N LEU B 122 15.06 -3.80 -10.30
CA LEU B 122 15.78 -3.01 -11.34
C LEU B 122 17.19 -2.62 -10.86
N ASN B 123 17.34 -2.26 -9.59
CA ASN B 123 18.62 -1.78 -9.08
C ASN B 123 19.68 -2.86 -9.05
N GLN B 124 19.28 -4.13 -8.96
CA GLN B 124 20.24 -5.22 -8.97
C GLN B 124 20.88 -5.41 -10.34
N VAL B 125 20.22 -4.96 -11.40
CA VAL B 125 20.72 -5.16 -12.77
C VAL B 125 21.48 -3.95 -13.28
N GLN B 126 21.24 -2.76 -12.74
CA GLN B 126 21.93 -1.56 -13.23
C GLN B 126 23.44 -1.70 -13.16
N GLY B 127 23.96 -2.52 -12.24
CA GLY B 127 25.38 -2.72 -12.11
C GLY B 127 25.98 -3.76 -13.02
N LYS B 128 25.14 -4.50 -13.75
CA LYS B 128 25.61 -5.54 -14.65
C LYS B 128 25.58 -5.14 -16.11
N LEU B 129 24.84 -4.08 -16.45
CA LEU B 129 24.73 -3.65 -17.84
C LEU B 129 26.04 -2.99 -18.28
N PRO B 130 26.18 -2.71 -19.57
CA PRO B 130 27.38 -2.01 -20.05
C PRO B 130 27.58 -0.67 -19.36
N ALA B 131 28.71 -0.03 -19.62
CA ALA B 131 29.07 1.19 -18.90
C ALA B 131 28.10 2.33 -19.20
N GLY B 132 27.83 2.57 -20.49
CA GLY B 132 27.10 3.76 -20.87
C GLY B 132 25.59 3.64 -20.85
N VAL B 133 25.05 2.43 -20.97
CA VAL B 133 23.62 2.24 -21.10
C VAL B 133 22.99 2.10 -19.72
N SER B 134 21.71 2.45 -19.63
CA SER B 134 20.95 2.36 -18.39
C SER B 134 19.49 2.13 -18.72
N ALA B 135 18.86 1.22 -17.98
CA ALA B 135 17.48 0.86 -18.21
C ALA B 135 16.55 1.87 -17.54
N GLU B 136 15.47 2.22 -18.22
CA GLU B 136 14.51 3.20 -17.72
C GLU B 136 13.11 2.59 -17.70
N LEU B 137 12.35 2.93 -16.66
CA LEU B 137 10.97 2.49 -16.56
C LEU B 137 10.09 3.30 -17.50
N GLY B 138 9.05 2.64 -18.04
CA GLY B 138 8.12 3.30 -18.90
C GLY B 138 7.29 4.33 -18.15
N PRO B 139 6.49 5.11 -18.87
CA PRO B 139 5.64 6.10 -18.19
C PRO B 139 4.54 5.45 -17.37
N ASP B 140 3.72 6.26 -16.72
CA ASP B 140 2.60 5.79 -15.93
C ASP B 140 1.31 5.73 -16.72
N ALA B 141 1.39 5.57 -18.04
CA ALA B 141 0.23 5.64 -18.92
C ALA B 141 0.07 4.34 -19.69
N THR B 142 -1.15 4.11 -20.17
CA THR B 142 -1.50 2.97 -20.98
C THR B 142 -1.61 3.39 -22.44
N GLY B 143 -2.09 2.47 -23.28
CA GLY B 143 -2.27 2.77 -24.69
C GLY B 143 -3.21 3.93 -24.97
N VAL B 144 -4.00 4.34 -23.98
CA VAL B 144 -4.92 5.45 -24.13
C VAL B 144 -4.24 6.72 -23.64
N GLY B 145 -2.91 6.68 -23.51
CA GLY B 145 -2.20 7.81 -22.94
C GLY B 145 -2.02 8.96 -23.91
N TRP B 146 -1.71 8.66 -25.16
CA TRP B 146 -1.42 9.69 -26.16
C TRP B 146 -2.69 10.50 -26.41
N ILE B 147 -2.75 11.72 -25.88
CA ILE B 147 -3.94 12.56 -25.99
C ILE B 147 -3.73 13.73 -26.94
N TYR B 148 -2.56 14.36 -26.90
CA TYR B 148 -2.31 15.57 -27.67
C TYR B 148 -1.03 15.42 -28.48
N GLU B 149 -1.03 15.97 -29.69
CA GLU B 149 0.13 15.96 -30.56
C GLU B 149 0.20 17.26 -31.33
N TYR B 150 1.41 17.78 -31.52
CA TYR B 150 1.59 19.01 -32.26
C TYR B 150 2.90 18.92 -33.05
N ALA B 151 3.11 19.91 -33.90
CA ALA B 151 4.30 19.99 -34.74
C ALA B 151 4.81 21.42 -34.77
N LEU B 152 6.13 21.56 -34.73
CA LEU B 152 6.80 22.86 -34.76
C LEU B 152 7.11 23.19 -36.22
N VAL B 153 6.24 23.96 -36.84
CA VAL B 153 6.41 24.33 -38.25
C VAL B 153 7.18 25.63 -38.32
N ASP B 154 7.97 25.77 -39.39
CA ASP B 154 8.76 26.98 -39.64
C ASP B 154 8.33 27.55 -40.98
N ARG B 155 7.65 28.70 -40.94
CA ARG B 155 7.17 29.35 -42.15
C ARG B 155 8.21 30.31 -42.71
N SER B 156 9.42 29.82 -42.88
CA SER B 156 10.54 30.60 -43.42
C SER B 156 11.70 29.64 -43.63
N GLY B 157 12.85 30.19 -44.03
CA GLY B 157 14.05 29.38 -44.20
C GLY B 157 15.14 29.78 -43.22
N LYS B 158 14.74 30.17 -42.01
CA LYS B 158 15.68 30.65 -41.01
C LYS B 158 16.13 29.53 -40.07
N HIS B 159 15.19 28.78 -39.52
CA HIS B 159 15.49 27.74 -38.54
C HIS B 159 15.48 26.37 -39.22
N ASP B 160 16.57 25.63 -39.05
CA ASP B 160 16.67 24.29 -39.60
C ASP B 160 16.00 23.31 -38.64
N LEU B 161 16.09 22.01 -38.95
CA LEU B 161 15.46 21.00 -38.12
C LEU B 161 16.15 20.86 -36.77
N ALA B 162 17.48 21.08 -36.73
CA ALA B 162 18.20 20.97 -35.46
C ALA B 162 17.71 22.03 -34.47
N ASP B 163 17.47 23.24 -34.94
CA ASP B 163 16.99 24.30 -34.06
C ASP B 163 15.61 23.96 -33.49
N LEU B 164 14.71 23.46 -34.34
CA LEU B 164 13.38 23.09 -33.86
C LEU B 164 13.44 21.94 -32.88
N ARG B 165 14.31 20.95 -33.14
CA ARG B 165 14.44 19.83 -32.22
C ARG B 165 14.99 20.28 -30.88
N SER B 166 15.98 21.18 -30.89
CA SER B 166 16.50 21.70 -29.63
C SER B 166 15.42 22.50 -28.90
N LEU B 167 14.64 23.30 -29.63
CA LEU B 167 13.56 24.05 -29.02
C LEU B 167 12.57 23.12 -28.33
N GLN B 168 12.21 22.01 -28.99
CA GLN B 168 11.28 21.07 -28.39
C GLN B 168 11.90 20.38 -27.18
N ASP B 169 13.18 20.00 -27.28
CA ASP B 169 13.79 19.20 -26.23
C ASP B 169 14.02 20.01 -24.96
N TRP B 170 14.53 21.24 -25.10
CA TRP B 170 15.03 21.98 -23.95
C TRP B 170 14.12 23.13 -23.51
N PHE B 171 13.08 23.46 -24.28
CA PHE B 171 12.16 24.52 -23.89
C PHE B 171 10.74 24.03 -23.70
N LEU B 172 10.16 23.36 -24.69
CA LEU B 172 8.76 22.96 -24.58
C LEU B 172 8.59 21.72 -23.71
N LYS B 173 9.56 20.81 -23.74
CA LYS B 173 9.45 19.60 -22.93
C LYS B 173 9.38 19.94 -21.45
N TYR B 174 10.21 20.87 -20.99
CA TYR B 174 10.22 21.25 -19.59
C TYR B 174 9.10 22.20 -19.21
N GLU B 175 8.44 22.82 -20.20
CA GLU B 175 7.30 23.69 -19.93
C GLU B 175 5.98 22.93 -19.92
N LEU B 176 5.91 21.79 -20.62
CA LEU B 176 4.69 21.00 -20.67
C LEU B 176 4.68 19.85 -19.67
N LYS B 177 5.79 19.56 -19.01
CA LYS B 177 5.82 18.51 -18.00
C LYS B 177 5.23 18.99 -16.68
N THR B 178 5.36 20.28 -16.37
CA THR B 178 4.87 20.80 -15.09
C THR B 178 3.35 20.74 -14.96
N ILE B 179 2.64 20.42 -16.04
CA ILE B 179 1.18 20.26 -15.92
C ILE B 179 0.89 19.14 -14.94
N PRO B 180 -0.08 19.29 -14.04
CA PRO B 180 -0.24 18.29 -12.97
C PRO B 180 -0.41 16.86 -13.47
N ASP B 181 -1.39 16.61 -14.32
CA ASP B 181 -1.77 15.25 -14.70
C ASP B 181 -1.17 14.82 -16.04
N VAL B 182 -0.01 15.35 -16.40
CA VAL B 182 0.67 14.96 -17.64
C VAL B 182 1.76 13.97 -17.29
N ALA B 183 1.68 12.77 -17.87
CA ALA B 183 2.70 11.75 -17.61
C ALA B 183 4.03 12.14 -18.23
N GLU B 184 4.04 12.46 -19.52
CA GLU B 184 5.27 12.88 -20.18
C GLU B 184 4.94 13.47 -21.54
N VAL B 185 5.79 14.39 -21.98
CA VAL B 185 5.75 14.94 -23.33
C VAL B 185 6.99 14.48 -24.07
N ALA B 186 6.79 13.63 -25.07
CA ALA B 186 7.88 12.98 -25.79
C ALA B 186 8.08 13.64 -27.14
N SER B 187 9.33 13.97 -27.46
CA SER B 187 9.65 14.61 -28.72
C SER B 187 9.69 13.58 -29.86
N VAL B 188 9.51 14.08 -31.07
CA VAL B 188 9.52 13.22 -32.26
C VAL B 188 10.00 14.06 -33.44
N GLY B 189 10.74 13.42 -34.34
CA GLY B 189 11.24 14.11 -35.51
C GLY B 189 12.40 15.02 -35.17
N GLY B 190 12.78 15.83 -36.15
CA GLY B 190 13.87 16.76 -36.00
C GLY B 190 15.22 16.08 -36.02
N VAL B 191 16.26 16.87 -35.75
CA VAL B 191 17.64 16.41 -35.78
C VAL B 191 18.31 16.81 -34.47
N VAL B 192 19.16 15.92 -33.95
CA VAL B 192 19.90 16.16 -32.72
C VAL B 192 21.32 16.56 -33.13
N LYS B 193 21.68 17.81 -32.87
CA LYS B 193 23.01 18.28 -33.20
C LYS B 193 24.07 17.52 -32.43
N GLU B 194 25.21 17.26 -33.07
CA GLU B 194 26.34 16.64 -32.41
C GLU B 194 27.63 17.19 -33.01
N TYR B 195 28.71 17.02 -32.25
CA TYR B 195 30.04 17.47 -32.66
C TYR B 195 30.81 16.27 -33.17
N GLN B 196 30.99 16.19 -34.49
CA GLN B 196 31.64 15.07 -35.13
C GLN B 196 33.11 15.38 -35.33
N VAL B 197 33.97 14.53 -34.77
CA VAL B 197 35.42 14.64 -34.94
C VAL B 197 35.87 13.54 -35.88
N VAL B 198 35.97 13.89 -37.16
CA VAL B 198 36.37 12.89 -38.20
C VAL B 198 37.90 12.77 -38.17
N ILE B 199 38.40 11.57 -37.90
CA ILE B 199 39.83 11.33 -37.82
C ILE B 199 40.35 11.01 -39.21
N ASP B 200 41.66 11.16 -39.38
CA ASP B 200 42.32 10.83 -40.64
C ASP B 200 43.31 9.71 -40.43
N PRO B 201 43.12 8.54 -41.05
CA PRO B 201 44.10 7.46 -40.83
C PRO B 201 45.50 7.82 -41.26
N GLN B 202 45.63 8.61 -42.33
CA GLN B 202 46.95 9.00 -42.81
C GLN B 202 47.71 9.76 -41.73
N ARG B 203 47.06 10.74 -41.10
CA ARG B 203 47.72 11.52 -40.06
C ARG B 203 47.95 10.68 -38.81
N LEU B 204 47.04 9.77 -38.48
CA LEU B 204 47.27 8.86 -37.37
C LEU B 204 48.55 8.07 -37.58
N ALA B 205 48.74 7.53 -38.79
CA ALA B 205 49.97 6.79 -39.08
C ALA B 205 51.18 7.71 -39.08
N GLN B 206 51.02 8.94 -39.59
CA GLN B 206 52.14 9.87 -39.65
C GLN B 206 52.65 10.20 -38.26
N TYR B 207 51.77 10.71 -37.40
CA TYR B 207 52.17 11.12 -36.05
C TYR B 207 52.24 9.95 -35.07
N GLY B 208 51.79 8.77 -35.46
CA GLY B 208 51.85 7.61 -34.59
C GLY B 208 51.06 7.79 -33.31
N ILE B 209 49.73 7.86 -33.43
CA ILE B 209 48.84 8.04 -32.29
C ILE B 209 47.64 7.13 -32.46
N SER B 210 47.24 6.48 -31.38
CA SER B 210 46.12 5.55 -31.40
C SER B 210 44.83 6.26 -30.98
N LEU B 211 43.70 5.60 -31.22
CA LEU B 211 42.41 6.17 -30.88
C LEU B 211 42.19 6.29 -29.37
N ALA B 212 42.82 5.41 -28.59
CA ALA B 212 42.63 5.46 -27.14
C ALA B 212 43.14 6.77 -26.56
N GLU B 213 44.31 7.23 -27.02
CA GLU B 213 44.83 8.49 -26.49
C GLU B 213 44.02 9.69 -26.97
N VAL B 214 43.46 9.62 -28.18
CA VAL B 214 42.56 10.68 -28.63
C VAL B 214 41.33 10.75 -27.73
N LYS B 215 40.75 9.59 -27.42
CA LYS B 215 39.60 9.56 -26.52
C LYS B 215 39.97 10.09 -25.14
N SER B 216 41.13 9.71 -24.63
CA SER B 216 41.56 10.17 -23.31
C SER B 216 41.77 11.68 -23.29
N ALA B 217 42.36 12.23 -24.35
CA ALA B 217 42.55 13.67 -24.42
C ALA B 217 41.22 14.40 -24.55
N LEU B 218 40.26 13.80 -25.26
CA LEU B 218 38.93 14.42 -25.34
C LEU B 218 38.23 14.39 -23.99
N ASP B 219 38.45 13.34 -23.21
CA ASP B 219 37.76 13.21 -21.92
C ASP B 219 38.33 14.13 -20.86
N ALA B 220 39.61 14.49 -20.96
CA ALA B 220 40.29 15.28 -19.94
C ALA B 220 40.36 16.76 -20.31
N SER B 221 39.42 17.26 -21.12
CA SER B 221 39.42 18.66 -21.50
C SER B 221 38.02 19.26 -21.54
N ASN B 222 37.04 18.65 -20.89
CA ASN B 222 35.65 19.08 -20.98
C ASN B 222 35.00 19.09 -19.59
N GLN B 223 35.67 19.71 -18.61
CA GLN B 223 35.13 19.79 -17.27
C GLN B 223 35.64 21.05 -16.59
N GLU B 224 35.10 21.31 -15.40
CA GLU B 224 35.53 22.41 -14.55
C GLU B 224 36.00 21.88 -13.21
N ALA B 225 36.89 22.62 -12.56
CA ALA B 225 37.53 22.19 -11.33
C ALA B 225 36.87 22.83 -10.12
N GLY B 226 37.14 22.24 -8.96
CA GLY B 226 36.62 22.76 -7.72
C GLY B 226 37.38 24.00 -7.27
N GLY B 227 36.67 24.86 -6.54
CA GLY B 227 37.21 26.14 -6.12
C GLY B 227 37.03 26.43 -4.64
N SER B 228 37.21 25.41 -3.80
CA SER B 228 37.04 25.55 -2.36
C SER B 228 37.58 26.90 -1.89
N SER B 229 36.75 27.60 -1.11
CA SER B 229 37.05 28.97 -0.72
C SER B 229 38.47 29.10 -0.18
N ILE B 230 39.11 30.21 -0.50
CA ILE B 230 40.46 30.51 -0.04
C ILE B 230 40.38 31.36 1.22
N GLU B 231 41.38 31.23 2.08
CA GLU B 231 41.44 32.00 3.32
C GLU B 231 41.98 33.40 3.01
N LEU B 232 41.14 34.18 2.35
CA LEU B 232 41.43 35.56 2.02
C LEU B 232 41.05 36.43 3.23
N ALA B 233 40.99 37.75 3.02
CA ALA B 233 40.59 38.66 4.08
C ALA B 233 39.14 38.36 4.49
N GLU B 234 38.63 39.11 5.46
CA GLU B 234 37.30 38.86 6.02
C GLU B 234 36.30 38.49 4.93
N ALA B 235 36.40 39.15 3.77
CA ALA B 235 35.55 38.81 2.63
C ALA B 235 35.99 37.48 2.04
N GLU B 236 35.13 36.48 2.11
CA GLU B 236 35.46 35.14 1.63
C GLU B 236 35.22 35.04 0.13
N TYR B 237 36.21 34.51 -0.59
CA TYR B 237 36.15 34.35 -2.03
C TYR B 237 36.21 32.86 -2.37
N MET B 238 35.35 32.44 -3.31
CA MET B 238 35.35 31.08 -3.81
C MET B 238 35.89 31.06 -5.24
N VAL B 239 36.80 30.13 -5.51
CA VAL B 239 37.48 30.06 -6.79
C VAL B 239 36.60 29.34 -7.79
N ARG B 240 36.90 29.54 -9.07
CA ARG B 240 36.19 28.85 -10.16
C ARG B 240 37.12 28.80 -11.37
N ALA B 241 37.27 27.60 -11.93
CA ALA B 241 38.13 27.38 -13.08
C ALA B 241 37.28 26.92 -14.27
N SER B 242 37.58 27.46 -15.45
CA SER B 242 36.85 27.11 -16.66
C SER B 242 37.38 25.79 -17.20
N GLY B 243 37.00 25.46 -18.43
CA GLY B 243 37.46 24.23 -19.06
C GLY B 243 36.42 23.56 -19.93
N TYR B 244 35.18 24.04 -19.90
CA TYR B 244 34.15 23.46 -20.74
C TYR B 244 34.43 23.74 -22.22
N LEU B 245 33.92 22.85 -23.07
CA LEU B 245 34.04 23.02 -24.52
C LEU B 245 32.81 23.75 -25.04
N GLN B 246 33.03 24.84 -25.75
CA GLN B 246 31.92 25.65 -26.25
C GLN B 246 32.05 26.07 -27.71
N THR B 247 33.20 25.88 -28.36
CA THR B 247 33.37 26.25 -29.75
C THR B 247 34.28 25.23 -30.43
N LEU B 248 34.31 25.28 -31.76
CA LEU B 248 35.19 24.37 -32.51
C LEU B 248 36.65 24.75 -32.32
N ASP B 249 36.94 26.03 -32.13
CA ASP B 249 38.32 26.44 -31.86
C ASP B 249 38.83 25.85 -30.56
N ASP B 250 37.93 25.53 -29.62
CA ASP B 250 38.37 24.83 -28.41
C ASP B 250 38.71 23.39 -28.71
N PHE B 251 37.93 22.74 -29.59
CA PHE B 251 38.26 21.39 -30.00
C PHE B 251 39.60 21.34 -30.70
N ASN B 252 39.86 22.30 -31.59
CA ASN B 252 41.10 22.28 -32.36
C ASN B 252 42.33 22.38 -31.47
N HIS B 253 42.24 23.10 -30.36
CA HIS B 253 43.38 23.30 -29.46
C HIS B 253 43.34 22.30 -28.31
N ILE B 254 43.48 21.02 -28.67
CA ILE B 254 43.56 19.93 -27.70
C ILE B 254 44.91 19.23 -27.88
N VAL B 255 45.62 19.05 -26.78
CA VAL B 255 46.95 18.45 -26.82
C VAL B 255 46.79 16.93 -26.80
N LEU B 256 47.19 16.28 -27.89
CA LEU B 256 47.16 14.83 -27.97
C LEU B 256 48.44 14.20 -27.43
N LYS B 257 49.59 14.66 -27.93
CA LYS B 257 50.89 14.14 -27.52
C LYS B 257 51.83 15.31 -27.26
N ALA B 258 52.33 15.40 -26.04
CA ALA B 258 53.28 16.43 -25.65
C ALA B 258 54.64 15.79 -25.40
N SER B 259 55.67 16.29 -26.07
CA SER B 259 57.02 15.75 -25.97
C SER B 259 57.95 16.80 -25.39
N GLU B 260 58.80 16.39 -24.45
CA GLU B 260 59.75 17.31 -23.84
C GLU B 260 60.68 17.87 -24.91
N ASN B 261 60.99 19.17 -24.77
CA ASN B 261 61.84 19.89 -25.71
C ASN B 261 61.50 19.54 -27.16
N GLY B 262 60.22 19.36 -27.44
CA GLY B 262 59.74 19.04 -28.76
C GLY B 262 58.61 19.97 -29.17
N VAL B 263 57.76 19.47 -30.05
CA VAL B 263 56.60 20.20 -30.56
C VAL B 263 55.36 19.39 -30.22
N PRO B 264 54.36 19.96 -29.54
CA PRO B 264 53.15 19.20 -29.24
C PRO B 264 52.28 19.00 -30.48
N VAL B 265 51.47 17.96 -30.43
CA VAL B 265 50.58 17.58 -31.52
C VAL B 265 49.15 17.95 -31.11
N TYR B 266 48.57 18.91 -31.82
CA TYR B 266 47.20 19.31 -31.53
C TYR B 266 46.21 18.39 -32.24
N LEU B 267 44.93 18.51 -31.87
CA LEU B 267 43.91 17.70 -32.50
C LEU B 267 43.65 18.13 -33.94
N ARG B 268 43.89 19.41 -34.25
CA ARG B 268 43.63 19.90 -35.59
C ARG B 268 44.58 19.32 -36.62
N ASP B 269 45.79 18.94 -36.21
CA ASP B 269 46.75 18.35 -37.13
C ASP B 269 46.41 16.90 -37.47
N VAL B 270 45.40 16.32 -36.84
CA VAL B 270 45.12 14.90 -36.97
C VAL B 270 43.68 14.66 -37.42
N ALA B 271 42.79 15.59 -37.12
CA ALA B 271 41.37 15.37 -37.29
C ALA B 271 40.70 16.64 -37.81
N LYS B 272 39.39 16.53 -38.06
CA LYS B 272 38.58 17.65 -38.52
C LYS B 272 37.30 17.66 -37.69
N VAL B 273 37.02 18.77 -37.03
CA VAL B 273 35.86 18.89 -36.14
C VAL B 273 34.79 19.70 -36.85
N GLN B 274 33.56 19.19 -36.83
CA GLN B 274 32.43 19.87 -37.44
C GLN B 274 31.19 19.59 -36.62
N ILE B 275 30.10 20.26 -36.97
CA ILE B 275 28.79 20.05 -36.35
C ILE B 275 27.90 19.35 -37.37
N GLY B 276 27.22 18.29 -36.93
CA GLY B 276 26.42 17.50 -37.82
C GLY B 276 25.22 16.84 -37.15
N PRO B 277 24.50 16.03 -37.91
CA PRO B 277 23.32 15.34 -37.37
C PRO B 277 23.66 14.00 -36.75
N GLU B 278 22.85 13.62 -35.77
CA GLU B 278 22.96 12.30 -35.18
C GLU B 278 22.25 11.27 -36.06
N MET B 279 22.49 9.99 -35.76
CA MET B 279 21.83 8.90 -36.48
C MET B 279 20.37 8.87 -36.07
N ARG B 280 19.49 9.31 -36.97
CA ARG B 280 18.07 9.43 -36.64
C ARG B 280 17.43 8.06 -36.48
N ARG B 281 16.66 7.90 -35.40
CA ARG B 281 15.89 6.69 -35.17
C ARG B 281 14.41 6.87 -35.49
N GLY B 282 13.96 8.11 -35.66
CA GLY B 282 12.58 8.37 -36.01
C GLY B 282 12.42 9.76 -36.61
N ILE B 283 11.63 9.84 -37.68
CA ILE B 283 11.39 11.12 -38.41
C ILE B 283 9.89 11.38 -38.56
N ALA B 284 9.45 12.59 -38.22
CA ALA B 284 8.07 13.00 -38.40
C ALA B 284 7.99 14.02 -39.53
N GLU B 285 6.78 14.22 -40.04
CA GLU B 285 6.57 15.11 -41.16
C GLU B 285 5.12 15.58 -41.17
N LEU B 286 4.97 16.80 -41.60
CA LEU B 286 3.64 17.40 -41.81
C LEU B 286 3.22 17.03 -43.22
N ASN B 287 2.33 17.81 -43.77
CA ASN B 287 1.77 17.62 -45.13
C ASN B 287 2.94 17.63 -46.11
N GLY B 288 2.74 17.22 -47.34
CA GLY B 288 3.86 16.93 -48.25
C GLY B 288 4.86 18.06 -48.25
N GLU B 289 4.48 19.19 -47.69
CA GLU B 289 5.35 20.37 -47.70
C GLU B 289 6.79 20.00 -47.33
N GLY B 290 6.98 19.44 -46.14
CA GLY B 290 8.32 19.09 -45.71
C GLY B 290 8.31 18.53 -44.29
N GLU B 291 9.51 18.19 -43.83
CA GLU B 291 9.67 17.58 -42.52
C GLU B 291 9.52 18.63 -41.42
N VAL B 292 9.16 18.16 -40.23
CA VAL B 292 8.99 18.99 -39.05
C VAL B 292 9.39 18.20 -37.82
N ALA B 293 9.35 18.86 -36.67
CA ALA B 293 9.58 18.25 -35.38
C ALA B 293 8.42 18.59 -34.45
N GLY B 294 7.99 17.61 -33.66
CA GLY B 294 6.83 17.81 -32.82
C GLY B 294 6.90 17.07 -31.50
N GLY B 295 5.79 17.07 -30.76
CA GLY B 295 5.73 16.41 -29.48
C GLY B 295 4.41 15.67 -29.31
N VAL B 296 4.41 14.77 -28.33
CA VAL B 296 3.25 13.95 -27.99
C VAL B 296 3.05 13.97 -26.49
N VAL B 297 1.85 14.32 -26.07
CA VAL B 297 1.50 14.42 -24.65
C VAL B 297 0.80 13.13 -24.24
N ILE B 298 1.22 12.57 -23.10
CA ILE B 298 0.68 11.32 -22.59
C ILE B 298 -0.01 11.59 -21.26
N LEU B 299 -1.13 10.92 -21.05
CA LEU B 299 -1.96 11.12 -19.86
C LEU B 299 -1.69 10.04 -18.83
N ARG B 300 -1.60 10.44 -17.57
CA ARG B 300 -1.45 9.49 -16.49
C ARG B 300 -2.64 8.53 -16.47
N SER B 301 -2.41 7.34 -15.91
CA SER B 301 -3.44 6.30 -15.93
C SER B 301 -4.69 6.76 -15.18
N GLY B 302 -5.80 6.84 -15.90
CA GLY B 302 -7.08 7.12 -15.29
C GLY B 302 -7.22 8.52 -14.75
N LYS B 303 -7.06 9.52 -15.62
CA LYS B 303 -7.25 10.92 -15.26
C LYS B 303 -8.14 11.60 -16.28
N ASN B 304 -8.51 12.85 -15.99
CA ASN B 304 -9.38 13.61 -16.86
C ASN B 304 -8.59 14.15 -18.04
N ALA B 305 -9.03 13.79 -19.25
CA ALA B 305 -8.30 14.22 -20.45
C ALA B 305 -8.68 15.64 -20.85
N ARG B 306 -9.95 16.02 -20.72
CA ARG B 306 -10.38 17.34 -21.13
C ARG B 306 -9.65 18.42 -20.34
N GLU B 307 -9.51 18.25 -19.03
CA GLU B 307 -8.88 19.26 -18.20
C GLU B 307 -7.42 19.46 -18.58
N VAL B 308 -6.68 18.35 -18.74
CA VAL B 308 -5.26 18.48 -19.07
C VAL B 308 -5.09 19.02 -20.48
N ILE B 309 -5.99 18.67 -21.40
CA ILE B 309 -5.89 19.20 -22.76
C ILE B 309 -6.12 20.71 -22.74
N ALA B 310 -7.13 21.17 -22.00
CA ALA B 310 -7.36 22.61 -21.89
C ALA B 310 -6.16 23.31 -21.25
N ALA B 311 -5.58 22.69 -20.22
CA ALA B 311 -4.43 23.29 -19.55
C ALA B 311 -3.24 23.41 -20.50
N VAL B 312 -2.96 22.37 -21.27
CA VAL B 312 -1.81 22.42 -22.16
C VAL B 312 -2.07 23.39 -23.31
N LYS B 313 -3.32 23.50 -23.77
CA LYS B 313 -3.62 24.48 -24.81
C LYS B 313 -3.43 25.90 -24.28
N ASP B 314 -3.88 26.17 -23.06
CA ASP B 314 -3.67 27.50 -22.49
C ASP B 314 -2.18 27.77 -22.28
N LYS B 315 -1.43 26.76 -21.85
CA LYS B 315 0.01 26.93 -21.67
C LYS B 315 0.69 27.27 -22.98
N LEU B 316 0.37 26.52 -24.04
CA LEU B 316 0.94 26.81 -25.35
C LEU B 316 0.53 28.18 -25.85
N GLU B 317 -0.71 28.60 -25.58
CA GLU B 317 -1.14 29.93 -26.00
C GLU B 317 -0.33 31.01 -25.31
N THR B 318 -0.15 30.90 -23.99
CA THR B 318 0.62 31.91 -23.27
C THR B 318 2.11 31.84 -23.59
N LEU B 319 2.62 30.69 -24.02
CA LEU B 319 4.02 30.53 -24.34
C LEU B 319 4.35 30.87 -25.78
N LYS B 320 3.35 30.95 -26.66
CA LYS B 320 3.59 31.26 -28.06
C LYS B 320 4.29 32.59 -28.27
N SER B 321 4.27 33.48 -27.27
CA SER B 321 4.88 34.79 -27.44
C SER B 321 6.41 34.70 -27.45
N SER B 322 6.97 33.83 -26.61
CA SER B 322 8.42 33.72 -26.46
C SER B 322 9.06 32.81 -27.50
N LEU B 323 8.32 32.44 -28.55
CA LEU B 323 8.90 31.59 -29.58
C LEU B 323 9.68 32.44 -30.60
N PRO B 324 10.65 31.85 -31.28
CA PRO B 324 11.39 32.60 -32.30
C PRO B 324 10.46 33.14 -33.38
N GLU B 325 11.03 34.01 -34.22
CA GLU B 325 10.26 34.62 -35.29
C GLU B 325 10.04 33.62 -36.41
N GLY B 326 8.78 33.39 -36.77
CA GLY B 326 8.46 32.48 -37.86
C GLY B 326 8.37 31.03 -37.46
N VAL B 327 8.00 30.74 -36.22
CA VAL B 327 7.84 29.38 -35.73
C VAL B 327 6.43 29.26 -35.15
N GLU B 328 5.70 28.24 -35.60
CA GLU B 328 4.32 28.04 -35.19
C GLU B 328 4.15 26.62 -34.64
N ILE B 329 3.14 26.46 -33.79
CA ILE B 329 2.79 25.17 -33.20
C ILE B 329 1.44 24.76 -33.80
N VAL B 330 1.46 23.77 -34.67
CA VAL B 330 0.26 23.29 -35.35
C VAL B 330 -0.17 22.00 -34.69
N THR B 331 -1.37 21.98 -34.12
CA THR B 331 -1.88 20.77 -33.50
C THR B 331 -2.29 19.76 -34.58
N THR B 332 -2.24 18.48 -34.21
CA THR B 332 -2.52 17.40 -35.15
C THR B 332 -3.43 16.32 -34.60
N TYR B 333 -3.78 16.36 -33.32
CA TYR B 333 -4.65 15.36 -32.73
C TYR B 333 -5.05 15.79 -31.34
N ASP B 334 -6.28 15.47 -30.94
CA ASP B 334 -6.75 15.75 -29.59
C ASP B 334 -8.06 15.01 -29.37
N ARG B 335 -8.21 14.43 -28.17
CA ARG B 335 -9.41 13.67 -27.86
C ARG B 335 -10.58 14.59 -27.50
N SER B 336 -10.29 15.82 -27.08
CA SER B 336 -11.36 16.73 -26.66
C SER B 336 -12.46 16.84 -27.71
N GLN B 337 -12.10 16.83 -28.99
CA GLN B 337 -13.10 16.94 -30.04
C GLN B 337 -14.07 15.76 -30.01
N LEU B 338 -13.52 14.55 -30.00
CA LEU B 338 -14.36 13.36 -29.97
C LEU B 338 -15.22 13.32 -28.71
N ILE B 339 -14.64 13.67 -27.56
CA ILE B 339 -15.40 13.62 -26.32
C ILE B 339 -16.54 14.64 -26.35
N ASP B 340 -16.27 15.84 -26.86
CA ASP B 340 -17.32 16.85 -26.94
C ASP B 340 -18.41 16.41 -27.90
N ARG B 341 -18.05 15.81 -29.03
CA ARG B 341 -19.05 15.31 -29.97
C ARG B 341 -19.94 14.27 -29.30
N ALA B 342 -19.33 13.33 -28.57
CA ALA B 342 -20.11 12.30 -27.89
C ALA B 342 -21.04 12.91 -26.86
N ILE B 343 -20.54 13.84 -26.05
CA ILE B 343 -21.37 14.46 -25.02
C ILE B 343 -22.53 15.21 -25.64
N ASP B 344 -22.28 15.93 -26.72
CA ASP B 344 -23.36 16.68 -27.38
C ASP B 344 -24.40 15.73 -27.95
N ASN B 345 -23.97 14.65 -28.59
CA ASN B 345 -24.91 13.68 -29.12
C ASN B 345 -25.79 13.11 -28.01
N LEU B 346 -25.17 12.70 -26.89
CA LEU B 346 -25.93 12.13 -25.80
C LEU B 346 -26.93 13.14 -25.23
N SER B 347 -26.48 14.38 -25.03
CA SER B 347 -27.38 15.41 -24.49
C SER B 347 -28.56 15.64 -25.43
N GLY B 348 -28.30 15.71 -26.74
CA GLY B 348 -29.38 15.89 -27.69
C GLY B 348 -30.38 14.75 -27.65
N LYS B 349 -29.88 13.51 -27.58
CA LYS B 349 -30.78 12.37 -27.52
C LYS B 349 -31.62 12.39 -26.26
N LEU B 350 -31.02 12.73 -25.11
CA LEU B 350 -31.79 12.79 -23.87
C LEU B 350 -32.86 13.88 -23.93
N LEU B 351 -32.50 15.05 -24.46
CA LEU B 351 -33.48 16.13 -24.58
C LEU B 351 -34.62 15.72 -25.49
N GLU B 352 -34.32 15.05 -26.61
CA GLU B 352 -35.37 14.59 -27.51
C GLU B 352 -36.27 13.58 -26.81
N GLU B 353 -35.68 12.69 -26.00
CA GLU B 353 -36.50 11.72 -25.27
C GLU B 353 -37.45 12.40 -24.30
N PHE B 354 -36.95 13.41 -23.57
CA PHE B 354 -37.82 14.13 -22.64
C PHE B 354 -38.92 14.87 -23.39
N ILE B 355 -38.60 15.47 -24.54
CA ILE B 355 -39.62 16.16 -25.31
C ILE B 355 -40.68 15.18 -25.79
N VAL B 356 -40.25 13.97 -26.18
CA VAL B 356 -41.21 12.96 -26.62
C VAL B 356 -42.11 12.54 -25.46
N VAL B 357 -41.54 12.40 -24.26
CA VAL B 357 -42.35 12.06 -23.09
C VAL B 357 -43.40 13.14 -22.86
N ALA B 358 -42.99 14.40 -22.94
CA ALA B 358 -43.94 15.49 -22.73
C ALA B 358 -45.04 15.49 -23.78
N VAL B 359 -44.66 15.26 -25.04
CA VAL B 359 -45.65 15.25 -26.11
C VAL B 359 -46.66 14.12 -25.90
N VAL B 360 -46.17 12.95 -25.49
CA VAL B 360 -47.08 11.83 -25.27
C VAL B 360 -48.02 12.11 -24.11
N CYS B 361 -47.49 12.68 -23.02
CA CYS B 361 -48.34 13.01 -21.88
C CYS B 361 -49.40 14.04 -22.27
N ALA B 362 -49.04 14.99 -23.14
CA ALA B 362 -50.01 15.98 -23.59
C ALA B 362 -51.02 15.40 -24.57
N LEU B 363 -50.65 14.36 -25.31
CA LEU B 363 -51.54 13.80 -26.33
C LEU B 363 -52.53 12.83 -25.72
N PHE B 364 -52.08 11.97 -24.81
CA PHE B 364 -52.93 10.91 -24.28
C PHE B 364 -53.75 11.34 -23.07
N LEU B 365 -53.31 12.37 -22.34
CA LEU B 365 -54.04 12.85 -21.16
C LEU B 365 -54.74 14.17 -21.41
N TRP B 366 -54.91 14.57 -22.67
CA TRP B 366 -55.63 15.82 -23.05
C TRP B 366 -55.04 17.11 -22.43
N HIS B 367 -53.74 17.36 -22.58
CA HIS B 367 -53.12 18.61 -22.16
C HIS B 367 -53.15 18.77 -20.63
N VAL B 368 -52.44 17.86 -19.96
CA VAL B 368 -52.15 18.01 -18.54
C VAL B 368 -50.65 17.92 -18.35
N ARG B 369 -50.14 18.70 -17.38
CA ARG B 369 -48.71 18.82 -17.14
C ARG B 369 -48.15 17.71 -16.26
N SER B 370 -48.87 16.59 -16.15
CA SER B 370 -48.32 15.45 -15.42
C SER B 370 -46.97 15.04 -15.97
N ALA B 371 -46.66 15.43 -17.21
CA ALA B 371 -45.35 15.17 -17.77
C ALA B 371 -44.23 15.62 -16.84
N LEU B 372 -44.42 16.74 -16.16
CA LEU B 372 -43.39 17.23 -15.25
C LEU B 372 -43.02 16.18 -14.22
N VAL B 373 -44.02 15.44 -13.71
CA VAL B 373 -43.76 14.42 -12.71
C VAL B 373 -42.66 13.46 -13.17
N ALA B 374 -42.56 13.25 -14.49
CA ALA B 374 -41.50 12.42 -15.05
C ALA B 374 -40.24 13.22 -15.34
N ILE B 375 -40.40 14.44 -15.89
CA ILE B 375 -39.24 15.25 -16.25
C ILE B 375 -38.37 15.54 -15.04
N ILE B 376 -38.95 15.50 -13.83
CA ILE B 376 -38.18 15.71 -12.61
C ILE B 376 -37.79 14.41 -11.94
N SER B 377 -38.44 13.30 -12.29
CA SER B 377 -38.14 12.01 -11.67
C SER B 377 -37.14 11.18 -12.44
N LEU B 378 -37.00 11.41 -13.75
CA LEU B 378 -36.07 10.66 -14.57
C LEU B 378 -34.64 11.15 -14.34
N PRO B 379 -34.40 12.46 -14.39
CA PRO B 379 -33.02 12.93 -14.13
C PRO B 379 -32.55 12.60 -12.73
N LEU B 380 -33.35 12.88 -11.71
CA LEU B 380 -32.94 12.62 -10.33
C LEU B 380 -32.38 11.22 -10.17
N GLY B 381 -33.09 10.22 -10.68
CA GLY B 381 -32.58 8.86 -10.62
C GLY B 381 -31.15 8.77 -11.11
N LEU B 382 -30.91 9.23 -12.33
CA LEU B 382 -29.55 9.21 -12.88
C LEU B 382 -28.55 9.79 -11.90
N CYS B 383 -28.89 10.93 -11.29
CA CYS B 383 -27.99 11.53 -10.31
C CYS B 383 -27.50 10.49 -9.32
N ILE B 384 -28.44 9.82 -8.65
CA ILE B 384 -28.07 8.79 -7.67
C ILE B 384 -27.01 7.87 -8.25
N ALA B 385 -27.27 7.33 -9.44
CA ALA B 385 -26.32 6.42 -10.07
C ALA B 385 -24.92 7.01 -10.05
N PHE B 386 -24.77 8.21 -10.63
CA PHE B 386 -23.44 8.81 -10.71
C PHE B 386 -22.82 8.95 -9.32
N ILE B 387 -23.61 9.34 -8.33
CA ILE B 387 -23.08 9.45 -6.97
C ILE B 387 -22.45 8.13 -6.56
N VAL B 388 -23.17 7.02 -6.73
CA VAL B 388 -22.62 5.72 -6.40
C VAL B 388 -21.35 5.46 -7.21
N MET B 389 -21.36 5.84 -8.49
CA MET B 389 -20.19 5.65 -9.32
C MET B 389 -18.97 6.35 -8.72
N HIS B 390 -19.19 7.49 -8.07
CA HIS B 390 -18.07 8.24 -7.52
C HIS B 390 -17.46 7.55 -6.31
N PHE B 391 -18.19 6.64 -5.65
CA PHE B 391 -17.68 5.96 -4.47
C PHE B 391 -16.86 4.72 -4.79
N GLN B 392 -16.80 4.31 -6.05
CA GLN B 392 -15.99 3.16 -6.45
C GLN B 392 -15.26 3.46 -7.74
N GLY B 393 -14.76 4.69 -7.88
CA GLY B 393 -14.08 5.09 -9.09
C GLY B 393 -14.96 4.94 -10.31
N LEU B 394 -14.65 3.96 -11.17
CA LEU B 394 -15.48 3.60 -12.30
C LEU B 394 -15.75 4.83 -13.18
N ASN B 395 -14.66 5.33 -13.77
CA ASN B 395 -14.75 6.47 -14.66
C ASN B 395 -15.76 6.20 -15.77
N ALA B 396 -16.35 7.26 -16.30
CA ALA B 396 -17.42 7.16 -17.29
C ALA B 396 -16.81 7.17 -18.68
N ASN B 397 -16.92 6.06 -19.38
CA ASN B 397 -16.47 5.96 -20.75
C ASN B 397 -17.61 6.34 -21.69
N ILE B 398 -17.45 6.07 -22.99
CA ILE B 398 -18.51 6.38 -23.95
C ILE B 398 -19.66 5.39 -23.86
N MET B 399 -19.41 4.15 -23.43
CA MET B 399 -20.47 3.15 -23.34
C MET B 399 -21.39 3.42 -22.15
N SER B 400 -20.81 3.73 -20.98
CA SER B 400 -21.62 4.09 -19.84
C SER B 400 -22.44 5.35 -20.12
N LEU B 401 -21.95 6.20 -21.01
CA LEU B 401 -22.70 7.39 -21.38
C LEU B 401 -23.80 7.07 -22.39
N GLY B 402 -23.55 6.11 -23.29
CA GLY B 402 -24.58 5.71 -24.23
C GLY B 402 -25.67 4.87 -23.62
N GLY B 403 -25.42 4.23 -22.48
CA GLY B 403 -26.41 3.36 -21.87
C GLY B 403 -27.55 4.08 -21.16
N ILE B 404 -27.32 5.30 -20.70
CA ILE B 404 -28.37 5.99 -19.96
C ILE B 404 -29.54 6.37 -20.87
N ALA B 405 -29.30 6.52 -22.17
CA ALA B 405 -30.39 6.80 -23.09
C ALA B 405 -31.43 5.69 -23.06
N ILE B 406 -31.01 4.44 -22.86
CA ILE B 406 -31.95 3.34 -22.72
C ILE B 406 -32.36 3.14 -21.26
N ALA B 407 -31.49 3.50 -20.32
CA ALA B 407 -31.87 3.45 -18.91
C ALA B 407 -33.11 4.29 -18.64
N VAL B 408 -33.13 5.52 -19.17
CA VAL B 408 -34.29 6.39 -18.94
C VAL B 408 -35.52 5.84 -19.65
N GLY B 409 -35.35 5.27 -20.84
CA GLY B 409 -36.48 4.66 -21.52
C GLY B 409 -37.08 3.51 -20.75
N ALA B 410 -36.23 2.75 -20.04
CA ALA B 410 -36.75 1.68 -19.20
C ALA B 410 -37.33 2.20 -17.89
N MET B 411 -36.85 3.35 -17.41
CA MET B 411 -37.34 3.90 -16.15
C MET B 411 -38.68 4.62 -16.30
N VAL B 412 -38.96 5.20 -17.47
CA VAL B 412 -40.16 6.01 -17.63
C VAL B 412 -41.44 5.22 -17.43
N ASP B 413 -41.38 3.89 -17.47
CA ASP B 413 -42.59 3.09 -17.41
C ASP B 413 -43.30 3.24 -16.07
N ALA B 414 -42.54 3.19 -14.96
CA ALA B 414 -43.15 3.32 -13.64
C ALA B 414 -43.80 4.68 -13.48
N ALA B 415 -43.13 5.73 -13.92
CA ALA B 415 -43.69 7.08 -13.82
C ALA B 415 -44.99 7.17 -14.61
N ILE B 416 -44.99 6.64 -15.84
CA ILE B 416 -46.19 6.70 -16.67
C ILE B 416 -47.33 5.93 -16.00
N VAL B 417 -47.02 4.77 -15.44
CA VAL B 417 -48.06 3.96 -14.80
C VAL B 417 -48.65 4.70 -13.61
N MET B 418 -47.79 5.27 -12.77
CA MET B 418 -48.27 6.02 -11.61
C MET B 418 -49.15 7.18 -12.04
N ILE B 419 -48.69 7.94 -13.03
CA ILE B 419 -49.46 9.10 -13.49
C ILE B 419 -50.82 8.66 -14.02
N GLU B 420 -50.83 7.61 -14.83
CA GLU B 420 -52.07 7.12 -15.46
C GLU B 420 -53.05 6.62 -14.39
N ASN B 421 -52.58 5.89 -13.38
CA ASN B 421 -53.46 5.40 -12.34
C ASN B 421 -54.00 6.55 -11.49
N ALA B 422 -53.15 7.52 -11.16
CA ALA B 422 -53.62 8.67 -10.38
C ALA B 422 -54.67 9.45 -11.16
N HIS B 423 -54.46 9.66 -12.46
CA HIS B 423 -55.45 10.35 -13.27
C HIS B 423 -56.77 9.58 -13.29
N LYS B 424 -56.70 8.26 -13.48
CA LYS B 424 -57.92 7.46 -13.49
C LYS B 424 -58.68 7.58 -12.17
N ARG B 425 -57.97 7.49 -11.04
CA ARG B 425 -58.65 7.52 -9.76
C ARG B 425 -59.23 8.90 -9.46
N LEU B 426 -58.48 9.97 -9.74
CA LEU B 426 -58.95 11.32 -9.52
C LEU B 426 -60.04 11.73 -10.51
N GLU B 427 -60.18 11.01 -11.63
CA GLU B 427 -61.31 11.23 -12.52
C GLU B 427 -62.52 10.43 -12.06
N GLU B 428 -62.32 9.23 -11.52
CA GLU B 428 -63.42 8.46 -10.98
C GLU B 428 -64.03 9.15 -9.77
N TRP B 429 -63.20 9.81 -8.95
CA TRP B 429 -63.74 10.52 -7.80
C TRP B 429 -64.69 11.63 -8.22
N GLN B 430 -64.44 12.25 -9.36
CA GLN B 430 -65.25 13.40 -9.78
C GLN B 430 -66.71 13.03 -10.00
N HIS B 431 -67.03 11.75 -10.15
CA HIS B 431 -68.43 11.36 -10.35
C HIS B 431 -69.24 11.54 -9.07
N GLN B 432 -68.71 11.09 -7.94
CA GLN B 432 -69.37 11.29 -6.66
C GLN B 432 -68.96 12.63 -6.04
N LYS B 441 -57.44 21.86 -0.71
CA LYS B 441 -56.74 20.74 -1.38
C LYS B 441 -56.47 19.64 -0.35
N THR B 442 -57.11 19.70 0.80
CA THR B 442 -56.91 18.70 1.88
C THR B 442 -57.40 17.33 1.43
N ARG B 443 -58.47 17.29 0.63
CA ARG B 443 -59.12 16.03 0.18
C ARG B 443 -58.43 15.48 -1.06
N TRP B 444 -57.17 15.10 -0.93
CA TRP B 444 -56.29 14.53 -1.97
C TRP B 444 -55.51 13.42 -1.28
N GLN B 445 -56.31 12.65 -0.57
CA GLN B 445 -55.93 11.33 -0.05
C GLN B 445 -56.22 10.36 -1.21
N VAL B 446 -56.99 10.79 -2.24
CA VAL B 446 -57.32 10.05 -3.48
C VAL B 446 -56.01 9.80 -4.21
N ILE B 447 -55.15 10.80 -4.24
CA ILE B 447 -53.83 10.77 -4.94
C ILE B 447 -52.83 9.88 -4.20
N THR B 448 -52.98 9.65 -2.93
CA THR B 448 -52.05 8.83 -2.11
C THR B 448 -52.54 7.40 -1.91
N ASP B 449 -53.82 7.12 -2.01
CA ASP B 449 -54.36 5.77 -1.73
C ASP B 449 -54.33 5.01 -3.03
N ALA B 450 -54.72 5.73 -4.03
CA ALA B 450 -54.63 5.43 -5.44
C ALA B 450 -53.19 5.15 -5.86
N SER B 451 -52.23 5.83 -5.22
CA SER B 451 -50.82 5.59 -5.51
C SER B 451 -50.33 4.28 -4.88
N VAL B 452 -50.68 4.06 -3.61
CA VAL B 452 -50.17 2.89 -2.89
C VAL B 452 -50.80 1.59 -3.40
N GLU B 453 -51.95 1.66 -4.08
CA GLU B 453 -52.53 0.45 -4.64
C GLU B 453 -51.79 -0.06 -5.88
N VAL B 454 -50.76 0.66 -6.34
CA VAL B 454 -49.96 0.22 -7.47
C VAL B 454 -48.47 0.32 -7.13
N GLY B 455 -48.16 1.02 -6.04
CA GLY B 455 -46.78 1.20 -5.61
C GLY B 455 -45.97 -0.08 -5.53
N PRO B 456 -46.41 -1.02 -4.69
CA PRO B 456 -45.54 -2.20 -4.42
C PRO B 456 -45.22 -3.03 -5.66
N ALA B 457 -46.18 -3.21 -6.55
CA ALA B 457 -45.91 -3.95 -7.78
C ALA B 457 -44.81 -3.28 -8.59
N LEU B 458 -44.90 -1.95 -8.75
CA LEU B 458 -43.86 -1.23 -9.48
C LEU B 458 -42.52 -1.34 -8.77
N PHE B 459 -42.53 -1.27 -7.43
CA PHE B 459 -41.27 -1.37 -6.69
C PHE B 459 -40.61 -2.71 -6.93
N ILE B 460 -41.38 -3.80 -6.84
CA ILE B 460 -40.79 -5.13 -7.02
C ILE B 460 -40.37 -5.35 -8.47
N SER B 461 -41.12 -4.78 -9.42
CA SER B 461 -40.71 -4.88 -10.81
C SER B 461 -39.38 -4.16 -11.04
N LEU B 462 -39.25 -2.96 -10.50
CA LEU B 462 -37.98 -2.24 -10.59
C LEU B 462 -36.85 -3.03 -9.93
N LEU B 463 -37.15 -3.69 -8.81
CA LEU B 463 -36.12 -4.49 -8.13
C LEU B 463 -35.66 -5.65 -9.00
N ILE B 464 -36.59 -6.35 -9.65
CA ILE B 464 -36.19 -7.48 -10.47
C ILE B 464 -35.41 -7.02 -11.69
N ILE B 465 -35.83 -5.90 -12.31
CA ILE B 465 -35.08 -5.42 -13.47
C ILE B 465 -33.71 -4.89 -13.05
N THR B 466 -33.57 -4.46 -11.80
CA THR B 466 -32.26 -4.03 -11.31
C THR B 466 -31.36 -5.23 -11.05
N LEU B 467 -31.90 -6.27 -10.40
CA LEU B 467 -31.10 -7.44 -10.04
C LEU B 467 -30.84 -8.36 -11.22
N SER B 468 -31.57 -8.22 -12.31
CA SER B 468 -31.34 -9.07 -13.48
C SER B 468 -30.07 -8.71 -14.25
N PHE B 469 -29.21 -7.83 -13.73
CA PHE B 469 -27.99 -7.44 -14.42
C PHE B 469 -26.73 -8.03 -13.81
N ILE B 470 -26.85 -8.84 -12.76
CA ILE B 470 -25.69 -9.42 -12.09
C ILE B 470 -24.90 -10.35 -13.02
N PRO B 471 -25.52 -10.97 -14.04
CA PRO B 471 -24.69 -11.75 -14.98
C PRO B 471 -23.72 -10.92 -15.79
N ILE B 472 -23.82 -9.58 -15.73
CA ILE B 472 -22.90 -8.72 -16.47
C ILE B 472 -21.79 -8.25 -15.54
N PHE B 473 -22.05 -8.25 -14.22
CA PHE B 473 -20.94 -8.13 -13.28
C PHE B 473 -20.19 -9.44 -13.17
N THR B 474 -20.84 -10.55 -13.47
CA THR B 474 -20.21 -11.87 -13.40
C THR B 474 -18.95 -11.92 -14.25
N LEU B 475 -19.12 -11.76 -15.57
CA LEU B 475 -17.99 -11.89 -16.48
C LEU B 475 -16.91 -10.87 -16.13
N GLU B 476 -15.67 -11.34 -16.08
CA GLU B 476 -14.52 -10.51 -15.64
C GLU B 476 -13.37 -10.65 -16.65
N GLY B 477 -12.31 -9.87 -16.55
CA GLY B 477 -11.29 -10.04 -17.58
C GLY B 477 -11.31 -8.83 -18.44
N GLN B 478 -11.15 -8.95 -19.73
CA GLN B 478 -11.21 -7.74 -20.59
C GLN B 478 -12.67 -7.42 -20.88
N GLU B 479 -13.53 -8.43 -20.90
CA GLU B 479 -14.97 -8.21 -21.18
C GLU B 479 -15.56 -7.43 -20.01
N GLY B 480 -15.23 -7.82 -18.80
CA GLY B 480 -15.73 -7.15 -17.59
C GLY B 480 -15.16 -5.76 -17.51
N ARG B 481 -13.93 -5.62 -17.90
CA ARG B 481 -13.23 -4.32 -17.89
C ARG B 481 -13.90 -3.37 -18.88
N LEU B 482 -14.48 -3.85 -19.98
CA LEU B 482 -15.00 -2.92 -20.96
C LEU B 482 -16.51 -2.70 -20.78
N PHE B 483 -17.24 -3.76 -20.44
CA PHE B 483 -18.69 -3.69 -20.32
C PHE B 483 -19.17 -3.47 -18.89
N GLY B 484 -18.27 -3.50 -17.91
CA GLY B 484 -18.65 -3.31 -16.52
C GLY B 484 -19.40 -2.02 -16.27
N PRO B 485 -18.75 -0.88 -16.54
CA PRO B 485 -19.38 0.41 -16.24
C PRO B 485 -20.80 0.54 -16.79
N LEU B 486 -21.07 -0.02 -17.97
CA LEU B 486 -22.40 0.07 -18.54
C LEU B 486 -23.43 -0.62 -17.65
N ALA B 487 -23.18 -1.87 -17.30
CA ALA B 487 -24.11 -2.60 -16.43
C ALA B 487 -24.22 -1.93 -15.07
N PHE B 488 -23.10 -1.41 -14.55
CA PHE B 488 -23.14 -0.77 -13.24
C PHE B 488 -24.01 0.47 -13.26
N THR B 489 -23.84 1.34 -14.26
CA THR B 489 -24.65 2.53 -14.33
C THR B 489 -26.12 2.18 -14.55
N LYS B 490 -26.40 1.16 -15.37
CA LYS B 490 -27.78 0.75 -15.56
C LYS B 490 -28.39 0.28 -14.25
N THR B 491 -27.68 -0.58 -13.51
CA THR B 491 -28.22 -1.11 -12.27
C THR B 491 -28.46 -0.01 -11.24
N TYR B 492 -27.49 0.89 -11.08
CA TYR B 492 -27.65 1.97 -10.11
C TYR B 492 -28.78 2.91 -10.52
N ALA B 493 -28.92 3.18 -11.82
CA ALA B 493 -30.01 4.03 -12.28
C ALA B 493 -31.36 3.37 -11.99
N MET B 494 -31.48 2.06 -12.21
CA MET B 494 -32.74 1.40 -11.93
C MET B 494 -33.04 1.36 -10.44
N ALA B 495 -32.01 1.20 -9.60
CA ALA B 495 -32.25 1.23 -8.16
C ALA B 495 -32.72 2.61 -7.70
N GLY B 496 -32.05 3.66 -8.18
CA GLY B 496 -32.51 5.00 -7.88
C GLY B 496 -33.92 5.25 -8.37
N ALA B 497 -34.25 4.72 -9.55
CA ALA B 497 -35.60 4.87 -10.08
C ALA B 497 -36.62 4.17 -9.18
N ALA B 498 -36.27 2.99 -8.68
CA ALA B 498 -37.16 2.31 -7.74
C ALA B 498 -37.41 3.17 -6.51
N LEU B 499 -36.34 3.68 -5.90
CA LEU B 499 -36.49 4.52 -4.72
C LEU B 499 -37.37 5.72 -5.01
N LEU B 500 -37.07 6.45 -6.09
CA LEU B 500 -37.86 7.63 -6.42
C LEU B 500 -39.32 7.26 -6.65
N ALA B 501 -39.59 6.28 -7.50
CA ALA B 501 -40.97 5.84 -7.71
C ALA B 501 -41.67 5.56 -6.41
N ILE B 502 -40.97 4.99 -5.43
CA ILE B 502 -41.57 4.82 -4.12
C ILE B 502 -41.82 6.18 -3.46
N VAL B 503 -40.99 7.18 -3.76
CA VAL B 503 -41.14 8.51 -3.16
C VAL B 503 -41.41 9.57 -4.22
N VAL B 504 -42.14 9.19 -5.27
CA VAL B 504 -42.48 10.11 -6.35
C VAL B 504 -43.92 10.59 -6.18
N ILE B 505 -44.48 10.41 -5.00
CA ILE B 505 -45.89 10.74 -4.73
C ILE B 505 -46.06 12.24 -4.51
N PRO B 506 -45.25 12.89 -3.67
CA PRO B 506 -45.43 14.34 -3.50
C PRO B 506 -45.31 15.11 -4.80
N ILE B 507 -44.38 14.71 -5.69
CA ILE B 507 -44.31 15.36 -6.99
C ILE B 507 -45.56 15.07 -7.82
N LEU B 508 -46.24 13.96 -7.54
CA LEU B 508 -47.47 13.65 -8.25
C LEU B 508 -48.63 14.49 -7.75
N MET B 509 -48.67 14.79 -6.46
CA MET B 509 -49.75 15.60 -5.91
C MET B 509 -49.50 17.10 -6.10
N GLY B 510 -48.24 17.52 -6.26
CA GLY B 510 -47.97 18.93 -6.45
C GLY B 510 -48.47 19.45 -7.78
N TYR B 511 -48.47 18.58 -8.80
CA TYR B 511 -48.93 18.97 -10.13
C TYR B 511 -50.27 18.33 -10.45
N PRO B 524 -62.25 10.86 -27.15
CA PRO B 524 -60.91 11.19 -27.62
C PRO B 524 -60.29 10.09 -28.48
N LEU B 525 -59.00 9.84 -28.31
CA LEU B 525 -58.29 8.78 -29.02
C LEU B 525 -58.30 7.46 -28.28
N ASN B 526 -58.61 7.46 -26.98
CA ASN B 526 -58.56 6.22 -26.21
C ASN B 526 -59.76 5.31 -26.50
N ARG B 527 -60.92 5.90 -26.78
CA ARG B 527 -62.09 5.08 -27.06
C ARG B 527 -61.88 4.24 -28.32
N PHE B 528 -61.15 4.78 -29.30
CA PHE B 528 -60.79 3.98 -30.47
C PHE B 528 -59.94 2.78 -30.06
N LEU B 529 -58.98 3.00 -29.17
CA LEU B 529 -58.12 1.92 -28.71
C LEU B 529 -58.94 0.83 -28.02
N ILE B 530 -59.83 1.22 -27.11
CA ILE B 530 -60.60 0.22 -26.38
C ILE B 530 -61.56 -0.50 -27.30
N ARG B 531 -62.14 0.22 -28.28
CA ARG B 531 -63.05 -0.41 -29.22
C ARG B 531 -62.33 -1.41 -30.11
N VAL B 532 -61.07 -1.14 -30.45
CA VAL B 532 -60.30 -2.09 -31.25
C VAL B 532 -59.79 -3.24 -30.38
N TYR B 533 -59.62 -3.01 -29.08
CA TYR B 533 -59.04 -4.03 -28.22
C TYR B 533 -60.07 -5.04 -27.76
N HIS B 534 -61.28 -4.58 -27.43
CA HIS B 534 -62.25 -5.45 -26.77
C HIS B 534 -62.68 -6.62 -27.64
N PRO B 535 -63.11 -6.46 -28.90
CA PRO B 535 -63.50 -7.64 -29.68
C PRO B 535 -62.35 -8.61 -29.87
N LEU B 536 -61.13 -8.12 -30.07
CA LEU B 536 -59.99 -9.01 -30.19
C LEU B 536 -59.78 -9.83 -28.92
N LEU B 537 -59.91 -9.19 -27.76
CA LEU B 537 -59.81 -9.93 -26.51
C LEU B 537 -60.89 -10.99 -26.42
N LEU B 538 -62.14 -10.61 -26.66
CA LEU B 538 -63.22 -11.59 -26.61
C LEU B 538 -62.96 -12.76 -27.55
N LYS B 539 -62.38 -12.50 -28.72
CA LYS B 539 -62.07 -13.59 -29.64
C LYS B 539 -60.89 -14.43 -29.16
N VAL B 540 -59.99 -13.84 -28.38
CA VAL B 540 -58.83 -14.58 -27.89
C VAL B 540 -59.19 -15.43 -26.69
N LEU B 541 -60.03 -14.90 -25.79
CA LEU B 541 -60.42 -15.67 -24.60
C LEU B 541 -61.17 -16.94 -24.97
N HIS B 542 -61.86 -16.94 -26.10
CA HIS B 542 -62.60 -18.13 -26.53
C HIS B 542 -61.69 -19.20 -27.11
N TRP B 543 -60.43 -18.90 -27.36
CA TRP B 543 -59.45 -19.86 -27.87
C TRP B 543 -58.14 -19.68 -27.13
N PRO B 544 -58.10 -20.03 -25.84
CA PRO B 544 -56.85 -19.84 -25.09
C PRO B 544 -55.76 -20.82 -25.50
N LYS B 545 -56.10 -22.10 -25.64
CA LYS B 545 -55.10 -23.09 -26.03
C LYS B 545 -54.50 -22.75 -27.38
N THR B 546 -55.32 -22.28 -28.31
CA THR B 546 -54.81 -21.87 -29.62
C THR B 546 -53.83 -20.72 -29.49
N THR B 547 -54.13 -19.76 -28.61
CA THR B 547 -53.22 -18.63 -28.41
C THR B 547 -51.89 -19.09 -27.84
N LEU B 548 -51.92 -19.96 -26.82
CA LEU B 548 -50.67 -20.48 -26.28
C LEU B 548 -49.91 -21.28 -27.33
N LEU B 549 -50.62 -22.01 -28.17
CA LEU B 549 -49.97 -22.78 -29.23
C LEU B 549 -49.26 -21.86 -30.21
N VAL B 550 -49.92 -20.79 -30.64
CA VAL B 550 -49.28 -19.84 -31.55
C VAL B 550 -48.10 -19.16 -30.88
N ALA B 551 -48.21 -18.86 -29.59
CA ALA B 551 -47.08 -18.26 -28.87
C ALA B 551 -45.88 -19.20 -28.88
N ALA B 552 -46.10 -20.48 -28.57
CA ALA B 552 -45.01 -21.44 -28.61
C ALA B 552 -44.46 -21.59 -30.02
N LEU B 553 -45.34 -21.54 -31.02
CA LEU B 553 -44.88 -21.65 -32.40
C LEU B 553 -43.96 -20.49 -32.77
N SER B 554 -44.29 -19.28 -32.32
CA SER B 554 -43.42 -18.14 -32.58
C SER B 554 -42.10 -18.28 -31.83
N VAL B 555 -42.17 -18.70 -30.55
CA VAL B 555 -40.95 -18.88 -29.77
C VAL B 555 -40.04 -19.91 -30.43
N LEU B 556 -40.62 -20.90 -31.11
CA LEU B 556 -39.81 -21.89 -31.81
C LEU B 556 -39.26 -21.33 -33.12
N THR B 557 -40.11 -20.63 -33.89
CA THR B 557 -39.67 -20.05 -35.15
C THR B 557 -38.53 -19.08 -34.94
N VAL B 558 -38.44 -18.48 -33.76
CA VAL B 558 -37.35 -17.54 -33.48
C VAL B 558 -35.97 -18.17 -33.57
N LEU B 559 -35.89 -19.49 -33.69
CA LEU B 559 -34.60 -20.16 -33.75
C LEU B 559 -33.92 -20.02 -35.10
N TRP B 560 -34.56 -19.36 -36.08
CA TRP B 560 -33.95 -19.26 -37.40
C TRP B 560 -32.86 -18.20 -37.44
N PRO B 561 -33.11 -16.96 -37.01
CA PRO B 561 -32.04 -15.93 -37.12
C PRO B 561 -30.90 -16.14 -36.14
N LEU B 562 -31.16 -16.75 -34.98
CA LEU B 562 -30.11 -16.95 -34.00
C LEU B 562 -28.90 -17.63 -34.61
N ASN B 563 -29.12 -18.72 -35.35
CA ASN B 563 -28.03 -19.47 -35.97
C ASN B 563 -27.54 -18.85 -37.27
N LYS B 564 -28.23 -17.83 -37.76
CA LYS B 564 -27.86 -17.12 -39.01
C LYS B 564 -27.14 -15.81 -38.67
N VAL B 565 -26.93 -15.51 -37.40
CA VAL B 565 -26.25 -14.24 -36.99
C VAL B 565 -24.95 -14.58 -36.25
N GLY B 566 -23.83 -13.98 -36.64
CA GLY B 566 -22.53 -14.24 -35.98
C GLY B 566 -22.40 -13.47 -34.68
N GLY B 567 -21.45 -13.84 -33.82
CA GLY B 567 -21.26 -13.14 -32.54
C GLY B 567 -20.00 -12.28 -32.56
N GLU B 568 -20.09 -10.99 -32.26
CA GLU B 568 -18.92 -10.07 -32.28
C GLU B 568 -18.84 -9.31 -30.96
N PHE B 569 -17.61 -9.23 -30.46
CA PHE B 569 -17.19 -8.67 -29.16
C PHE B 569 -17.41 -7.16 -29.04
N LEU B 570 -17.08 -6.39 -30.06
CA LEU B 570 -17.23 -4.92 -29.98
C LEU B 570 -17.95 -4.41 -31.22
N PRO B 571 -18.61 -3.28 -31.14
CA PRO B 571 -18.92 -2.84 -32.49
C PRO B 571 -17.66 -2.08 -32.98
N GLN B 572 -17.60 -1.66 -34.23
CA GLN B 572 -16.43 -0.82 -34.62
C GLN B 572 -16.83 0.60 -34.25
N ILE B 573 -16.24 1.28 -33.27
CA ILE B 573 -16.74 2.67 -33.02
C ILE B 573 -15.80 3.58 -33.80
N ASN B 574 -16.32 4.45 -34.66
CA ASN B 574 -15.43 5.32 -35.47
C ASN B 574 -15.06 6.58 -34.68
N GLU B 575 -13.95 7.20 -35.01
CA GLU B 575 -13.47 8.48 -34.42
C GLU B 575 -13.32 9.49 -35.56
N GLY B 576 -13.21 10.76 -35.31
CA GLY B 576 -13.18 11.71 -36.44
C GLY B 576 -11.89 11.64 -37.22
N ASP B 577 -10.93 10.87 -36.76
CA ASP B 577 -9.61 10.78 -37.37
C ASP B 577 -9.36 9.37 -37.88
N LEU B 578 -8.27 9.22 -38.64
CA LEU B 578 -7.85 7.93 -39.16
C LEU B 578 -6.35 7.77 -38.90
N LEU B 579 -5.90 6.52 -38.96
CA LEU B 579 -4.49 6.19 -38.84
C LEU B 579 -4.12 5.23 -39.95
N TYR B 580 -3.17 5.64 -40.79
CA TYR B 580 -2.66 4.83 -41.88
C TYR B 580 -1.41 4.11 -41.42
N MET B 581 -1.38 2.78 -41.50
CA MET B 581 -0.17 2.01 -41.14
C MET B 581 0.06 0.90 -42.17
N PRO B 582 1.09 0.99 -43.03
CA PRO B 582 1.38 -0.05 -44.02
C PRO B 582 2.28 -1.14 -43.46
N SER B 583 1.97 -2.39 -43.80
CA SER B 583 2.89 -3.49 -43.55
C SER B 583 4.02 -3.43 -44.57
N THR B 584 5.26 -3.52 -44.07
CA THR B 584 6.47 -3.29 -44.85
C THR B 584 7.45 -4.42 -44.60
N LEU B 585 8.68 -4.24 -45.11
CA LEU B 585 9.77 -5.18 -44.90
C LEU B 585 10.86 -4.54 -44.04
N PRO B 586 11.73 -5.35 -43.42
CA PRO B 586 12.71 -4.79 -42.47
C PRO B 586 13.72 -3.86 -43.12
N GLY B 587 14.34 -4.30 -44.21
CA GLY B 587 15.43 -3.56 -44.81
C GLY B 587 14.98 -2.19 -45.28
N ILE B 588 15.57 -1.12 -44.72
CA ILE B 588 15.26 0.23 -45.14
C ILE B 588 16.36 1.14 -44.61
N SER B 589 16.68 2.18 -45.37
CA SER B 589 17.67 3.17 -44.98
C SER B 589 16.97 4.35 -44.31
N ALA B 590 17.72 5.42 -44.03
CA ALA B 590 17.17 6.60 -43.37
C ALA B 590 16.67 7.65 -44.35
N ALA B 591 17.24 7.72 -45.55
CA ALA B 591 16.77 8.68 -46.54
C ALA B 591 15.59 8.13 -47.33
N GLU B 592 15.64 6.85 -47.71
CA GLU B 592 14.51 6.23 -48.38
C GLU B 592 13.26 6.26 -47.50
N ALA B 593 13.43 6.15 -46.18
CA ALA B 593 12.28 6.25 -45.29
C ALA B 593 11.64 7.63 -45.39
N ALA B 594 12.44 8.69 -45.36
CA ALA B 594 11.89 10.03 -45.49
C ALA B 594 11.22 10.22 -46.84
N SER B 595 11.83 9.69 -47.90
CA SER B 595 11.22 9.80 -49.24
C SER B 595 9.86 9.13 -49.27
N MET B 596 9.78 7.89 -48.77
CA MET B 596 8.51 7.18 -48.76
C MET B 596 7.48 7.91 -47.91
N LEU B 597 7.90 8.44 -46.77
CA LEU B 597 6.97 9.17 -45.91
C LEU B 597 6.41 10.39 -46.63
N GLN B 598 7.27 11.17 -47.27
CA GLN B 598 6.80 12.35 -48.00
C GLN B 598 5.86 11.96 -49.14
N LYS B 599 6.20 10.89 -49.86
CA LYS B 599 5.35 10.46 -50.96
C LYS B 599 3.96 10.06 -50.45
N THR B 600 3.92 9.24 -49.40
CA THR B 600 2.62 8.81 -48.86
C THR B 600 1.82 10.00 -48.34
N ASP B 601 2.48 10.93 -47.66
CA ASP B 601 1.77 12.10 -47.15
C ASP B 601 1.19 12.94 -48.29
N LYS B 602 1.99 13.17 -49.34
CA LYS B 602 1.50 13.95 -50.46
C LYS B 602 0.37 13.24 -51.18
N LEU B 603 0.39 11.91 -51.23
CA LEU B 603 -0.70 11.18 -51.87
C LEU B 603 -1.96 11.23 -51.03
N ILE B 604 -1.84 11.14 -49.71
CA ILE B 604 -3.02 11.18 -48.84
C ILE B 604 -3.63 12.57 -48.86
N MET B 605 -2.81 13.61 -48.86
CA MET B 605 -3.33 14.98 -48.83
C MET B 605 -4.12 15.35 -50.07
N SER B 606 -4.09 14.52 -51.12
CA SER B 606 -4.79 14.85 -52.35
C SER B 606 -6.28 14.59 -52.26
N VAL B 607 -6.74 13.79 -51.30
CA VAL B 607 -8.17 13.51 -51.18
C VAL B 607 -8.88 14.79 -50.75
N PRO B 608 -10.04 15.13 -51.35
CA PRO B 608 -10.67 16.43 -51.04
C PRO B 608 -11.25 16.54 -49.63
N GLU B 609 -11.22 15.47 -48.83
CA GLU B 609 -11.82 15.49 -47.51
C GLU B 609 -10.82 15.59 -46.36
N VAL B 610 -9.58 15.17 -46.57
CA VAL B 610 -8.58 15.24 -45.51
C VAL B 610 -8.17 16.68 -45.30
N ALA B 611 -7.98 17.06 -44.03
CA ALA B 611 -7.62 18.42 -43.66
C ALA B 611 -6.17 18.57 -43.24
N ARG B 612 -5.56 17.52 -42.69
CA ARG B 612 -4.19 17.58 -42.22
C ARG B 612 -3.68 16.17 -41.99
N VAL B 613 -2.45 15.91 -42.42
CA VAL B 613 -1.81 14.61 -42.27
C VAL B 613 -0.48 14.81 -41.55
N PHE B 614 -0.24 13.97 -40.54
CA PHE B 614 0.99 14.01 -39.74
C PHE B 614 1.58 12.61 -39.77
N GLY B 615 2.63 12.42 -40.56
CA GLY B 615 3.25 11.11 -40.67
C GLY B 615 4.45 10.98 -39.75
N LYS B 616 4.74 9.74 -39.35
CA LYS B 616 5.85 9.45 -38.46
C LYS B 616 6.38 8.07 -38.78
N THR B 617 7.65 7.97 -39.14
CA THR B 617 8.32 6.70 -39.38
C THR B 617 9.40 6.53 -38.32
N GLY B 618 9.25 5.52 -37.48
CA GLY B 618 10.14 5.29 -36.36
C GLY B 618 9.44 5.49 -35.04
N LYS B 619 10.25 5.72 -34.01
CA LYS B 619 9.76 5.93 -32.65
C LYS B 619 9.78 7.42 -32.31
N ALA B 620 9.21 7.74 -31.16
CA ALA B 620 9.02 9.13 -30.72
C ALA B 620 9.68 9.35 -29.37
N GLU B 621 10.85 8.73 -29.17
CA GLU B 621 11.64 8.94 -27.96
C GLU B 621 10.80 8.73 -26.70
N THR B 622 10.12 7.59 -26.64
CA THR B 622 9.35 7.22 -25.47
C THR B 622 9.31 5.70 -25.37
N ALA B 623 9.17 5.20 -24.14
CA ALA B 623 9.16 3.75 -23.93
C ALA B 623 7.89 3.10 -24.46
N THR B 624 6.84 3.88 -24.72
CA THR B 624 5.60 3.34 -25.27
C THR B 624 5.65 3.16 -26.77
N ASP B 625 6.57 3.84 -27.46
CA ASP B 625 6.72 3.71 -28.90
C ASP B 625 7.93 2.83 -29.20
N SER B 626 7.72 1.74 -29.93
CA SER B 626 8.77 0.80 -30.27
C SER B 626 8.69 0.42 -31.74
N ALA B 627 8.46 1.40 -32.60
CA ALA B 627 8.33 1.10 -34.02
C ALA B 627 9.69 1.14 -34.71
N PRO B 628 10.01 0.16 -35.56
CA PRO B 628 11.28 0.24 -36.30
C PRO B 628 11.29 1.40 -37.29
N LEU B 629 12.39 1.55 -38.01
CA LEU B 629 12.51 2.65 -38.98
C LEU B 629 11.74 2.38 -40.27
N GLU B 630 11.13 1.21 -40.42
CA GLU B 630 10.31 0.91 -41.59
C GLU B 630 8.82 1.01 -41.33
N MET B 631 8.43 1.05 -40.06
CA MET B 631 6.99 1.13 -39.71
C MET B 631 6.56 2.59 -39.77
N VAL B 632 5.57 2.91 -40.58
CA VAL B 632 5.08 4.30 -40.76
C VAL B 632 3.65 4.41 -40.25
N GLU B 633 3.42 5.34 -39.32
CA GLU B 633 2.08 5.63 -38.74
C GLU B 633 1.64 7.05 -39.10
N THR B 634 0.59 7.29 -39.89
CA THR B 634 0.18 8.62 -40.33
C THR B 634 -1.20 8.93 -39.77
N THR B 635 -1.27 9.97 -38.93
CA THR B 635 -2.54 10.44 -38.41
C THR B 635 -3.18 11.38 -39.43
N ILE B 636 -4.44 11.12 -39.77
CA ILE B 636 -5.16 11.87 -40.79
C ILE B 636 -6.39 12.49 -40.14
N GLN B 637 -6.47 13.82 -40.20
CA GLN B 637 -7.63 14.55 -39.73
C GLN B 637 -8.54 14.87 -40.91
N LEU B 638 -9.84 14.65 -40.72
CA LEU B 638 -10.83 14.83 -41.78
C LEU B 638 -11.61 16.11 -41.55
N LYS B 639 -12.08 16.71 -42.64
CA LYS B 639 -12.88 17.91 -42.56
C LYS B 639 -14.18 17.61 -41.81
N PRO B 640 -14.88 18.65 -41.35
CA PRO B 640 -16.18 18.42 -40.70
C PRO B 640 -17.19 17.87 -41.67
N GLN B 641 -18.11 17.06 -41.14
CA GLN B 641 -19.11 16.40 -41.97
C GLN B 641 -19.93 17.39 -42.80
N GLU B 642 -20.04 18.63 -42.35
CA GLU B 642 -20.83 19.62 -43.08
C GLU B 642 -20.12 20.11 -44.34
N GLN B 643 -18.92 19.62 -44.63
CA GLN B 643 -18.12 20.12 -45.73
C GLN B 643 -17.56 19.02 -46.63
N TRP B 644 -17.77 17.75 -46.30
CA TRP B 644 -17.09 16.68 -47.02
C TRP B 644 -17.46 16.67 -48.50
N ARG B 645 -18.70 16.32 -48.80
CA ARG B 645 -19.19 16.23 -50.18
C ARG B 645 -20.64 15.75 -50.14
N PRO B 646 -21.37 15.81 -51.25
CA PRO B 646 -22.69 15.16 -51.28
C PRO B 646 -22.54 13.66 -51.11
N GLY B 647 -23.01 13.15 -49.97
CA GLY B 647 -22.80 11.75 -49.64
C GLY B 647 -21.41 11.55 -49.07
N MET B 648 -20.68 10.59 -49.64
CA MET B 648 -19.29 10.31 -49.27
C MET B 648 -19.19 9.99 -47.77
N THR B 649 -19.80 8.87 -47.41
CA THR B 649 -19.73 8.39 -46.04
C THR B 649 -18.29 7.96 -45.71
N MET B 650 -18.09 7.54 -44.46
CA MET B 650 -16.75 7.15 -44.02
C MET B 650 -16.22 5.98 -44.84
N ASP B 651 -17.07 5.00 -45.13
CA ASP B 651 -16.61 3.84 -45.90
C ASP B 651 -16.09 4.27 -47.27
N LYS B 652 -16.81 5.18 -47.94
CA LYS B 652 -16.34 5.68 -49.23
C LYS B 652 -15.05 6.47 -49.09
N ILE B 653 -14.89 7.21 -48.00
CA ILE B 653 -13.64 7.93 -47.76
C ILE B 653 -12.47 6.96 -47.67
N ILE B 654 -12.64 5.90 -46.87
CA ILE B 654 -11.55 4.93 -46.71
C ILE B 654 -11.31 4.20 -48.03
N GLU B 655 -12.36 3.95 -48.80
CA GLU B 655 -12.19 3.29 -50.09
C GLU B 655 -11.38 4.14 -51.05
N GLU B 656 -11.71 5.43 -51.14
CA GLU B 656 -10.95 6.33 -52.01
C GLU B 656 -9.51 6.46 -51.52
N LEU B 657 -9.30 6.49 -50.20
CA LEU B 657 -7.95 6.54 -49.66
C LEU B 657 -7.15 5.32 -50.07
N ASP B 658 -7.75 4.13 -49.92
CA ASP B 658 -7.06 2.90 -50.30
C ASP B 658 -6.77 2.86 -51.80
N ASN B 659 -7.69 3.39 -52.61
CA ASN B 659 -7.49 3.37 -54.05
C ASN B 659 -6.50 4.43 -54.53
N THR B 660 -6.27 5.48 -53.74
CA THR B 660 -5.33 6.53 -54.15
C THR B 660 -3.90 6.14 -53.80
N VAL B 661 -3.64 5.87 -52.52
CA VAL B 661 -2.29 5.53 -52.06
C VAL B 661 -1.95 4.12 -52.49
N ARG B 662 -1.03 4.00 -53.45
CA ARG B 662 -0.56 2.69 -53.92
C ARG B 662 0.91 2.81 -54.26
N LEU B 663 1.76 2.19 -53.45
CA LEU B 663 3.20 2.15 -53.69
C LEU B 663 3.70 0.73 -53.50
N PRO B 664 4.70 0.30 -54.28
CA PRO B 664 5.19 -1.07 -54.14
C PRO B 664 5.90 -1.27 -52.81
N GLY B 665 5.58 -2.38 -52.15
CA GLY B 665 6.19 -2.74 -50.89
C GLY B 665 5.39 -2.36 -49.67
N LEU B 666 4.14 -1.92 -49.82
CA LEU B 666 3.29 -1.54 -48.71
C LEU B 666 1.99 -2.33 -48.77
N ALA B 667 1.50 -2.76 -47.61
CA ALA B 667 0.15 -3.33 -47.49
C ALA B 667 -0.65 -2.42 -46.57
N ASN B 668 -1.57 -1.65 -47.16
CA ASN B 668 -2.23 -0.59 -46.42
C ASN B 668 -3.13 -1.14 -45.32
N LEU B 669 -3.22 -0.40 -44.21
CA LEU B 669 -4.21 -0.64 -43.18
C LEU B 669 -4.70 0.71 -42.69
N TRP B 670 -6.02 0.86 -42.55
CA TRP B 670 -6.64 2.08 -42.08
C TRP B 670 -7.42 1.77 -40.82
N VAL B 671 -6.96 2.31 -39.69
CA VAL B 671 -7.56 1.97 -38.40
C VAL B 671 -7.88 3.25 -37.63
N PRO B 672 -8.50 3.17 -36.45
CA PRO B 672 -8.60 4.34 -35.59
C PRO B 672 -7.30 4.56 -34.85
N PRO B 673 -6.99 5.80 -34.47
CA PRO B 673 -5.72 6.05 -33.76
C PRO B 673 -5.64 5.34 -32.42
N ILE B 674 -6.74 5.39 -31.65
CA ILE B 674 -6.71 4.83 -30.30
C ILE B 674 -6.59 3.31 -30.36
N ARG B 675 -7.34 2.70 -31.27
CA ARG B 675 -7.32 1.22 -31.44
C ARG B 675 -5.90 0.82 -31.88
N ASN B 676 -5.30 1.62 -32.77
CA ASN B 676 -3.96 1.33 -33.26
C ASN B 676 -2.95 1.39 -32.12
N ARG B 677 -3.04 2.41 -31.26
CA ARG B 677 -2.13 2.51 -30.14
C ARG B 677 -2.30 1.35 -29.18
N ILE B 678 -3.55 0.98 -28.89
CA ILE B 678 -3.79 -0.14 -27.98
C ILE B 678 -3.21 -1.42 -28.56
N ASP B 679 -3.36 -1.63 -29.87
CA ASP B 679 -2.81 -2.84 -30.48
C ASP B 679 -1.29 -2.81 -30.50
N MET B 680 -0.70 -1.64 -30.67
CA MET B 680 0.79 -1.50 -30.67
C MET B 680 1.32 -1.81 -29.27
N LEU B 681 0.69 -1.31 -28.21
CA LEU B 681 1.13 -1.62 -26.85
C LEU B 681 0.80 -3.04 -26.44
N SER B 682 -0.19 -3.67 -27.05
CA SER B 682 -0.60 -5.02 -26.71
C SER B 682 0.41 -6.01 -27.30
N THR B 683 1.35 -6.45 -26.47
CA THR B 683 2.41 -7.36 -26.91
C THR B 683 2.04 -8.81 -26.58
N GLY B 684 0.90 -9.24 -27.11
CA GLY B 684 0.42 -10.59 -26.89
C GLY B 684 0.31 -11.39 -28.17
N ILE B 685 -0.54 -12.42 -28.16
CA ILE B 685 -0.77 -13.26 -29.33
C ILE B 685 -2.14 -12.93 -29.88
N LYS B 686 -2.20 -12.67 -31.19
CA LYS B 686 -3.44 -12.26 -31.84
C LYS B 686 -4.18 -13.42 -32.48
N SER B 687 -3.46 -14.42 -33.00
CA SER B 687 -4.10 -15.55 -33.64
C SER B 687 -4.96 -16.32 -32.63
N PRO B 688 -6.02 -16.97 -33.10
CA PRO B 688 -6.86 -17.74 -32.16
C PRO B 688 -6.08 -18.76 -31.35
N ILE B 689 -5.24 -19.56 -31.99
CA ILE B 689 -4.45 -20.58 -31.32
C ILE B 689 -2.97 -20.30 -31.57
N GLY B 690 -2.15 -20.50 -30.54
CA GLY B 690 -0.74 -20.25 -30.64
C GLY B 690 0.08 -21.35 -29.97
N ILE B 691 1.07 -21.85 -30.68
CA ILE B 691 1.97 -22.89 -30.17
C ILE B 691 3.31 -22.24 -29.92
N LYS B 692 3.73 -22.23 -28.66
CA LYS B 692 5.00 -21.65 -28.24
C LYS B 692 6.01 -22.77 -28.02
N VAL B 693 7.08 -22.79 -28.79
CA VAL B 693 8.16 -23.77 -28.63
C VAL B 693 9.37 -23.03 -28.07
N SER B 694 9.74 -23.39 -26.84
CA SER B 694 10.84 -22.74 -26.14
C SER B 694 12.03 -23.68 -26.07
N GLY B 695 13.23 -23.10 -26.06
CA GLY B 695 14.43 -23.90 -26.02
C GLY B 695 15.59 -23.12 -25.43
N THR B 696 16.79 -23.68 -25.60
CA THR B 696 18.00 -23.06 -25.10
C THR B 696 18.74 -22.27 -26.18
N VAL B 697 18.53 -22.61 -27.46
CA VAL B 697 19.12 -21.88 -28.57
C VAL B 697 18.07 -21.72 -29.66
N LEU B 698 18.35 -20.82 -30.60
CA LEU B 698 17.38 -20.49 -31.63
C LEU B 698 17.29 -21.54 -32.72
N ALA B 699 18.42 -22.16 -33.09
CA ALA B 699 18.42 -23.09 -34.21
C ALA B 699 17.53 -24.29 -33.93
N ASP B 700 17.63 -24.86 -32.74
CA ASP B 700 16.84 -26.05 -32.41
C ASP B 700 15.35 -25.74 -32.45
N ILE B 701 14.93 -24.64 -31.81
CA ILE B 701 13.51 -24.33 -31.78
C ILE B 701 12.99 -23.98 -33.17
N ASP B 702 13.82 -23.34 -34.00
CA ASP B 702 13.41 -23.05 -35.37
C ASP B 702 13.20 -24.34 -36.16
N ALA B 703 14.19 -25.24 -36.13
CA ALA B 703 14.06 -26.51 -36.83
C ALA B 703 12.91 -27.34 -36.27
N MET B 704 12.56 -27.14 -35.01
CA MET B 704 11.45 -27.86 -34.42
C MET B 704 10.12 -27.33 -34.91
N ALA B 705 9.93 -26.01 -34.84
CA ALA B 705 8.70 -25.40 -35.36
C ALA B 705 8.52 -25.67 -36.85
N GLU B 706 9.63 -25.81 -37.60
CA GLU B 706 9.51 -26.09 -39.02
C GLU B 706 8.70 -27.35 -39.29
N GLN B 707 8.73 -28.32 -38.36
CA GLN B 707 7.95 -29.54 -38.50
C GLN B 707 6.54 -29.39 -37.95
N ILE B 708 6.41 -28.79 -36.76
CA ILE B 708 5.10 -28.57 -36.17
C ILE B 708 4.20 -27.80 -37.14
N GLU B 709 4.80 -26.96 -37.99
CA GLU B 709 4.01 -26.23 -38.98
C GLU B 709 3.13 -27.19 -39.79
N GLU B 710 3.76 -28.12 -40.50
CA GLU B 710 2.98 -29.04 -41.33
C GLU B 710 2.21 -30.04 -40.46
N VAL B 711 2.78 -30.43 -39.32
CA VAL B 711 2.09 -31.40 -38.46
C VAL B 711 0.74 -30.84 -38.02
N ALA B 712 0.65 -29.52 -37.85
CA ALA B 712 -0.62 -28.88 -37.53
C ALA B 712 -1.42 -28.52 -38.77
N ARG B 713 -0.75 -28.28 -39.91
CA ARG B 713 -1.47 -28.02 -41.15
C ARG B 713 -2.16 -29.27 -41.69
N THR B 714 -1.80 -30.46 -41.20
CA THR B 714 -2.38 -31.68 -41.72
C THR B 714 -3.71 -32.03 -41.05
N VAL B 715 -3.85 -31.64 -39.78
CA VAL B 715 -5.03 -31.99 -38.93
C VAL B 715 -6.29 -31.26 -39.39
N PRO B 716 -7.48 -31.81 -39.06
CA PRO B 716 -8.83 -31.34 -39.42
C PRO B 716 -8.99 -29.81 -39.40
N GLY B 717 -8.48 -29.12 -38.39
CA GLY B 717 -8.46 -27.63 -38.35
C GLY B 717 -7.17 -27.19 -39.02
N VAL B 718 -7.18 -27.22 -40.34
CA VAL B 718 -6.01 -26.99 -41.23
C VAL B 718 -6.05 -25.59 -41.84
N ALA B 719 -6.76 -24.65 -41.24
CA ALA B 719 -6.91 -23.34 -41.88
C ALA B 719 -5.53 -22.68 -42.07
N SER B 720 -4.64 -22.65 -41.08
CA SER B 720 -3.30 -22.03 -41.27
C SER B 720 -2.27 -22.61 -40.29
N ALA B 721 -0.96 -22.53 -40.63
CA ALA B 721 0.17 -22.94 -39.77
C ALA B 721 1.47 -22.21 -40.19
N LEU B 722 1.64 -20.92 -39.97
CA LEU B 722 2.83 -20.19 -40.41
C LEU B 722 3.76 -20.00 -39.21
N ALA B 723 5.01 -20.39 -39.29
CA ALA B 723 5.94 -20.15 -38.17
C ALA B 723 6.53 -18.76 -38.38
N GLU B 724 6.42 -17.85 -37.43
CA GLU B 724 6.93 -16.48 -37.71
C GLU B 724 8.46 -16.54 -37.76
N ARG B 725 9.03 -16.20 -38.90
CA ARG B 725 10.49 -16.12 -39.05
C ARG B 725 10.77 -14.62 -39.19
N LEU B 726 11.41 -14.00 -38.21
CA LEU B 726 11.65 -12.54 -38.29
C LEU B 726 12.95 -12.41 -39.08
N GLU B 727 13.36 -13.56 -39.59
CA GLU B 727 14.63 -13.64 -40.32
C GLU B 727 14.53 -12.76 -41.56
N GLY B 728 14.98 -11.51 -41.44
CA GLY B 728 14.87 -10.57 -42.54
C GLY B 728 15.99 -9.56 -42.59
N GLY B 729 17.01 -9.73 -41.74
CA GLY B 729 18.07 -8.75 -41.64
C GLY B 729 19.28 -9.11 -42.49
N ARG B 730 20.11 -8.10 -42.73
CA ARG B 730 21.35 -8.26 -43.48
C ARG B 730 22.52 -7.83 -42.60
N TYR B 731 23.56 -8.65 -42.57
CA TYR B 731 24.70 -8.44 -41.70
C TYR B 731 25.98 -8.37 -42.52
N ILE B 732 27.02 -7.80 -41.89
CA ILE B 732 28.37 -7.81 -42.43
C ILE B 732 29.27 -8.33 -41.31
N ASN B 733 29.51 -9.64 -41.30
CA ASN B 733 30.26 -10.26 -40.21
C ASN B 733 31.76 -10.12 -40.49
N VAL B 734 32.45 -9.44 -39.60
CA VAL B 734 33.91 -9.34 -39.63
C VAL B 734 34.44 -10.36 -38.63
N GLU B 735 34.69 -11.57 -39.11
CA GLU B 735 35.14 -12.68 -38.26
C GLU B 735 36.61 -12.45 -37.94
N ILE B 736 36.90 -12.12 -36.69
CA ILE B 736 38.26 -11.87 -36.26
C ILE B 736 38.97 -13.20 -36.03
N ASN B 737 40.20 -13.31 -36.52
CA ASN B 737 41.01 -14.50 -36.34
C ASN B 737 42.01 -14.25 -35.22
N ARG B 738 41.95 -15.08 -34.18
CA ARG B 738 42.80 -14.86 -33.01
C ARG B 738 44.27 -15.04 -33.36
N GLU B 739 44.59 -15.97 -34.26
CA GLU B 739 45.98 -16.22 -34.60
C GLU B 739 46.57 -15.04 -35.36
N LYS B 740 45.96 -14.65 -36.48
CA LYS B 740 46.47 -13.55 -37.27
C LYS B 740 46.41 -12.22 -36.51
N ALA B 741 45.56 -12.12 -35.50
CA ALA B 741 45.53 -10.91 -34.67
C ALA B 741 46.66 -10.93 -33.64
N ALA B 742 46.94 -12.09 -33.05
CA ALA B 742 48.05 -12.22 -32.13
C ALA B 742 49.40 -12.09 -32.84
N ARG B 743 49.43 -12.34 -34.15
CA ARG B 743 50.70 -12.20 -34.88
C ARG B 743 51.24 -10.79 -34.80
N TYR B 744 50.37 -9.79 -34.62
CA TYR B 744 50.76 -8.40 -34.50
C TYR B 744 50.66 -7.89 -33.06
N GLY B 745 50.49 -8.78 -32.09
CA GLY B 745 50.37 -8.36 -30.71
C GLY B 745 49.08 -7.65 -30.39
N MET B 746 48.02 -7.93 -31.14
CA MET B 746 46.72 -7.29 -30.96
C MET B 746 45.71 -8.33 -30.49
N THR B 747 45.11 -8.08 -29.32
CA THR B 747 44.03 -8.93 -28.84
C THR B 747 42.77 -8.67 -29.65
N VAL B 748 41.69 -9.37 -29.30
CA VAL B 748 40.43 -9.16 -29.98
C VAL B 748 39.88 -7.77 -29.69
N ALA B 749 39.96 -7.33 -28.43
CA ALA B 749 39.47 -6.00 -28.08
C ALA B 749 40.19 -4.91 -28.86
N ASP B 750 41.46 -5.14 -29.21
CA ASP B 750 42.21 -4.13 -29.97
C ASP B 750 41.61 -3.92 -31.35
N VAL B 751 41.05 -4.97 -31.95
CA VAL B 751 40.40 -4.82 -33.25
C VAL B 751 38.97 -4.32 -33.09
N GLN B 752 38.28 -4.77 -32.03
CA GLN B 752 36.94 -4.29 -31.78
C GLN B 752 36.92 -2.80 -31.46
N LEU B 753 38.02 -2.25 -30.95
CA LEU B 753 38.08 -0.81 -30.73
C LEU B 753 38.03 -0.05 -32.04
N PHE B 754 38.67 -0.59 -33.09
CA PHE B 754 38.55 0.02 -34.41
C PHE B 754 37.18 -0.23 -35.02
N VAL B 755 36.61 -1.41 -34.77
CA VAL B 755 35.30 -1.73 -35.33
C VAL B 755 34.23 -0.79 -34.79
N THR B 756 34.22 -0.57 -33.47
CA THR B 756 33.17 0.23 -32.85
C THR B 756 33.43 1.73 -32.94
N SER B 757 34.70 2.15 -32.89
CA SER B 757 35.03 3.57 -32.86
C SER B 757 35.28 4.15 -34.25
N ALA B 758 36.20 3.56 -35.02
CA ALA B 758 36.52 4.10 -36.33
C ALA B 758 35.35 3.94 -37.30
N VAL B 759 34.68 2.79 -37.27
CA VAL B 759 33.58 2.52 -38.18
C VAL B 759 32.24 2.83 -37.55
N GLY B 760 32.05 2.48 -36.28
CA GLY B 760 30.77 2.68 -35.64
C GLY B 760 30.47 4.14 -35.37
N GLY B 761 31.39 4.83 -34.70
CA GLY B 761 31.18 6.21 -34.35
C GLY B 761 30.41 6.36 -33.05
N ALA B 762 30.94 5.76 -31.98
CA ALA B 762 30.24 5.77 -30.70
C ALA B 762 30.49 7.09 -29.97
N MET B 763 29.57 7.42 -29.07
CA MET B 763 29.68 8.65 -28.30
C MET B 763 30.87 8.56 -27.34
N VAL B 764 31.58 9.67 -27.19
CA VAL B 764 32.79 9.71 -26.36
C VAL B 764 32.75 10.89 -25.41
N GLY B 765 31.58 11.49 -25.24
CA GLY B 765 31.45 12.61 -24.34
C GLY B 765 30.27 13.47 -24.74
N GLU B 766 30.02 14.49 -23.91
CA GLU B 766 28.89 15.39 -24.12
C GLU B 766 29.29 16.80 -23.73
N THR B 767 29.04 17.74 -24.64
CA THR B 767 29.26 19.16 -24.38
C THR B 767 28.05 19.75 -23.68
N VAL B 768 28.31 20.55 -22.64
CA VAL B 768 27.28 21.17 -21.83
C VAL B 768 27.13 22.61 -22.28
N GLU B 769 25.90 23.02 -22.60
CA GLU B 769 25.60 24.35 -23.11
C GLU B 769 24.48 24.98 -22.29
N GLY B 770 24.63 24.92 -20.96
CA GLY B 770 23.60 25.40 -20.07
C GLY B 770 22.87 24.24 -19.41
N ILE B 771 21.59 24.08 -19.74
CA ILE B 771 20.86 22.88 -19.33
C ILE B 771 20.89 21.79 -20.40
N ALA B 772 21.35 22.10 -21.60
CA ALA B 772 21.39 21.13 -22.69
C ALA B 772 22.64 20.27 -22.59
N ARG B 773 22.69 19.25 -23.46
CA ARG B 773 23.82 18.34 -23.49
C ARG B 773 23.86 17.71 -24.88
N TYR B 774 24.93 17.97 -25.63
CA TYR B 774 25.02 17.48 -27.00
C TYR B 774 26.16 16.50 -27.14
N PRO B 775 25.95 15.36 -27.82
CA PRO B 775 26.96 14.31 -27.85
C PRO B 775 28.15 14.68 -28.73
N ILE B 776 29.23 13.93 -28.53
CA ILE B 776 30.44 14.04 -29.34
C ILE B 776 30.68 12.71 -30.04
N ASN B 777 31.26 12.77 -31.23
CA ASN B 777 31.48 11.60 -32.06
C ASN B 777 32.96 11.42 -32.35
N LEU B 778 33.29 10.24 -32.87
CA LEU B 778 34.66 9.92 -33.29
C LEU B 778 34.56 8.83 -34.33
N ARG B 779 34.90 9.16 -35.58
CA ARG B 779 34.66 8.26 -36.69
C ARG B 779 35.67 8.55 -37.80
N TYR B 780 35.86 7.55 -38.66
CA TYR B 780 36.67 7.72 -39.85
C TYR B 780 35.86 8.46 -40.91
N PRO B 781 36.51 8.90 -42.00
CA PRO B 781 35.75 9.54 -43.08
C PRO B 781 34.84 8.53 -43.76
N GLN B 782 33.86 9.06 -44.50
CA GLN B 782 32.92 8.21 -45.21
C GLN B 782 33.61 7.33 -46.24
N SER B 783 34.71 7.82 -46.82
CA SER B 783 35.36 7.09 -47.90
C SER B 783 35.96 5.77 -47.44
N TRP B 784 36.27 5.63 -46.14
CA TRP B 784 36.94 4.44 -45.63
C TRP B 784 35.96 3.43 -45.03
N ARG B 785 34.67 3.74 -44.97
CA ARG B 785 33.67 2.83 -44.41
C ARG B 785 32.41 2.83 -45.27
N ASP B 786 32.60 2.75 -46.59
CA ASP B 786 31.46 2.81 -47.51
C ASP B 786 30.85 1.43 -47.74
N SER B 787 31.69 0.43 -48.05
CA SER B 787 31.20 -0.88 -48.43
C SER B 787 32.11 -1.96 -47.86
N PRO B 788 31.72 -3.24 -47.94
CA PRO B 788 32.60 -4.31 -47.44
C PRO B 788 33.99 -4.28 -48.06
N GLN B 789 34.10 -3.96 -49.34
CA GLN B 789 35.41 -3.85 -49.95
C GLN B 789 36.22 -2.71 -49.34
N ALA B 790 35.54 -1.71 -48.77
CA ALA B 790 36.24 -0.64 -48.06
C ALA B 790 36.61 -1.06 -46.64
N LEU B 791 35.81 -1.94 -46.03
CA LEU B 791 36.16 -2.46 -44.72
C LEU B 791 37.35 -3.40 -44.79
N ARG B 792 37.45 -4.17 -45.88
CA ARG B 792 38.59 -5.07 -46.06
C ARG B 792 39.92 -4.32 -46.18
N GLN B 793 39.88 -3.00 -46.36
CA GLN B 793 41.08 -2.19 -46.51
C GLN B 793 41.21 -1.14 -45.42
N LEU B 794 40.46 -1.28 -44.33
CA LEU B 794 40.48 -0.31 -43.25
C LEU B 794 41.87 -0.23 -42.64
N PRO B 795 42.53 0.92 -42.65
CA PRO B 795 43.85 1.03 -42.01
C PRO B 795 43.74 0.80 -40.50
N ILE B 796 44.75 0.11 -39.97
CA ILE B 796 44.84 -0.18 -38.54
C ILE B 796 46.27 0.08 -38.09
N LEU B 797 46.41 0.70 -36.93
CA LEU B 797 47.71 1.02 -36.35
C LEU B 797 47.90 0.15 -35.11
N THR B 798 48.77 -0.86 -35.21
CA THR B 798 48.97 -1.78 -34.11
C THR B 798 49.62 -1.07 -32.92
N PRO B 799 49.56 -1.66 -31.74
CA PRO B 799 50.18 -1.03 -30.56
C PRO B 799 51.65 -0.69 -30.76
N MET B 800 52.37 -1.45 -31.59
CA MET B 800 53.77 -1.16 -31.88
C MET B 800 53.95 -0.21 -33.05
N LYS B 801 52.89 0.50 -33.44
CA LYS B 801 52.96 1.49 -34.51
C LYS B 801 53.29 0.84 -35.85
N GLN B 802 52.62 -0.27 -36.14
CA GLN B 802 52.74 -0.95 -37.42
C GLN B 802 51.50 -0.67 -38.26
N GLN B 803 51.70 -0.46 -39.56
CA GLN B 803 50.62 -0.11 -40.47
C GLN B 803 50.14 -1.38 -41.18
N ILE B 804 48.90 -1.76 -40.92
CA ILE B 804 48.26 -2.91 -41.55
C ILE B 804 46.84 -2.53 -41.95
N THR B 805 46.12 -3.49 -42.51
CA THR B 805 44.72 -3.34 -42.86
C THR B 805 43.86 -4.25 -41.99
N LEU B 806 42.56 -4.22 -42.23
CA LEU B 806 41.65 -5.06 -41.46
C LEU B 806 41.59 -6.49 -42.01
N ALA B 807 41.79 -6.67 -43.32
CA ALA B 807 41.78 -8.00 -43.90
C ALA B 807 42.95 -8.85 -43.44
N ASP B 808 43.93 -8.26 -42.77
CA ASP B 808 45.09 -9.01 -42.28
C ASP B 808 44.79 -9.74 -40.97
N VAL B 809 43.70 -9.39 -40.29
CA VAL B 809 43.37 -9.98 -38.99
C VAL B 809 41.93 -10.47 -38.92
N ALA B 810 41.18 -10.44 -40.02
CA ALA B 810 39.79 -10.85 -39.98
C ALA B 810 39.33 -11.21 -41.40
N ASP B 811 38.13 -11.78 -41.47
CA ASP B 811 37.51 -12.14 -42.74
C ASP B 811 36.10 -11.55 -42.76
N ILE B 812 35.83 -10.68 -43.73
CA ILE B 812 34.57 -9.96 -43.83
C ILE B 812 33.67 -10.69 -44.82
N LYS B 813 32.49 -11.08 -44.37
CA LYS B 813 31.49 -11.74 -45.20
C LYS B 813 30.14 -11.05 -45.05
N VAL B 814 29.30 -11.25 -46.04
CA VAL B 814 27.94 -10.69 -46.06
C VAL B 814 26.96 -11.85 -45.94
N SER B 815 25.96 -11.68 -45.08
CA SER B 815 24.96 -12.73 -44.85
C SER B 815 23.69 -12.07 -44.35
N THR B 816 22.68 -12.91 -44.10
CA THR B 816 21.39 -12.47 -43.59
C THR B 816 21.20 -12.97 -42.17
N GLY B 817 20.16 -12.46 -41.51
CA GLY B 817 19.88 -12.83 -40.15
C GLY B 817 18.57 -12.27 -39.63
N PRO B 818 18.41 -12.27 -38.31
CA PRO B 818 17.16 -11.79 -37.72
C PRO B 818 17.09 -10.27 -37.70
N SER B 819 15.86 -9.76 -37.85
CA SER B 819 15.58 -8.34 -37.69
C SER B 819 15.11 -8.00 -36.28
N MET B 820 14.70 -9.00 -35.51
CA MET B 820 14.26 -8.80 -34.14
C MET B 820 14.32 -10.15 -33.43
N LEU B 821 14.63 -10.13 -32.15
CA LEU B 821 14.78 -11.34 -31.35
C LEU B 821 13.74 -11.35 -30.24
N LYS B 822 12.89 -12.37 -30.22
CA LYS B 822 11.86 -12.53 -29.21
C LYS B 822 12.37 -13.45 -28.11
N THR B 823 11.93 -13.18 -26.88
CA THR B 823 12.33 -14.00 -25.74
C THR B 823 11.16 -14.09 -24.77
N GLU B 824 10.63 -15.30 -24.58
CA GLU B 824 9.53 -15.52 -23.66
C GLU B 824 10.06 -16.20 -22.41
N ASN B 825 9.90 -15.54 -21.26
CA ASN B 825 10.33 -16.08 -19.97
C ASN B 825 11.83 -16.36 -19.98
N ALA B 826 12.59 -15.46 -20.60
CA ALA B 826 14.05 -15.52 -20.60
C ALA B 826 14.56 -16.77 -21.31
N ARG B 827 13.91 -17.17 -22.38
CA ARG B 827 14.35 -18.32 -23.17
C ARG B 827 13.98 -18.10 -24.63
N PRO B 828 14.86 -18.48 -25.56
CA PRO B 828 14.51 -18.39 -26.98
C PRO B 828 13.24 -19.15 -27.31
N THR B 829 12.23 -18.42 -27.78
CA THR B 829 10.91 -18.97 -28.04
C THR B 829 10.51 -18.65 -29.48
N SER B 830 9.84 -19.60 -30.12
CA SER B 830 9.30 -19.44 -31.46
C SER B 830 7.81 -19.71 -31.43
N TRP B 831 7.04 -18.83 -32.07
CA TRP B 831 5.59 -18.88 -32.02
C TRP B 831 5.04 -19.38 -33.35
N ILE B 832 3.98 -20.18 -33.29
CA ILE B 832 3.29 -20.70 -34.47
C ILE B 832 1.81 -20.34 -34.33
N TYR B 833 1.23 -19.77 -35.38
CA TYR B 833 -0.14 -19.27 -35.35
C TYR B 833 -1.06 -20.23 -36.09
N ILE B 834 -2.01 -20.82 -35.38
CA ILE B 834 -3.06 -21.65 -35.95
C ILE B 834 -4.37 -20.89 -35.82
N ASP B 835 -5.16 -20.98 -36.88
CA ASP B 835 -6.50 -20.35 -36.99
C ASP B 835 -7.58 -21.38 -37.31
N ALA B 836 -8.68 -21.43 -36.58
CA ALA B 836 -9.79 -22.32 -36.97
C ALA B 836 -11.03 -21.47 -37.25
N ARG B 837 -11.58 -21.49 -38.47
CA ARG B 837 -12.78 -20.67 -38.81
C ARG B 837 -13.94 -21.59 -39.23
N ASP B 838 -15.12 -21.39 -38.63
CA ASP B 838 -16.38 -22.18 -38.81
C ASP B 838 -16.25 -23.51 -38.04
N ARG B 839 -15.37 -23.57 -37.06
CA ARG B 839 -15.10 -24.80 -36.28
C ARG B 839 -14.92 -24.39 -34.79
N ASP B 840 -15.01 -25.31 -33.82
CA ASP B 840 -14.83 -24.93 -32.38
C ASP B 840 -13.41 -25.31 -31.95
N MET B 841 -12.70 -24.40 -31.26
CA MET B 841 -11.26 -24.55 -30.89
C MET B 841 -11.04 -25.39 -29.63
N VAL B 842 -12.04 -25.66 -28.82
CA VAL B 842 -11.84 -26.44 -27.55
C VAL B 842 -11.40 -27.86 -27.90
N SER B 843 -12.01 -28.45 -28.92
CA SER B 843 -11.73 -29.83 -29.41
C SER B 843 -10.44 -29.95 -30.23
N VAL B 844 -10.18 -29.05 -31.16
CA VAL B 844 -9.03 -29.19 -32.05
C VAL B 844 -7.72 -29.12 -31.27
N VAL B 845 -7.71 -28.47 -30.11
CA VAL B 845 -6.46 -28.32 -29.36
C VAL B 845 -5.97 -29.67 -28.87
N HIS B 846 -6.87 -30.52 -28.37
CA HIS B 846 -6.45 -31.83 -27.88
C HIS B 846 -5.94 -32.70 -29.02
N ASP B 847 -6.63 -32.70 -30.16
CA ASP B 847 -6.16 -33.47 -31.30
C ASP B 847 -4.80 -32.99 -31.77
N LEU B 848 -4.59 -31.66 -31.79
CA LEU B 848 -3.31 -31.11 -32.19
C LEU B 848 -2.21 -31.54 -31.22
N GLN B 849 -2.47 -31.45 -29.92
CA GLN B 849 -1.49 -31.86 -28.93
C GLN B 849 -1.14 -33.34 -29.08
N LYS B 850 -2.16 -34.18 -29.29
CA LYS B 850 -1.91 -35.61 -29.47
C LYS B 850 -1.06 -35.85 -30.72
N ALA B 851 -1.41 -35.23 -31.84
CA ALA B 851 -0.66 -35.44 -33.07
C ALA B 851 0.78 -34.97 -32.92
N ILE B 852 0.98 -33.85 -32.22
CA ILE B 852 2.34 -33.33 -32.07
C ILE B 852 3.15 -34.23 -31.15
N ALA B 853 2.57 -34.68 -30.04
CA ALA B 853 3.29 -35.57 -29.13
C ALA B 853 3.53 -36.94 -29.73
N GLU B 854 2.74 -37.34 -30.74
CA GLU B 854 2.91 -38.66 -31.34
C GLU B 854 3.86 -38.65 -32.53
N LYS B 855 3.73 -37.68 -33.42
CA LYS B 855 4.46 -37.67 -34.68
C LYS B 855 5.68 -36.75 -34.67
N VAL B 856 6.01 -36.14 -33.53
CA VAL B 856 7.12 -35.20 -33.44
C VAL B 856 7.93 -35.52 -32.20
N GLN B 857 9.26 -35.51 -32.35
CA GLN B 857 10.17 -35.73 -31.24
C GLN B 857 10.80 -34.40 -30.80
N LEU B 858 11.09 -34.29 -29.51
CA LEU B 858 11.65 -33.08 -28.93
C LEU B 858 13.13 -33.26 -28.63
N LYS B 859 13.91 -32.24 -28.95
CA LYS B 859 15.35 -32.28 -28.68
C LYS B 859 15.61 -32.04 -27.20
N PRO B 860 16.75 -32.50 -26.68
CA PRO B 860 17.06 -32.26 -25.26
C PRO B 860 17.16 -30.77 -24.97
N GLY B 861 16.25 -30.29 -24.13
CA GLY B 861 16.23 -28.89 -23.76
C GLY B 861 15.25 -28.08 -24.60
N THR B 862 14.11 -28.68 -24.91
CA THR B 862 13.09 -28.00 -25.73
C THR B 862 11.72 -28.43 -25.22
N SER B 863 10.78 -27.49 -25.21
CA SER B 863 9.44 -27.75 -24.73
C SER B 863 8.43 -27.02 -25.61
N VAL B 864 7.18 -27.48 -25.55
CA VAL B 864 6.09 -26.93 -26.34
C VAL B 864 4.91 -26.64 -25.44
N ALA B 865 4.16 -25.60 -25.78
CA ALA B 865 2.98 -25.23 -25.02
C ALA B 865 1.95 -24.60 -25.96
N PHE B 866 0.70 -24.58 -25.51
CA PHE B 866 -0.40 -24.03 -26.29
C PHE B 866 -1.06 -22.89 -25.53
N SER B 867 -1.59 -21.93 -26.28
CA SER B 867 -2.28 -20.79 -25.68
C SER B 867 -3.14 -20.14 -26.76
N GLY B 868 -3.72 -18.99 -26.43
CA GLY B 868 -4.56 -18.24 -27.34
C GLY B 868 -5.78 -17.73 -26.63
N GLN B 869 -6.68 -17.11 -27.40
CA GLN B 869 -7.91 -16.58 -26.82
C GLN B 869 -8.79 -17.69 -26.26
N PHE B 870 -8.70 -18.87 -26.84
CA PHE B 870 -9.55 -20.01 -26.42
C PHE B 870 -9.37 -20.19 -24.92
N GLU B 871 -8.19 -19.87 -24.41
CA GLU B 871 -7.90 -20.11 -22.99
C GLU B 871 -8.89 -19.37 -22.10
N LEU B 872 -9.16 -18.10 -22.39
CA LEU B 872 -9.96 -17.29 -21.48
C LEU B 872 -11.46 -17.58 -21.64
N LEU B 873 -11.92 -17.79 -22.87
CA LEU B 873 -13.34 -18.07 -23.09
C LEU B 873 -13.80 -19.23 -22.22
N GLU B 874 -13.13 -20.38 -22.32
CA GLU B 874 -13.49 -21.54 -21.51
C GLU B 874 -13.71 -21.16 -20.06
N ARG B 875 -12.95 -20.18 -19.55
CA ARG B 875 -13.19 -19.70 -18.19
C ARG B 875 -14.43 -18.82 -18.15
N ALA B 876 -14.41 -17.71 -18.89
CA ALA B 876 -15.50 -16.74 -18.83
C ALA B 876 -16.84 -17.42 -19.00
N ASN B 877 -17.04 -18.10 -20.14
CA ASN B 877 -18.29 -18.84 -20.37
C ASN B 877 -18.68 -19.63 -19.13
N HIS B 878 -17.76 -20.46 -18.64
CA HIS B 878 -18.06 -21.28 -17.46
C HIS B 878 -18.69 -20.43 -16.36
N LYS B 879 -18.01 -19.34 -15.98
CA LYS B 879 -18.50 -18.53 -14.86
C LYS B 879 -19.93 -18.08 -15.09
N LEU B 880 -20.25 -17.70 -16.32
CA LEU B 880 -21.62 -17.19 -16.66
C LEU B 880 -22.63 -18.30 -16.42
N LYS B 881 -22.32 -19.53 -16.81
CA LYS B 881 -23.21 -20.66 -16.58
C LYS B 881 -23.44 -20.93 -15.10
N LEU B 882 -22.70 -20.26 -14.22
CA LEU B 882 -22.92 -20.35 -12.79
C LEU B 882 -23.83 -19.25 -12.26
N MET B 883 -23.83 -18.08 -12.89
CA MET B 883 -24.58 -16.93 -12.40
C MET B 883 -25.90 -16.70 -13.13
N VAL B 884 -26.13 -17.40 -14.24
CA VAL B 884 -27.41 -17.30 -14.95
C VAL B 884 -28.48 -18.01 -14.13
N PRO B 885 -28.24 -19.22 -13.61
CA PRO B 885 -29.24 -19.86 -12.75
C PRO B 885 -29.51 -19.05 -11.49
N MET B 886 -28.44 -18.77 -10.73
CA MET B 886 -28.58 -18.02 -9.49
C MET B 886 -29.48 -16.81 -9.68
N THR B 887 -29.19 -16.00 -10.71
CA THR B 887 -30.03 -14.84 -11.00
C THR B 887 -31.50 -15.22 -11.01
N LEU B 888 -31.88 -16.14 -11.90
CA LEU B 888 -33.28 -16.57 -11.96
C LEU B 888 -33.81 -16.90 -10.57
N MET B 889 -33.02 -17.65 -9.79
CA MET B 889 -33.45 -17.97 -8.43
C MET B 889 -33.83 -16.71 -7.67
N ILE B 890 -32.88 -15.77 -7.52
CA ILE B 890 -33.15 -14.55 -6.78
C ILE B 890 -34.26 -13.74 -7.41
N ILE B 891 -34.59 -14.00 -8.68
CA ILE B 891 -35.74 -13.33 -9.29
C ILE B 891 -37.03 -14.05 -8.89
N PHE B 892 -37.02 -15.39 -8.94
CA PHE B 892 -38.22 -16.15 -8.62
C PHE B 892 -38.71 -15.82 -7.21
N VAL B 893 -37.83 -15.98 -6.22
CA VAL B 893 -38.21 -15.65 -4.84
C VAL B 893 -38.66 -14.20 -4.74
N LEU B 894 -38.26 -13.32 -5.64
CA LEU B 894 -38.86 -11.95 -5.58
C LEU B 894 -40.33 -12.01 -6.01
N LEU B 895 -40.60 -12.74 -7.10
CA LEU B 895 -41.95 -12.88 -7.72
C LEU B 895 -42.91 -13.66 -6.81
N TYR B 896 -42.45 -14.73 -6.17
CA TYR B 896 -43.35 -15.54 -5.29
C TYR B 896 -43.79 -14.64 -4.13
N LEU B 897 -42.85 -13.90 -3.56
CA LEU B 897 -43.14 -12.95 -2.44
C LEU B 897 -44.16 -11.92 -2.93
N ALA B 898 -44.00 -11.45 -4.17
CA ALA B 898 -44.89 -10.44 -4.79
C ALA B 898 -46.33 -10.96 -4.95
N PHE B 899 -46.55 -12.20 -5.41
CA PHE B 899 -47.95 -12.68 -5.64
C PHE B 899 -48.35 -13.79 -4.65
N ARG B 900 -47.39 -14.24 -3.84
CA ARG B 900 -47.63 -15.27 -2.80
C ARG B 900 -48.19 -16.53 -3.47
N ARG B 901 -47.88 -16.75 -4.73
CA ARG B 901 -48.30 -17.97 -5.41
C ARG B 901 -47.26 -18.33 -6.46
N VAL B 902 -47.06 -19.64 -6.64
CA VAL B 902 -46.04 -20.10 -7.60
C VAL B 902 -46.54 -19.98 -9.03
N GLY B 903 -47.84 -20.12 -9.25
CA GLY B 903 -48.36 -20.09 -10.60
C GLY B 903 -48.05 -18.81 -11.33
N GLU B 904 -48.26 -17.67 -10.67
CA GLU B 904 -48.03 -16.39 -11.34
C GLU B 904 -46.56 -16.19 -11.66
N ALA B 905 -45.67 -16.52 -10.73
CA ALA B 905 -44.24 -16.37 -10.99
C ALA B 905 -43.81 -17.25 -12.16
N LEU B 906 -44.22 -18.52 -12.17
CA LEU B 906 -43.88 -19.39 -13.28
C LEU B 906 -44.45 -18.86 -14.58
N LEU B 907 -45.66 -18.31 -14.54
CA LEU B 907 -46.28 -17.79 -15.75
C LEU B 907 -45.47 -16.63 -16.33
N ILE B 908 -45.06 -15.69 -15.48
CA ILE B 908 -44.28 -14.55 -15.96
C ILE B 908 -42.95 -15.02 -16.51
N ILE B 909 -42.28 -15.92 -15.79
CA ILE B 909 -40.95 -16.37 -16.21
C ILE B 909 -41.03 -17.16 -17.50
N SER B 910 -42.16 -17.85 -17.76
CA SER B 910 -42.33 -18.58 -18.99
C SER B 910 -42.85 -17.71 -20.13
N SER B 911 -43.43 -16.55 -19.81
CA SER B 911 -43.96 -15.66 -20.84
C SER B 911 -42.93 -14.68 -21.37
N VAL B 912 -41.96 -14.27 -20.56
CA VAL B 912 -40.94 -13.32 -20.98
C VAL B 912 -40.30 -13.72 -22.31
N PRO B 913 -40.04 -15.02 -22.55
CA PRO B 913 -39.42 -15.41 -23.83
C PRO B 913 -40.16 -14.90 -25.06
N PHE B 914 -41.46 -14.63 -24.99
CA PHE B 914 -42.15 -14.09 -26.16
C PHE B 914 -41.67 -12.68 -26.46
N ALA B 915 -41.55 -11.84 -25.43
CA ALA B 915 -40.96 -10.52 -25.62
C ALA B 915 -39.54 -10.64 -26.14
N LEU B 916 -38.76 -11.59 -25.61
CA LEU B 916 -37.41 -11.78 -26.12
C LEU B 916 -37.42 -12.14 -27.60
N VAL B 917 -38.40 -12.94 -28.02
CA VAL B 917 -38.53 -13.31 -29.43
C VAL B 917 -38.78 -12.07 -30.28
N GLY B 918 -39.80 -11.30 -29.89
CA GLY B 918 -40.07 -10.07 -30.60
C GLY B 918 -38.87 -9.15 -30.69
N GLY B 919 -38.05 -9.13 -29.64
CA GLY B 919 -36.88 -8.27 -29.66
C GLY B 919 -35.80 -8.78 -30.59
N ILE B 920 -35.50 -10.07 -30.52
CA ILE B 920 -34.41 -10.62 -31.33
C ILE B 920 -34.78 -10.69 -32.80
N TRP B 921 -36.08 -10.70 -33.14
CA TRP B 921 -36.45 -10.80 -34.54
C TRP B 921 -36.03 -9.57 -35.35
N LEU B 922 -35.59 -8.50 -34.70
CA LEU B 922 -35.27 -7.26 -35.41
C LEU B 922 -33.79 -7.15 -35.78
N LEU B 923 -32.90 -7.73 -34.97
CA LEU B 923 -31.47 -7.64 -35.28
C LEU B 923 -31.18 -8.19 -36.67
N TRP B 924 -31.84 -9.28 -37.05
CA TRP B 924 -31.63 -9.85 -38.38
C TRP B 924 -31.97 -8.84 -39.46
N TRP B 925 -33.17 -8.25 -39.40
CA TRP B 925 -33.56 -7.25 -40.39
C TRP B 925 -32.58 -6.09 -40.41
N MET B 926 -32.15 -5.64 -39.23
CA MET B 926 -31.20 -4.51 -39.12
C MET B 926 -29.83 -4.90 -39.67
N GLY B 927 -29.43 -6.15 -39.50
CA GLY B 927 -28.10 -6.59 -39.90
C GLY B 927 -27.04 -6.47 -38.84
N PHE B 928 -27.43 -6.30 -37.57
CA PHE B 928 -26.47 -6.22 -36.49
C PHE B 928 -26.07 -7.61 -36.02
N HIS B 929 -25.02 -7.66 -35.22
CA HIS B 929 -24.53 -8.89 -34.61
C HIS B 929 -24.70 -8.82 -33.10
N LEU B 930 -24.99 -9.97 -32.50
CA LEU B 930 -25.27 -10.04 -31.07
C LEU B 930 -23.98 -10.05 -30.28
N SER B 931 -23.94 -9.25 -29.21
CA SER B 931 -22.77 -9.13 -28.35
C SER B 931 -23.27 -8.83 -26.94
N VAL B 932 -22.36 -8.36 -26.08
CA VAL B 932 -22.75 -8.04 -24.71
C VAL B 932 -23.68 -6.83 -24.69
N ALA B 933 -23.54 -5.92 -25.67
CA ALA B 933 -24.46 -4.79 -25.74
C ALA B 933 -25.87 -5.24 -26.07
N THR B 934 -26.01 -6.11 -27.08
CA THR B 934 -27.32 -6.68 -27.36
C THR B 934 -27.84 -7.49 -26.18
N GLY B 935 -26.94 -8.12 -25.42
CA GLY B 935 -27.37 -8.82 -24.22
C GLY B 935 -27.96 -7.87 -23.19
N THR B 936 -27.31 -6.74 -22.96
CA THR B 936 -27.86 -5.74 -22.06
C THR B 936 -29.22 -5.24 -22.55
N GLY B 937 -29.34 -5.01 -23.86
CA GLY B 937 -30.62 -4.61 -24.41
C GLY B 937 -31.71 -5.65 -24.17
N PHE B 938 -31.39 -6.91 -24.39
CA PHE B 938 -32.38 -7.97 -24.18
C PHE B 938 -32.75 -8.08 -22.70
N ILE B 939 -31.78 -7.88 -21.80
CA ILE B 939 -32.08 -7.93 -20.37
C ILE B 939 -33.03 -6.80 -20.00
N ALA B 940 -32.79 -5.60 -20.51
CA ALA B 940 -33.68 -4.49 -20.22
C ALA B 940 -35.08 -4.75 -20.79
N LEU B 941 -35.15 -5.31 -22.00
CA LEU B 941 -36.44 -5.65 -22.59
C LEU B 941 -37.18 -6.66 -21.72
N ALA B 942 -36.48 -7.69 -21.25
CA ALA B 942 -37.11 -8.68 -20.38
C ALA B 942 -37.60 -8.03 -19.09
N GLY B 943 -36.83 -7.10 -18.53
CA GLY B 943 -37.27 -6.42 -17.33
C GLY B 943 -38.56 -5.64 -17.55
N VAL B 944 -38.61 -4.87 -18.63
CA VAL B 944 -39.81 -4.08 -18.91
C VAL B 944 -41.00 -4.99 -19.19
N ALA B 945 -40.78 -6.10 -19.90
CA ALA B 945 -41.87 -7.02 -20.18
C ALA B 945 -42.40 -7.66 -18.89
N ALA B 946 -41.50 -8.03 -17.98
CA ALA B 946 -41.93 -8.59 -16.70
C ALA B 946 -42.71 -7.55 -15.90
N GLU B 947 -42.29 -6.28 -15.96
CA GLU B 947 -43.03 -5.23 -15.28
C GLU B 947 -44.45 -5.13 -15.83
N PHE B 948 -44.57 -5.09 -17.16
CA PHE B 948 -45.90 -5.10 -17.79
C PHE B 948 -46.73 -6.27 -17.28
N GLY B 949 -46.14 -7.47 -17.30
CA GLY B 949 -46.89 -8.66 -16.90
C GLY B 949 -47.36 -8.60 -15.46
N VAL B 950 -46.49 -8.13 -14.57
CA VAL B 950 -46.87 -8.07 -13.15
C VAL B 950 -47.98 -7.05 -12.94
N VAL B 951 -47.84 -5.87 -13.56
CA VAL B 951 -48.86 -4.83 -13.38
C VAL B 951 -50.17 -5.29 -13.99
N MET B 952 -50.14 -6.13 -15.02
CA MET B 952 -51.37 -6.64 -15.60
C MET B 952 -52.00 -7.71 -14.71
N LEU B 953 -51.17 -8.60 -14.16
CA LEU B 953 -51.70 -9.67 -13.32
C LEU B 953 -52.32 -9.13 -12.05
N MET B 954 -51.73 -8.06 -11.49
CA MET B 954 -52.33 -7.46 -10.30
C MET B 954 -53.74 -6.97 -10.59
N TYR B 955 -53.93 -6.27 -11.70
CA TYR B 955 -55.26 -5.78 -12.06
C TYR B 955 -56.21 -6.93 -12.36
N LEU B 956 -55.72 -7.97 -13.04
CA LEU B 956 -56.56 -9.12 -13.33
C LEU B 956 -57.06 -9.77 -12.04
N ARG B 957 -56.16 -9.94 -11.07
CA ARG B 957 -56.56 -10.51 -9.79
C ARG B 957 -57.57 -9.62 -9.08
N HIS B 958 -57.29 -8.31 -9.02
CA HIS B 958 -58.24 -7.40 -8.38
C HIS B 958 -59.59 -7.42 -9.06
N ALA B 959 -59.63 -7.69 -10.36
CA ALA B 959 -60.91 -7.73 -11.07
C ALA B 959 -61.65 -9.03 -10.81
N ILE B 960 -60.94 -10.16 -10.79
CA ILE B 960 -61.59 -11.44 -10.51
C ILE B 960 -62.09 -11.48 -9.07
N GLU B 961 -61.35 -10.86 -8.16
CA GLU B 961 -61.77 -10.78 -6.76
C GLU B 961 -62.93 -9.80 -6.54
N ALA B 962 -63.41 -9.17 -7.60
CA ALA B 962 -64.50 -8.21 -7.50
C ALA B 962 -65.84 -8.94 -7.40
N VAL B 963 -66.93 -8.24 -7.72
CA VAL B 963 -68.30 -8.78 -7.47
C VAL B 963 -68.41 -10.19 -8.04
N PRO B 964 -67.89 -10.44 -9.25
CA PRO B 964 -67.99 -11.82 -9.77
C PRO B 964 -67.30 -12.86 -8.91
N SER B 965 -66.49 -12.46 -7.91
CA SER B 965 -65.88 -13.44 -7.03
C SER B 965 -66.92 -14.22 -6.24
N LEU B 966 -68.07 -13.59 -5.96
CA LEU B 966 -69.14 -14.26 -5.25
C LEU B 966 -70.06 -15.06 -6.17
N ASN B 967 -69.98 -14.83 -7.48
CA ASN B 967 -70.88 -15.54 -8.44
C ASN B 967 -70.14 -16.60 -9.26
N ASN B 968 -68.80 -16.64 -9.26
CA ASN B 968 -68.12 -17.65 -10.06
C ASN B 968 -68.00 -18.99 -9.36
N PRO B 969 -67.57 -19.08 -8.09
CA PRO B 969 -67.23 -20.39 -7.52
C PRO B 969 -68.43 -21.24 -7.12
N GLN B 970 -69.64 -20.86 -7.51
CA GLN B 970 -70.80 -21.62 -7.07
C GLN B 970 -70.86 -23.00 -7.73
N THR B 971 -70.92 -23.05 -9.06
CA THR B 971 -71.06 -24.32 -9.77
C THR B 971 -69.88 -24.60 -10.68
N PHE B 972 -69.82 -23.81 -11.77
CA PHE B 972 -68.88 -23.98 -12.91
C PHE B 972 -68.29 -22.64 -13.38
N SER B 973 -67.41 -22.74 -14.37
CA SER B 973 -66.61 -21.62 -14.94
C SER B 973 -67.49 -20.40 -15.14
N GLU B 974 -68.79 -20.53 -15.47
CA GLU B 974 -69.66 -19.32 -15.66
C GLU B 974 -69.05 -18.39 -16.73
N GLN B 975 -69.17 -18.78 -18.00
CA GLN B 975 -68.48 -18.13 -19.15
C GLN B 975 -68.58 -16.61 -19.00
N LYS B 976 -69.57 -16.12 -18.29
CA LYS B 976 -69.67 -14.65 -18.06
C LYS B 976 -68.37 -14.21 -17.39
N LEU B 977 -67.67 -15.10 -16.68
CA LEU B 977 -66.40 -14.73 -16.02
C LEU B 977 -65.59 -13.91 -17.01
N ASP B 978 -65.67 -14.24 -18.29
CA ASP B 978 -64.90 -13.50 -19.28
C ASP B 978 -65.16 -12.01 -19.18
N GLU B 979 -66.43 -11.63 -18.99
CA GLU B 979 -66.77 -10.22 -18.84
C GLU B 979 -65.96 -9.58 -17.72
N ALA B 980 -65.77 -10.30 -16.62
CA ALA B 980 -64.89 -9.78 -15.57
C ALA B 980 -63.52 -9.42 -16.13
N LEU B 981 -62.88 -10.37 -16.83
CA LEU B 981 -61.61 -10.07 -17.48
C LEU B 981 -61.71 -8.84 -18.37
N TYR B 982 -62.86 -8.66 -19.02
CA TYR B 982 -63.14 -7.44 -19.78
C TYR B 982 -62.72 -6.24 -18.95
N HIS B 983 -63.39 -6.03 -17.81
CA HIS B 983 -63.11 -4.87 -16.98
C HIS B 983 -61.75 -4.94 -16.32
N GLY B 984 -61.09 -6.10 -16.33
CA GLY B 984 -59.74 -6.20 -15.84
C GLY B 984 -58.68 -5.84 -16.86
N ALA B 985 -59.04 -5.83 -18.15
CA ALA B 985 -58.08 -5.55 -19.20
C ALA B 985 -58.24 -4.19 -19.84
N VAL B 986 -59.44 -3.60 -19.77
CA VAL B 986 -59.65 -2.29 -20.40
C VAL B 986 -58.89 -1.19 -19.68
N LEU B 987 -58.60 -1.38 -18.38
CA LEU B 987 -57.92 -0.35 -17.61
C LEU B 987 -56.42 -0.31 -17.87
N ARG B 988 -55.86 -1.32 -18.54
CA ARG B 988 -54.43 -1.40 -18.79
C ARG B 988 -54.08 -1.08 -20.24
N VAL B 989 -55.02 -0.56 -21.02
CA VAL B 989 -54.78 -0.31 -22.43
C VAL B 989 -54.25 1.09 -22.71
N ARG B 990 -54.58 2.08 -21.88
CA ARG B 990 -54.11 3.44 -22.07
C ARG B 990 -52.64 3.59 -21.66
N PRO B 991 -52.26 3.18 -20.43
CA PRO B 991 -50.85 3.31 -20.05
C PRO B 991 -49.93 2.44 -20.89
N LYS B 992 -50.40 1.29 -21.35
N LYS B 992 -50.43 1.30 -21.36
CA LYS B 992 -49.58 0.41 -22.21
CA LYS B 992 -49.61 0.41 -22.22
C LYS B 992 -49.30 1.12 -23.55
C LYS B 992 -49.30 1.11 -23.55
N ALA B 993 -50.29 1.75 -24.14
CA ALA B 993 -50.09 2.51 -25.37
C ALA B 993 -49.17 3.70 -25.11
N MET B 994 -49.36 4.38 -23.98
CA MET B 994 -48.50 5.52 -23.65
C MET B 994 -47.04 5.09 -23.58
N THR B 995 -46.76 4.03 -22.84
CA THR B 995 -45.39 3.56 -22.68
C THR B 995 -44.80 3.12 -24.01
N VAL B 996 -45.57 2.39 -24.81
CA VAL B 996 -45.08 1.92 -26.10
C VAL B 996 -44.73 3.10 -26.99
N ALA B 997 -45.64 4.08 -27.09
CA ALA B 997 -45.37 5.26 -27.92
C ALA B 997 -44.14 5.99 -27.43
N VAL B 998 -44.03 6.20 -26.11
CA VAL B 998 -42.87 6.90 -25.56
C VAL B 998 -41.59 6.20 -25.96
N ILE B 999 -41.50 4.90 -25.65
CA ILE B 999 -40.26 4.17 -25.90
C ILE B 999 -39.91 4.18 -27.38
N ILE B 1000 -40.91 3.90 -28.24
CA ILE B 1000 -40.63 3.83 -29.67
C ILE B 1000 -40.17 5.18 -30.20
N ALA B 1001 -40.93 6.24 -29.94
CA ALA B 1001 -40.60 7.54 -30.49
C ALA B 1001 -39.33 8.12 -29.86
N GLY B 1002 -38.91 7.60 -28.70
CA GLY B 1002 -37.70 8.09 -28.09
C GLY B 1002 -36.46 7.35 -28.54
N LEU B 1003 -36.58 6.06 -28.82
CA LEU B 1003 -35.43 5.24 -29.20
C LEU B 1003 -35.30 5.03 -30.71
N LEU B 1004 -36.28 5.46 -31.51
CA LEU B 1004 -36.14 5.30 -32.95
C LEU B 1004 -34.99 6.12 -33.52
N PRO B 1005 -34.87 7.42 -33.24
CA PRO B 1005 -33.73 8.17 -33.79
C PRO B 1005 -32.39 7.59 -33.38
N ILE B 1006 -32.27 7.05 -32.16
CA ILE B 1006 -31.02 6.42 -31.76
C ILE B 1006 -30.69 5.27 -32.70
N LEU B 1007 -31.71 4.57 -33.19
CA LEU B 1007 -31.50 3.47 -34.12
C LEU B 1007 -31.24 3.96 -35.54
N TRP B 1008 -31.82 5.09 -35.92
CA TRP B 1008 -31.69 5.64 -37.27
C TRP B 1008 -30.75 6.84 -37.31
N GLY B 1009 -29.90 7.01 -36.31
CA GLY B 1009 -29.01 8.15 -36.23
C GLY B 1009 -27.56 7.73 -36.40
N THR B 1010 -26.72 8.69 -36.82
CA THR B 1010 -25.30 8.46 -37.01
C THR B 1010 -24.54 9.69 -36.51
N GLY B 1011 -23.99 9.58 -35.31
CA GLY B 1011 -23.20 10.65 -34.71
C GLY B 1011 -21.83 10.18 -34.27
N ALA B 1012 -21.53 10.38 -32.99
CA ALA B 1012 -20.27 9.93 -32.41
C ALA B 1012 -20.58 8.89 -31.34
N GLY B 1013 -19.94 7.73 -31.43
CA GLY B 1013 -20.24 6.65 -30.52
C GLY B 1013 -21.66 6.14 -30.60
N SER B 1014 -22.32 6.32 -31.75
CA SER B 1014 -23.71 5.91 -31.91
C SER B 1014 -23.85 4.44 -32.23
N GLU B 1015 -22.77 3.77 -32.65
CA GLU B 1015 -22.86 2.35 -32.98
C GLU B 1015 -23.31 1.54 -31.78
N VAL B 1016 -22.67 1.78 -30.64
CA VAL B 1016 -22.99 1.06 -29.37
C VAL B 1016 -24.42 1.40 -28.94
N MET B 1017 -24.81 2.67 -29.04
CA MET B 1017 -26.16 3.08 -28.67
C MET B 1017 -27.20 2.34 -29.52
N SER B 1018 -26.97 2.27 -30.83
CA SER B 1018 -27.91 1.57 -31.70
C SER B 1018 -27.93 0.08 -31.40
N ARG B 1019 -26.76 -0.51 -31.14
CA ARG B 1019 -26.72 -1.94 -30.80
C ARG B 1019 -27.51 -2.23 -29.54
N ILE B 1020 -27.47 -1.33 -28.55
CA ILE B 1020 -28.20 -1.55 -27.32
C ILE B 1020 -29.69 -1.24 -27.50
N ALA B 1021 -30.03 -0.33 -28.40
CA ALA B 1021 -31.42 0.09 -28.54
C ALA B 1021 -32.23 -0.78 -29.49
N ALA B 1022 -31.58 -1.45 -30.44
CA ALA B 1022 -32.32 -2.27 -31.39
C ALA B 1022 -33.17 -3.34 -30.72
N PRO B 1023 -32.67 -4.08 -29.72
CA PRO B 1023 -33.53 -5.09 -29.08
C PRO B 1023 -34.78 -4.51 -28.46
N MET B 1024 -34.68 -3.37 -27.79
CA MET B 1024 -35.86 -2.78 -27.14
C MET B 1024 -36.89 -2.35 -28.18
N ILE B 1025 -36.44 -1.69 -29.25
CA ILE B 1025 -37.38 -1.27 -30.29
C ILE B 1025 -38.03 -2.49 -30.93
N GLY B 1026 -37.26 -3.56 -31.13
CA GLY B 1026 -37.82 -4.76 -31.73
C GLY B 1026 -38.81 -5.46 -30.82
N GLY B 1027 -38.56 -5.40 -29.51
CA GLY B 1027 -39.41 -6.07 -28.55
C GLY B 1027 -40.62 -5.28 -28.10
N MET B 1028 -40.64 -3.98 -28.36
CA MET B 1028 -41.79 -3.15 -28.01
C MET B 1028 -43.01 -3.42 -28.88
N ILE B 1029 -42.94 -4.38 -29.80
CA ILE B 1029 -44.09 -4.76 -30.61
C ILE B 1029 -44.70 -6.08 -30.17
N THR B 1030 -44.02 -6.86 -29.33
CA THR B 1030 -44.56 -8.11 -28.81
C THR B 1030 -44.81 -8.10 -27.31
N ALA B 1031 -44.05 -7.34 -26.54
CA ALA B 1031 -44.35 -7.21 -25.11
C ALA B 1031 -45.75 -6.67 -24.87
N PRO B 1032 -46.24 -5.66 -25.60
CA PRO B 1032 -47.64 -5.27 -25.43
C PRO B 1032 -48.61 -6.37 -25.82
N LEU B 1033 -48.39 -6.99 -26.98
CA LEU B 1033 -49.21 -8.14 -27.37
C LEU B 1033 -49.18 -9.20 -26.27
N LEU B 1034 -47.99 -9.47 -25.73
CA LEU B 1034 -47.88 -10.45 -24.66
C LEU B 1034 -48.78 -10.08 -23.49
N SER B 1035 -48.49 -8.94 -22.84
CA SER B 1035 -49.19 -8.59 -21.62
C SER B 1035 -50.68 -8.37 -21.86
N LEU B 1036 -51.09 -8.15 -23.11
CA LEU B 1036 -52.50 -7.88 -23.40
C LEU B 1036 -53.29 -9.11 -23.79
N PHE B 1037 -52.65 -10.13 -24.35
CA PHE B 1037 -53.39 -11.30 -24.84
C PHE B 1037 -52.95 -12.60 -24.21
N ILE B 1038 -51.66 -12.82 -23.99
CA ILE B 1038 -51.19 -14.11 -23.51
C ILE B 1038 -51.45 -14.25 -22.01
N ILE B 1039 -51.31 -13.16 -21.26
CA ILE B 1039 -51.47 -13.20 -19.81
C ILE B 1039 -52.93 -13.47 -19.45
N PRO B 1040 -53.90 -12.76 -20.01
CA PRO B 1040 -55.31 -13.04 -19.64
C PRO B 1040 -55.74 -14.45 -19.97
N ALA B 1041 -55.32 -14.99 -21.12
CA ALA B 1041 -55.69 -16.36 -21.48
C ALA B 1041 -55.08 -17.35 -20.50
N ALA B 1042 -53.77 -17.30 -20.32
CA ALA B 1042 -53.10 -18.19 -19.39
C ALA B 1042 -53.61 -18.03 -17.96
N TYR B 1043 -54.20 -16.88 -17.64
CA TYR B 1043 -54.75 -16.69 -16.30
C TYR B 1043 -56.14 -17.30 -16.18
N LYS B 1044 -56.97 -17.15 -17.21
CA LYS B 1044 -58.26 -17.83 -17.20
C LYS B 1044 -58.10 -19.34 -17.25
N LEU B 1045 -56.98 -19.83 -17.79
CA LEU B 1045 -56.66 -21.25 -17.81
C LEU B 1045 -55.89 -21.70 -16.58
N MET B 1046 -56.05 -21.01 -15.46
CA MET B 1046 -55.25 -21.26 -14.26
C MET B 1046 -56.00 -22.11 -13.24
N TRP B 1047 -56.81 -23.06 -13.70
CA TRP B 1047 -57.48 -24.00 -12.80
C TRP B 1047 -57.87 -25.27 -13.54
N ILE C 13 -41.11 -13.68 15.97
CA ILE C 13 -39.84 -14.20 15.51
C ILE C 13 -40.01 -15.64 15.04
N ILE C 14 -40.60 -16.47 15.90
CA ILE C 14 -40.86 -17.86 15.56
C ILE C 14 -42.18 -18.01 14.84
N ARG C 15 -43.29 -17.61 15.47
CA ARG C 15 -44.59 -17.75 14.85
C ARG C 15 -44.72 -16.86 13.62
N ARG C 16 -43.98 -15.76 13.56
CA ARG C 16 -43.99 -14.91 12.37
C ARG C 16 -43.27 -15.54 11.19
N SER C 17 -42.53 -16.64 11.42
CA SER C 17 -41.88 -17.37 10.34
C SER C 17 -42.64 -18.62 9.93
N VAL C 18 -43.46 -19.19 10.82
CA VAL C 18 -44.29 -20.32 10.44
C VAL C 18 -45.44 -19.87 9.53
N ALA C 19 -45.87 -18.62 9.65
CA ALA C 19 -46.93 -18.11 8.79
C ALA C 19 -46.49 -18.16 7.33
N ASN C 20 -45.39 -17.51 7.00
CA ASN C 20 -44.81 -17.55 5.66
C ASN C 20 -43.67 -18.55 5.68
N ARG C 21 -44.03 -19.83 5.55
CA ARG C 21 -43.06 -20.91 5.63
C ARG C 21 -42.51 -21.34 4.27
N PHE C 22 -43.26 -21.09 3.19
CA PHE C 22 -42.74 -21.43 1.87
C PHE C 22 -41.51 -20.60 1.53
N LEU C 23 -41.54 -19.31 1.87
CA LEU C 23 -40.36 -18.47 1.69
C LEU C 23 -39.16 -19.03 2.44
N VAL C 24 -39.38 -19.45 3.69
CA VAL C 24 -38.29 -19.99 4.49
C VAL C 24 -37.74 -21.27 3.88
N LEU C 25 -38.63 -22.14 3.39
CA LEU C 25 -38.18 -23.40 2.81
C LEU C 25 -37.38 -23.14 1.53
N MET C 26 -37.86 -22.23 0.68
CA MET C 26 -37.11 -21.92 -0.54
C MET C 26 -35.76 -21.28 -0.22
N GLY C 27 -35.72 -20.40 0.77
CA GLY C 27 -34.45 -19.83 1.18
C GLY C 27 -33.50 -20.88 1.70
N ALA C 28 -34.01 -21.84 2.49
CA ALA C 28 -33.16 -22.91 2.99
C ALA C 28 -32.64 -23.78 1.85
N LEU C 29 -33.46 -24.04 0.85
CA LEU C 29 -33.00 -24.83 -0.30
C LEU C 29 -31.90 -24.10 -1.06
N PHE C 30 -32.12 -22.81 -1.33
CA PHE C 30 -31.09 -22.03 -2.01
C PHE C 30 -29.80 -22.00 -1.19
N LEU C 31 -29.93 -21.84 0.13
CA LEU C 31 -28.75 -21.80 0.99
C LEU C 31 -28.02 -23.13 0.97
N SER C 32 -28.75 -24.23 0.97
CA SER C 32 -28.12 -25.55 0.93
C SER C 32 -27.37 -25.75 -0.38
N ILE C 33 -27.97 -25.35 -1.50
CA ILE C 33 -27.29 -25.49 -2.79
C ILE C 33 -26.03 -24.64 -2.81
N TRP C 34 -26.14 -23.38 -2.39
CA TRP C 34 -24.98 -22.49 -2.37
C TRP C 34 -23.88 -23.04 -1.48
N GLY C 35 -24.24 -23.57 -0.30
CA GLY C 35 -23.24 -24.11 0.60
C GLY C 35 -22.58 -25.36 0.07
N THR C 36 -23.36 -26.24 -0.57
CA THR C 36 -22.76 -27.42 -1.18
C THR C 36 -21.76 -27.02 -2.25
N TRP C 37 -22.12 -26.03 -3.08
CA TRP C 37 -21.17 -25.57 -4.10
C TRP C 37 -19.92 -25.01 -3.45
N THR C 38 -20.06 -24.13 -2.45
CA THR C 38 -18.89 -23.55 -1.80
C THR C 38 -18.02 -24.62 -1.16
N ILE C 39 -18.65 -25.68 -0.65
CA ILE C 39 -17.88 -26.76 -0.03
C ILE C 39 -17.08 -27.51 -1.09
N ILE C 40 -17.73 -27.91 -2.18
CA ILE C 40 -17.03 -28.67 -3.23
C ILE C 40 -16.06 -27.80 -4.01
N ASN C 41 -16.09 -26.48 -3.83
CA ASN C 41 -15.15 -25.58 -4.50
C ASN C 41 -14.34 -24.75 -3.51
N THR C 42 -13.88 -25.36 -2.39
CA THR C 42 -13.08 -24.63 -1.41
C THR C 42 -11.63 -25.12 -1.41
N PRO C 43 -10.67 -24.25 -1.14
CA PRO C 43 -9.28 -24.71 -1.04
C PRO C 43 -9.08 -25.63 0.16
N VAL C 44 -7.89 -26.21 0.22
CA VAL C 44 -7.51 -27.13 1.30
C VAL C 44 -6.08 -26.84 1.72
N ASP C 45 -5.74 -27.30 2.92
CA ASP C 45 -4.41 -27.13 3.48
C ASP C 45 -4.31 -27.99 4.73
N ALA C 46 -3.08 -28.11 5.24
CA ALA C 46 -2.83 -28.90 6.45
C ALA C 46 -2.91 -28.03 7.70
N LEU C 47 -2.08 -27.00 7.77
CA LEU C 47 -2.05 -26.08 8.90
C LEU C 47 -1.98 -24.66 8.39
N PRO C 48 -2.50 -23.70 9.15
CA PRO C 48 -2.38 -22.29 8.74
C PRO C 48 -0.93 -21.84 8.73
N ASP C 49 -0.72 -20.61 8.28
CA ASP C 49 0.62 -20.03 8.18
C ASP C 49 1.02 -19.48 9.55
N LEU C 50 1.88 -20.20 10.26
CA LEU C 50 2.38 -19.77 11.56
C LEU C 50 3.64 -18.94 11.46
N SER C 51 4.14 -18.68 10.26
CA SER C 51 5.39 -17.96 10.09
C SER C 51 5.16 -16.45 10.24
N ASP C 52 6.19 -15.77 10.75
CA ASP C 52 6.14 -14.33 10.93
C ASP C 52 6.49 -13.65 9.62
N VAL C 53 6.64 -12.32 9.65
CA VAL C 53 7.07 -11.54 8.50
C VAL C 53 8.57 -11.37 8.60
N GLN C 54 9.31 -12.03 7.70
CA GLN C 54 10.76 -12.04 7.73
C GLN C 54 11.31 -11.59 6.39
N VAL C 55 12.36 -10.78 6.42
CA VAL C 55 13.06 -10.32 5.23
C VAL C 55 14.52 -10.69 5.37
N ILE C 56 15.10 -11.26 4.31
CA ILE C 56 16.48 -11.73 4.32
C ILE C 56 17.31 -10.81 3.45
N ILE C 57 18.46 -10.39 3.97
CA ILE C 57 19.44 -9.62 3.21
C ILE C 57 20.70 -10.46 3.13
N LYS C 58 21.03 -10.90 1.91
CA LYS C 58 22.21 -11.71 1.65
C LYS C 58 23.22 -10.87 0.88
N THR C 59 24.39 -10.64 1.49
CA THR C 59 25.41 -9.81 0.87
C THR C 59 26.71 -10.59 0.75
N SER C 60 27.30 -10.56 -0.45
CA SER C 60 28.51 -11.31 -0.74
C SER C 60 29.71 -10.37 -0.77
N TYR C 61 30.67 -10.67 0.09
CA TYR C 61 31.99 -9.99 0.09
C TYR C 61 32.98 -11.06 -0.36
N PRO C 62 33.47 -10.98 -1.60
CA PRO C 62 34.36 -12.06 -2.05
C PRO C 62 35.63 -12.15 -1.22
N GLY C 63 35.84 -13.32 -0.62
CA GLY C 63 37.06 -13.61 0.11
C GLY C 63 37.42 -12.59 1.17
N GLN C 64 36.58 -12.51 2.19
CA GLN C 64 36.79 -11.59 3.34
C GLN C 64 36.62 -12.37 4.65
N ALA C 65 37.55 -12.24 5.60
CA ALA C 65 37.44 -12.90 6.88
C ALA C 65 36.12 -12.55 7.55
N PRO C 66 35.52 -13.47 8.32
CA PRO C 66 34.23 -13.16 8.96
C PRO C 66 34.23 -11.85 9.73
N GLN C 67 35.32 -11.55 10.43
CA GLN C 67 35.33 -10.37 11.29
C GLN C 67 35.27 -9.08 10.47
N ILE C 68 36.01 -9.01 9.37
CA ILE C 68 36.02 -7.78 8.57
C ILE C 68 34.70 -7.61 7.83
N VAL C 69 34.13 -8.71 7.31
CA VAL C 69 32.82 -8.59 6.66
C VAL C 69 31.77 -8.23 7.69
N GLU C 70 31.98 -8.60 8.96
CA GLU C 70 31.04 -8.23 10.00
C GLU C 70 31.14 -6.74 10.31
N ASN C 71 32.37 -6.23 10.46
CA ASN C 71 32.55 -4.82 10.80
C ASN C 71 32.29 -3.90 9.63
N GLN C 72 32.30 -4.42 8.40
CA GLN C 72 32.16 -3.60 7.21
C GLN C 72 30.83 -3.78 6.47
N VAL C 73 30.20 -4.94 6.57
CA VAL C 73 28.98 -5.24 5.83
C VAL C 73 27.82 -5.56 6.76
N THR C 74 28.05 -6.46 7.73
CA THR C 74 26.96 -6.88 8.61
C THR C 74 26.63 -5.80 9.63
N TYR C 75 27.59 -5.42 10.46
CA TYR C 75 27.34 -4.41 11.49
C TYR C 75 26.67 -3.17 10.93
N PRO C 76 27.21 -2.50 9.90
CA PRO C 76 26.49 -1.36 9.33
C PRO C 76 25.12 -1.73 8.77
N LEU C 77 24.85 -3.01 8.55
CA LEU C 77 23.54 -3.46 8.09
C LEU C 77 22.64 -3.80 9.28
N THR C 78 23.15 -4.58 10.24
CA THR C 78 22.32 -4.95 11.39
C THR C 78 21.91 -3.72 12.20
N THR C 79 22.83 -2.78 12.42
CA THR C 79 22.47 -1.58 13.15
C THR C 79 21.56 -0.67 12.35
N THR C 80 21.61 -0.75 11.01
CA THR C 80 20.73 0.08 10.20
C THR C 80 19.31 -0.49 10.17
N MET C 81 19.19 -1.81 10.12
CA MET C 81 17.88 -2.45 10.10
C MET C 81 17.18 -2.41 11.46
N LEU C 82 17.86 -1.96 12.51
CA LEU C 82 17.24 -1.85 13.82
C LEU C 82 16.33 -0.64 13.92
N SER C 83 16.27 0.21 12.89
CA SER C 83 15.45 1.41 12.91
C SER C 83 14.38 1.40 11.82
N VAL C 84 14.12 0.26 11.20
CA VAL C 84 13.09 0.20 10.15
C VAL C 84 11.72 0.25 10.80
N PRO C 85 10.75 0.98 10.24
CA PRO C 85 9.42 1.02 10.85
C PRO C 85 8.80 -0.37 10.94
N GLY C 86 8.59 -0.82 12.17
CA GLY C 86 7.97 -2.11 12.41
C GLY C 86 8.94 -3.27 12.59
N ALA C 87 10.24 -2.99 12.75
CA ALA C 87 11.22 -4.04 12.90
C ALA C 87 11.20 -4.56 14.34
N LYS C 88 10.85 -5.84 14.51
CA LYS C 88 10.82 -6.43 15.84
C LYS C 88 12.23 -6.82 16.30
N THR C 89 12.90 -7.67 15.53
CA THR C 89 14.28 -8.03 15.82
C THR C 89 15.07 -8.18 14.53
N VAL C 90 16.39 -8.16 14.67
CA VAL C 90 17.31 -8.23 13.55
C VAL C 90 18.42 -9.19 13.94
N ARG C 91 18.33 -10.44 13.49
CA ARG C 91 19.40 -11.39 13.64
C ARG C 91 20.33 -11.32 12.44
N GLY C 92 21.50 -11.94 12.56
CA GLY C 92 22.43 -11.94 11.45
C GLY C 92 23.73 -12.64 11.75
N PHE C 93 24.35 -13.23 10.73
CA PHE C 93 25.67 -13.83 10.89
C PHE C 93 26.41 -13.79 9.56
N SER C 94 27.73 -13.69 9.66
CA SER C 94 28.62 -13.62 8.51
C SER C 94 29.43 -14.89 8.40
N GLN C 95 29.94 -15.13 7.19
CA GLN C 95 30.79 -16.28 6.91
C GLN C 95 31.95 -15.80 6.06
N PHE C 96 32.73 -16.74 5.52
CA PHE C 96 33.96 -16.37 4.82
C PHE C 96 33.66 -15.54 3.57
N GLY C 97 32.51 -15.74 2.93
CA GLY C 97 32.23 -15.07 1.68
C GLY C 97 30.88 -14.40 1.60
N ASP C 98 29.99 -14.69 2.56
CA ASP C 98 28.64 -14.17 2.53
C ASP C 98 28.17 -13.84 3.94
N SER C 99 27.17 -12.96 4.02
CA SER C 99 26.60 -12.53 5.27
C SER C 99 25.08 -12.44 5.12
N TYR C 100 24.38 -12.98 6.11
CA TYR C 100 22.92 -13.01 6.12
C TYR C 100 22.40 -12.14 7.26
N VAL C 101 21.35 -11.38 6.99
CA VAL C 101 20.69 -10.52 7.97
C VAL C 101 19.20 -10.79 7.88
N TYR C 102 18.63 -11.33 8.95
CA TYR C 102 17.20 -11.66 9.02
C TYR C 102 16.49 -10.60 9.85
N VAL C 103 15.61 -9.83 9.24
CA VAL C 103 14.82 -8.82 9.91
C VAL C 103 13.41 -9.36 10.05
N ILE C 104 12.97 -9.59 11.29
CA ILE C 104 11.61 -10.03 11.57
C ILE C 104 10.84 -8.87 12.16
N PHE C 105 9.64 -8.63 11.63
CA PHE C 105 8.84 -7.46 11.94
C PHE C 105 7.78 -7.81 12.99
N GLU C 106 6.98 -6.80 13.34
CA GLU C 106 5.90 -6.99 14.29
C GLU C 106 4.79 -7.84 13.66
N ASP C 107 3.76 -8.10 14.46
CA ASP C 107 2.61 -8.85 13.98
C ASP C 107 1.64 -7.93 13.25
N GLY C 108 1.04 -8.45 12.18
CA GLY C 108 0.09 -7.69 11.40
C GLY C 108 0.73 -6.62 10.54
N THR C 109 1.73 -7.02 9.76
CA THR C 109 2.41 -6.12 8.83
C THR C 109 2.37 -6.73 7.43
N ASP C 110 2.22 -5.87 6.44
CA ASP C 110 2.14 -6.34 5.06
C ASP C 110 3.51 -6.89 4.64
N PRO C 111 3.59 -8.09 4.07
CA PRO C 111 4.90 -8.62 3.65
C PRO C 111 5.61 -7.75 2.64
N TYR C 112 4.86 -7.02 1.78
CA TYR C 112 5.47 -6.18 0.76
C TYR C 112 5.76 -4.78 1.26
N TRP C 113 4.94 -4.26 2.17
CA TRP C 113 5.27 -3.02 2.85
C TRP C 113 6.64 -3.12 3.52
N ALA C 114 6.90 -4.25 4.19
CA ALA C 114 8.19 -4.46 4.83
C ALA C 114 9.31 -4.53 3.80
N ARG C 115 9.06 -5.22 2.68
CA ARG C 115 10.08 -5.30 1.65
C ARG C 115 10.43 -3.92 1.10
N SER C 116 9.42 -3.08 0.86
CA SER C 116 9.69 -1.74 0.36
C SER C 116 10.40 -0.88 1.39
N ARG C 117 9.98 -0.94 2.65
CA ARG C 117 10.61 -0.17 3.71
C ARG C 117 12.02 -0.65 4.02
N VAL C 118 12.35 -1.89 3.68
CA VAL C 118 13.72 -2.36 3.78
C VAL C 118 14.54 -1.96 2.56
N LEU C 119 13.93 -1.96 1.37
CA LEU C 119 14.63 -1.47 0.18
C LEU C 119 15.02 -0.01 0.33
N GLU C 120 14.15 0.80 0.95
CA GLU C 120 14.47 2.21 1.16
C GLU C 120 15.73 2.36 2.03
N TYR C 121 15.78 1.66 3.15
CA TYR C 121 16.95 1.76 4.02
C TYR C 121 18.18 1.14 3.37
N LEU C 122 18.00 0.12 2.55
CA LEU C 122 19.13 -0.43 1.81
C LEU C 122 19.71 0.61 0.85
N ASN C 123 18.83 1.34 0.14
CA ASN C 123 19.30 2.44 -0.70
C ASN C 123 19.99 3.50 0.13
N GLN C 124 19.46 3.81 1.31
CA GLN C 124 20.08 4.81 2.16
C GLN C 124 21.48 4.40 2.61
N VAL C 125 21.68 3.12 2.91
CA VAL C 125 22.98 2.66 3.40
C VAL C 125 23.94 2.31 2.28
N GLN C 126 23.46 2.14 1.05
CA GLN C 126 24.33 1.74 -0.05
C GLN C 126 25.56 2.62 -0.20
N GLY C 127 25.51 3.85 0.30
CA GLY C 127 26.65 4.75 0.13
C GLY C 127 27.83 4.37 1.00
N LYS C 128 27.56 3.86 2.20
CA LYS C 128 28.61 3.60 3.18
C LYS C 128 29.16 2.17 3.11
N LEU C 129 28.76 1.39 2.11
CA LEU C 129 29.28 0.04 1.97
C LEU C 129 30.61 0.05 1.22
N PRO C 130 31.38 -1.02 1.31
CA PRO C 130 32.60 -1.12 0.50
C PRO C 130 32.29 -0.97 -0.98
N ALA C 131 33.36 -0.85 -1.77
CA ALA C 131 33.21 -0.52 -3.18
C ALA C 131 32.48 -1.61 -3.95
N GLY C 132 33.06 -2.81 -3.98
CA GLY C 132 32.58 -3.88 -4.84
C GLY C 132 31.41 -4.69 -4.34
N VAL C 133 30.80 -4.32 -3.21
CA VAL C 133 29.71 -5.09 -2.63
C VAL C 133 28.40 -4.36 -2.87
N SER C 134 27.31 -5.13 -2.92
CA SER C 134 25.98 -4.58 -3.07
C SER C 134 24.97 -5.54 -2.44
N ALA C 135 24.10 -5.01 -1.60
CA ALA C 135 23.12 -5.83 -0.90
C ALA C 135 21.97 -6.19 -1.83
N GLU C 136 21.60 -7.46 -1.83
CA GLU C 136 20.50 -7.97 -2.65
C GLU C 136 19.44 -8.58 -1.75
N LEU C 137 18.18 -8.23 -1.99
CA LEU C 137 17.09 -8.77 -1.20
C LEU C 137 16.88 -10.25 -1.50
N GLY C 138 16.35 -10.97 -0.50
CA GLY C 138 16.05 -12.36 -0.67
C GLY C 138 14.79 -12.56 -1.48
N PRO C 139 14.39 -13.82 -1.66
CA PRO C 139 13.17 -14.10 -2.42
C PRO C 139 11.91 -13.69 -1.67
N ASP C 140 10.74 -13.94 -2.26
CA ASP C 140 9.47 -13.64 -1.64
C ASP C 140 8.91 -14.80 -0.82
N ALA C 141 9.78 -15.69 -0.34
CA ALA C 141 9.37 -16.85 0.42
C ALA C 141 10.22 -16.96 1.67
N THR C 142 10.01 -18.03 2.43
CA THR C 142 10.75 -18.30 3.65
C THR C 142 11.20 -19.76 3.64
N GLY C 143 11.88 -20.16 4.71
CA GLY C 143 12.32 -21.54 4.81
C GLY C 143 11.18 -22.53 4.84
N VAL C 144 10.05 -22.15 5.44
CA VAL C 144 8.90 -23.03 5.52
C VAL C 144 8.22 -23.26 4.17
N GLY C 145 8.65 -22.55 3.14
CA GLY C 145 8.05 -22.65 1.82
C GLY C 145 8.60 -23.76 0.95
N TRP C 146 9.47 -24.61 1.49
CA TRP C 146 10.02 -25.72 0.71
C TRP C 146 8.93 -26.78 0.53
N ILE C 147 8.24 -26.74 -0.61
CA ILE C 147 7.03 -27.54 -0.80
C ILE C 147 7.34 -28.88 -1.44
N TYR C 148 8.09 -28.88 -2.53
CA TYR C 148 8.30 -30.09 -3.33
C TYR C 148 9.78 -30.23 -3.63
N GLU C 149 10.29 -31.44 -3.50
CA GLU C 149 11.70 -31.73 -3.76
C GLU C 149 11.82 -33.00 -4.59
N TYR C 150 12.77 -32.99 -5.52
CA TYR C 150 12.99 -34.15 -6.38
C TYR C 150 14.49 -34.33 -6.57
N ALA C 151 14.86 -35.52 -7.04
CA ALA C 151 16.24 -35.87 -7.32
C ALA C 151 16.36 -36.43 -8.73
N LEU C 152 17.40 -36.01 -9.43
CA LEU C 152 17.67 -36.46 -10.79
C LEU C 152 18.68 -37.60 -10.72
N VAL C 153 18.18 -38.83 -10.84
CA VAL C 153 19.03 -40.01 -10.78
C VAL C 153 19.32 -40.46 -12.21
N ASP C 154 20.42 -41.20 -12.35
CA ASP C 154 20.83 -41.74 -13.65
C ASP C 154 21.26 -43.19 -13.42
N ARG C 155 20.38 -44.13 -13.76
CA ARG C 155 20.70 -45.55 -13.65
C ARG C 155 21.30 -46.09 -14.95
N SER C 156 22.30 -45.37 -15.47
CA SER C 156 23.04 -45.81 -16.64
C SER C 156 24.53 -45.53 -16.55
N GLY C 157 25.00 -44.87 -15.51
CA GLY C 157 26.40 -44.50 -15.41
C GLY C 157 26.90 -43.76 -16.64
N LYS C 158 26.00 -43.07 -17.32
CA LYS C 158 26.32 -42.42 -18.59
C LYS C 158 26.47 -40.91 -18.44
N HIS C 159 25.46 -40.24 -17.90
CA HIS C 159 25.49 -38.79 -17.77
C HIS C 159 26.17 -38.40 -16.45
N ASP C 160 27.28 -37.68 -16.56
CA ASP C 160 28.02 -37.25 -15.39
C ASP C 160 27.17 -36.31 -14.53
N LEU C 161 27.62 -36.11 -13.29
CA LEU C 161 26.92 -35.19 -12.40
C LEU C 161 26.84 -33.79 -12.96
N ALA C 162 27.89 -33.32 -13.64
CA ALA C 162 27.86 -32.00 -14.26
C ALA C 162 26.80 -31.89 -15.33
N ASP C 163 26.63 -32.92 -16.16
CA ASP C 163 25.57 -32.90 -17.16
C ASP C 163 24.19 -32.82 -16.51
N LEU C 164 23.97 -33.60 -15.44
CA LEU C 164 22.68 -33.56 -14.75
C LEU C 164 22.42 -32.19 -14.14
N ARG C 165 23.43 -31.59 -13.51
CA ARG C 165 23.20 -30.29 -12.90
C ARG C 165 22.99 -29.20 -13.95
N SER C 166 23.70 -29.29 -15.08
CA SER C 166 23.46 -28.33 -16.16
C SER C 166 22.04 -28.47 -16.70
N LEU C 167 21.61 -29.72 -16.94
CA LEU C 167 20.23 -29.96 -17.33
C LEU C 167 19.27 -29.30 -16.35
N GLN C 168 19.42 -29.61 -15.06
CA GLN C 168 18.58 -28.98 -14.05
C GLN C 168 18.57 -27.47 -14.21
N ASP C 169 19.74 -26.84 -14.03
CA ASP C 169 19.83 -25.38 -14.01
C ASP C 169 19.18 -24.75 -15.23
N TRP C 170 19.52 -25.23 -16.42
CA TRP C 170 19.17 -24.53 -17.64
C TRP C 170 17.88 -25.03 -18.30
N PHE C 171 17.25 -26.07 -17.78
CA PHE C 171 15.96 -26.52 -18.30
C PHE C 171 14.86 -26.49 -17.25
N LEU C 172 15.06 -27.12 -16.10
CA LEU C 172 13.96 -27.30 -15.16
C LEU C 172 13.73 -26.06 -14.31
N LYS C 173 14.80 -25.33 -13.98
CA LYS C 173 14.62 -24.07 -13.26
C LYS C 173 13.74 -23.11 -14.04
N TYR C 174 13.76 -23.21 -15.37
CA TYR C 174 12.91 -22.38 -16.22
C TYR C 174 11.56 -23.00 -16.49
N GLU C 175 11.49 -24.33 -16.58
CA GLU C 175 10.20 -24.99 -16.84
C GLU C 175 9.28 -24.87 -15.63
N LEU C 176 9.78 -25.19 -14.45
CA LEU C 176 8.96 -25.20 -13.23
C LEU C 176 8.74 -23.81 -12.66
N LYS C 177 9.39 -22.78 -13.19
CA LYS C 177 9.21 -21.43 -12.67
C LYS C 177 8.04 -20.71 -13.31
N THR C 178 7.62 -21.12 -14.50
CA THR C 178 6.47 -20.49 -15.15
C THR C 178 5.16 -20.80 -14.42
N ILE C 179 5.16 -21.77 -13.52
CA ILE C 179 3.95 -22.07 -12.76
C ILE C 179 3.53 -20.81 -12.01
N PRO C 180 2.21 -20.51 -11.90
CA PRO C 180 1.78 -19.18 -11.44
C PRO C 180 2.48 -18.66 -10.20
N ASP C 181 2.40 -19.38 -9.08
CA ASP C 181 2.85 -18.88 -7.79
C ASP C 181 3.99 -19.73 -7.22
N VAL C 182 4.93 -20.11 -8.06
CA VAL C 182 6.16 -20.75 -7.62
C VAL C 182 7.22 -19.68 -7.43
N ALA C 183 7.65 -19.49 -6.18
CA ALA C 183 8.57 -18.40 -5.88
C ALA C 183 9.98 -18.68 -6.37
N GLU C 184 10.44 -19.93 -6.29
CA GLU C 184 11.81 -20.21 -6.67
C GLU C 184 11.98 -21.71 -6.91
N VAL C 185 13.00 -22.05 -7.68
CA VAL C 185 13.41 -23.43 -7.92
C VAL C 185 14.91 -23.49 -7.71
N ALA C 186 15.32 -23.96 -6.53
CA ALA C 186 16.73 -24.01 -6.16
C ALA C 186 17.33 -25.35 -6.58
N SER C 187 18.64 -25.33 -6.88
CA SER C 187 19.37 -26.52 -7.27
C SER C 187 20.24 -27.00 -6.12
N VAL C 188 20.26 -28.31 -5.92
CA VAL C 188 21.02 -28.93 -4.84
C VAL C 188 21.95 -29.98 -5.43
N GLY C 189 23.16 -30.05 -4.90
CA GLY C 189 24.11 -31.03 -5.38
C GLY C 189 24.58 -30.74 -6.79
N GLY C 190 25.20 -31.76 -7.39
CA GLY C 190 25.71 -31.64 -8.74
C GLY C 190 27.00 -30.85 -8.79
N VAL C 191 27.53 -30.72 -10.00
CA VAL C 191 28.80 -30.05 -10.25
C VAL C 191 28.57 -28.94 -11.27
N VAL C 192 29.20 -27.79 -11.04
CA VAL C 192 29.13 -26.68 -11.97
C VAL C 192 30.39 -26.73 -12.84
N LYS C 193 30.19 -26.88 -14.14
CA LYS C 193 31.32 -26.87 -15.07
C LYS C 193 32.09 -25.56 -14.93
N GLU C 194 33.42 -25.66 -15.05
CA GLU C 194 34.26 -24.48 -14.93
C GLU C 194 35.46 -24.64 -15.86
N TYR C 195 35.94 -23.51 -16.36
CA TYR C 195 37.11 -23.46 -17.25
C TYR C 195 38.30 -23.05 -16.40
N GLN C 196 39.10 -24.03 -16.00
CA GLN C 196 40.23 -23.82 -15.10
C GLN C 196 41.50 -23.68 -15.92
N VAL C 197 42.19 -22.56 -15.75
CA VAL C 197 43.48 -22.32 -16.39
C VAL C 197 44.54 -22.30 -15.29
N VAL C 198 45.34 -23.36 -15.21
CA VAL C 198 46.38 -23.48 -14.21
C VAL C 198 47.68 -22.95 -14.80
N ILE C 199 48.27 -21.97 -14.13
CA ILE C 199 49.46 -21.29 -14.63
C ILE C 199 50.69 -21.90 -13.96
N ASP C 200 51.72 -22.16 -14.77
CA ASP C 200 52.98 -22.68 -14.25
C ASP C 200 53.90 -21.52 -13.89
N PRO C 201 54.25 -21.32 -12.62
CA PRO C 201 55.12 -20.19 -12.29
C PRO C 201 56.47 -20.24 -12.98
N GLN C 202 57.03 -21.44 -13.16
CA GLN C 202 58.29 -21.56 -13.88
C GLN C 202 58.20 -21.00 -15.29
N ARG C 203 57.13 -21.31 -16.02
CA ARG C 203 56.94 -20.79 -17.37
C ARG C 203 56.55 -19.31 -17.37
N LEU C 204 55.95 -18.81 -16.29
CA LEU C 204 55.75 -17.37 -16.18
C LEU C 204 57.08 -16.64 -16.04
N ALA C 205 58.01 -17.20 -15.25
CA ALA C 205 59.31 -16.59 -15.10
C ALA C 205 60.17 -16.75 -16.35
N GLN C 206 60.03 -17.87 -17.06
CA GLN C 206 60.81 -18.09 -18.26
C GLN C 206 60.56 -16.99 -19.30
N TYR C 207 59.31 -16.81 -19.70
CA TYR C 207 58.98 -15.81 -20.70
C TYR C 207 58.91 -14.40 -20.13
N GLY C 208 58.92 -14.25 -18.80
CA GLY C 208 58.88 -12.94 -18.19
C GLY C 208 57.52 -12.28 -18.31
N ILE C 209 56.51 -12.88 -17.70
CA ILE C 209 55.15 -12.36 -17.72
C ILE C 209 54.61 -12.39 -16.29
N SER C 210 53.82 -11.38 -15.94
CA SER C 210 53.21 -11.28 -14.63
C SER C 210 51.76 -11.75 -14.69
N LEU C 211 51.18 -11.96 -13.50
CA LEU C 211 49.80 -12.42 -13.43
C LEU C 211 48.82 -11.34 -13.86
N ALA C 212 49.14 -10.07 -13.60
CA ALA C 212 48.26 -8.99 -14.03
C ALA C 212 48.10 -8.99 -15.54
N GLU C 213 49.19 -9.24 -16.28
CA GLU C 213 49.10 -9.32 -17.73
C GLU C 213 48.20 -10.46 -18.17
N VAL C 214 48.32 -11.61 -17.50
CA VAL C 214 47.50 -12.76 -17.85
C VAL C 214 46.02 -12.44 -17.63
N LYS C 215 45.70 -11.83 -16.50
CA LYS C 215 44.31 -11.48 -16.22
C LYS C 215 43.79 -10.46 -17.21
N SER C 216 44.61 -9.45 -17.55
CA SER C 216 44.18 -8.44 -18.49
C SER C 216 43.95 -9.02 -19.88
N ALA C 217 44.80 -9.94 -20.32
CA ALA C 217 44.61 -10.57 -21.62
C ALA C 217 43.45 -11.56 -21.61
N LEU C 218 43.13 -12.14 -20.44
CA LEU C 218 42.00 -13.06 -20.35
C LEU C 218 40.68 -12.30 -20.41
N ASP C 219 40.56 -11.24 -19.61
CA ASP C 219 39.30 -10.48 -19.56
C ASP C 219 39.14 -9.53 -20.73
N ALA C 220 40.03 -9.57 -21.72
CA ALA C 220 39.96 -8.69 -22.88
C ALA C 220 39.88 -9.50 -24.18
N SER C 221 39.41 -10.75 -24.08
CA SER C 221 39.31 -11.60 -25.26
C SER C 221 38.02 -12.42 -25.27
N ASN C 222 37.01 -12.05 -24.49
CA ASN C 222 35.76 -12.78 -24.38
C ASN C 222 34.58 -11.83 -24.59
N GLN C 223 34.66 -11.01 -25.63
CA GLN C 223 33.65 -10.00 -25.91
C GLN C 223 33.14 -10.16 -27.33
N GLU C 224 32.12 -9.38 -27.65
CA GLU C 224 31.54 -9.34 -28.99
C GLU C 224 30.81 -8.02 -29.14
N ALA C 225 31.26 -7.18 -30.07
CA ALA C 225 30.72 -5.84 -30.18
C ALA C 225 30.89 -5.33 -31.60
N GLY C 226 29.80 -4.86 -32.19
CA GLY C 226 29.83 -4.18 -33.47
C GLY C 226 28.80 -3.07 -33.50
N GLY C 227 29.23 -1.84 -33.76
CA GLY C 227 28.36 -0.69 -33.58
C GLY C 227 28.18 0.18 -34.81
N SER C 228 28.02 -0.42 -35.98
CA SER C 228 27.91 0.33 -37.22
C SER C 228 26.71 -0.19 -38.02
N SER C 229 26.38 0.55 -39.08
CA SER C 229 25.36 0.12 -40.03
C SER C 229 25.56 0.91 -41.31
N ILE C 230 25.90 0.23 -42.39
CA ILE C 230 26.24 0.89 -43.65
C ILE C 230 25.16 0.61 -44.68
N GLU C 231 24.87 1.62 -45.50
CA GLU C 231 23.82 1.52 -46.51
C GLU C 231 24.44 1.12 -47.84
N LEU C 232 24.01 -0.04 -48.35
CA LEU C 232 24.50 -0.51 -49.65
C LEU C 232 23.59 -0.04 -50.78
N ALA C 233 23.30 1.25 -50.78
CA ALA C 233 22.58 1.94 -51.86
C ALA C 233 21.11 1.58 -51.94
N GLU C 234 20.66 0.57 -51.20
CA GLU C 234 19.23 0.28 -51.10
C GLU C 234 18.74 -0.02 -49.69
N ALA C 235 19.58 -0.55 -48.80
CA ALA C 235 19.12 -0.97 -47.48
C ALA C 235 20.29 -0.95 -46.52
N GLU C 236 19.98 -1.13 -45.23
CA GLU C 236 20.99 -1.10 -44.20
C GLU C 236 21.63 -2.47 -44.02
N TYR C 237 22.89 -2.47 -43.60
CA TYR C 237 23.66 -3.67 -43.32
C TYR C 237 24.32 -3.47 -41.96
N MET C 238 23.96 -4.29 -40.99
CA MET C 238 24.53 -4.18 -39.65
C MET C 238 25.91 -4.82 -39.61
N VAL C 239 26.84 -4.18 -38.91
CA VAL C 239 28.21 -4.65 -38.81
C VAL C 239 28.37 -5.35 -37.47
N ARG C 240 28.78 -6.62 -37.52
CA ARG C 240 28.96 -7.44 -36.34
C ARG C 240 30.38 -8.00 -36.32
N ALA C 241 30.98 -8.06 -35.13
CA ALA C 241 32.33 -8.56 -34.95
C ALA C 241 32.33 -9.62 -33.85
N SER C 242 32.96 -10.75 -34.14
CA SER C 242 32.97 -11.89 -33.20
C SER C 242 34.01 -11.65 -32.12
N GLY C 243 34.35 -12.69 -31.36
CA GLY C 243 35.33 -12.58 -30.31
C GLY C 243 35.05 -13.43 -29.07
N TYR C 244 33.88 -14.05 -29.01
CA TYR C 244 33.56 -14.89 -27.87
C TYR C 244 34.51 -16.08 -27.77
N LEU C 245 34.69 -16.56 -26.55
CA LEU C 245 35.45 -17.79 -26.31
C LEU C 245 34.47 -18.96 -26.30
N GLN C 246 34.64 -19.88 -27.24
CA GLN C 246 33.73 -21.00 -27.42
C GLN C 246 34.35 -22.34 -27.06
N THR C 247 35.50 -22.67 -27.63
CA THR C 247 36.15 -23.95 -27.43
C THR C 247 37.48 -23.75 -26.72
N LEU C 248 38.15 -24.87 -26.39
CA LEU C 248 39.45 -24.79 -25.73
C LEU C 248 40.52 -24.27 -26.68
N ASP C 249 40.36 -24.48 -27.98
CA ASP C 249 41.32 -23.96 -28.94
C ASP C 249 41.40 -22.44 -28.89
N ASP C 250 40.32 -21.77 -28.49
CA ASP C 250 40.34 -20.31 -28.37
C ASP C 250 41.11 -19.85 -27.15
N PHE C 251 40.93 -20.52 -26.01
CA PHE C 251 41.69 -20.17 -24.81
C PHE C 251 43.19 -20.27 -25.06
N ASN C 252 43.62 -21.26 -25.84
CA ASN C 252 45.03 -21.52 -26.07
C ASN C 252 45.67 -20.55 -27.06
N HIS C 253 44.96 -19.53 -27.52
CA HIS C 253 45.48 -18.62 -28.53
C HIS C 253 45.47 -17.16 -28.10
N ILE C 254 44.91 -16.83 -26.93
CA ILE C 254 44.92 -15.45 -26.48
C ILE C 254 46.36 -15.02 -26.23
N VAL C 255 46.73 -13.87 -26.78
CA VAL C 255 48.12 -13.41 -26.76
C VAL C 255 48.39 -12.66 -25.47
N LEU C 256 49.54 -12.94 -24.87
CA LEU C 256 50.01 -12.24 -23.67
C LEU C 256 51.00 -11.14 -24.02
N LYS C 257 51.91 -11.41 -24.96
CA LYS C 257 52.81 -10.38 -25.46
C LYS C 257 53.44 -10.88 -26.76
N ALA C 258 53.62 -9.97 -27.71
CA ALA C 258 54.20 -10.29 -29.00
C ALA C 258 55.51 -9.53 -29.19
N SER C 259 56.54 -10.23 -29.65
CA SER C 259 57.84 -9.64 -29.87
C SER C 259 57.92 -9.10 -31.29
N GLU C 260 58.36 -7.84 -31.41
CA GLU C 260 58.50 -7.22 -32.73
C GLU C 260 59.40 -8.07 -33.62
N ASN C 261 58.85 -8.53 -34.74
CA ASN C 261 59.57 -9.40 -35.66
C ASN C 261 60.00 -10.69 -34.95
N GLY C 262 59.06 -11.27 -34.22
CA GLY C 262 59.33 -12.48 -33.47
C GLY C 262 58.05 -13.25 -33.23
N VAL C 263 58.22 -14.45 -32.70
CA VAL C 263 57.06 -15.33 -32.44
C VAL C 263 56.34 -14.86 -31.18
N PRO C 264 55.02 -14.77 -31.17
CA PRO C 264 54.31 -14.36 -29.96
C PRO C 264 54.06 -15.52 -29.01
N VAL C 265 53.92 -15.16 -27.74
CA VAL C 265 53.65 -16.14 -26.69
C VAL C 265 52.14 -16.16 -26.42
N TYR C 266 51.56 -17.36 -26.45
CA TYR C 266 50.14 -17.54 -26.21
C TYR C 266 49.92 -17.98 -24.77
N LEU C 267 48.64 -18.16 -24.41
CA LEU C 267 48.33 -18.71 -23.09
C LEU C 267 48.72 -20.17 -23.00
N ARG C 268 48.79 -20.86 -24.13
CA ARG C 268 49.20 -22.27 -24.12
C ARG C 268 50.63 -22.43 -23.64
N ASP C 269 51.49 -21.45 -23.92
CA ASP C 269 52.90 -21.53 -23.54
C ASP C 269 53.14 -21.13 -22.09
N VAL C 270 52.11 -20.73 -21.35
CA VAL C 270 52.29 -20.22 -20.00
C VAL C 270 51.42 -21.00 -19.02
N ALA C 271 50.33 -21.58 -19.51
CA ALA C 271 49.37 -22.25 -18.64
C ALA C 271 48.74 -23.42 -19.37
N LYS C 272 47.90 -24.17 -18.65
CA LYS C 272 47.14 -25.28 -19.19
C LYS C 272 45.68 -25.06 -18.88
N VAL C 273 44.83 -25.14 -19.91
CA VAL C 273 43.40 -24.90 -19.79
C VAL C 273 42.68 -26.24 -19.81
N GLN C 274 41.66 -26.38 -18.97
CA GLN C 274 40.91 -27.62 -18.86
C GLN C 274 39.51 -27.31 -18.37
N ILE C 275 38.63 -28.29 -18.48
CA ILE C 275 37.27 -28.22 -17.97
C ILE C 275 37.19 -29.07 -16.72
N GLY C 276 36.78 -28.46 -15.61
CA GLY C 276 36.75 -29.13 -14.33
C GLY C 276 35.56 -28.75 -13.48
N PRO C 277 35.56 -29.22 -12.22
CA PRO C 277 34.45 -28.91 -11.32
C PRO C 277 34.67 -27.64 -10.53
N GLU C 278 33.64 -26.81 -10.41
CA GLU C 278 33.73 -25.63 -9.58
C GLU C 278 33.68 -26.01 -8.11
N MET C 279 34.29 -25.17 -7.27
CA MET C 279 34.29 -25.42 -5.83
C MET C 279 32.86 -25.58 -5.35
N ARG C 280 32.58 -26.73 -4.73
CA ARG C 280 31.22 -27.11 -4.37
C ARG C 280 30.79 -26.44 -3.08
N ARG C 281 29.56 -25.90 -3.10
CA ARG C 281 28.96 -25.33 -1.91
C ARG C 281 27.93 -26.26 -1.26
N GLY C 282 27.33 -27.16 -2.03
CA GLY C 282 26.36 -28.09 -1.50
C GLY C 282 26.47 -29.46 -2.16
N ILE C 283 26.23 -30.51 -1.39
CA ILE C 283 26.30 -31.89 -1.88
C ILE C 283 25.01 -32.58 -1.50
N ALA C 284 24.45 -33.35 -2.43
CA ALA C 284 23.23 -34.11 -2.21
C ALA C 284 23.49 -35.58 -2.52
N GLU C 285 22.62 -36.44 -1.99
CA GLU C 285 22.82 -37.88 -2.14
C GLU C 285 21.51 -38.59 -1.89
N LEU C 286 21.32 -39.68 -2.65
CA LEU C 286 20.12 -40.55 -2.59
C LEU C 286 20.19 -41.43 -1.35
N ASN C 287 19.43 -42.52 -1.33
CA ASN C 287 19.35 -43.41 -0.18
C ASN C 287 20.73 -43.88 0.30
N GLY C 288 21.42 -44.68 -0.50
CA GLY C 288 22.74 -45.13 -0.10
C GLY C 288 23.69 -45.34 -1.27
N GLU C 289 23.27 -44.95 -2.47
CA GLU C 289 24.01 -45.30 -3.67
C GLU C 289 25.17 -44.33 -3.91
N GLY C 290 24.85 -43.06 -4.13
CA GLY C 290 25.88 -42.09 -4.41
C GLY C 290 25.29 -40.71 -4.61
N GLU C 291 26.17 -39.77 -4.95
CA GLU C 291 25.74 -38.39 -5.13
C GLU C 291 24.70 -38.29 -6.24
N VAL C 292 23.84 -37.28 -6.12
CA VAL C 292 22.78 -37.02 -7.10
C VAL C 292 22.46 -35.54 -7.06
N ALA C 293 22.11 -34.98 -8.22
CA ALA C 293 21.68 -33.60 -8.32
C ALA C 293 20.15 -33.54 -8.25
N GLY C 294 19.63 -32.52 -7.59
CA GLY C 294 18.20 -32.39 -7.43
C GLY C 294 17.71 -30.96 -7.36
N GLY C 295 16.39 -30.79 -7.20
CA GLY C 295 15.81 -29.46 -7.14
C GLY C 295 14.91 -29.34 -5.93
N VAL C 296 14.57 -28.09 -5.61
CA VAL C 296 13.72 -27.75 -4.47
C VAL C 296 12.78 -26.64 -4.90
N VAL C 297 11.49 -26.88 -4.76
CA VAL C 297 10.48 -25.89 -5.11
C VAL C 297 10.13 -25.08 -3.87
N ILE C 298 10.22 -23.75 -3.98
CA ILE C 298 9.94 -22.84 -2.89
C ILE C 298 8.73 -21.99 -3.28
N LEU C 299 7.71 -22.01 -2.43
CA LEU C 299 6.41 -21.41 -2.73
C LEU C 299 6.38 -19.96 -2.27
N ARG C 300 5.63 -19.14 -3.01
CA ARG C 300 5.46 -17.74 -2.63
C ARG C 300 4.70 -17.64 -1.32
N SER C 301 5.24 -16.83 -0.41
CA SER C 301 4.65 -16.71 0.93
C SER C 301 3.21 -16.22 0.83
N GLY C 302 2.28 -17.04 1.33
CA GLY C 302 0.89 -16.67 1.41
C GLY C 302 0.00 -17.22 0.32
N LYS C 303 0.38 -18.32 -0.33
CA LYS C 303 -0.39 -18.92 -1.40
C LYS C 303 -0.79 -20.33 -1.01
N ASN C 304 -1.55 -20.98 -1.89
CA ASN C 304 -1.97 -22.35 -1.67
C ASN C 304 -0.92 -23.32 -2.19
N ALA C 305 -0.71 -24.41 -1.45
CA ALA C 305 0.35 -25.35 -1.78
C ALA C 305 -0.15 -26.56 -2.58
N ARG C 306 -1.39 -26.98 -2.36
CA ARG C 306 -1.88 -28.17 -3.02
C ARG C 306 -1.97 -27.98 -4.54
N GLU C 307 -2.56 -26.88 -4.99
CA GLU C 307 -2.66 -26.65 -6.43
C GLU C 307 -1.28 -26.46 -7.07
N VAL C 308 -0.35 -25.83 -6.35
CA VAL C 308 0.99 -25.67 -6.88
C VAL C 308 1.67 -27.02 -7.04
N ILE C 309 1.51 -27.91 -6.05
CA ILE C 309 2.09 -29.24 -6.16
C ILE C 309 1.44 -30.00 -7.31
N ALA C 310 0.13 -29.83 -7.49
CA ALA C 310 -0.56 -30.50 -8.59
C ALA C 310 -0.01 -30.05 -9.93
N ALA C 311 0.16 -28.74 -10.11
CA ALA C 311 0.72 -28.23 -11.36
C ALA C 311 2.15 -28.71 -11.56
N VAL C 312 2.95 -28.72 -10.49
CA VAL C 312 4.33 -29.17 -10.59
C VAL C 312 4.37 -30.63 -11.03
N LYS C 313 3.50 -31.47 -10.45
CA LYS C 313 3.49 -32.88 -10.82
C LYS C 313 3.02 -33.07 -12.26
N ASP C 314 2.01 -32.32 -12.69
CA ASP C 314 1.56 -32.41 -14.08
C ASP C 314 2.68 -32.03 -15.04
N LYS C 315 3.42 -30.97 -14.73
CA LYS C 315 4.50 -30.55 -15.61
C LYS C 315 5.63 -31.56 -15.61
N LEU C 316 6.03 -32.05 -14.44
CA LEU C 316 7.09 -33.06 -14.38
C LEU C 316 6.67 -34.34 -15.09
N GLU C 317 5.38 -34.61 -15.15
CA GLU C 317 4.90 -35.80 -15.86
C GLU C 317 4.92 -35.60 -17.37
N THR C 318 4.46 -34.43 -17.84
CA THR C 318 4.50 -34.15 -19.27
C THR C 318 5.91 -33.85 -19.77
N LEU C 319 6.88 -33.70 -18.88
CA LEU C 319 8.27 -33.47 -19.27
C LEU C 319 9.11 -34.74 -19.27
N LYS C 320 8.55 -35.87 -18.85
CA LYS C 320 9.35 -37.10 -18.78
C LYS C 320 9.82 -37.57 -20.16
N SER C 321 9.12 -37.17 -21.23
CA SER C 321 9.51 -37.57 -22.57
C SER C 321 10.64 -36.71 -23.13
N SER C 322 10.82 -35.50 -22.63
CA SER C 322 11.86 -34.60 -23.10
C SER C 322 13.20 -34.81 -22.41
N LEU C 323 13.25 -35.64 -21.36
CA LEU C 323 14.50 -35.88 -20.67
C LEU C 323 15.38 -36.83 -21.48
N PRO C 324 16.70 -36.78 -21.30
CA PRO C 324 17.58 -37.71 -22.00
C PRO C 324 17.31 -39.16 -21.59
N GLU C 325 17.90 -40.07 -22.34
CA GLU C 325 17.70 -41.50 -22.12
C GLU C 325 18.48 -41.95 -20.87
N GLY C 326 17.75 -42.38 -19.85
CA GLY C 326 18.35 -42.92 -18.63
C GLY C 326 18.15 -42.07 -17.40
N VAL C 327 17.79 -40.79 -17.56
CA VAL C 327 17.62 -39.89 -16.43
C VAL C 327 16.20 -40.02 -15.91
N GLU C 328 16.06 -40.10 -14.58
CA GLU C 328 14.76 -40.22 -13.93
C GLU C 328 14.65 -39.18 -12.83
N ILE C 329 13.42 -38.76 -12.55
CA ILE C 329 13.12 -37.80 -11.51
C ILE C 329 12.34 -38.52 -10.43
N VAL C 330 12.93 -38.63 -9.24
CA VAL C 330 12.31 -39.31 -8.11
C VAL C 330 11.94 -38.27 -7.05
N THR C 331 10.68 -38.25 -6.65
CA THR C 331 10.22 -37.31 -5.64
C THR C 331 10.75 -37.71 -4.27
N THR C 332 11.15 -36.71 -3.48
CA THR C 332 11.70 -36.93 -2.16
C THR C 332 10.81 -36.38 -1.06
N TYR C 333 10.42 -35.12 -1.15
CA TYR C 333 9.51 -34.49 -0.20
C TYR C 333 8.29 -33.99 -0.95
N ASP C 334 7.11 -34.35 -0.45
CA ASP C 334 5.85 -33.97 -1.07
C ASP C 334 4.86 -33.62 0.04
N ARG C 335 4.53 -32.34 0.16
CA ARG C 335 3.62 -31.90 1.21
C ARG C 335 2.16 -32.18 0.89
N SER C 336 1.85 -32.56 -0.34
CA SER C 336 0.45 -32.86 -0.68
C SER C 336 -0.04 -34.11 0.00
N GLN C 337 0.85 -35.05 0.34
CA GLN C 337 0.42 -36.27 1.02
C GLN C 337 -0.14 -35.95 2.40
N LEU C 338 0.57 -35.13 3.17
CA LEU C 338 0.09 -34.75 4.50
C LEU C 338 -1.23 -34.00 4.40
N ILE C 339 -1.36 -33.10 3.43
CA ILE C 339 -2.60 -32.34 3.27
C ILE C 339 -3.76 -33.30 2.97
N ASP C 340 -3.55 -34.22 2.04
CA ASP C 340 -4.59 -35.18 1.69
C ASP C 340 -4.98 -36.02 2.90
N ARG C 341 -3.98 -36.52 3.64
CA ARG C 341 -4.28 -37.35 4.80
C ARG C 341 -5.07 -36.58 5.84
N ALA C 342 -4.67 -35.34 6.13
CA ALA C 342 -5.37 -34.54 7.13
C ALA C 342 -6.80 -34.26 6.69
N ILE C 343 -6.99 -33.89 5.43
CA ILE C 343 -8.34 -33.59 4.95
C ILE C 343 -9.22 -34.83 5.03
N ASP C 344 -8.69 -35.98 4.59
CA ASP C 344 -9.47 -37.21 4.64
C ASP C 344 -9.83 -37.57 6.08
N ASN C 345 -8.86 -37.45 7.00
CA ASN C 345 -9.12 -37.78 8.39
C ASN C 345 -10.22 -36.89 8.97
N LEU C 346 -10.12 -35.58 8.74
CA LEU C 346 -11.10 -34.67 9.32
C LEU C 346 -12.48 -34.88 8.70
N SER C 347 -12.54 -35.15 7.39
CA SER C 347 -13.83 -35.41 6.76
C SER C 347 -14.46 -36.67 7.30
N GLY C 348 -13.67 -37.74 7.48
CA GLY C 348 -14.21 -38.95 8.06
C GLY C 348 -14.68 -38.74 9.49
N LYS C 349 -13.93 -37.94 10.26
CA LYS C 349 -14.35 -37.65 11.63
C LYS C 349 -15.67 -36.90 11.65
N LEU C 350 -15.83 -35.91 10.78
CA LEU C 350 -17.09 -35.19 10.69
C LEU C 350 -18.23 -36.13 10.34
N LEU C 351 -18.02 -36.98 9.33
CA LEU C 351 -19.07 -37.90 8.91
C LEU C 351 -19.47 -38.85 10.04
N GLU C 352 -18.48 -39.41 10.72
CA GLU C 352 -18.70 -40.38 11.82
C GLU C 352 -19.43 -39.66 12.97
N GLU C 353 -19.03 -38.45 13.31
CA GLU C 353 -19.71 -37.68 14.33
C GLU C 353 -21.18 -37.49 13.99
N PHE C 354 -21.45 -37.09 12.75
CA PHE C 354 -22.82 -36.94 12.29
C PHE C 354 -23.60 -38.24 12.45
N ILE C 355 -23.00 -39.36 12.01
CA ILE C 355 -23.69 -40.64 12.06
C ILE C 355 -24.01 -41.02 13.50
N VAL C 356 -23.05 -40.85 14.41
CA VAL C 356 -23.26 -41.27 15.79
C VAL C 356 -24.30 -40.38 16.47
N VAL C 357 -24.28 -39.07 16.17
CA VAL C 357 -25.28 -38.19 16.74
C VAL C 357 -26.67 -38.60 16.25
N ALA C 358 -26.80 -38.91 14.96
CA ALA C 358 -28.09 -39.36 14.44
C ALA C 358 -28.53 -40.65 15.11
N VAL C 359 -27.60 -41.58 15.33
CA VAL C 359 -27.94 -42.85 15.95
C VAL C 359 -28.45 -42.61 17.37
N VAL C 360 -27.77 -41.74 18.12
CA VAL C 360 -28.18 -41.48 19.50
C VAL C 360 -29.56 -40.82 19.51
N CYS C 361 -29.79 -39.86 18.61
CA CYS C 361 -31.08 -39.20 18.56
C CYS C 361 -32.19 -40.19 18.26
N ALA C 362 -31.98 -41.07 17.26
CA ALA C 362 -33.00 -42.04 16.91
C ALA C 362 -33.20 -43.07 18.02
N LEU C 363 -32.15 -43.37 18.78
CA LEU C 363 -32.28 -44.33 19.87
C LEU C 363 -33.07 -43.74 21.03
N PHE C 364 -32.90 -42.45 21.28
CA PHE C 364 -33.62 -41.83 22.39
C PHE C 364 -35.06 -41.53 22.02
N LEU C 365 -35.29 -40.83 20.90
CA LEU C 365 -36.64 -40.44 20.53
C LEU C 365 -37.45 -41.63 19.99
N TRP C 366 -36.78 -42.58 19.34
CA TRP C 366 -37.45 -43.79 18.82
C TRP C 366 -38.39 -43.44 17.65
N HIS C 367 -38.07 -42.40 16.88
CA HIS C 367 -38.89 -42.00 15.74
C HIS C 367 -37.96 -41.53 14.64
N VAL C 368 -38.10 -42.12 13.45
CA VAL C 368 -37.17 -41.84 12.36
C VAL C 368 -37.27 -40.39 11.92
N ARG C 369 -38.50 -39.90 11.72
CA ARG C 369 -38.66 -38.52 11.23
C ARG C 369 -38.21 -37.50 12.27
N SER C 370 -38.39 -37.80 13.56
CA SER C 370 -37.93 -36.89 14.59
C SER C 370 -36.41 -36.78 14.59
N ALA C 371 -35.71 -37.92 14.52
CA ALA C 371 -34.26 -37.88 14.42
C ALA C 371 -33.82 -37.19 13.13
N LEU C 372 -34.57 -37.35 12.05
CA LEU C 372 -34.23 -36.69 10.79
C LEU C 372 -34.29 -35.18 10.94
N VAL C 373 -35.40 -34.66 11.47
CA VAL C 373 -35.53 -33.22 11.65
C VAL C 373 -34.59 -32.72 12.73
N ALA C 374 -34.12 -33.59 13.62
CA ALA C 374 -33.14 -33.18 14.61
C ALA C 374 -31.77 -32.99 13.98
N ILE C 375 -31.34 -33.96 13.15
CA ILE C 375 -30.02 -33.89 12.53
C ILE C 375 -29.97 -33.00 11.30
N ILE C 376 -31.13 -32.58 10.77
CA ILE C 376 -31.11 -31.73 9.59
C ILE C 376 -30.50 -30.37 9.87
N SER C 377 -30.20 -30.05 11.13
CA SER C 377 -29.61 -28.77 11.47
C SER C 377 -28.11 -28.73 11.25
N LEU C 378 -27.44 -29.87 11.11
CA LEU C 378 -25.99 -29.90 10.97
C LEU C 378 -25.57 -29.54 9.55
N PRO C 379 -26.18 -30.11 8.52
CA PRO C 379 -25.75 -29.75 7.15
C PRO C 379 -25.95 -28.28 6.83
N LEU C 380 -27.09 -27.71 7.24
CA LEU C 380 -27.34 -26.30 6.95
C LEU C 380 -26.38 -25.39 7.73
N GLY C 381 -26.08 -25.74 8.97
CA GLY C 381 -25.09 -24.97 9.72
C GLY C 381 -23.71 -25.06 9.10
N LEU C 382 -23.34 -26.26 8.63
CA LEU C 382 -22.08 -26.41 7.93
C LEU C 382 -22.04 -25.54 6.67
N CYS C 383 -23.15 -25.52 5.92
CA CYS C 383 -23.22 -24.67 4.74
C CYS C 383 -23.05 -23.21 5.10
N ILE C 384 -23.73 -22.76 6.16
CA ILE C 384 -23.60 -21.36 6.58
C ILE C 384 -22.15 -21.05 6.94
N ALA C 385 -21.52 -21.92 7.74
CA ALA C 385 -20.14 -21.68 8.14
C ALA C 385 -19.22 -21.61 6.93
N PHE C 386 -19.42 -22.52 5.96
CA PHE C 386 -18.55 -22.53 4.79
C PHE C 386 -18.75 -21.28 3.93
N ILE C 387 -20.00 -20.84 3.78
CA ILE C 387 -20.26 -19.62 3.02
C ILE C 387 -19.60 -18.43 3.70
N VAL C 388 -19.70 -18.35 5.03
CA VAL C 388 -19.13 -17.22 5.74
C VAL C 388 -17.61 -17.22 5.62
N MET C 389 -16.97 -18.38 5.81
CA MET C 389 -15.52 -18.42 5.70
C MET C 389 -15.04 -18.26 4.26
N HIS C 390 -15.90 -18.52 3.28
CA HIS C 390 -15.54 -18.22 1.89
C HIS C 390 -15.59 -16.72 1.64
N PHE C 391 -16.63 -16.04 2.15
CA PHE C 391 -16.69 -14.59 2.03
C PHE C 391 -15.52 -13.94 2.76
N GLN C 392 -15.09 -14.55 3.87
CA GLN C 392 -14.00 -13.96 4.66
C GLN C 392 -12.64 -14.23 4.05
N GLY C 393 -12.46 -15.39 3.40
CA GLY C 393 -11.20 -15.71 2.78
C GLY C 393 -10.40 -16.75 3.54
N LEU C 394 -11.08 -17.75 4.08
CA LEU C 394 -10.45 -18.85 4.80
C LEU C 394 -10.46 -20.11 3.94
N ASN C 395 -9.57 -21.04 4.28
CA ASN C 395 -9.46 -22.31 3.59
C ASN C 395 -9.69 -23.44 4.59
N ALA C 396 -10.09 -24.59 4.05
CA ALA C 396 -10.39 -25.76 4.88
C ALA C 396 -9.08 -26.41 5.31
N ASN C 397 -8.78 -26.34 6.61
CA ASN C 397 -7.59 -26.96 7.15
C ASN C 397 -7.94 -27.69 8.45
N ILE C 398 -6.93 -28.15 9.19
CA ILE C 398 -7.19 -28.93 10.39
C ILE C 398 -8.03 -28.12 11.38
N MET C 399 -7.70 -26.84 11.56
CA MET C 399 -8.35 -26.06 12.61
C MET C 399 -9.82 -25.81 12.30
N SER C 400 -10.14 -25.47 11.05
CA SER C 400 -11.53 -25.20 10.70
C SER C 400 -12.41 -26.43 10.90
N LEU C 401 -12.04 -27.55 10.27
CA LEU C 401 -12.81 -28.77 10.41
C LEU C 401 -12.85 -29.23 11.85
N GLY C 402 -11.78 -28.99 12.61
CA GLY C 402 -11.80 -29.35 14.02
C GLY C 402 -12.81 -28.54 14.80
N GLY C 403 -12.87 -27.23 14.56
CA GLY C 403 -13.88 -26.42 15.21
C GLY C 403 -15.29 -26.86 14.88
N ILE C 404 -15.53 -27.19 13.60
CA ILE C 404 -16.85 -27.64 13.22
C ILE C 404 -17.20 -28.96 13.91
N ALA C 405 -16.26 -29.89 13.94
CA ALA C 405 -16.49 -31.17 14.61
C ALA C 405 -16.72 -30.98 16.10
N ILE C 406 -16.12 -29.95 16.69
CA ILE C 406 -16.36 -29.66 18.09
C ILE C 406 -17.74 -29.05 18.31
N ALA C 407 -18.22 -28.26 17.34
CA ALA C 407 -19.50 -27.57 17.50
C ALA C 407 -20.71 -28.43 17.12
N VAL C 408 -20.50 -29.57 16.47
CA VAL C 408 -21.62 -30.37 15.98
C VAL C 408 -22.66 -30.61 17.08
N GLY C 409 -22.26 -31.26 18.17
CA GLY C 409 -23.23 -31.64 19.18
C GLY C 409 -23.77 -30.45 19.96
N ALA C 410 -22.91 -29.49 20.26
CA ALA C 410 -23.35 -28.28 20.95
C ALA C 410 -24.36 -27.50 20.13
N MET C 411 -24.41 -27.73 18.81
CA MET C 411 -25.42 -27.08 17.99
C MET C 411 -26.64 -27.96 17.72
N VAL C 412 -26.52 -29.28 17.88
CA VAL C 412 -27.69 -30.15 17.72
C VAL C 412 -28.52 -30.26 19.00
N ASP C 413 -27.94 -29.98 20.17
CA ASP C 413 -28.67 -30.14 21.42
C ASP C 413 -29.92 -29.24 21.47
N ALA C 414 -29.79 -27.99 21.02
CA ALA C 414 -30.89 -27.04 21.11
C ALA C 414 -32.09 -27.45 20.26
N ALA C 415 -31.86 -28.20 19.19
CA ALA C 415 -32.95 -28.69 18.36
C ALA C 415 -33.55 -29.97 18.92
N ILE C 416 -32.71 -30.87 19.43
CA ILE C 416 -33.28 -32.10 20.00
C ILE C 416 -34.17 -31.77 21.19
N VAL C 417 -33.81 -30.75 21.98
CA VAL C 417 -34.63 -30.40 23.14
C VAL C 417 -36.02 -29.96 22.71
N MET C 418 -36.09 -29.09 21.70
CA MET C 418 -37.39 -28.62 21.23
C MET C 418 -38.20 -29.75 20.62
N ILE C 419 -37.54 -30.67 19.91
CA ILE C 419 -38.26 -31.80 19.34
C ILE C 419 -38.85 -32.66 20.45
N GLU C 420 -38.09 -32.90 21.51
CA GLU C 420 -38.61 -33.68 22.64
C GLU C 420 -39.80 -32.97 23.29
N ASN C 421 -39.71 -31.65 23.45
CA ASN C 421 -40.82 -30.91 24.04
C ASN C 421 -42.08 -31.02 23.18
N ALA C 422 -41.92 -30.90 21.86
CA ALA C 422 -43.07 -31.04 20.97
C ALA C 422 -43.67 -32.43 21.06
N HIS C 423 -42.82 -33.46 21.12
CA HIS C 423 -43.31 -34.82 21.30
C HIS C 423 -44.15 -34.93 22.57
N LYS C 424 -43.63 -34.40 23.68
CA LYS C 424 -44.33 -34.51 24.95
C LYS C 424 -45.67 -33.79 24.90
N ARG C 425 -45.69 -32.60 24.28
CA ARG C 425 -46.94 -31.84 24.24
C ARG C 425 -47.97 -32.54 23.35
N LEU C 426 -47.54 -33.11 22.21
CA LEU C 426 -48.47 -33.88 21.40
C LEU C 426 -49.01 -35.07 22.18
N GLU C 427 -48.15 -35.75 22.93
CA GLU C 427 -48.60 -36.90 23.71
C GLU C 427 -49.63 -36.49 24.75
N GLU C 428 -49.37 -35.41 25.49
CA GLU C 428 -50.31 -35.01 26.53
C GLU C 428 -51.62 -34.51 25.93
N TRP C 429 -51.55 -33.83 24.77
CA TRP C 429 -52.79 -33.45 24.10
C TRP C 429 -53.62 -34.67 23.72
N GLN C 430 -52.98 -35.64 23.05
CA GLN C 430 -53.68 -36.87 22.69
C GLN C 430 -54.28 -37.54 23.93
N HIS C 431 -53.57 -37.50 25.06
CA HIS C 431 -54.08 -38.12 26.27
C HIS C 431 -55.26 -37.35 26.84
N GLN C 432 -55.30 -36.03 26.64
CA GLN C 432 -56.36 -35.21 27.21
C GLN C 432 -57.66 -35.25 26.41
N HIS C 433 -57.61 -35.73 25.17
CA HIS C 433 -58.81 -35.78 24.30
C HIS C 433 -58.95 -37.17 23.67
N PRO C 434 -60.19 -37.57 23.33
CA PRO C 434 -60.38 -38.89 22.71
C PRO C 434 -59.56 -39.02 21.44
N ASP C 435 -58.92 -40.18 21.29
CA ASP C 435 -58.01 -40.40 20.16
C ASP C 435 -58.80 -40.50 18.87
N ALA C 436 -58.08 -40.69 17.75
CA ALA C 436 -58.61 -40.87 16.41
C ALA C 436 -59.12 -39.57 15.79
N THR C 437 -58.80 -38.42 16.37
CA THR C 437 -59.24 -37.12 15.84
C THR C 437 -58.08 -36.15 15.91
N LEU C 438 -57.54 -35.76 14.74
CA LEU C 438 -56.48 -34.78 14.67
C LEU C 438 -56.46 -34.21 13.25
N ASP C 439 -56.15 -32.91 13.17
CA ASP C 439 -56.13 -32.21 11.89
C ASP C 439 -54.89 -31.33 11.81
N ASN C 440 -54.58 -30.88 10.60
CA ASN C 440 -53.39 -30.07 10.39
C ASN C 440 -53.46 -28.77 11.21
N LYS C 441 -54.64 -28.18 11.32
CA LYS C 441 -54.77 -26.93 12.06
C LYS C 441 -54.37 -27.11 13.52
N THR C 442 -55.02 -28.03 14.22
CA THR C 442 -54.73 -28.23 15.64
C THR C 442 -53.30 -28.73 15.85
N ARG C 443 -52.81 -29.58 14.95
CA ARG C 443 -51.46 -30.10 15.08
C ARG C 443 -50.43 -28.97 14.96
N TRP C 444 -50.57 -28.15 13.92
CA TRP C 444 -49.67 -27.01 13.77
C TRP C 444 -49.77 -26.08 14.97
N GLN C 445 -50.99 -25.83 15.46
CA GLN C 445 -51.16 -24.96 16.61
C GLN C 445 -50.39 -25.49 17.82
N VAL C 446 -50.61 -26.76 18.17
CA VAL C 446 -49.97 -27.31 19.36
C VAL C 446 -48.45 -27.39 19.18
N ILE C 447 -47.98 -27.69 17.97
CA ILE C 447 -46.55 -27.78 17.75
C ILE C 447 -45.90 -26.41 17.88
N THR C 448 -46.52 -25.38 17.29
CA THR C 448 -45.99 -24.03 17.43
C THR C 448 -45.99 -23.58 18.88
N ASP C 449 -47.06 -23.90 19.61
CA ASP C 449 -47.11 -23.55 21.03
C ASP C 449 -45.96 -24.22 21.79
N ALA C 450 -45.78 -25.53 21.57
CA ALA C 450 -44.72 -26.25 22.25
C ALA C 450 -43.34 -25.71 21.89
N SER C 451 -43.16 -25.28 20.64
CA SER C 451 -41.87 -24.76 20.22
C SER C 451 -41.59 -23.39 20.83
N VAL C 452 -42.60 -22.51 20.85
CA VAL C 452 -42.40 -21.17 21.41
C VAL C 452 -42.28 -21.24 22.93
N GLU C 453 -42.82 -22.29 23.55
CA GLU C 453 -42.71 -22.42 25.00
C GLU C 453 -41.26 -22.54 25.45
N VAL C 454 -40.39 -23.06 24.59
CA VAL C 454 -39.02 -23.38 24.98
C VAL C 454 -37.98 -22.83 24.02
N GLY C 455 -38.39 -22.08 22.99
CA GLY C 455 -37.43 -21.52 22.07
C GLY C 455 -36.47 -20.53 22.69
N PRO C 456 -37.01 -19.47 23.31
CA PRO C 456 -36.13 -18.37 23.78
C PRO C 456 -34.98 -18.84 24.65
N ALA C 457 -35.24 -19.74 25.60
CA ALA C 457 -34.17 -20.19 26.49
C ALA C 457 -33.05 -20.86 25.71
N LEU C 458 -33.39 -21.76 24.79
CA LEU C 458 -32.36 -22.46 24.03
C LEU C 458 -31.63 -21.51 23.09
N PHE C 459 -32.34 -20.55 22.51
CA PHE C 459 -31.68 -19.57 21.66
C PHE C 459 -30.65 -18.77 22.45
N ILE C 460 -31.05 -18.28 23.63
CA ILE C 460 -30.12 -17.51 24.44
C ILE C 460 -28.98 -18.39 24.94
N SER C 461 -29.23 -19.69 25.11
CA SER C 461 -28.15 -20.58 25.54
C SER C 461 -27.14 -20.81 24.42
N LEU C 462 -27.61 -20.95 23.18
CA LEU C 462 -26.69 -21.01 22.06
C LEU C 462 -25.88 -19.73 21.93
N LEU C 463 -26.54 -18.59 22.12
CA LEU C 463 -25.82 -17.32 22.14
C LEU C 463 -24.80 -17.29 23.27
N ILE C 464 -25.14 -17.89 24.41
CA ILE C 464 -24.19 -17.99 25.51
C ILE C 464 -22.95 -18.74 25.06
N ILE C 465 -23.14 -19.93 24.48
CA ILE C 465 -22.00 -20.71 24.00
C ILE C 465 -21.14 -19.87 23.07
N THR C 466 -21.77 -19.26 22.07
CA THR C 466 -21.02 -18.52 21.05
C THR C 466 -20.24 -17.37 21.66
N LEU C 467 -20.93 -16.44 22.31
CA LEU C 467 -20.30 -15.26 22.87
C LEU C 467 -19.45 -15.56 24.09
N SER C 468 -19.46 -16.80 24.60
CA SER C 468 -18.55 -17.19 25.66
C SER C 468 -17.27 -17.79 25.12
N PHE C 469 -17.33 -18.44 23.95
CA PHE C 469 -16.10 -18.85 23.30
C PHE C 469 -15.47 -17.73 22.49
N ILE C 470 -16.21 -16.65 22.22
CA ILE C 470 -15.70 -15.53 21.42
C ILE C 470 -14.46 -14.88 22.02
N PRO C 471 -14.26 -14.84 23.36
CA PRO C 471 -13.13 -14.04 23.88
C PRO C 471 -11.77 -14.69 23.69
N ILE C 472 -11.68 -15.75 22.88
CA ILE C 472 -10.40 -16.38 22.60
C ILE C 472 -9.66 -15.72 21.45
N PHE C 473 -10.26 -14.72 20.80
CA PHE C 473 -9.60 -14.01 19.71
C PHE C 473 -8.49 -13.10 20.20
N THR C 474 -8.27 -13.00 21.52
CA THR C 474 -7.24 -12.13 22.07
C THR C 474 -5.84 -12.74 21.96
N LEU C 475 -5.73 -14.03 21.63
CA LEU C 475 -4.43 -14.64 21.47
C LEU C 475 -3.69 -14.00 20.29
N GLU C 476 -2.47 -13.53 20.55
CA GLU C 476 -1.67 -12.85 19.54
C GLU C 476 -0.40 -13.65 19.27
N GLY C 477 0.08 -13.56 18.04
CA GLY C 477 1.31 -14.22 17.66
C GLY C 477 1.11 -15.58 17.03
N GLN C 478 1.97 -16.53 17.36
CA GLN C 478 1.92 -17.85 16.73
C GLN C 478 0.68 -18.61 17.17
N GLU C 479 0.41 -18.61 18.47
CA GLU C 479 -0.77 -19.31 19.03
C GLU C 479 -2.02 -18.67 18.44
N GLY C 480 -2.01 -17.35 18.28
CA GLY C 480 -3.16 -16.66 17.72
C GLY C 480 -3.40 -17.04 16.27
N ARG C 481 -2.34 -17.01 15.46
CA ARG C 481 -2.47 -17.43 14.07
C ARG C 481 -2.89 -18.89 13.95
N LEU C 482 -2.58 -19.71 14.94
CA LEU C 482 -2.97 -21.12 14.89
C LEU C 482 -4.44 -21.31 15.28
N PHE C 483 -4.89 -20.64 16.34
CA PHE C 483 -6.22 -20.85 16.88
C PHE C 483 -7.25 -19.82 16.39
N GLY C 484 -6.88 -18.98 15.43
CA GLY C 484 -7.83 -18.06 14.85
C GLY C 484 -8.93 -18.76 14.08
N PRO C 485 -8.56 -19.51 13.03
CA PRO C 485 -9.58 -20.17 12.21
C PRO C 485 -10.51 -21.08 13.00
N LEU C 486 -9.98 -21.78 14.01
CA LEU C 486 -10.83 -22.63 14.83
C LEU C 486 -11.96 -21.84 15.46
N ALA C 487 -11.63 -20.74 16.14
CA ALA C 487 -12.65 -19.93 16.78
C ALA C 487 -13.59 -19.30 15.76
N PHE C 488 -13.03 -18.82 14.63
CA PHE C 488 -13.86 -18.23 13.61
C PHE C 488 -14.94 -19.21 13.15
N THR C 489 -14.52 -20.41 12.75
CA THR C 489 -15.47 -21.39 12.23
C THR C 489 -16.43 -21.87 13.31
N LYS C 490 -15.96 -22.04 14.54
CA LYS C 490 -16.86 -22.45 15.61
C LYS C 490 -17.94 -21.41 15.84
N THR C 491 -17.55 -20.14 15.88
CA THR C 491 -18.54 -19.08 16.08
C THR C 491 -19.52 -19.03 14.92
N TYR C 492 -19.02 -19.13 13.69
CA TYR C 492 -19.92 -19.10 12.53
C TYR C 492 -20.92 -20.25 12.58
N ALA C 493 -20.44 -21.46 12.86
CA ALA C 493 -21.33 -22.62 12.92
C ALA C 493 -22.38 -22.46 14.02
N MET C 494 -21.95 -22.01 15.21
CA MET C 494 -22.89 -21.86 16.30
C MET C 494 -23.95 -20.80 15.99
N ALA C 495 -23.53 -19.67 15.40
CA ALA C 495 -24.50 -18.64 15.05
C ALA C 495 -25.48 -19.12 14.01
N GLY C 496 -24.99 -19.78 12.96
CA GLY C 496 -25.89 -20.34 11.96
C GLY C 496 -26.86 -21.33 12.55
N ALA C 497 -26.38 -22.18 13.46
CA ALA C 497 -27.25 -23.18 14.07
C ALA C 497 -28.31 -22.53 14.96
N ALA C 498 -27.94 -21.47 15.69
CA ALA C 498 -28.93 -20.76 16.50
C ALA C 498 -30.01 -20.14 15.60
N LEU C 499 -29.57 -19.49 14.52
CA LEU C 499 -30.53 -18.90 13.59
C LEU C 499 -31.47 -19.97 13.04
N LEU C 500 -30.92 -21.11 12.61
CA LEU C 500 -31.75 -22.17 12.07
C LEU C 500 -32.74 -22.69 13.11
N ALA C 501 -32.26 -22.91 14.34
CA ALA C 501 -33.13 -23.42 15.39
C ALA C 501 -34.28 -22.46 15.68
N ILE C 502 -34.01 -21.16 15.66
CA ILE C 502 -35.07 -20.20 15.96
C ILE C 502 -35.94 -19.85 14.76
N VAL C 503 -35.52 -20.22 13.54
CA VAL C 503 -36.25 -19.89 12.33
C VAL C 503 -36.80 -21.13 11.63
N VAL C 504 -35.92 -22.06 11.25
CA VAL C 504 -36.28 -23.11 10.30
C VAL C 504 -36.80 -24.36 11.00
N ILE C 505 -36.23 -24.69 12.15
CA ILE C 505 -36.55 -25.97 12.79
C ILE C 505 -38.03 -26.11 13.08
N PRO C 506 -38.73 -25.09 13.60
CA PRO C 506 -40.16 -25.27 13.87
C PRO C 506 -40.97 -25.69 12.65
N ILE C 507 -40.64 -25.14 11.48
CA ILE C 507 -41.39 -25.47 10.26
C ILE C 507 -41.31 -26.96 9.97
N LEU C 508 -40.08 -27.46 9.87
CA LEU C 508 -39.80 -28.89 9.54
C LEU C 508 -40.39 -29.77 10.65
N MET C 509 -40.32 -29.29 11.88
CA MET C 509 -40.81 -30.02 13.07
C MET C 509 -42.32 -30.21 12.94
N GLY C 510 -43.02 -29.17 12.48
CA GLY C 510 -44.46 -29.23 12.27
C GLY C 510 -44.85 -30.04 11.04
N TYR C 511 -43.99 -30.05 10.02
CA TYR C 511 -44.27 -30.86 8.84
C TYR C 511 -44.13 -32.34 9.14
N TRP C 512 -43.15 -32.71 9.97
CA TRP C 512 -42.92 -34.10 10.33
C TRP C 512 -43.12 -34.32 11.83
N PRO C 524 -38.56 -48.67 28.16
CA PRO C 524 -37.30 -49.05 27.49
C PRO C 524 -36.07 -48.50 28.21
N LEU C 525 -35.61 -47.32 27.81
CA LEU C 525 -34.45 -46.67 28.44
C LEU C 525 -34.86 -45.57 29.40
N ASN C 526 -35.95 -44.86 29.10
CA ASN C 526 -36.37 -43.75 29.97
C ASN C 526 -36.80 -44.25 31.33
N ARG C 527 -37.53 -45.37 31.37
CA ARG C 527 -37.97 -45.92 32.65
C ARG C 527 -36.78 -46.22 33.55
N PHE C 528 -35.69 -46.72 32.97
CA PHE C 528 -34.49 -46.99 33.75
C PHE C 528 -33.92 -45.70 34.34
N LEU C 529 -33.84 -44.64 33.53
CA LEU C 529 -33.36 -43.37 34.03
C LEU C 529 -34.21 -42.86 35.18
N ILE C 530 -35.53 -42.94 35.05
CA ILE C 530 -36.41 -42.47 36.11
C ILE C 530 -36.23 -43.30 37.37
N ARG C 531 -36.14 -44.63 37.21
CA ARG C 531 -35.96 -45.50 38.37
C ARG C 531 -34.63 -45.27 39.06
N VAL C 532 -33.60 -44.84 38.33
CA VAL C 532 -32.31 -44.58 38.96
C VAL C 532 -32.29 -43.20 39.59
N TYR C 533 -33.05 -42.25 39.06
CA TYR C 533 -33.02 -40.88 39.55
C TYR C 533 -34.00 -40.63 40.70
N HIS C 534 -35.03 -41.47 40.84
CA HIS C 534 -36.13 -41.27 41.83
C HIS C 534 -35.73 -41.31 43.31
N PRO C 535 -34.93 -42.27 43.79
CA PRO C 535 -34.57 -42.29 45.21
C PRO C 535 -33.45 -41.31 45.55
N LEU C 536 -32.44 -41.19 44.68
CA LEU C 536 -31.37 -40.24 44.94
C LEU C 536 -31.92 -38.81 44.98
N LEU C 537 -32.80 -38.47 44.05
CA LEU C 537 -33.39 -37.13 44.04
C LEU C 537 -34.18 -36.87 45.32
N LEU C 538 -34.96 -37.86 45.77
CA LEU C 538 -35.71 -37.66 47.01
C LEU C 538 -34.76 -37.47 48.19
N LYS C 539 -33.77 -38.35 48.33
CA LYS C 539 -32.82 -38.24 49.43
C LYS C 539 -32.09 -36.90 49.39
N VAL C 540 -31.83 -36.37 48.21
CA VAL C 540 -31.18 -35.07 48.10
C VAL C 540 -32.13 -33.95 48.54
N LEU C 541 -33.38 -34.00 48.07
CA LEU C 541 -34.35 -32.99 48.47
C LEU C 541 -34.63 -33.02 49.96
N HIS C 542 -34.33 -34.14 50.63
CA HIS C 542 -34.58 -34.20 52.07
C HIS C 542 -33.73 -33.20 52.83
N TRP C 543 -32.43 -33.22 52.53
CA TRP C 543 -31.46 -32.29 53.16
C TRP C 543 -30.56 -31.64 52.11
N PRO C 544 -30.75 -30.35 51.79
CA PRO C 544 -29.80 -29.73 50.86
C PRO C 544 -28.45 -29.38 51.46
N LYS C 545 -28.36 -29.16 52.76
CA LYS C 545 -27.11 -28.70 53.36
C LYS C 545 -25.98 -29.71 53.12
N THR C 546 -26.25 -31.00 53.39
CA THR C 546 -25.23 -32.01 53.20
C THR C 546 -24.84 -32.15 51.74
N THR C 547 -25.81 -32.00 50.83
CA THR C 547 -25.49 -32.07 49.41
C THR C 547 -24.54 -30.94 49.01
N LEU C 548 -24.83 -29.72 49.46
CA LEU C 548 -23.95 -28.60 49.14
C LEU C 548 -22.57 -28.77 49.76
N LEU C 549 -22.50 -29.30 50.98
CA LEU C 549 -21.20 -29.52 51.61
C LEU C 549 -20.40 -30.57 50.86
N VAL C 550 -21.04 -31.67 50.46
CA VAL C 550 -20.35 -32.70 49.70
C VAL C 550 -19.90 -32.17 48.35
N ALA C 551 -20.70 -31.29 47.73
CA ALA C 551 -20.27 -30.69 46.46
C ALA C 551 -19.06 -29.79 46.67
N ALA C 552 -19.04 -29.02 47.75
CA ALA C 552 -17.87 -28.21 48.06
C ALA C 552 -16.63 -29.08 48.22
N LEU C 553 -16.76 -30.20 48.95
CA LEU C 553 -15.61 -31.09 49.13
C LEU C 553 -15.19 -31.71 47.80
N SER C 554 -16.16 -32.06 46.95
CA SER C 554 -15.83 -32.67 45.66
C SER C 554 -15.09 -31.70 44.75
N VAL C 555 -15.48 -30.41 44.79
CA VAL C 555 -14.76 -29.42 43.99
C VAL C 555 -13.42 -29.08 44.62
N LEU C 556 -13.29 -29.24 45.93
CA LEU C 556 -12.00 -28.99 46.59
C LEU C 556 -11.00 -30.11 46.33
N THR C 557 -11.48 -31.33 46.11
CA THR C 557 -10.56 -32.46 45.96
C THR C 557 -9.77 -32.45 44.63
N VAL C 558 -9.81 -31.37 43.84
CA VAL C 558 -9.11 -31.36 42.56
C VAL C 558 -7.64 -30.98 42.67
N LEU C 559 -7.15 -30.70 43.88
CA LEU C 559 -5.77 -30.26 44.04
C LEU C 559 -4.77 -31.38 43.76
N TRP C 560 -5.21 -32.64 43.74
CA TRP C 560 -4.26 -33.73 43.55
C TRP C 560 -3.77 -33.82 42.11
N PRO C 561 -4.63 -33.95 41.09
CA PRO C 561 -4.12 -34.06 39.71
C PRO C 561 -3.56 -32.78 39.15
N LEU C 562 -3.85 -31.62 39.75
CA LEU C 562 -3.36 -30.37 39.21
C LEU C 562 -1.84 -30.31 39.18
N ASN C 563 -1.17 -31.02 40.10
CA ASN C 563 0.28 -31.02 40.13
C ASN C 563 0.89 -32.14 39.29
N LYS C 564 0.14 -33.22 39.07
CA LYS C 564 0.70 -34.38 38.38
C LYS C 564 0.69 -34.19 36.86
N VAL C 565 -0.30 -33.47 36.32
CA VAL C 565 -0.31 -33.20 34.89
C VAL C 565 0.92 -32.37 34.52
N GLY C 566 1.49 -32.69 33.37
CA GLY C 566 2.69 -32.01 32.89
C GLY C 566 2.40 -30.63 32.37
N GLY C 567 3.18 -30.21 31.37
CA GLY C 567 3.02 -28.91 30.77
C GLY C 567 3.87 -28.75 29.52
N GLU C 568 3.29 -28.16 28.48
CA GLU C 568 4.01 -27.96 27.23
C GLU C 568 3.30 -26.86 26.45
N PHE C 569 3.85 -26.54 25.28
CA PHE C 569 3.28 -25.51 24.42
C PHE C 569 2.25 -26.09 23.46
N LEU C 570 2.61 -27.15 22.75
CA LEU C 570 1.69 -27.82 21.84
C LEU C 570 2.10 -29.28 21.73
N PRO C 571 1.18 -30.16 21.35
CA PRO C 571 1.57 -31.57 21.15
C PRO C 571 2.52 -31.73 19.97
N GLN C 572 2.95 -32.95 19.70
CA GLN C 572 3.82 -33.25 18.58
C GLN C 572 2.95 -33.75 17.42
N ILE C 573 2.65 -32.86 16.49
CA ILE C 573 1.87 -33.21 15.30
C ILE C 573 2.82 -33.96 14.38
N ASN C 574 2.74 -35.28 14.38
CA ASN C 574 3.63 -36.12 13.60
C ASN C 574 3.12 -36.27 12.18
N GLU C 575 4.06 -36.20 11.25
CA GLU C 575 3.85 -36.26 9.78
C GLU C 575 4.61 -37.45 9.20
N GLY C 576 4.36 -37.78 7.93
CA GLY C 576 4.98 -38.93 7.30
C GLY C 576 6.48 -38.87 7.15
N ASP C 577 7.09 -37.70 7.32
CA ASP C 577 8.52 -37.53 7.16
C ASP C 577 9.12 -36.91 8.42
N LEU C 578 10.45 -36.88 8.46
CA LEU C 578 11.14 -36.25 9.58
C LEU C 578 12.56 -35.88 9.17
N LEU C 579 13.09 -34.85 9.81
CA LEU C 579 14.41 -34.34 9.50
C LEU C 579 15.46 -34.90 10.46
N TYR C 580 16.71 -34.84 10.01
CA TYR C 580 17.87 -35.28 10.79
C TYR C 580 18.94 -34.22 10.64
N MET C 581 19.22 -33.49 11.71
CA MET C 581 20.13 -32.34 11.69
C MET C 581 21.09 -32.45 12.86
N PRO C 582 22.23 -33.11 12.68
CA PRO C 582 23.22 -33.17 13.75
C PRO C 582 24.01 -31.88 13.86
N SER C 583 24.68 -31.72 15.00
CA SER C 583 25.53 -30.58 15.26
C SER C 583 26.95 -31.08 15.47
N THR C 584 27.89 -30.54 14.69
CA THR C 584 29.28 -30.98 14.73
C THR C 584 30.19 -29.78 14.56
N LEU C 585 31.50 -30.04 14.59
CA LEU C 585 32.48 -28.98 14.41
C LEU C 585 32.70 -28.72 12.91
N PRO C 586 33.06 -27.48 12.55
CA PRO C 586 33.24 -27.14 11.14
C PRO C 586 34.58 -27.56 10.54
N GLY C 587 35.34 -28.39 11.24
CA GLY C 587 36.67 -28.77 10.77
C GLY C 587 36.72 -30.05 9.97
N ILE C 588 36.01 -30.09 8.83
CA ILE C 588 36.08 -31.21 7.90
C ILE C 588 36.02 -30.68 6.48
N SER C 589 36.57 -31.48 5.56
CA SER C 589 36.66 -31.09 4.16
C SER C 589 35.40 -31.53 3.42
N ALA C 590 35.43 -31.44 2.08
CA ALA C 590 34.27 -31.82 1.28
C ALA C 590 34.19 -33.33 1.10
N ALA C 591 35.32 -33.99 0.83
CA ALA C 591 35.31 -35.44 0.69
C ALA C 591 34.93 -36.12 1.99
N GLU C 592 35.44 -35.62 3.12
CA GLU C 592 35.06 -36.18 4.41
C GLU C 592 33.57 -35.99 4.66
N ALA C 593 33.03 -34.82 4.31
CA ALA C 593 31.60 -34.57 4.49
C ALA C 593 30.78 -35.53 3.63
N ALA C 594 31.19 -35.73 2.38
CA ALA C 594 30.47 -36.66 1.51
C ALA C 594 30.52 -38.08 2.05
N SER C 595 31.69 -38.50 2.56
CA SER C 595 31.80 -39.84 3.12
C SER C 595 30.91 -40.00 4.35
N MET C 596 30.91 -39.00 5.23
CA MET C 596 30.05 -39.06 6.41
C MET C 596 28.58 -39.09 6.02
N LEU C 597 28.20 -38.33 4.99
CA LEU C 597 26.83 -38.34 4.53
C LEU C 597 26.45 -39.72 3.98
N GLN C 598 27.32 -40.30 3.17
CA GLN C 598 27.06 -41.65 2.65
C GLN C 598 26.87 -42.63 3.81
N LYS C 599 27.76 -42.59 4.80
CA LYS C 599 27.67 -43.51 5.92
C LYS C 599 26.37 -43.33 6.68
N THR C 600 26.04 -42.09 7.06
CA THR C 600 24.86 -41.85 7.87
C THR C 600 23.59 -42.19 7.09
N ASP C 601 23.56 -41.95 5.78
CA ASP C 601 22.38 -42.29 5.00
C ASP C 601 22.22 -43.79 4.85
N LYS C 602 23.32 -44.51 4.59
CA LYS C 602 23.25 -45.96 4.51
C LYS C 602 22.84 -46.56 5.84
N LEU C 603 23.18 -45.90 6.95
CA LEU C 603 22.74 -46.39 8.26
C LEU C 603 21.26 -46.10 8.49
N ILE C 604 20.81 -44.89 8.13
CA ILE C 604 19.41 -44.54 8.31
C ILE C 604 18.52 -45.42 7.44
N MET C 605 19.03 -45.90 6.32
CA MET C 605 18.27 -46.79 5.44
C MET C 605 18.16 -48.21 6.00
N SER C 606 18.60 -48.45 7.23
CA SER C 606 18.55 -49.78 7.82
C SER C 606 17.29 -50.05 8.62
N VAL C 607 16.51 -49.02 8.93
CA VAL C 607 15.29 -49.21 9.71
C VAL C 607 14.22 -49.81 8.80
N PRO C 608 13.37 -50.72 9.30
CA PRO C 608 12.40 -51.39 8.41
C PRO C 608 11.32 -50.47 7.86
N GLU C 609 11.15 -49.28 8.42
CA GLU C 609 10.03 -48.36 8.05
C GLU C 609 10.50 -47.08 7.36
N VAL C 610 11.58 -47.12 6.57
CA VAL C 610 12.09 -45.94 5.87
C VAL C 610 12.08 -46.25 4.39
N ALA C 611 11.36 -45.43 3.62
CA ALA C 611 11.21 -45.63 2.18
C ALA C 611 12.31 -44.94 1.38
N ARG C 612 12.64 -43.69 1.73
CA ARG C 612 13.66 -42.94 1.00
C ARG C 612 14.44 -42.09 1.99
N VAL C 613 15.70 -41.82 1.63
CA VAL C 613 16.58 -40.95 2.42
C VAL C 613 17.36 -40.09 1.44
N PHE C 614 17.26 -38.77 1.61
CA PHE C 614 17.88 -37.80 0.71
C PHE C 614 18.66 -36.81 1.56
N GLY C 615 19.91 -37.16 1.88
CA GLY C 615 20.73 -36.30 2.69
C GLY C 615 21.47 -35.26 1.87
N LYS C 616 21.61 -34.08 2.44
CA LYS C 616 22.35 -32.98 1.77
C LYS C 616 23.19 -32.19 2.79
N THR C 617 24.44 -31.92 2.47
CA THR C 617 25.31 -31.06 3.26
C THR C 617 25.53 -29.74 2.52
N GLY C 618 25.77 -28.69 3.27
CA GLY C 618 25.98 -27.37 2.68
C GLY C 618 24.67 -26.64 2.47
N LYS C 619 24.57 -25.90 1.37
CA LYS C 619 23.41 -25.07 1.09
C LYS C 619 22.95 -25.27 -0.35
N ALA C 620 21.68 -24.97 -0.59
CA ALA C 620 21.15 -24.93 -1.94
C ALA C 620 21.27 -23.53 -2.50
N GLU C 621 21.09 -23.42 -3.82
CA GLU C 621 21.24 -22.14 -4.52
C GLU C 621 20.01 -21.28 -4.26
N THR C 622 19.87 -20.88 -2.99
CA THR C 622 18.78 -20.01 -2.58
C THR C 622 19.21 -19.25 -1.33
N ALA C 623 18.69 -18.04 -1.19
CA ALA C 623 19.02 -17.21 -0.04
C ALA C 623 18.34 -17.67 1.24
N THR C 624 17.32 -18.51 1.14
CA THR C 624 16.61 -19.01 2.32
C THR C 624 17.36 -20.13 3.03
N ASP C 625 18.39 -20.71 2.41
CA ASP C 625 19.20 -21.75 3.01
C ASP C 625 20.60 -21.21 3.23
N SER C 626 21.00 -21.10 4.50
CA SER C 626 22.30 -20.56 4.87
C SER C 626 23.17 -21.59 5.57
N ALA C 627 22.81 -22.86 5.51
CA ALA C 627 23.58 -23.89 6.17
C ALA C 627 24.95 -24.02 5.50
N PRO C 628 26.05 -23.85 6.23
CA PRO C 628 27.37 -24.03 5.63
C PRO C 628 27.70 -25.52 5.54
N LEU C 629 28.85 -25.80 4.93
CA LEU C 629 29.32 -27.18 4.85
C LEU C 629 29.50 -27.74 6.25
N GLU C 630 29.67 -29.05 6.36
CA GLU C 630 29.81 -29.77 7.62
C GLU C 630 28.48 -29.88 8.37
N MET C 631 27.40 -29.31 7.86
CA MET C 631 26.11 -29.29 8.52
C MET C 631 25.17 -30.23 7.74
N VAL C 632 25.08 -31.47 8.20
CA VAL C 632 24.20 -32.43 7.56
C VAL C 632 22.75 -32.10 7.87
N GLU C 633 21.90 -32.18 6.85
CA GLU C 633 20.46 -31.92 7.00
C GLU C 633 19.75 -32.91 6.07
N THR C 634 19.37 -34.07 6.62
CA THR C 634 18.76 -35.13 5.86
C THR C 634 17.25 -35.15 6.07
N THR C 635 16.52 -35.59 5.05
CA THR C 635 15.08 -35.79 5.14
C THR C 635 14.80 -37.28 4.97
N ILE C 636 13.93 -37.81 5.84
CA ILE C 636 13.64 -39.23 5.89
C ILE C 636 12.14 -39.41 5.70
N GLN C 637 11.77 -40.17 4.69
CA GLN C 637 10.38 -40.53 4.42
C GLN C 637 10.07 -41.88 5.05
N LEU C 638 8.99 -41.93 5.82
CA LEU C 638 8.53 -43.17 6.43
C LEU C 638 7.39 -43.75 5.62
N LYS C 639 7.36 -45.07 5.50
CA LYS C 639 6.29 -45.73 4.80
C LYS C 639 4.95 -45.43 5.48
N PRO C 640 3.85 -45.83 4.85
CA PRO C 640 2.53 -45.62 5.46
C PRO C 640 2.46 -46.42 6.77
N GLN C 641 1.62 -46.00 7.71
CA GLN C 641 1.45 -46.62 9.05
C GLN C 641 1.03 -48.09 8.95
N GLU C 642 0.27 -48.48 7.95
CA GLU C 642 -0.22 -49.88 7.79
C GLU C 642 0.95 -50.84 7.57
N GLN C 643 2.14 -50.37 7.18
CA GLN C 643 3.28 -51.29 6.94
C GLN C 643 4.25 -51.20 8.13
N TRP C 644 3.92 -50.49 9.20
CA TRP C 644 4.82 -50.37 10.38
C TRP C 644 4.76 -51.65 11.22
N ARG C 645 5.91 -52.10 11.66
CA ARG C 645 5.98 -53.35 12.43
C ARG C 645 4.93 -53.18 13.52
N PRO C 646 4.18 -54.23 13.90
CA PRO C 646 3.13 -53.95 14.89
C PRO C 646 3.63 -53.40 16.23
N GLY C 647 2.79 -52.62 16.88
CA GLY C 647 3.12 -51.96 18.15
C GLY C 647 4.31 -51.04 18.03
N MET C 648 4.29 -50.14 17.06
CA MET C 648 5.39 -49.17 16.87
C MET C 648 4.88 -47.74 16.77
N THR C 649 5.11 -46.88 17.76
CA THR C 649 4.78 -45.47 17.63
C THR C 649 6.00 -44.70 17.14
N MET C 650 5.79 -43.41 16.85
CA MET C 650 6.88 -42.59 16.31
C MET C 650 8.00 -42.41 17.34
N ASP C 651 7.65 -42.39 18.63
CA ASP C 651 8.68 -42.24 19.65
C ASP C 651 9.67 -43.39 19.61
N LYS C 652 9.17 -44.63 19.49
CA LYS C 652 10.07 -45.78 19.42
C LYS C 652 10.85 -45.79 18.11
N ILE C 653 10.26 -45.30 17.02
CA ILE C 653 11.01 -45.19 15.77
C ILE C 653 12.19 -44.23 15.95
N ILE C 654 11.92 -43.08 16.58
CA ILE C 654 13.00 -42.11 16.80
C ILE C 654 14.05 -42.70 17.74
N GLU C 655 13.63 -43.47 18.73
CA GLU C 655 14.58 -44.10 19.64
C GLU C 655 15.47 -45.08 18.89
N GLU C 656 14.87 -45.94 18.07
CA GLU C 656 15.64 -46.89 17.28
C GLU C 656 16.61 -46.17 16.35
N LEU C 657 16.15 -45.11 15.70
CA LEU C 657 17.02 -44.34 14.81
C LEU C 657 18.20 -43.77 15.57
N ASP C 658 17.94 -43.09 16.69
CA ASP C 658 19.00 -42.51 17.51
C ASP C 658 19.94 -43.55 18.06
N ASN C 659 19.49 -44.78 18.26
CA ASN C 659 20.36 -45.84 18.75
C ASN C 659 21.12 -46.55 17.64
N THR C 660 20.68 -46.41 16.39
CA THR C 660 21.33 -47.10 15.27
C THR C 660 22.38 -46.25 14.56
N VAL C 661 22.33 -44.93 14.71
CA VAL C 661 23.17 -44.03 13.94
C VAL C 661 24.12 -43.27 14.86
N ARG C 662 24.58 -43.94 15.92
CA ARG C 662 25.47 -43.30 16.89
C ARG C 662 26.53 -42.45 16.21
N LEU C 663 27.40 -43.08 15.42
CA LEU C 663 28.40 -42.37 14.62
C LEU C 663 29.14 -41.34 15.47
N PRO C 664 30.04 -41.79 16.36
CA PRO C 664 30.73 -40.86 17.26
C PRO C 664 31.26 -39.62 16.55
N GLY C 665 30.82 -38.44 17.00
CA GLY C 665 31.28 -37.19 16.42
C GLY C 665 30.14 -36.24 16.10
N LEU C 666 28.90 -36.72 16.17
CA LEU C 666 27.72 -35.92 15.86
C LEU C 666 26.74 -35.98 17.03
N ALA C 667 26.01 -34.89 17.22
CA ALA C 667 24.95 -34.82 18.23
C ALA C 667 23.61 -34.95 17.51
N ASN C 668 23.01 -36.13 17.60
CA ASN C 668 21.82 -36.43 16.83
C ASN C 668 20.67 -35.49 17.21
N LEU C 669 19.73 -35.34 16.27
CA LEU C 669 18.53 -34.55 16.51
C LEU C 669 17.50 -34.94 15.46
N TRP C 670 16.28 -35.26 15.90
CA TRP C 670 15.20 -35.68 15.02
C TRP C 670 13.99 -34.79 15.26
N VAL C 671 13.58 -34.06 14.23
CA VAL C 671 12.44 -33.14 14.34
C VAL C 671 11.64 -33.18 13.06
N PRO C 672 10.34 -32.88 13.15
CA PRO C 672 9.53 -32.83 11.93
C PRO C 672 9.97 -31.68 11.04
N PRO C 673 9.72 -31.76 9.74
CA PRO C 673 10.19 -30.69 8.84
C PRO C 673 9.49 -29.36 9.07
N ILE C 674 8.15 -29.35 9.09
CA ILE C 674 7.42 -28.09 9.20
C ILE C 674 7.66 -27.44 10.55
N ARG C 675 7.57 -28.22 11.63
CA ARG C 675 7.81 -27.67 12.96
C ARG C 675 9.24 -27.13 13.07
N ASN C 676 10.22 -27.88 12.56
CA ASN C 676 11.60 -27.44 12.64
C ASN C 676 11.82 -26.14 11.86
N ARG C 677 11.26 -26.06 10.65
CA ARG C 677 11.44 -24.88 9.82
C ARG C 677 10.63 -23.69 10.30
N ILE C 678 9.60 -23.90 11.12
CA ILE C 678 8.92 -22.78 11.76
C ILE C 678 9.67 -22.31 12.99
N ASP C 679 10.26 -23.25 13.75
CA ASP C 679 11.09 -22.87 14.89
C ASP C 679 12.30 -22.07 14.43
N MET C 680 12.97 -22.55 13.37
CA MET C 680 14.12 -21.83 12.84
C MET C 680 13.75 -20.46 12.29
N LEU C 681 12.47 -20.22 12.03
CA LEU C 681 12.01 -18.93 11.52
C LEU C 681 11.62 -17.98 12.66
N SER C 682 10.94 -18.50 13.68
CA SER C 682 10.47 -17.64 14.77
C SER C 682 11.63 -17.20 15.67
N THR C 683 12.49 -18.13 16.05
CA THR C 683 13.60 -17.83 16.96
C THR C 683 14.96 -18.03 16.32
N GLY C 684 15.17 -19.13 15.61
CA GLY C 684 16.44 -19.45 14.99
C GLY C 684 17.09 -20.70 15.52
N ILE C 685 16.70 -21.16 16.70
CA ILE C 685 17.24 -22.39 17.28
C ILE C 685 16.46 -23.57 16.72
N LYS C 686 17.15 -24.51 16.10
CA LYS C 686 16.48 -25.64 15.48
C LYS C 686 15.83 -26.54 16.53
N SER C 687 16.45 -26.68 17.70
CA SER C 687 15.90 -27.54 18.73
C SER C 687 14.73 -26.86 19.43
N PRO C 688 13.77 -27.64 19.96
CA PRO C 688 12.64 -27.01 20.66
C PRO C 688 13.08 -26.15 21.83
N ILE C 689 13.90 -26.69 22.72
CA ILE C 689 14.43 -25.94 23.86
C ILE C 689 15.76 -25.33 23.46
N GLY C 690 16.09 -24.20 24.06
CA GLY C 690 17.32 -23.51 23.74
C GLY C 690 17.67 -22.39 24.68
N ILE C 691 18.96 -22.12 24.84
CA ILE C 691 19.45 -21.04 25.69
C ILE C 691 20.34 -20.14 24.85
N LYS C 692 20.38 -18.87 25.23
CA LYS C 692 21.21 -17.88 24.55
C LYS C 692 22.02 -17.13 25.59
N VAL C 693 23.34 -17.16 25.45
CA VAL C 693 24.26 -16.42 26.31
C VAL C 693 24.73 -15.21 25.53
N SER C 694 24.40 -14.02 26.00
CA SER C 694 24.76 -12.78 25.33
C SER C 694 26.00 -12.18 26.01
N GLY C 695 26.38 -10.98 25.60
CA GLY C 695 27.53 -10.31 26.16
C GLY C 695 28.12 -9.34 25.16
N THR C 696 29.38 -8.98 25.41
CA THR C 696 30.09 -8.05 24.54
C THR C 696 31.43 -8.64 24.10
N VAL C 697 32.03 -9.47 24.94
CA VAL C 697 33.29 -10.14 24.64
C VAL C 697 33.01 -11.60 24.34
N LEU C 698 33.70 -12.14 23.34
CA LEU C 698 33.43 -13.50 22.89
C LEU C 698 34.03 -14.55 23.82
N ALA C 699 35.15 -14.25 24.47
CA ALA C 699 35.80 -15.24 25.32
C ALA C 699 34.90 -15.63 26.50
N ASP C 700 34.38 -14.64 27.22
CA ASP C 700 33.52 -14.94 28.36
C ASP C 700 32.21 -15.57 27.91
N ILE C 701 31.68 -15.14 26.77
CA ILE C 701 30.48 -15.77 26.23
C ILE C 701 30.72 -17.25 25.99
N ASP C 702 31.85 -17.59 25.36
CA ASP C 702 32.16 -18.99 25.09
C ASP C 702 32.36 -19.77 26.38
N ALA C 703 33.06 -19.19 27.35
CA ALA C 703 33.26 -19.88 28.62
C ALA C 703 31.94 -20.15 29.32
N MET C 704 31.05 -19.15 29.36
CA MET C 704 29.76 -19.33 30.01
C MET C 704 28.92 -20.36 29.28
N ALA C 705 28.97 -20.36 27.93
CA ALA C 705 28.24 -21.37 27.18
C ALA C 705 28.76 -22.77 27.48
N GLU C 706 30.08 -22.91 27.57
CA GLU C 706 30.66 -24.21 27.92
C GLU C 706 30.19 -24.66 29.31
N GLN C 707 30.25 -23.76 30.28
CA GLN C 707 29.78 -24.10 31.63
C GLN C 707 28.30 -24.50 31.62
N ILE C 708 27.48 -23.74 30.88
CA ILE C 708 26.05 -24.01 30.87
C ILE C 708 25.76 -25.37 30.24
N GLU C 709 26.42 -25.68 29.12
CA GLU C 709 26.20 -26.98 28.49
C GLU C 709 26.77 -28.12 29.32
N GLU C 710 27.80 -27.86 30.12
CA GLU C 710 28.35 -28.89 30.99
C GLU C 710 27.41 -29.17 32.16
N VAL C 711 26.71 -28.14 32.65
CA VAL C 711 25.80 -28.37 33.77
C VAL C 711 24.43 -28.85 33.29
N ALA C 712 24.06 -28.55 32.05
CA ALA C 712 22.71 -28.87 31.58
C ALA C 712 22.52 -30.38 31.40
N ARG C 713 23.52 -31.05 30.84
CA ARG C 713 23.36 -32.48 30.54
C ARG C 713 23.35 -33.35 31.79
N THR C 714 23.36 -32.77 32.99
CA THR C 714 23.21 -33.54 34.22
C THR C 714 21.76 -33.73 34.63
N VAL C 715 20.84 -32.95 34.06
CA VAL C 715 19.42 -33.10 34.39
C VAL C 715 18.92 -34.44 33.88
N PRO C 716 18.10 -35.18 34.63
CA PRO C 716 17.68 -36.50 34.14
C PRO C 716 16.91 -36.45 32.83
N GLY C 717 15.99 -35.49 32.68
CA GLY C 717 15.17 -35.44 31.49
C GLY C 717 15.96 -35.11 30.23
N VAL C 718 17.03 -34.32 30.35
CA VAL C 718 17.80 -33.92 29.19
C VAL C 718 18.50 -35.14 28.59
N ALA C 719 18.40 -35.29 27.28
CA ALA C 719 19.03 -36.38 26.57
C ALA C 719 20.35 -35.99 25.91
N SER C 720 20.43 -34.82 25.30
CA SER C 720 21.68 -34.37 24.68
C SER C 720 21.73 -32.85 24.68
N ALA C 721 22.82 -32.29 25.20
CA ALA C 721 23.01 -30.85 25.26
C ALA C 721 24.34 -30.49 24.62
N LEU C 722 24.33 -29.41 23.83
CA LEU C 722 25.53 -28.96 23.14
C LEU C 722 25.52 -27.43 23.07
N ALA C 723 26.71 -26.84 23.01
CA ALA C 723 26.87 -25.40 22.88
C ALA C 723 27.75 -25.10 21.68
N GLU C 724 27.31 -24.15 20.86
CA GLU C 724 28.08 -23.77 19.68
C GLU C 724 29.37 -23.05 20.08
N ARG C 725 30.39 -23.22 19.25
CA ARG C 725 31.69 -22.61 19.48
C ARG C 725 31.87 -21.43 18.54
N LEU C 726 32.29 -20.29 19.09
CA LEU C 726 32.48 -19.08 18.30
C LEU C 726 33.89 -18.96 17.74
N GLU C 727 34.91 -19.27 18.55
CA GLU C 727 36.30 -19.14 18.15
C GLU C 727 36.85 -20.43 17.54
N GLY C 728 36.00 -21.26 16.96
CA GLY C 728 36.43 -22.51 16.38
C GLY C 728 36.79 -22.41 14.91
N GLY C 729 37.74 -21.56 14.58
CA GLY C 729 38.20 -21.43 13.21
C GLY C 729 39.70 -21.30 13.17
N ARG C 730 40.29 -21.83 12.10
CA ARG C 730 41.73 -21.82 11.90
C ARG C 730 42.08 -20.96 10.69
N TYR C 731 42.83 -19.89 10.92
CA TYR C 731 43.19 -18.92 9.90
C TYR C 731 44.67 -19.04 9.57
N ILE C 732 45.10 -18.20 8.64
CA ILE C 732 46.51 -17.96 8.39
C ILE C 732 46.70 -16.44 8.34
N ASN C 733 47.73 -15.96 9.04
CA ASN C 733 48.02 -14.53 9.11
C ASN C 733 49.13 -14.22 8.12
N VAL C 734 48.81 -13.47 7.08
CA VAL C 734 49.78 -13.03 6.09
C VAL C 734 50.03 -11.54 6.28
N GLU C 735 51.02 -11.20 7.10
CA GLU C 735 51.36 -9.80 7.35
C GLU C 735 52.22 -9.29 6.21
N ILE C 736 51.67 -8.37 5.42
CA ILE C 736 52.35 -7.82 4.26
C ILE C 736 53.10 -6.57 4.73
N ASN C 737 54.41 -6.72 4.92
CA ASN C 737 55.25 -5.58 5.30
C ASN C 737 55.36 -4.61 4.12
N ARG C 738 54.86 -3.40 4.31
CA ARG C 738 54.88 -2.41 3.23
C ARG C 738 56.31 -2.10 2.79
N GLU C 739 57.26 -2.05 3.72
CA GLU C 739 58.63 -1.70 3.38
C GLU C 739 59.22 -2.71 2.40
N LYS C 740 59.20 -3.98 2.76
CA LYS C 740 59.80 -5.01 1.90
C LYS C 740 59.08 -5.10 0.57
N ALA C 741 57.75 -5.04 0.58
CA ALA C 741 56.98 -5.11 -0.67
C ALA C 741 57.19 -3.87 -1.54
N ALA C 742 57.59 -2.75 -0.95
CA ALA C 742 57.84 -1.53 -1.70
C ALA C 742 59.25 -1.46 -2.25
N ARG C 743 60.22 -2.06 -1.55
CA ARG C 743 61.58 -2.10 -2.06
C ARG C 743 61.63 -2.72 -3.45
N TYR C 744 60.78 -3.70 -3.71
CA TYR C 744 60.72 -4.38 -5.00
C TYR C 744 59.78 -3.70 -5.98
N GLY C 745 59.19 -2.56 -5.61
CA GLY C 745 58.35 -1.82 -6.52
C GLY C 745 57.03 -2.49 -6.83
N MET C 746 56.17 -2.61 -5.83
CA MET C 746 54.85 -3.18 -6.02
C MET C 746 54.00 -2.85 -4.80
N THR C 747 52.75 -2.44 -5.05
CA THR C 747 51.85 -2.01 -3.99
C THR C 747 51.26 -3.23 -3.29
N VAL C 748 50.25 -3.00 -2.45
CA VAL C 748 49.64 -4.10 -1.71
C VAL C 748 48.74 -4.94 -2.63
N ALA C 749 48.02 -4.28 -3.54
CA ALA C 749 47.15 -5.01 -4.45
C ALA C 749 47.95 -5.95 -5.34
N ASP C 750 49.08 -5.46 -5.88
CA ASP C 750 49.90 -6.29 -6.75
C ASP C 750 50.50 -7.48 -6.03
N VAL C 751 50.68 -7.38 -4.71
CA VAL C 751 51.23 -8.49 -3.94
C VAL C 751 50.13 -9.47 -3.54
N GLN C 752 48.95 -8.97 -3.16
CA GLN C 752 47.88 -9.84 -2.72
C GLN C 752 47.08 -10.43 -3.88
N LEU C 753 47.32 -9.98 -5.11
CA LEU C 753 46.75 -10.69 -6.26
C LEU C 753 47.24 -12.12 -6.30
N PHE C 754 48.42 -12.39 -5.73
CA PHE C 754 48.97 -13.74 -5.73
C PHE C 754 48.43 -14.59 -4.59
N VAL C 755 47.63 -14.03 -3.68
CA VAL C 755 46.93 -14.81 -2.69
C VAL C 755 45.43 -14.89 -2.98
N THR C 756 44.86 -13.91 -3.67
CA THR C 756 43.44 -13.96 -4.00
C THR C 756 43.17 -14.85 -5.20
N SER C 757 44.12 -14.98 -6.12
CA SER C 757 43.92 -15.75 -7.35
C SER C 757 44.85 -16.94 -7.46
N ALA C 758 46.16 -16.74 -7.33
CA ALA C 758 47.11 -17.83 -7.53
C ALA C 758 46.84 -18.98 -6.58
N VAL C 759 46.94 -18.73 -5.27
CA VAL C 759 46.56 -19.74 -4.27
C VAL C 759 45.08 -19.65 -3.93
N GLY C 760 44.32 -18.82 -4.64
CA GLY C 760 42.92 -18.60 -4.42
C GLY C 760 42.10 -19.34 -5.47
N GLY C 761 41.69 -18.63 -6.52
CA GLY C 761 40.81 -19.18 -7.51
C GLY C 761 39.61 -18.29 -7.76
N ALA C 762 39.78 -16.99 -7.52
CA ALA C 762 38.71 -16.04 -7.76
C ALA C 762 38.32 -16.05 -9.23
N MET C 763 37.03 -15.84 -9.48
CA MET C 763 36.52 -15.85 -10.85
C MET C 763 37.03 -14.63 -11.62
N VAL C 764 37.24 -14.82 -12.92
CA VAL C 764 37.72 -13.75 -13.79
C VAL C 764 36.80 -13.49 -14.97
N GLY C 765 35.75 -14.28 -15.15
CA GLY C 765 34.84 -14.06 -16.26
C GLY C 765 33.90 -15.23 -16.41
N GLU C 766 33.02 -15.10 -17.41
CA GLU C 766 32.01 -16.11 -17.69
C GLU C 766 31.99 -16.41 -19.18
N THR C 767 32.09 -17.70 -19.52
CA THR C 767 31.91 -18.16 -20.88
C THR C 767 30.43 -18.32 -21.15
N VAL C 768 29.98 -17.81 -22.30
CA VAL C 768 28.57 -17.81 -22.67
C VAL C 768 28.36 -18.87 -23.74
N GLU C 769 27.35 -19.72 -23.54
CA GLU C 769 26.99 -20.77 -24.49
C GLU C 769 25.48 -20.74 -24.61
N GLY C 770 24.98 -20.00 -25.60
CA GLY C 770 23.55 -19.82 -25.75
C GLY C 770 22.94 -19.16 -24.53
N ILE C 771 22.19 -19.94 -23.74
CA ILE C 771 21.57 -19.43 -22.52
C ILE C 771 22.40 -19.70 -21.28
N ALA C 772 23.42 -20.55 -21.37
CA ALA C 772 24.20 -20.95 -20.21
C ALA C 772 25.42 -20.05 -20.03
N ARG C 773 25.82 -19.87 -18.77
CA ARG C 773 27.00 -19.08 -18.41
C ARG C 773 27.82 -19.89 -17.43
N TYR C 774 29.08 -20.13 -17.76
CA TYR C 774 29.96 -20.94 -16.93
C TYR C 774 31.16 -20.13 -16.45
N PRO C 775 31.54 -20.23 -15.18
CA PRO C 775 32.63 -19.39 -14.68
C PRO C 775 33.98 -19.80 -15.27
N ILE C 776 34.94 -18.89 -15.14
CA ILE C 776 36.32 -19.13 -15.56
C ILE C 776 37.21 -18.92 -14.34
N ASN C 777 38.09 -19.88 -14.08
CA ASN C 777 38.95 -19.84 -12.90
C ASN C 777 40.34 -19.33 -13.27
N LEU C 778 41.15 -19.11 -12.25
CA LEU C 778 42.55 -18.69 -12.43
C LEU C 778 43.29 -18.94 -11.14
N ARG C 779 44.27 -19.85 -11.17
CA ARG C 779 45.02 -20.17 -9.97
C ARG C 779 46.23 -21.03 -10.34
N TYR C 780 47.17 -21.12 -9.41
CA TYR C 780 48.33 -21.97 -9.55
C TYR C 780 47.92 -23.43 -9.33
N PRO C 781 48.81 -24.37 -9.61
CA PRO C 781 48.52 -25.78 -9.31
C PRO C 781 48.37 -26.00 -7.81
N GLN C 782 47.99 -27.23 -7.46
CA GLN C 782 47.79 -27.57 -6.05
C GLN C 782 49.09 -27.75 -5.30
N SER C 783 50.20 -27.97 -6.00
CA SER C 783 51.49 -28.19 -5.35
C SER C 783 51.93 -26.96 -4.58
N TRP C 784 51.34 -25.80 -4.87
CA TRP C 784 51.65 -24.55 -4.21
C TRP C 784 50.52 -24.11 -3.29
N ARG C 785 49.75 -25.08 -2.76
CA ARG C 785 48.60 -24.76 -1.92
C ARG C 785 48.52 -25.65 -0.68
N ASP C 786 49.35 -26.68 -0.56
CA ASP C 786 49.17 -27.68 0.48
C ASP C 786 49.39 -27.08 1.88
N SER C 787 50.61 -26.61 2.15
CA SER C 787 51.00 -26.20 3.48
C SER C 787 51.43 -24.74 3.52
N PRO C 788 51.45 -24.12 4.70
CA PRO C 788 51.97 -22.75 4.80
C PRO C 788 53.41 -22.62 4.33
N GLN C 789 54.22 -23.67 4.51
CA GLN C 789 55.59 -23.63 4.00
C GLN C 789 55.60 -23.57 2.48
N ALA C 790 54.60 -24.17 1.82
CA ALA C 790 54.50 -24.05 0.37
C ALA C 790 54.05 -22.67 -0.06
N LEU C 791 53.37 -21.92 0.81
CA LEU C 791 53.01 -20.55 0.50
C LEU C 791 54.16 -19.59 0.76
N ARG C 792 54.99 -19.88 1.76
CA ARG C 792 56.16 -19.04 2.03
C ARG C 792 57.09 -18.99 0.82
N GLN C 793 57.01 -19.98 -0.08
CA GLN C 793 57.87 -20.05 -1.25
C GLN C 793 57.10 -19.79 -2.55
N LEU C 794 55.91 -19.21 -2.46
CA LEU C 794 55.12 -18.91 -3.64
C LEU C 794 55.87 -17.90 -4.51
N PRO C 795 56.36 -18.28 -5.68
CA PRO C 795 57.14 -17.34 -6.49
C PRO C 795 56.28 -16.19 -7.01
N ILE C 796 56.87 -15.00 -7.03
CA ILE C 796 56.22 -13.79 -7.51
C ILE C 796 57.19 -13.08 -8.45
N LEU C 797 56.66 -12.53 -9.54
CA LEU C 797 57.46 -11.81 -10.52
C LEU C 797 57.14 -10.32 -10.39
N THR C 798 57.91 -9.63 -9.56
CA THR C 798 57.71 -8.21 -9.33
C THR C 798 57.76 -7.46 -10.66
N PRO C 799 57.11 -6.28 -10.74
CA PRO C 799 57.18 -5.50 -11.99
C PRO C 799 58.60 -5.23 -12.46
N MET C 800 59.57 -5.29 -11.54
CA MET C 800 60.97 -5.13 -11.90
C MET C 800 61.53 -6.36 -12.62
N LYS C 801 60.72 -7.38 -12.85
CA LYS C 801 61.15 -8.58 -13.58
C LYS C 801 62.22 -9.35 -12.79
N GLN C 802 62.05 -9.41 -11.48
CA GLN C 802 62.92 -10.15 -10.59
C GLN C 802 62.19 -11.37 -10.04
N GLN C 803 62.97 -12.29 -9.49
CA GLN C 803 62.45 -13.55 -8.96
C GLN C 803 62.43 -13.45 -7.43
N ILE C 804 61.23 -13.33 -6.86
CA ILE C 804 61.05 -13.26 -5.43
C ILE C 804 59.92 -14.18 -5.02
N THR C 805 59.97 -14.65 -3.77
CA THR C 805 58.95 -15.49 -3.20
C THR C 805 58.02 -14.65 -2.31
N LEU C 806 57.00 -15.28 -1.76
CA LEU C 806 56.06 -14.58 -0.87
C LEU C 806 56.62 -14.38 0.53
N ALA C 807 57.69 -15.09 0.90
CA ALA C 807 58.34 -14.87 2.17
C ALA C 807 59.26 -13.67 2.17
N ASP C 808 59.59 -13.13 1.00
CA ASP C 808 60.43 -11.93 0.90
C ASP C 808 59.64 -10.65 1.06
N VAL C 809 58.30 -10.71 1.04
CA VAL C 809 57.48 -9.51 1.20
C VAL C 809 56.42 -9.66 2.27
N ALA C 810 56.09 -10.86 2.74
CA ALA C 810 55.05 -11.04 3.73
C ALA C 810 55.41 -12.21 4.64
N ASP C 811 55.02 -12.12 5.90
CA ASP C 811 55.25 -13.16 6.88
C ASP C 811 53.98 -13.96 7.11
N ILE C 812 54.12 -15.29 7.07
CA ILE C 812 53.00 -16.22 7.20
C ILE C 812 53.07 -16.84 8.59
N LYS C 813 51.93 -16.84 9.29
CA LYS C 813 51.86 -17.35 10.65
C LYS C 813 50.57 -18.14 10.85
N VAL C 814 50.65 -19.15 11.72
CA VAL C 814 49.48 -19.92 12.13
C VAL C 814 48.68 -19.10 13.13
N SER C 815 47.37 -19.32 13.16
CA SER C 815 46.51 -18.59 14.07
C SER C 815 45.12 -19.20 14.09
N THR C 816 44.39 -18.94 15.18
CA THR C 816 43.01 -19.32 15.33
C THR C 816 42.16 -18.08 15.54
N GLY C 817 40.85 -18.26 15.41
CA GLY C 817 39.93 -17.15 15.50
C GLY C 817 38.48 -17.56 15.25
N PRO C 818 37.62 -16.58 15.02
CA PRO C 818 36.18 -16.87 14.90
C PRO C 818 35.88 -17.70 13.66
N SER C 819 34.85 -18.54 13.79
CA SER C 819 34.32 -19.31 12.67
C SER C 819 33.04 -18.71 12.10
N MET C 820 32.16 -18.22 12.97
CA MET C 820 30.92 -17.56 12.55
C MET C 820 30.47 -16.64 13.67
N LEU C 821 30.08 -15.43 13.29
CA LEU C 821 29.70 -14.39 14.24
C LEU C 821 28.18 -14.25 14.24
N LYS C 822 27.53 -14.91 15.21
CA LYS C 822 26.09 -14.81 15.38
C LYS C 822 25.77 -13.64 16.29
N THR C 823 25.06 -12.65 15.76
CA THR C 823 24.74 -11.42 16.49
C THR C 823 23.24 -11.20 16.45
N GLU C 824 22.59 -11.36 17.59
CA GLU C 824 21.15 -11.10 17.72
C GLU C 824 20.97 -9.70 18.28
N ASN C 825 20.23 -8.87 17.55
CA ASN C 825 20.01 -7.47 17.92
C ASN C 825 21.33 -6.71 18.00
N ALA C 826 22.22 -7.00 17.05
CA ALA C 826 23.51 -6.32 16.94
C ALA C 826 24.36 -6.51 18.20
N ARG C 827 24.30 -7.72 18.79
CA ARG C 827 25.07 -8.03 19.97
C ARG C 827 25.49 -9.49 19.89
N PRO C 828 26.77 -9.81 20.11
CA PRO C 828 27.21 -11.20 20.02
C PRO C 828 26.45 -12.10 20.99
N THR C 829 26.07 -13.28 20.51
CA THR C 829 25.37 -14.27 21.32
C THR C 829 25.89 -15.66 20.99
N SER C 830 25.62 -16.60 21.89
CA SER C 830 25.96 -18.00 21.69
C SER C 830 24.76 -18.86 22.07
N TRP C 831 24.40 -19.78 21.18
CA TRP C 831 23.21 -20.60 21.35
C TRP C 831 23.57 -21.96 21.94
N ILE C 832 22.61 -22.57 22.63
CA ILE C 832 22.77 -23.86 23.26
C ILE C 832 21.58 -24.73 22.87
N TYR C 833 21.86 -25.89 22.27
CA TYR C 833 20.83 -26.82 21.83
C TYR C 833 20.62 -27.88 22.90
N ILE C 834 19.37 -28.06 23.31
CA ILE C 834 18.98 -29.08 24.28
C ILE C 834 17.99 -30.02 23.62
N ASP C 835 18.08 -31.31 23.95
CA ASP C 835 17.20 -32.32 23.38
C ASP C 835 16.77 -33.26 24.50
N ALA C 836 15.48 -33.27 24.79
CA ALA C 836 14.86 -34.15 25.78
C ALA C 836 13.60 -34.71 25.16
N ARG C 837 13.55 -36.04 25.00
CA ARG C 837 12.48 -36.68 24.25
C ARG C 837 11.60 -37.59 25.10
N ASP C 838 11.90 -37.75 26.39
CA ASP C 838 11.15 -38.64 27.26
C ASP C 838 10.41 -37.93 28.38
N ARG C 839 11.00 -36.90 28.96
CA ARG C 839 10.37 -36.20 30.08
C ARG C 839 9.51 -35.06 29.55
N ASP C 840 8.90 -34.29 30.45
CA ASP C 840 8.05 -33.18 30.07
C ASP C 840 8.91 -32.03 29.53
N MET C 841 8.24 -30.93 29.17
CA MET C 841 8.91 -29.72 28.70
C MET C 841 9.07 -28.67 29.80
N VAL C 842 7.97 -28.28 30.44
CA VAL C 842 8.05 -27.26 31.47
C VAL C 842 8.87 -27.76 32.66
N SER C 843 8.77 -29.04 32.99
CA SER C 843 9.55 -29.58 34.10
C SER C 843 11.04 -29.52 33.81
N VAL C 844 11.44 -29.94 32.61
CA VAL C 844 12.86 -29.89 32.25
C VAL C 844 13.34 -28.45 32.15
N VAL C 845 12.48 -27.54 31.71
CA VAL C 845 12.88 -26.14 31.64
C VAL C 845 13.09 -25.57 33.04
N HIS C 846 12.20 -25.91 33.98
CA HIS C 846 12.38 -25.44 35.35
C HIS C 846 13.63 -26.05 35.98
N ASP C 847 13.89 -27.32 35.70
CA ASP C 847 15.11 -27.95 36.21
C ASP C 847 16.35 -27.26 35.64
N LEU C 848 16.35 -26.95 34.35
CA LEU C 848 17.44 -26.21 33.75
C LEU C 848 17.62 -24.87 34.45
N GLN C 849 16.52 -24.14 34.64
CA GLN C 849 16.61 -22.84 35.30
C GLN C 849 17.24 -22.96 36.68
N LYS C 850 16.75 -23.90 37.48
CA LYS C 850 17.28 -24.07 38.84
C LYS C 850 18.77 -24.43 38.80
N ALA C 851 19.13 -25.43 38.00
CA ALA C 851 20.51 -25.90 37.98
C ALA C 851 21.47 -24.89 37.36
N ILE C 852 20.96 -23.94 36.57
CA ILE C 852 21.83 -22.95 35.94
C ILE C 852 21.93 -21.73 36.84
N ALA C 853 20.91 -21.50 37.67
CA ALA C 853 20.97 -20.39 38.62
C ALA C 853 21.56 -20.80 39.96
N GLU C 854 21.83 -22.08 40.17
CA GLU C 854 22.35 -22.58 41.45
C GLU C 854 23.84 -22.85 41.42
N LYS C 855 24.34 -23.56 40.41
CA LYS C 855 25.73 -23.95 40.32
C LYS C 855 26.39 -23.44 39.04
N VAL C 856 26.10 -22.19 38.66
CA VAL C 856 26.80 -21.52 37.58
C VAL C 856 26.90 -20.05 37.95
N GLN C 857 28.11 -19.59 38.28
CA GLN C 857 28.29 -18.20 38.67
C GLN C 857 28.20 -17.28 37.45
N LEU C 858 27.54 -16.14 37.64
CA LEU C 858 27.35 -15.20 36.56
C LEU C 858 28.56 -14.27 36.42
N LYS C 859 28.58 -13.54 35.31
CA LYS C 859 29.63 -12.56 35.03
C LYS C 859 28.95 -11.26 34.66
N PRO C 860 29.23 -10.16 35.38
CA PRO C 860 28.60 -8.88 35.01
C PRO C 860 28.91 -8.50 33.57
N GLY C 861 27.87 -8.14 32.83
CA GLY C 861 28.00 -7.78 31.43
C GLY C 861 27.51 -8.85 30.46
N THR C 862 27.23 -10.06 30.96
CA THR C 862 26.71 -11.13 30.13
C THR C 862 25.36 -11.58 30.67
N SER C 863 24.46 -11.95 29.75
CA SER C 863 23.09 -12.32 30.09
C SER C 863 22.78 -13.69 29.52
N VAL C 864 21.89 -14.40 30.21
CA VAL C 864 21.40 -15.71 29.78
C VAL C 864 19.89 -15.61 29.61
N ALA C 865 19.37 -16.21 28.54
CA ALA C 865 17.95 -16.13 28.26
C ALA C 865 17.47 -17.43 27.61
N PHE C 866 16.40 -17.99 28.15
CA PHE C 866 15.77 -19.16 27.53
C PHE C 866 14.95 -18.72 26.33
N SER C 867 14.84 -19.61 25.35
CA SER C 867 14.13 -19.32 24.12
C SER C 867 13.39 -20.57 23.67
N GLY C 868 12.90 -20.56 22.43
CA GLY C 868 12.16 -21.67 21.90
C GLY C 868 10.67 -21.52 22.12
N GLN C 869 10.02 -22.60 22.58
CA GLN C 869 8.58 -22.56 22.81
C GLN C 869 8.21 -21.98 24.15
N PHE C 870 9.18 -21.74 25.04
CA PHE C 870 8.88 -21.34 26.40
C PHE C 870 8.29 -19.93 26.46
N GLU C 871 8.80 -19.01 25.64
CA GLU C 871 8.30 -17.65 25.66
C GLU C 871 6.85 -17.59 25.16
N LEU C 872 6.57 -18.27 24.05
CA LEU C 872 5.20 -18.34 23.56
C LEU C 872 4.30 -19.03 24.58
N LEU C 873 4.80 -20.07 25.26
CA LEU C 873 4.02 -20.73 26.29
C LEU C 873 3.65 -19.75 27.40
N GLU C 874 4.61 -18.97 27.87
CA GLU C 874 4.33 -18.01 28.95
C GLU C 874 3.35 -16.95 28.49
N ARG C 875 3.52 -16.45 27.26
CA ARG C 875 2.59 -15.45 26.73
C ARG C 875 1.17 -15.99 26.69
N ALA C 876 0.99 -17.17 26.10
CA ALA C 876 -0.34 -17.76 26.00
C ALA C 876 -0.90 -18.06 27.38
N ASN C 877 -0.05 -18.45 28.33
CA ASN C 877 -0.54 -18.73 29.67
C ASN C 877 -1.07 -17.46 30.34
N HIS C 878 -0.33 -16.36 30.23
CA HIS C 878 -0.81 -15.10 30.78
C HIS C 878 -2.13 -14.69 30.14
N LYS C 879 -2.21 -14.80 28.81
CA LYS C 879 -3.44 -14.42 28.12
C LYS C 879 -4.62 -15.27 28.58
N LEU C 880 -4.43 -16.59 28.65
CA LEU C 880 -5.52 -17.45 29.11
C LEU C 880 -5.90 -17.16 30.55
N LYS C 881 -4.91 -16.86 31.40
CA LYS C 881 -5.21 -16.55 32.79
C LYS C 881 -6.07 -15.30 32.91
N LEU C 882 -5.80 -14.28 32.10
CA LEU C 882 -6.58 -13.05 32.14
C LEU C 882 -7.83 -13.12 31.24
N MET C 883 -8.04 -14.21 30.52
CA MET C 883 -9.17 -14.31 29.60
C MET C 883 -10.46 -14.78 30.28
N VAL C 884 -10.38 -15.38 31.46
CA VAL C 884 -11.54 -16.08 32.02
C VAL C 884 -12.58 -15.09 32.53
N PRO C 885 -12.18 -13.99 33.19
CA PRO C 885 -13.19 -13.04 33.69
C PRO C 885 -14.13 -12.54 32.62
N MET C 886 -13.64 -12.29 31.41
CA MET C 886 -14.51 -11.83 30.34
C MET C 886 -15.56 -12.88 29.99
N THR C 887 -15.15 -14.14 29.90
CA THR C 887 -16.09 -15.21 29.62
C THR C 887 -17.15 -15.29 30.71
N LEU C 888 -16.72 -15.26 31.98
CA LEU C 888 -17.69 -15.33 33.07
C LEU C 888 -18.66 -14.16 33.03
N MET C 889 -18.16 -12.96 32.73
CA MET C 889 -19.03 -11.79 32.68
C MET C 889 -20.06 -11.92 31.56
N ILE C 890 -19.62 -12.35 30.38
CA ILE C 890 -20.56 -12.53 29.26
C ILE C 890 -21.60 -13.57 29.63
N ILE C 891 -21.18 -14.67 30.25
CA ILE C 891 -22.12 -15.72 30.62
C ILE C 891 -23.16 -15.18 31.60
N PHE C 892 -22.71 -14.43 32.61
CA PHE C 892 -23.65 -13.90 33.59
C PHE C 892 -24.61 -12.90 32.95
N VAL C 893 -24.10 -12.04 32.07
CA VAL C 893 -24.96 -11.06 31.41
C VAL C 893 -26.06 -11.77 30.62
N LEU C 894 -25.67 -12.76 29.82
CA LEU C 894 -26.68 -13.48 29.04
C LEU C 894 -27.62 -14.29 29.92
N LEU C 895 -27.14 -14.82 31.04
CA LEU C 895 -28.01 -15.56 31.94
C LEU C 895 -29.07 -14.66 32.55
N TYR C 896 -28.67 -13.45 32.96
CA TYR C 896 -29.67 -12.49 33.44
C TYR C 896 -30.63 -12.10 32.33
N LEU C 897 -30.12 -11.88 31.13
CA LEU C 897 -30.99 -11.57 30.00
C LEU C 897 -32.01 -12.66 29.75
N ALA C 898 -31.65 -13.92 29.99
CA ALA C 898 -32.54 -15.04 29.76
C ALA C 898 -33.54 -15.26 30.90
N PHE C 899 -33.12 -15.12 32.15
CA PHE C 899 -33.97 -15.43 33.29
C PHE C 899 -34.53 -14.20 34.00
N ARG C 900 -33.94 -13.03 33.79
CA ARG C 900 -34.39 -11.80 34.46
C ARG C 900 -34.30 -11.92 35.97
N ARG C 901 -33.32 -12.67 36.47
CA ARG C 901 -33.11 -12.81 37.90
C ARG C 901 -31.62 -13.07 38.14
N VAL C 902 -31.12 -12.52 39.25
CA VAL C 902 -29.71 -12.71 39.60
C VAL C 902 -29.50 -14.03 40.32
N GLY C 903 -30.48 -14.45 41.12
CA GLY C 903 -30.34 -15.70 41.86
C GLY C 903 -30.11 -16.88 40.94
N GLU C 904 -30.97 -17.04 39.93
CA GLU C 904 -30.82 -18.15 39.00
C GLU C 904 -29.51 -18.06 38.24
N ALA C 905 -29.14 -16.85 37.82
CA ALA C 905 -27.89 -16.67 37.08
C ALA C 905 -26.70 -17.16 37.90
N LEU C 906 -26.58 -16.68 39.13
CA LEU C 906 -25.47 -17.12 39.99
C LEU C 906 -25.56 -18.61 40.27
N LEU C 907 -26.77 -19.12 40.49
CA LEU C 907 -26.94 -20.54 40.78
C LEU C 907 -26.35 -21.40 39.67
N ILE C 908 -26.78 -21.13 38.44
CA ILE C 908 -26.35 -21.89 37.23
C ILE C 908 -24.86 -21.64 36.97
N ILE C 909 -24.37 -20.43 37.22
CA ILE C 909 -22.98 -20.09 36.88
C ILE C 909 -22.02 -20.67 37.91
N SER C 910 -22.50 -21.07 39.08
CA SER C 910 -21.67 -21.78 40.05
C SER C 910 -21.41 -23.23 39.65
N SER C 911 -21.71 -23.65 38.42
CA SER C 911 -21.55 -25.03 37.99
C SER C 911 -20.29 -25.28 37.17
N VAL C 912 -19.59 -24.24 36.75
CA VAL C 912 -18.40 -24.41 35.91
C VAL C 912 -17.24 -25.02 36.70
N PRO C 913 -17.10 -24.78 38.02
CA PRO C 913 -15.97 -25.39 38.72
C PRO C 913 -15.97 -26.90 38.66
N PHE C 914 -17.14 -27.53 38.77
CA PHE C 914 -17.20 -28.99 38.66
C PHE C 914 -16.82 -29.44 37.27
N ALA C 915 -17.18 -28.66 36.25
CA ALA C 915 -16.74 -28.96 34.89
C ALA C 915 -15.22 -28.93 34.80
N LEU C 916 -14.59 -27.91 35.37
CA LEU C 916 -13.13 -27.85 35.36
C LEU C 916 -12.53 -29.04 36.10
N VAL C 917 -13.12 -29.42 37.23
CA VAL C 917 -12.62 -30.56 37.98
C VAL C 917 -12.65 -31.82 37.13
N GLY C 918 -13.81 -32.13 36.54
CA GLY C 918 -13.90 -33.30 35.69
C GLY C 918 -12.93 -33.24 34.52
N GLY C 919 -12.78 -32.07 33.91
CA GLY C 919 -11.89 -31.95 32.77
C GLY C 919 -10.45 -32.23 33.13
N ILE C 920 -9.97 -31.64 34.22
CA ILE C 920 -8.58 -31.86 34.61
C ILE C 920 -8.37 -33.30 35.07
N TRP C 921 -9.37 -33.90 35.72
CA TRP C 921 -9.24 -35.30 36.10
C TRP C 921 -9.10 -36.20 34.88
N LEU C 922 -9.94 -35.99 33.87
CA LEU C 922 -9.82 -36.79 32.65
C LEU C 922 -8.50 -36.52 31.94
N LEU C 923 -8.03 -35.27 31.98
CA LEU C 923 -6.74 -34.94 31.39
C LEU C 923 -5.63 -35.76 32.05
N TRP C 924 -5.61 -35.77 33.39
CA TRP C 924 -4.61 -36.56 34.09
C TRP C 924 -4.74 -38.05 33.74
N TRP C 925 -5.98 -38.55 33.71
CA TRP C 925 -6.18 -39.97 33.45
C TRP C 925 -5.67 -40.36 32.06
N MET C 926 -5.94 -39.53 31.06
CA MET C 926 -5.53 -39.85 29.69
C MET C 926 -4.03 -39.71 29.48
N GLY C 927 -3.32 -39.05 30.37
CA GLY C 927 -1.89 -38.86 30.23
C GLY C 927 -1.47 -37.65 29.43
N PHE C 928 -2.39 -36.74 29.14
CA PHE C 928 -2.04 -35.53 28.40
C PHE C 928 -1.41 -34.50 29.32
N HIS C 929 -0.78 -33.50 28.71
CA HIS C 929 -0.16 -32.40 29.42
C HIS C 929 -0.93 -31.10 29.17
N LEU C 930 -0.78 -30.18 30.11
CA LEU C 930 -1.44 -28.88 29.99
C LEU C 930 -0.75 -28.04 28.93
N SER C 931 -1.54 -27.49 28.00
CA SER C 931 -1.02 -26.66 26.93
C SER C 931 -2.09 -25.64 26.55
N VAL C 932 -1.90 -24.99 25.40
CA VAL C 932 -2.90 -24.03 24.93
C VAL C 932 -4.16 -24.76 24.45
N ALA C 933 -3.99 -25.96 23.90
CA ALA C 933 -5.14 -26.74 23.46
C ALA C 933 -6.08 -27.03 24.62
N THR C 934 -5.52 -27.42 25.77
CA THR C 934 -6.36 -27.68 26.94
C THR C 934 -7.02 -26.40 27.44
N GLY C 935 -6.33 -25.26 27.35
CA GLY C 935 -6.96 -24.00 27.72
C GLY C 935 -8.17 -23.70 26.85
N THR C 936 -8.02 -23.86 25.54
CA THR C 936 -9.17 -23.70 24.64
C THR C 936 -10.27 -24.68 25.01
N GLY C 937 -9.90 -25.92 25.33
CA GLY C 937 -10.90 -26.90 25.73
C GLY C 937 -11.70 -26.45 26.93
N PHE C 938 -11.02 -25.91 27.94
CA PHE C 938 -11.73 -25.45 29.13
C PHE C 938 -12.62 -24.25 28.82
N ILE C 939 -12.10 -23.29 28.04
CA ILE C 939 -12.89 -22.11 27.69
C ILE C 939 -14.13 -22.51 26.91
N ALA C 940 -14.05 -23.61 26.15
CA ALA C 940 -15.22 -24.09 25.42
C ALA C 940 -16.15 -24.92 26.30
N LEU C 941 -15.59 -25.63 27.29
CA LEU C 941 -16.43 -26.44 28.17
C LEU C 941 -17.26 -25.60 29.11
N ALA C 942 -16.75 -24.43 29.51
CA ALA C 942 -17.53 -23.55 30.37
C ALA C 942 -18.89 -23.24 29.77
N GLY C 943 -18.93 -22.93 28.48
CA GLY C 943 -20.18 -22.58 27.85
C GLY C 943 -21.17 -23.72 27.82
N VAL C 944 -20.71 -24.94 27.54
CA VAL C 944 -21.61 -26.08 27.49
C VAL C 944 -22.14 -26.40 28.89
N ALA C 945 -21.28 -26.26 29.91
CA ALA C 945 -21.77 -26.44 31.28
C ALA C 945 -22.85 -25.43 31.61
N ALA C 946 -22.64 -24.16 31.25
CA ALA C 946 -23.67 -23.15 31.48
C ALA C 946 -24.95 -23.48 30.71
N GLU C 947 -24.81 -24.04 29.50
CA GLU C 947 -25.99 -24.41 28.73
C GLU C 947 -26.80 -25.48 29.42
N PHE C 948 -26.13 -26.54 29.89
CA PHE C 948 -26.83 -27.59 30.62
C PHE C 948 -27.52 -27.03 31.85
N GLY C 949 -26.81 -26.19 32.61
CA GLY C 949 -27.43 -25.58 33.78
C GLY C 949 -28.66 -24.77 33.42
N VAL C 950 -28.59 -24.01 32.33
CA VAL C 950 -29.74 -23.22 31.89
C VAL C 950 -30.92 -24.12 31.60
N VAL C 951 -30.69 -25.19 30.84
CA VAL C 951 -31.79 -26.09 30.49
C VAL C 951 -32.42 -26.67 31.76
N MET C 952 -31.59 -27.20 32.66
CA MET C 952 -32.10 -27.82 33.88
C MET C 952 -32.92 -26.82 34.69
N LEU C 953 -32.38 -25.63 34.93
CA LEU C 953 -33.07 -24.68 35.78
C LEU C 953 -34.33 -24.16 35.13
N MET C 954 -34.32 -23.97 33.81
CA MET C 954 -35.54 -23.54 33.12
C MET C 954 -36.65 -24.56 33.28
N TYR C 955 -36.33 -25.84 33.07
CA TYR C 955 -37.33 -26.89 33.21
C TYR C 955 -37.88 -26.92 34.63
N LEU C 956 -36.98 -26.95 35.62
CA LEU C 956 -37.43 -27.01 37.02
C LEU C 956 -38.21 -25.76 37.42
N ARG C 957 -37.88 -24.61 36.83
CA ARG C 957 -38.58 -23.38 37.17
C ARG C 957 -40.00 -23.38 36.59
N HIS C 958 -40.15 -23.83 35.34
CA HIS C 958 -41.50 -24.01 34.81
C HIS C 958 -42.31 -24.94 35.71
N ALA C 959 -41.72 -26.07 36.08
CA ALA C 959 -42.41 -27.02 36.95
C ALA C 959 -42.88 -26.34 38.23
N ILE C 960 -41.94 -25.71 38.97
CA ILE C 960 -42.29 -25.07 40.23
C ILE C 960 -43.16 -23.83 40.05
N GLU C 961 -43.29 -23.33 38.82
CA GLU C 961 -44.13 -22.17 38.56
C GLU C 961 -45.58 -22.56 38.33
N ALA C 962 -45.82 -23.69 37.68
CA ALA C 962 -47.20 -24.04 37.37
C ALA C 962 -48.05 -24.26 38.62
N VAL C 963 -47.79 -25.34 39.36
CA VAL C 963 -48.66 -25.76 40.46
C VAL C 963 -48.39 -25.05 41.78
N PRO C 964 -47.16 -25.08 42.30
CA PRO C 964 -46.97 -24.92 43.75
C PRO C 964 -46.91 -23.49 44.26
N SER C 965 -47.36 -22.52 43.48
CA SER C 965 -47.31 -21.13 43.94
C SER C 965 -48.34 -20.82 45.03
N LEU C 966 -49.01 -21.80 45.63
CA LEU C 966 -50.12 -21.55 46.55
C LEU C 966 -49.85 -22.01 47.97
N ASN C 967 -49.09 -23.09 48.16
CA ASN C 967 -48.94 -23.71 49.48
C ASN C 967 -47.75 -23.17 50.27
N ASN C 968 -46.95 -22.29 49.69
CA ASN C 968 -45.77 -21.75 50.36
C ASN C 968 -46.12 -20.67 51.40
N PRO C 969 -46.97 -19.68 51.07
CA PRO C 969 -47.19 -18.59 52.04
C PRO C 969 -47.57 -19.07 53.43
N GLN C 970 -48.27 -20.19 53.54
CA GLN C 970 -48.62 -20.74 54.84
C GLN C 970 -47.36 -21.30 55.51
N THR C 971 -47.08 -20.83 56.72
CA THR C 971 -45.86 -21.25 57.40
C THR C 971 -45.90 -22.75 57.68
N PHE C 972 -44.71 -23.36 57.67
CA PHE C 972 -44.56 -24.79 57.95
C PHE C 972 -45.29 -25.63 56.91
N SER C 973 -45.03 -25.34 55.64
CA SER C 973 -45.62 -26.07 54.52
C SER C 973 -44.52 -26.30 53.49
N GLU C 974 -44.13 -27.58 53.32
CA GLU C 974 -43.01 -27.93 52.46
C GLU C 974 -43.27 -29.11 51.54
N GLN C 975 -44.43 -29.78 51.65
CA GLN C 975 -44.63 -31.01 50.91
C GLN C 975 -45.04 -30.74 49.47
N LYS C 976 -45.93 -29.77 49.25
CA LYS C 976 -46.47 -29.58 47.91
C LYS C 976 -45.42 -29.12 46.92
N LEU C 977 -44.38 -28.47 47.43
CA LEU C 977 -43.22 -27.99 46.65
C LEU C 977 -42.36 -29.17 46.18
N ASP C 978 -42.15 -30.17 47.05
CA ASP C 978 -41.33 -31.33 46.71
C ASP C 978 -41.94 -32.10 45.54
N GLU C 979 -43.26 -32.22 45.50
CA GLU C 979 -43.89 -32.88 44.35
C GLU C 979 -43.70 -32.08 43.08
N ALA C 980 -43.69 -30.76 43.17
CA ALA C 980 -43.44 -29.94 41.98
C ALA C 980 -42.01 -30.11 41.49
N LEU C 981 -41.04 -30.15 42.42
CA LEU C 981 -39.66 -30.42 42.01
C LEU C 981 -39.54 -31.80 41.37
N TYR C 982 -40.21 -32.80 41.96
CA TYR C 982 -40.23 -34.13 41.35
C TYR C 982 -40.77 -34.07 39.93
N HIS C 983 -41.93 -33.45 39.75
CA HIS C 983 -42.47 -33.28 38.40
C HIS C 983 -41.46 -32.62 37.47
N GLY C 984 -40.74 -31.62 37.98
CA GLY C 984 -39.68 -30.99 37.21
C GLY C 984 -38.47 -31.89 36.97
N ALA C 985 -38.40 -33.02 37.67
CA ALA C 985 -37.31 -33.97 37.49
C ALA C 985 -37.85 -35.37 37.25
N VAL C 986 -39.06 -35.47 36.68
CA VAL C 986 -39.63 -36.73 36.25
C VAL C 986 -39.97 -36.71 34.77
N LEU C 987 -40.60 -35.64 34.29
CA LEU C 987 -40.85 -35.46 32.87
C LEU C 987 -39.63 -34.89 32.15
N ARG C 988 -38.59 -34.51 32.89
CA ARG C 988 -37.46 -33.80 32.33
C ARG C 988 -36.16 -34.57 32.55
N VAL C 989 -36.20 -35.88 32.32
CA VAL C 989 -34.99 -36.70 32.33
C VAL C 989 -34.54 -37.04 30.92
N ARG C 990 -35.48 -37.13 29.99
CA ARG C 990 -35.11 -37.42 28.59
C ARG C 990 -34.40 -36.25 27.93
N PRO C 991 -34.84 -35.00 28.09
CA PRO C 991 -34.16 -33.90 27.38
C PRO C 991 -32.72 -33.71 27.80
N LYS C 992 -32.46 -33.57 29.10
CA LYS C 992 -31.11 -33.32 29.57
C LYS C 992 -30.21 -34.55 29.36
N ALA C 993 -30.75 -35.74 29.59
CA ALA C 993 -29.99 -36.95 29.33
C ALA C 993 -29.60 -37.03 27.86
N MET C 994 -30.54 -36.72 26.96
CA MET C 994 -30.24 -36.73 25.54
C MET C 994 -29.21 -35.67 25.17
N THR C 995 -29.30 -34.50 25.79
CA THR C 995 -28.29 -33.46 25.56
C THR C 995 -26.90 -33.96 25.92
N VAL C 996 -26.74 -34.49 27.13
CA VAL C 996 -25.44 -34.99 27.55
C VAL C 996 -24.97 -36.11 26.63
N ALA C 997 -25.90 -36.99 26.24
CA ALA C 997 -25.54 -38.12 25.40
C ALA C 997 -25.02 -37.65 24.05
N VAL C 998 -25.73 -36.72 23.41
CA VAL C 998 -25.29 -36.24 22.10
C VAL C 998 -23.98 -35.48 22.22
N ILE C 999 -23.78 -34.74 23.31
CA ILE C 999 -22.52 -34.02 23.49
C ILE C 999 -21.36 -35.01 23.56
N ILE C 1000 -21.44 -35.97 24.49
CA ILE C 1000 -20.36 -36.94 24.62
C ILE C 1000 -20.17 -37.74 23.33
N ALA C 1001 -21.26 -38.05 22.64
CA ALA C 1001 -21.16 -38.84 21.42
C ALA C 1001 -20.47 -38.07 20.31
N GLY C 1002 -20.81 -36.80 20.15
CA GLY C 1002 -20.15 -35.96 19.16
C GLY C 1002 -18.73 -35.58 19.51
N LEU C 1003 -18.33 -35.69 20.77
CA LEU C 1003 -16.96 -35.40 21.15
C LEU C 1003 -16.06 -36.62 21.26
N LEU C 1004 -16.60 -37.83 21.41
CA LEU C 1004 -15.74 -39.00 21.59
C LEU C 1004 -14.89 -39.33 20.37
N PRO C 1005 -15.38 -39.21 19.13
CA PRO C 1005 -14.53 -39.58 17.98
C PRO C 1005 -13.23 -38.83 17.92
N ILE C 1006 -13.24 -37.51 18.08
CA ILE C 1006 -12.02 -36.71 18.01
C ILE C 1006 -11.12 -36.93 19.22
N LEU C 1007 -11.61 -37.62 20.25
CA LEU C 1007 -10.75 -38.02 21.35
C LEU C 1007 -10.08 -39.37 21.06
N TRP C 1008 -10.86 -40.33 20.57
CA TRP C 1008 -10.30 -41.62 20.19
C TRP C 1008 -9.66 -41.60 18.81
N GLY C 1009 -9.68 -40.46 18.12
CA GLY C 1009 -9.14 -40.41 16.76
C GLY C 1009 -7.62 -40.44 16.78
N THR C 1010 -7.05 -41.30 15.95
CA THR C 1010 -5.60 -41.45 15.80
C THR C 1010 -5.28 -41.39 14.32
N GLY C 1011 -5.10 -40.18 13.80
CA GLY C 1011 -4.80 -40.00 12.39
C GLY C 1011 -3.74 -38.94 12.14
N ALA C 1012 -3.99 -38.05 11.19
CA ALA C 1012 -3.06 -36.98 10.86
C ALA C 1012 -3.55 -35.69 11.50
N GLY C 1013 -2.72 -35.12 12.37
CA GLY C 1013 -3.07 -33.89 13.04
C GLY C 1013 -4.13 -34.02 14.11
N SER C 1014 -4.48 -35.25 14.51
CA SER C 1014 -5.51 -35.45 15.50
C SER C 1014 -5.04 -35.15 16.93
N GLU C 1015 -3.75 -34.84 17.11
CA GLU C 1015 -3.25 -34.59 18.47
C GLU C 1015 -3.87 -33.34 19.06
N VAL C 1016 -3.83 -32.23 18.31
CA VAL C 1016 -4.39 -30.98 18.82
C VAL C 1016 -5.87 -31.13 19.09
N MET C 1017 -6.59 -31.85 18.23
CA MET C 1017 -8.03 -32.01 18.43
C MET C 1017 -8.32 -32.87 19.64
N SER C 1018 -7.56 -33.95 19.83
CA SER C 1018 -7.74 -34.76 21.03
C SER C 1018 -7.47 -33.95 22.29
N ARG C 1019 -6.43 -33.10 22.25
CA ARG C 1019 -6.11 -32.28 23.42
C ARG C 1019 -7.23 -31.28 23.69
N ILE C 1020 -7.79 -30.68 22.65
CA ILE C 1020 -8.86 -29.70 22.84
C ILE C 1020 -10.13 -30.40 23.31
N ALA C 1021 -10.33 -31.66 22.94
CA ALA C 1021 -11.57 -32.35 23.24
C ALA C 1021 -11.57 -33.06 24.59
N ALA C 1022 -10.41 -33.47 25.09
CA ALA C 1022 -10.37 -34.18 26.37
C ALA C 1022 -10.99 -33.38 27.51
N PRO C 1023 -10.67 -32.10 27.69
CA PRO C 1023 -11.28 -31.36 28.80
C PRO C 1023 -12.80 -31.30 28.72
N MET C 1024 -13.35 -31.12 27.53
CA MET C 1024 -14.81 -31.03 27.41
C MET C 1024 -15.47 -32.34 27.81
N ILE C 1025 -14.95 -33.47 27.33
CA ILE C 1025 -15.52 -34.76 27.70
C ILE C 1025 -15.35 -35.02 29.18
N GLY C 1026 -14.22 -34.60 29.75
CA GLY C 1026 -14.01 -34.82 31.18
C GLY C 1026 -14.94 -33.98 32.04
N GLY C 1027 -15.28 -32.78 31.56
CA GLY C 1027 -16.13 -31.89 32.34
C GLY C 1027 -17.61 -32.16 32.15
N MET C 1028 -18.00 -32.68 30.99
CA MET C 1028 -19.41 -32.98 30.73
C MET C 1028 -19.85 -34.28 31.39
N ILE C 1029 -18.97 -34.97 32.11
CA ILE C 1029 -19.34 -36.11 32.92
C ILE C 1029 -19.51 -35.73 34.38
N THR C 1030 -18.83 -34.67 34.81
CA THR C 1030 -18.89 -34.22 36.20
C THR C 1030 -19.91 -33.10 36.40
N ALA C 1031 -19.95 -32.11 35.52
CA ALA C 1031 -20.84 -30.97 35.74
C ALA C 1031 -22.31 -31.38 35.67
N PRO C 1032 -22.78 -32.15 34.69
CA PRO C 1032 -24.20 -32.51 34.70
C PRO C 1032 -24.56 -33.48 35.81
N LEU C 1033 -23.72 -34.47 36.07
CA LEU C 1033 -24.02 -35.45 37.11
C LEU C 1033 -24.15 -34.80 38.47
N LEU C 1034 -23.38 -33.74 38.73
CA LEU C 1034 -23.50 -33.02 40.00
C LEU C 1034 -24.63 -32.00 39.96
N SER C 1035 -24.84 -31.36 38.81
CA SER C 1035 -25.91 -30.38 38.69
C SER C 1035 -27.26 -31.02 38.94
N LEU C 1036 -27.48 -32.22 38.40
CA LEU C 1036 -28.77 -32.90 38.57
C LEU C 1036 -29.20 -32.94 40.03
N PHE C 1037 -28.27 -32.87 40.98
CA PHE C 1037 -28.59 -32.87 42.39
C PHE C 1037 -28.34 -31.54 43.09
N ILE C 1038 -27.49 -30.67 42.53
CA ILE C 1038 -27.19 -29.41 43.18
C ILE C 1038 -28.15 -28.30 42.77
N ILE C 1039 -28.74 -28.39 41.59
CA ILE C 1039 -29.67 -27.36 41.13
C ILE C 1039 -30.99 -27.51 41.88
N PRO C 1040 -31.57 -28.70 41.97
CA PRO C 1040 -32.85 -28.81 42.70
C PRO C 1040 -32.72 -28.50 44.17
N ALA C 1041 -31.67 -29.01 44.84
CA ALA C 1041 -31.51 -28.75 46.26
C ALA C 1041 -31.30 -27.26 46.54
N ALA C 1042 -30.38 -26.64 45.78
CA ALA C 1042 -30.13 -25.22 45.98
C ALA C 1042 -31.36 -24.39 45.64
N TYR C 1043 -32.12 -24.78 44.62
CA TYR C 1043 -33.32 -24.02 44.28
C TYR C 1043 -34.39 -24.14 45.36
N LYS C 1044 -34.53 -25.34 45.94
CA LYS C 1044 -35.46 -25.50 47.06
C LYS C 1044 -35.04 -24.64 48.24
N LEU C 1045 -33.76 -24.69 48.59
CA LEU C 1045 -33.27 -23.85 49.68
C LEU C 1045 -33.42 -22.36 49.38
N MET C 1046 -33.43 -21.99 48.09
CA MET C 1046 -33.62 -20.60 47.72
C MET C 1046 -35.07 -20.18 47.80
N TRP C 1047 -36.01 -21.07 47.45
CA TRP C 1047 -37.42 -20.72 47.50
C TRP C 1047 -37.95 -20.67 48.93
N LEU C 1048 -37.14 -21.04 49.91
CA LEU C 1048 -37.55 -20.95 51.31
C LEU C 1048 -36.97 -19.69 51.95
CU CU1 D . 2.71 -0.16 -35.75
#